data_7FJO
#
_entry.id   7FJO
#
_cell.length_a   1.00
_cell.length_b   1.00
_cell.length_c   1.00
_cell.angle_alpha   90.00
_cell.angle_beta   90.00
_cell.angle_gamma   90.00
#
_symmetry.space_group_name_H-M   'P 1'
#
loop_
_entity.id
_entity.type
_entity.pdbx_description
1 polymer 'T6 heavy chain'
2 polymer 'T6 light chain'
3 polymer 'Spike glycoprotein'
4 non-polymer 2-acetamido-2-deoxy-beta-D-glucopyranose
#
loop_
_entity_poly.entity_id
_entity_poly.type
_entity_poly.pdbx_seq_one_letter_code
_entity_poly.pdbx_strand_id
1 'polypeptide(L)'
;QVQLQQPGTELVNPGASLKMSCKTSGYRFTSYIIHWVKQTPGQGLEWIGAIFPENDDTSYSQKFKGKATLTTDTSSSTAY
MQLSSLTSEDSAVYYCARDGENVLDYWGQGTSVTVSSASTKGPSVFPLAPSSKSTSGGTAALGCLVKDYFPEPVTVSWNS
GALTSGVHTFPAVLQSSGLYSLSSVVTVPSSSLGTQTYICNVNHKPSNTKVDKRVE
;
F,H,J
2 'polypeptide(L)'
;QIVLTQSPSSLAVSVGEKVTLSCKSSQSLLYSNNQKNYLAWYQQKSGRSPKLLLHWTSTRESGVPDRFTGSGSGTDFTLT
ISSVKAEDLAVYYCQQYYTYPWTFGGGTKLEIKRTVAAPSVFIFPPSDEQLKSGTASVVCLLNNFYPREAKVQWKVDNAL
QSGNSQESVTEQDSKDSTYSLSSTLTLSKADYEKHKVYACEVTHQGLSSPVTKSFNRGEC
;
G,K,L
3 'polypeptide(L)'
;VNFTTRTQLPPAYTNSFTRGVYYPDKVFRSSVLHSTQDLFLPFFSNVTWFHAIHVSGTNGTKRFANPVLPFNDGVYFAST
EKSNIIRGWIFGTTLDSKTQSLLIVNNATNVVIKVCEFQFCNDPFLGVYYHKNNKSWMESEFRVYSSANNCTFEYVSQPF
LMDLEGKQGNFKNLREFVFKNIDGYFKIYSKHTPINLVRGLPQGFSALEPLVDLPIGINITRFQTLHRSYLTPGDSSSGW
TAGAAAYYVGYLQPRTFLLKYNENGTITDAVDCALDPLSETKCTLKTFTVEKGIYQTSNFRVQPTESIVRFPNITNLCPF
GEVFNATRFASVYAWNRKRISNCVADYSVLYNSASFSTFKCYGVSPTKLNDLCFTNVYADSFVIRGDEVRQIAPGQTGNI
ADYNYKLPDDFTGCVIAWNSNNLDSKVGGNYNYLYRLFRKSNLKPFERDISTEIYQAGSTPCNGVKGFNCYFPLQSYGFQ
PTYGVGYQPYRVVVLSFELLHAPATVCGPKKSTNLVKNKCVNFNFNGLTGTGVLTESNKKFLPFQQFGRDIADTTDAVRD
PQTLEILDITPCSFGGVSVITPGTNTSNQVAVLYQGVNCTEVPVAIHADQLTPTWRVYSTGSNVFQTRAGCLIGAEHVNN
SYECDIPIGAGICASYQTQTNSPGSASSVASQSIIAYTMSLGVENSVAYSNNSIAIPTNFTISVTTEILPVSMTKTSVDC
TMYICGDSTECSNLLLQYGSFCTQLNRALTGIAVEQDKNTQEVFAQVKQIYKTPPIKDFGGFNFSQILPDPSKPSKRSFI
EDLLFNKVTLADAGFIKQYGDCLGDIAARDLICAQKFNGLTVLPPLLTDEMIAQYTSALLAGTITSGWTFGAGAALQIPF
AMQMAYRFNGIGVTQNVLYENQKLIANQFNSAIGKIQDSLSSTASALGKLQDVVNQNAQALNTLVKQLSSNFGAISSVLN
DILSRLDPPEAEVQIDRLITGRLQSLQTYVTQQLIRAAEIRASANLAATKMSECVLGQSKRVDFCGKGYHLMSFPQSAPH
GVVFLHVTYVPAQEKNFTTAPAICHDGKAHFPREGVFVSNGTHWFVTQRNFYEPQIITTDNTFVSGNCDVVIGIVNNTVY
DPLQPELDSFKEELDKYFKNHTSPDVDLGDISGINASVVNIQKEIDRLNEVAKNLNESLIDLQELGKYEQGSGYIPEAPR
DGQAYVRKDGEWVLLSTFLGRSLEVLFQGPGHHHHHHHHSAWSHPQFEKGGGSGGGGSGGSAWSHPQFEKGSDYKDDDDK
;
A,B,C
#
# COMPACT_ATOMS: atom_id res chain seq x y z
N LEU A 11 21.39 50.44 -77.93
CA LEU A 11 21.38 51.43 -79.04
C LEU A 11 19.94 51.87 -79.31
N VAL A 12 19.62 53.14 -79.00
CA VAL A 12 18.25 53.66 -79.23
C VAL A 12 18.32 54.92 -80.11
N ASN A 13 17.51 54.99 -81.17
CA ASN A 13 17.47 56.18 -82.05
C ASN A 13 16.74 57.32 -81.33
N PRO A 14 16.97 58.61 -81.67
CA PRO A 14 16.20 59.71 -81.06
C PRO A 14 14.69 59.47 -81.21
N GLY A 15 13.93 59.55 -80.11
CA GLY A 15 12.48 59.33 -80.15
C GLY A 15 12.09 57.89 -79.90
N ALA A 16 13.08 57.02 -79.64
CA ALA A 16 12.80 55.58 -79.36
C ALA A 16 12.36 55.41 -77.90
N SER A 17 11.80 54.25 -77.57
CA SER A 17 11.37 53.97 -76.17
C SER A 17 12.32 52.93 -75.55
N LEU A 18 12.87 53.23 -74.36
CA LEU A 18 13.86 52.32 -73.73
C LEU A 18 13.35 51.86 -72.36
N LYS A 19 13.39 50.55 -72.10
CA LYS A 19 12.92 49.98 -70.81
C LYS A 19 14.12 49.41 -70.04
N MET A 20 14.29 49.80 -68.78
CA MET A 20 15.41 49.27 -67.94
C MET A 20 14.85 48.58 -66.70
N SER A 21 15.32 47.37 -66.40
CA SER A 21 14.83 46.60 -65.22
C SER A 21 16.00 46.15 -64.35
N CYS A 22 15.92 46.35 -63.03
CA CYS A 22 16.97 45.85 -62.10
C CYS A 22 16.33 45.09 -60.94
N LYS A 23 16.96 44.02 -60.48
CA LYS A 23 16.44 43.22 -59.33
C LYS A 23 17.45 43.28 -58.18
N THR A 24 16.99 43.56 -56.95
CA THR A 24 17.90 43.56 -55.78
C THR A 24 18.39 42.13 -55.54
N SER A 25 19.67 41.97 -55.19
CA SER A 25 20.24 40.60 -55.00
C SER A 25 20.69 40.42 -53.55
N GLY A 26 20.25 39.32 -52.91
CA GLY A 26 20.59 39.09 -51.49
C GLY A 26 19.56 39.72 -50.57
N TYR A 27 18.78 40.67 -51.09
CA TYR A 27 17.73 41.34 -50.28
C TYR A 27 16.36 41.11 -50.91
N ARG A 28 15.38 40.72 -50.08
CA ARG A 28 14.02 40.44 -50.61
C ARG A 28 13.09 41.60 -50.26
N PHE A 29 12.70 42.42 -51.24
CA PHE A 29 11.86 43.62 -50.98
C PHE A 29 12.29 44.31 -49.69
N THR A 30 11.37 44.47 -48.73
CA THR A 30 11.67 45.10 -47.41
C THR A 30 12.19 46.54 -47.60
N SER A 31 11.69 47.26 -48.60
CA SER A 31 12.06 48.69 -48.77
C SER A 31 10.82 49.48 -49.19
N TYR A 32 10.63 50.67 -48.64
CA TYR A 32 9.40 51.45 -48.95
C TYR A 32 9.63 52.40 -50.13
N ILE A 33 10.85 52.51 -50.65
CA ILE A 33 11.04 53.38 -51.86
C ILE A 33 12.01 52.71 -52.84
N ILE A 34 11.96 53.09 -54.12
CA ILE A 34 12.94 52.61 -55.14
C ILE A 34 13.34 53.89 -55.89
N HIS A 35 14.57 53.99 -56.42
CA HIS A 35 14.97 55.28 -57.03
C HIS A 35 15.59 55.13 -58.42
N TRP A 36 15.53 56.19 -59.23
CA TRP A 36 16.17 56.15 -60.58
C TRP A 36 17.06 57.40 -60.70
N VAL A 37 18.31 57.23 -61.12
CA VAL A 37 19.26 58.38 -61.19
C VAL A 37 19.89 58.46 -62.58
N LYS A 38 19.93 59.64 -63.19
CA LYS A 38 20.62 59.79 -64.50
C LYS A 38 21.91 60.58 -64.30
N GLN A 39 23.06 60.02 -64.66
CA GLN A 39 24.33 60.78 -64.56
C GLN A 39 25.05 60.73 -65.92
N THR A 40 25.32 61.90 -66.53
CA THR A 40 26.12 61.91 -67.77
C THR A 40 27.60 61.89 -67.35
N PRO A 41 28.53 61.28 -68.13
CA PRO A 41 29.92 61.21 -67.70
C PRO A 41 30.48 62.63 -67.53
N GLY A 42 31.22 62.87 -66.44
CA GLY A 42 31.77 64.23 -66.18
C GLY A 42 30.75 65.14 -65.51
N GLN A 43 29.60 64.60 -65.11
CA GLN A 43 28.56 65.41 -64.41
C GLN A 43 28.10 64.66 -63.16
N GLY A 44 27.53 65.38 -62.18
CA GLY A 44 27.02 64.74 -60.94
C GLY A 44 25.72 63.98 -61.14
N LEU A 45 25.40 63.07 -60.21
CA LEU A 45 24.17 62.25 -60.30
C LEU A 45 22.93 63.15 -60.24
N GLU A 46 21.90 62.86 -61.03
CA GLU A 46 20.63 63.64 -60.96
C GLU A 46 19.47 62.68 -60.67
N TRP A 47 18.67 62.98 -59.63
CA TRP A 47 17.51 62.11 -59.27
C TRP A 47 16.44 62.17 -60.37
N ILE A 48 15.83 61.03 -60.68
CA ILE A 48 14.71 61.00 -61.69
C ILE A 48 13.39 60.75 -60.97
N GLY A 49 13.14 59.50 -60.54
CA GLY A 49 11.82 59.20 -59.95
C GLY A 49 11.89 58.25 -58.75
N ALA A 50 10.83 58.25 -57.93
CA ALA A 50 10.76 57.35 -56.77
C ALA A 50 9.54 56.42 -56.93
N ILE A 51 9.66 55.15 -56.53
CA ILE A 51 8.55 54.17 -56.71
C ILE A 51 8.15 53.60 -55.34
N PHE A 52 6.85 53.33 -55.14
CA PHE A 52 6.35 52.77 -53.85
C PHE A 52 5.86 51.34 -54.08
N PRO A 53 6.18 50.36 -53.20
CA PRO A 53 5.81 48.96 -53.41
C PRO A 53 4.30 48.70 -53.51
N GLU A 54 3.49 49.42 -52.72
CA GLU A 54 2.02 49.20 -52.72
C GLU A 54 1.39 50.14 -53.74
N ASN A 55 0.68 51.18 -53.29
CA ASN A 55 0.12 52.18 -54.25
C ASN A 55 1.30 52.79 -55.00
N ASP A 56 1.19 52.93 -56.32
CA ASP A 56 2.37 53.42 -57.11
C ASP A 56 2.72 54.84 -56.64
N ASP A 57 4.00 55.10 -56.39
CA ASP A 57 4.44 56.47 -56.01
C ASP A 57 4.17 57.41 -57.19
N THR A 58 4.43 56.94 -58.42
CA THR A 58 4.20 57.75 -59.64
C THR A 58 4.94 59.08 -59.49
N SER A 59 6.11 59.06 -58.82
CA SER A 59 6.87 60.32 -58.57
C SER A 59 7.88 60.56 -59.70
N TYR A 60 7.85 61.75 -60.30
CA TYR A 60 8.81 62.08 -61.40
C TYR A 60 9.44 63.46 -61.13
N SER A 61 10.72 63.63 -61.48
CA SER A 61 11.36 64.96 -61.34
C SER A 61 10.78 65.90 -62.41
N GLN A 62 10.73 67.21 -62.13
CA GLN A 62 10.10 68.17 -63.07
C GLN A 62 10.87 68.14 -64.40
N LYS A 63 12.20 68.03 -64.34
CA LYS A 63 13.03 68.00 -65.57
C LYS A 63 12.68 66.77 -66.40
N PHE A 64 12.46 65.62 -65.74
CA PHE A 64 12.21 64.36 -66.48
C PHE A 64 10.70 64.10 -66.64
N LYS A 65 9.85 65.01 -66.17
CA LYS A 65 8.38 64.77 -66.21
C LYS A 65 7.90 64.65 -67.66
N GLY A 66 7.05 63.66 -67.94
CA GLY A 66 6.49 63.48 -69.30
C GLY A 66 7.42 62.66 -70.18
N LYS A 67 8.62 62.32 -69.70
CA LYS A 67 9.54 61.46 -70.47
C LYS A 67 9.74 60.13 -69.72
N ALA A 68 9.42 60.10 -68.43
CA ALA A 68 9.69 58.88 -67.62
C ALA A 68 8.40 58.28 -67.07
N THR A 69 8.25 56.96 -67.16
CA THR A 69 7.06 56.27 -66.58
C THR A 69 7.56 55.18 -65.62
N LEU A 70 6.94 55.06 -64.44
CA LEU A 70 7.44 54.07 -63.44
C LEU A 70 6.41 52.97 -63.24
N THR A 71 6.79 51.71 -63.44
CA THR A 71 5.88 50.57 -63.20
C THR A 71 6.60 49.56 -62.29
N THR A 72 5.91 49.06 -61.25
CA THR A 72 6.52 48.04 -60.36
C THR A 72 5.65 46.78 -60.34
N ASP A 73 6.25 45.61 -60.52
CA ASP A 73 5.48 44.34 -60.42
C ASP A 73 6.05 43.52 -59.26
N THR A 74 5.21 43.17 -58.28
CA THR A 74 5.69 42.42 -57.09
C THR A 74 6.19 41.03 -57.51
N SER A 75 5.46 40.35 -58.40
CA SER A 75 5.86 38.99 -58.84
C SER A 75 7.20 39.04 -59.58
N SER A 76 7.38 40.04 -60.45
CA SER A 76 8.65 40.19 -61.20
C SER A 76 9.79 40.50 -60.22
N SER A 77 9.52 41.33 -59.20
CA SER A 77 10.54 41.70 -58.17
C SER A 77 11.57 42.67 -58.77
N THR A 78 11.27 43.23 -59.95
CA THR A 78 12.20 44.17 -60.61
C THR A 78 11.48 45.48 -60.97
N ALA A 79 12.08 46.62 -60.65
CA ALA A 79 11.49 47.93 -60.99
C ALA A 79 11.60 48.17 -62.51
N TYR A 80 10.63 48.87 -63.10
CA TYR A 80 10.65 49.14 -64.56
C TYR A 80 10.61 50.66 -64.80
N MET A 81 11.48 51.14 -65.70
CA MET A 81 11.50 52.59 -66.06
C MET A 81 11.40 52.71 -67.59
N GLN A 82 10.43 53.48 -68.08
CA GLN A 82 10.26 53.65 -69.55
C GLN A 82 10.73 55.05 -69.95
N LEU A 83 11.61 55.13 -70.94
CA LEU A 83 12.17 56.44 -71.37
C LEU A 83 11.68 56.75 -72.79
N SER A 84 11.19 57.97 -73.03
CA SER A 84 10.61 58.32 -74.36
C SER A 84 11.24 59.62 -74.88
N SER A 85 11.12 59.88 -76.18
CA SER A 85 11.71 61.11 -76.79
C SER A 85 13.21 61.20 -76.48
N LEU A 86 13.94 60.09 -76.66
CA LEU A 86 15.39 60.04 -76.35
C LEU A 86 16.16 61.03 -77.24
N THR A 87 17.21 61.65 -76.72
CA THR A 87 18.02 62.64 -77.48
C THR A 87 19.50 62.40 -77.18
N SER A 88 20.40 63.04 -77.93
CA SER A 88 21.86 62.86 -77.72
C SER A 88 22.22 63.29 -76.30
N GLU A 89 21.60 64.38 -75.81
CA GLU A 89 21.83 64.82 -74.39
C GLU A 89 21.31 63.73 -73.44
N ASP A 90 20.21 63.06 -73.81
CA ASP A 90 19.59 62.03 -72.93
C ASP A 90 20.56 60.87 -72.67
N SER A 91 21.39 60.50 -73.66
CA SER A 91 22.26 59.32 -73.45
C SER A 91 23.13 59.55 -72.20
N ALA A 92 23.12 58.61 -71.25
CA ALA A 92 23.87 58.75 -69.99
C ALA A 92 23.86 57.41 -69.26
N VAL A 93 24.61 57.27 -68.17
CA VAL A 93 24.49 56.00 -67.39
C VAL A 93 23.35 56.18 -66.36
N TYR A 94 22.34 55.32 -66.41
CA TYR A 94 21.19 55.40 -65.47
C TYR A 94 21.35 54.33 -64.40
N TYR A 95 21.19 54.68 -63.11
CA TYR A 95 21.45 53.70 -62.02
C TYR A 95 20.16 53.33 -61.28
N CYS A 96 19.88 52.02 -61.16
CA CYS A 96 18.71 51.61 -60.32
C CYS A 96 19.13 51.76 -58.86
N ALA A 97 18.23 52.24 -58.01
CA ALA A 97 18.56 52.48 -56.60
C ALA A 97 17.33 52.17 -55.75
N ARG A 98 17.40 52.35 -54.43
CA ARG A 98 16.21 52.16 -53.57
C ARG A 98 16.33 53.14 -52.40
N ASP A 99 15.58 52.90 -51.31
CA ASP A 99 15.65 53.76 -50.10
C ASP A 99 14.84 53.15 -48.96
N GLY A 100 15.52 52.63 -47.92
CA GLY A 100 14.81 52.14 -46.73
C GLY A 100 15.02 53.13 -45.60
N GLU A 101 15.66 52.71 -44.51
CA GLU A 101 16.02 53.68 -43.45
C GLU A 101 17.16 54.51 -44.01
N ASN A 102 18.26 53.86 -44.39
CA ASN A 102 19.40 54.57 -45.05
C ASN A 102 19.71 53.79 -46.33
N VAL A 103 20.84 53.06 -46.35
CA VAL A 103 21.13 52.18 -47.52
C VAL A 103 21.37 50.75 -46.99
N LEU A 104 20.80 49.75 -47.66
CA LEU A 104 21.04 48.34 -47.28
C LEU A 104 21.29 47.58 -48.58
N ASP A 105 22.46 47.79 -49.20
CA ASP A 105 22.75 47.16 -50.53
C ASP A 105 21.52 47.35 -51.41
N TYR A 106 21.04 48.59 -51.54
CA TYR A 106 19.79 48.86 -52.30
C TYR A 106 20.12 49.72 -53.52
N TRP A 107 21.15 50.56 -53.41
CA TRP A 107 21.59 51.44 -54.52
C TRP A 107 22.42 50.58 -55.48
N GLY A 108 21.79 50.03 -56.52
CA GLY A 108 22.49 49.10 -57.44
C GLY A 108 23.36 49.82 -58.47
N GLN A 109 23.87 49.07 -59.46
CA GLN A 109 24.81 49.66 -60.44
C GLN A 109 24.07 50.42 -61.55
N GLY A 110 24.76 50.72 -62.65
CA GLY A 110 24.17 51.57 -63.71
C GLY A 110 24.37 50.98 -65.09
N THR A 111 23.48 51.32 -66.04
CA THR A 111 23.60 50.82 -67.43
C THR A 111 23.87 51.99 -68.37
N SER A 112 24.93 51.92 -69.16
CA SER A 112 25.25 53.01 -70.13
C SER A 112 24.20 53.05 -71.25
N VAL A 113 23.83 54.26 -71.68
CA VAL A 113 22.84 54.40 -72.79
C VAL A 113 23.51 55.16 -73.94
N THR A 114 23.42 54.65 -75.18
CA THR A 114 23.97 55.38 -76.35
C THR A 114 22.82 55.69 -77.32
N VAL A 115 22.67 56.95 -77.71
CA VAL A 115 21.54 57.35 -78.61
C VAL A 115 22.11 57.79 -79.96
N SER A 116 21.84 57.04 -81.02
CA SER A 116 22.28 57.45 -82.39
C SER A 116 21.40 56.79 -83.47
N SER A 117 21.19 57.48 -84.60
CA SER A 117 20.44 56.90 -85.74
C SER A 117 21.22 55.74 -86.36
N GLN B 1 11.91 73.20 -54.96
CA GLN B 1 12.96 73.04 -55.95
C GLN B 1 14.24 73.72 -55.50
N ILE B 2 14.68 73.39 -54.28
CA ILE B 2 15.89 74.01 -53.69
C ILE B 2 17.16 73.41 -54.28
N VAL B 3 17.85 74.14 -55.16
CA VAL B 3 19.16 73.66 -55.70
C VAL B 3 20.18 73.77 -54.58
N LEU B 4 21.14 72.84 -54.52
CA LEU B 4 22.19 72.86 -53.46
C LEU B 4 23.54 73.19 -54.13
N THR B 5 24.32 74.10 -53.51
CA THR B 5 25.62 74.51 -54.09
C THR B 5 26.75 73.88 -53.27
N GLN B 6 27.65 73.13 -53.93
CA GLN B 6 28.75 72.44 -53.20
C GLN B 6 30.11 72.91 -53.75
N SER B 7 31.04 73.25 -52.86
CA SER B 7 32.37 73.74 -53.28
C SER B 7 33.46 73.12 -52.40
N PRO B 8 34.75 73.08 -52.80
CA PRO B 8 35.23 73.62 -54.08
C PRO B 8 35.12 72.64 -55.26
N SER B 9 35.57 73.04 -56.45
CA SER B 9 35.57 72.10 -57.60
C SER B 9 36.54 70.94 -57.33
N SER B 10 37.69 71.22 -56.72
CA SER B 10 38.74 70.17 -56.55
C SER B 10 39.25 70.13 -55.10
N LEU B 11 39.62 68.94 -54.62
CA LEU B 11 40.20 68.80 -53.26
C LEU B 11 41.54 68.09 -53.34
N ALA B 12 42.63 68.78 -52.98
CA ALA B 12 43.97 68.13 -52.98
C ALA B 12 44.31 67.72 -51.54
N VAL B 13 44.42 66.42 -51.28
CA VAL B 13 44.67 65.94 -49.88
C VAL B 13 45.82 64.93 -49.90
N SER B 14 46.78 65.05 -48.97
CA SER B 14 47.88 64.07 -48.85
C SER B 14 47.38 62.84 -48.08
N VAL B 15 48.10 61.72 -48.16
CA VAL B 15 47.73 60.52 -47.36
C VAL B 15 47.87 60.85 -45.88
N GLY B 16 46.95 60.36 -45.04
CA GLY B 16 46.99 60.65 -43.59
C GLY B 16 46.84 62.14 -43.29
N GLU B 17 46.04 62.85 -44.08
CA GLU B 17 45.78 64.30 -43.82
C GLU B 17 44.28 64.53 -43.63
N LYS B 18 43.88 65.22 -42.57
CA LYS B 18 42.44 65.55 -42.35
C LYS B 18 41.99 66.57 -43.40
N VAL B 19 40.78 66.41 -43.94
CA VAL B 19 40.24 67.38 -44.94
C VAL B 19 38.79 67.72 -44.57
N THR B 20 38.34 68.94 -44.89
CA THR B 20 36.92 69.33 -44.63
C THR B 20 36.26 69.79 -45.94
N LEU B 21 35.11 69.20 -46.29
CA LEU B 21 34.37 69.62 -47.51
C LEU B 21 32.97 70.09 -47.10
N SER B 22 32.51 71.24 -47.62
CA SER B 22 31.21 71.80 -47.16
C SER B 22 30.20 71.97 -48.31
N CYS B 23 28.95 71.57 -48.08
CA CYS B 23 27.88 71.78 -49.10
C CYS B 23 26.84 72.74 -48.50
N LYS B 24 26.44 73.77 -49.25
CA LYS B 24 25.49 74.79 -48.71
C LYS B 24 24.13 74.63 -49.38
N SER B 25 23.05 74.61 -48.59
CA SER B 25 21.68 74.47 -49.14
C SER B 25 20.99 75.84 -49.10
N SER B 26 20.21 76.17 -50.13
CA SER B 26 19.53 77.50 -50.19
C SER B 26 18.56 77.64 -49.02
N GLN B 27 17.85 76.57 -48.67
CA GLN B 27 16.87 76.61 -47.56
C GLN B 27 17.29 75.61 -46.47
N SER B 28 16.98 75.91 -45.21
CA SER B 28 17.41 75.03 -44.09
C SER B 28 16.78 73.64 -44.23
N LEU B 29 17.59 72.59 -44.08
CA LEU B 29 17.07 71.21 -44.29
C LEU B 29 16.76 70.59 -42.91
N LEU B 30 16.38 71.41 -41.95
CA LEU B 30 16.01 70.89 -40.60
C LEU B 30 14.48 70.87 -40.49
N TYR B 31 13.90 69.69 -40.25
CA TYR B 31 12.43 69.60 -40.07
C TYR B 31 12.07 70.16 -38.70
N SER B 32 11.07 71.04 -38.63
CA SER B 32 10.72 71.70 -37.35
C SER B 32 10.24 70.70 -36.30
N ASN B 33 9.43 69.70 -36.71
CA ASN B 33 8.84 68.77 -35.71
C ASN B 33 9.93 67.97 -34.98
N ASN B 34 10.92 67.44 -35.71
CA ASN B 34 11.95 66.60 -35.06
C ASN B 34 13.18 67.43 -34.68
N GLN B 35 13.26 68.66 -35.18
CA GLN B 35 14.44 69.54 -34.92
C GLN B 35 15.72 68.80 -35.34
N LYS B 36 15.67 68.07 -36.46
CA LYS B 36 16.85 67.30 -36.92
C LYS B 36 17.21 67.70 -38.35
N ASN B 37 18.49 68.00 -38.62
CA ASN B 37 18.94 68.32 -40.00
C ASN B 37 18.83 67.08 -40.88
N TYR B 38 18.41 67.27 -42.13
CA TYR B 38 18.30 66.13 -43.09
C TYR B 38 19.28 66.35 -44.24
N LEU B 39 20.19 65.40 -44.46
CA LEU B 39 21.15 65.49 -45.60
C LEU B 39 21.87 64.14 -45.75
N ALA B 40 22.36 63.84 -46.96
CA ALA B 40 23.07 62.56 -47.19
C ALA B 40 24.40 62.83 -47.93
N TRP B 41 25.47 62.17 -47.49
CA TRP B 41 26.81 62.33 -48.15
C TRP B 41 27.11 61.09 -48.98
N TYR B 42 27.56 61.27 -50.23
CA TYR B 42 27.75 60.10 -51.13
C TYR B 42 29.19 59.99 -51.64
N GLN B 43 29.67 58.76 -51.79
CA GLN B 43 31.04 58.51 -52.33
C GLN B 43 30.87 57.98 -53.75
N GLN B 44 31.67 58.45 -54.71
CA GLN B 44 31.47 58.02 -56.13
C GLN B 44 32.81 57.63 -56.75
N LYS B 45 33.31 56.42 -56.43
CA LYS B 45 34.56 55.93 -57.06
C LYS B 45 34.27 55.58 -58.52
N SER B 46 35.30 55.63 -59.38
CA SER B 46 35.10 55.36 -60.83
C SER B 46 34.61 53.92 -61.04
N GLY B 47 33.64 53.73 -61.94
CA GLY B 47 33.10 52.38 -62.22
C GLY B 47 32.50 51.74 -60.98
N ARG B 48 31.86 52.53 -60.12
CA ARG B 48 31.27 52.00 -58.87
C ARG B 48 29.85 52.55 -58.70
N SER B 49 28.97 51.80 -58.03
CA SER B 49 27.58 52.28 -57.76
C SER B 49 27.64 53.45 -56.79
N PRO B 50 26.72 54.45 -56.85
CA PRO B 50 26.71 55.53 -55.86
C PRO B 50 26.52 54.92 -54.47
N LYS B 51 27.32 55.35 -53.50
CA LYS B 51 27.27 54.71 -52.16
C LYS B 51 27.07 55.76 -51.06
N LEU B 52 26.16 55.49 -50.11
CA LEU B 52 25.89 56.45 -49.01
C LEU B 52 26.96 56.28 -47.92
N LEU B 53 27.64 57.36 -47.56
CA LEU B 53 28.66 57.30 -46.48
C LEU B 53 28.05 57.75 -45.15
N LEU B 54 27.31 58.88 -45.17
CA LEU B 54 26.75 59.42 -43.91
C LEU B 54 25.27 59.78 -44.12
N HIS B 55 24.42 59.47 -43.13
CA HIS B 55 22.96 59.75 -43.24
C HIS B 55 22.51 60.67 -42.10
N TRP B 56 21.59 61.60 -42.42
CA TRP B 56 21.07 62.59 -41.42
C TRP B 56 22.18 63.50 -40.92
N THR B 57 23.44 63.18 -41.26
CA THR B 57 24.62 64.00 -40.86
C THR B 57 24.86 63.80 -39.35
N SER B 58 24.15 62.86 -38.74
CA SER B 58 24.35 62.56 -37.30
C SER B 58 24.70 61.09 -37.11
N THR B 59 24.40 60.24 -38.09
CA THR B 59 24.62 58.77 -37.92
C THR B 59 25.57 58.24 -38.99
N ARG B 60 26.64 57.55 -38.58
CA ARG B 60 27.57 56.92 -39.55
C ARG B 60 26.94 55.67 -40.15
N GLU B 61 27.30 55.32 -41.38
CA GLU B 61 26.75 54.08 -42.02
C GLU B 61 27.39 52.86 -41.35
N SER B 62 26.71 51.71 -41.39
CA SER B 62 27.28 50.46 -40.81
C SER B 62 28.55 50.08 -41.57
N GLY B 63 29.56 49.56 -40.85
CA GLY B 63 30.84 49.20 -41.48
C GLY B 63 31.52 50.39 -42.12
N VAL B 64 31.41 51.58 -41.51
CA VAL B 64 32.07 52.80 -42.06
C VAL B 64 33.06 53.32 -41.01
N PRO B 65 34.32 53.66 -41.39
CA PRO B 65 35.35 54.10 -40.44
C PRO B 65 34.99 55.41 -39.72
N ASP B 66 35.44 55.56 -38.47
CA ASP B 66 35.15 56.78 -37.68
C ASP B 66 35.88 57.98 -38.30
N ARG B 67 36.84 57.71 -39.19
CA ARG B 67 37.61 58.79 -39.86
C ARG B 67 36.64 59.70 -40.62
N PHE B 68 35.59 59.11 -41.23
CA PHE B 68 34.58 59.92 -41.94
C PHE B 68 33.57 60.44 -40.90
N THR B 69 33.64 61.73 -40.57
CA THR B 69 32.70 62.33 -39.57
C THR B 69 32.08 63.60 -40.18
N GLY B 70 30.76 63.74 -40.08
CA GLY B 70 30.08 64.91 -40.68
C GLY B 70 29.26 65.69 -39.67
N SER B 71 29.44 67.01 -39.61
CA SER B 71 28.60 67.85 -38.73
C SER B 71 27.94 68.95 -39.55
N GLY B 72 26.61 69.04 -39.52
CA GLY B 72 25.88 70.08 -40.30
C GLY B 72 24.92 70.87 -39.43
N SER B 73 24.97 72.20 -39.51
CA SER B 73 24.01 73.05 -38.76
C SER B 73 23.21 73.92 -39.72
N GLY B 74 21.88 73.83 -39.67
CA GLY B 74 21.01 74.66 -40.54
C GLY B 74 21.33 74.47 -42.01
N THR B 75 21.46 75.57 -42.75
CA THR B 75 21.75 75.50 -44.21
C THR B 75 23.12 74.90 -44.47
N ASP B 76 24.13 75.24 -43.66
CA ASP B 76 25.52 74.76 -43.92
C ASP B 76 25.68 73.31 -43.49
N PHE B 77 26.29 72.48 -44.34
CA PHE B 77 26.58 71.06 -43.96
C PHE B 77 28.06 70.78 -44.22
N THR B 78 28.77 70.19 -43.25
CA THR B 78 30.23 69.96 -43.42
C THR B 78 30.58 68.49 -43.21
N LEU B 79 31.40 67.92 -44.09
CA LEU B 79 31.87 66.51 -43.91
C LEU B 79 33.39 66.54 -43.76
N THR B 80 33.92 65.89 -42.72
CA THR B 80 35.39 65.90 -42.47
C THR B 80 35.94 64.47 -42.60
N ILE B 81 36.98 64.28 -43.43
CA ILE B 81 37.62 62.94 -43.57
C ILE B 81 39.03 63.06 -42.99
N SER B 82 39.56 61.98 -42.40
CA SER B 82 40.94 61.99 -41.88
C SER B 82 41.67 60.74 -42.40
N SER B 83 43.00 60.75 -42.40
CA SER B 83 43.78 59.57 -42.85
C SER B 83 43.33 59.14 -44.25
N VAL B 84 43.23 60.10 -45.18
CA VAL B 84 42.72 59.80 -46.56
C VAL B 84 43.64 58.79 -47.24
N LYS B 85 43.08 57.85 -48.01
CA LYS B 85 43.87 56.79 -48.69
C LYS B 85 43.51 56.77 -50.18
N ALA B 86 44.32 56.09 -51.00
CA ALA B 86 44.08 56.05 -52.47
C ALA B 86 42.71 55.42 -52.76
N GLU B 87 42.33 54.38 -52.02
CA GLU B 87 41.00 53.76 -52.19
C GLU B 87 39.91 54.79 -51.86
N ASP B 88 40.14 55.63 -50.84
CA ASP B 88 39.12 56.61 -50.37
C ASP B 88 38.80 57.65 -51.45
N LEU B 89 39.75 58.02 -52.32
CA LEU B 89 39.48 59.13 -53.27
C LEU B 89 38.22 58.82 -54.08
N ALA B 90 37.28 59.77 -54.12
CA ALA B 90 36.01 59.58 -54.86
C ALA B 90 35.31 60.93 -55.03
N VAL B 91 34.28 61.00 -55.86
CA VAL B 91 33.49 62.27 -55.95
C VAL B 91 32.55 62.30 -54.74
N TYR B 92 32.48 63.43 -54.03
CA TYR B 92 31.64 63.51 -52.81
C TYR B 92 30.42 64.39 -53.10
N TYR B 93 29.22 63.93 -52.71
CA TYR B 93 28.00 64.68 -53.07
C TYR B 93 27.08 64.88 -51.86
N CYS B 94 26.34 66.00 -51.84
CA CYS B 94 25.35 66.23 -50.75
C CYS B 94 23.94 66.06 -51.35
N GLN B 95 23.13 65.17 -50.77
CA GLN B 95 21.75 64.96 -51.27
C GLN B 95 20.77 65.50 -50.21
N GLN B 96 19.87 66.41 -50.61
CA GLN B 96 18.86 66.92 -49.66
C GLN B 96 17.92 65.77 -49.27
N TYR B 97 17.59 65.67 -47.98
CA TYR B 97 16.69 64.59 -47.50
C TYR B 97 15.43 65.26 -46.93
N TYR B 98 15.44 66.59 -46.83
CA TYR B 98 14.32 67.32 -46.16
C TYR B 98 12.97 67.20 -46.88
N THR B 99 12.89 67.44 -48.19
CA THR B 99 11.56 67.46 -48.87
C THR B 99 11.64 67.17 -50.36
N TYR B 100 10.57 66.63 -50.96
CA TYR B 100 10.52 66.43 -52.43
C TYR B 100 10.31 67.80 -53.08
N PRO B 101 10.81 68.05 -54.32
CA PRO B 101 11.63 67.10 -55.06
C PRO B 101 13.05 66.93 -54.48
N TRP B 102 13.57 65.70 -54.52
CA TRP B 102 14.97 65.47 -54.06
C TRP B 102 15.91 66.26 -54.96
N THR B 103 16.94 66.88 -54.39
CA THR B 103 17.96 67.57 -55.24
C THR B 103 19.35 67.05 -54.87
N PHE B 104 20.11 66.59 -55.87
CA PHE B 104 21.50 66.16 -55.58
C PHE B 104 22.41 67.38 -55.70
N GLY B 105 22.74 68.00 -54.56
CA GLY B 105 23.64 69.16 -54.55
C GLY B 105 25.05 68.74 -54.20
N GLY B 106 25.32 67.42 -54.11
CA GLY B 106 26.66 66.82 -53.85
C GLY B 106 27.60 67.41 -55.03
N GLY B 107 28.94 67.31 -54.94
CA GLY B 107 29.84 67.81 -56.02
C GLY B 107 31.25 68.13 -55.53
N THR B 108 32.11 67.13 -55.28
CA THR B 108 33.53 67.43 -54.92
C THR B 108 34.44 66.25 -55.30
N LYS B 109 35.29 66.41 -56.32
CA LYS B 109 36.26 65.31 -56.64
C LYS B 109 37.34 65.28 -55.56
N LEU B 110 37.88 64.10 -55.25
CA LEU B 110 38.99 64.01 -54.26
C LEU B 110 40.24 63.53 -54.99
N GLU B 111 41.36 64.26 -54.84
CA GLU B 111 42.62 63.85 -55.51
C GLU B 111 43.73 63.73 -54.45
N ILE B 112 44.85 63.11 -54.82
CA ILE B 112 46.00 62.95 -53.88
C ILE B 112 47.13 63.87 -54.33
N LYS B 113 47.64 64.71 -53.43
CA LYS B 113 48.80 65.57 -53.81
C LYS B 113 50.09 64.82 -53.44
N LEU C 11 54.88 50.89 -58.68
CA LEU C 11 55.99 51.67 -59.26
C LEU C 11 56.75 52.39 -58.14
N VAL C 12 58.00 51.97 -57.88
CA VAL C 12 58.83 52.60 -56.81
C VAL C 12 60.14 53.09 -57.41
N ASN C 13 60.52 54.35 -57.14
CA ASN C 13 61.81 54.90 -57.64
C ASN C 13 62.96 54.30 -56.82
N PRO C 14 64.21 54.25 -57.33
CA PRO C 14 65.34 53.78 -56.53
C PRO C 14 65.45 54.54 -55.20
N GLY C 15 65.53 53.82 -54.07
CA GLY C 15 65.62 54.47 -52.75
C GLY C 15 64.26 54.70 -52.11
N ALA C 16 63.18 54.27 -52.78
CA ALA C 16 61.81 54.42 -52.23
C ALA C 16 61.53 53.32 -51.19
N SER C 17 60.47 53.48 -50.39
CA SER C 17 60.09 52.45 -49.40
C SER C 17 58.82 51.74 -49.86
N LEU C 18 58.83 50.40 -49.89
CA LEU C 18 57.66 49.63 -50.40
C LEU C 18 57.12 48.70 -49.31
N LYS C 19 55.81 48.73 -49.06
CA LYS C 19 55.19 47.86 -48.03
C LYS C 19 54.28 46.84 -48.70
N MET C 20 54.44 45.55 -48.39
CA MET C 20 53.59 44.48 -48.98
C MET C 20 52.86 43.72 -47.86
N SER C 21 51.55 43.53 -48.00
CA SER C 21 50.75 42.81 -46.97
C SER C 21 49.94 41.68 -47.60
N CYS C 22 49.97 40.47 -47.00
CA CYS C 22 49.15 39.34 -47.50
C CYS C 22 48.39 38.71 -46.33
N LYS C 23 47.15 38.27 -46.57
CA LYS C 23 46.34 37.61 -45.51
C LYS C 23 46.03 36.18 -45.95
N THR C 24 46.23 35.20 -45.06
CA THR C 24 45.87 33.79 -45.39
C THR C 24 44.35 33.67 -45.54
N SER C 25 43.89 32.91 -46.53
CA SER C 25 42.43 32.80 -46.78
C SER C 25 41.96 31.36 -46.56
N GLY C 26 40.90 31.18 -45.76
CA GLY C 26 40.41 29.83 -45.43
C GLY C 26 41.10 29.27 -44.20
N TYR C 27 42.25 29.84 -43.84
CA TYR C 27 43.00 29.37 -42.65
C TYR C 27 43.15 30.52 -41.65
N ARG C 28 42.86 30.24 -40.37
CA ARG C 28 42.93 31.30 -39.32
C ARG C 28 44.20 31.10 -38.49
N PHE C 29 45.21 31.96 -38.67
CA PHE C 29 46.51 31.81 -37.95
C PHE C 29 46.92 30.33 -37.89
N THR C 30 47.12 29.79 -36.69
CA THR C 30 47.49 28.36 -36.49
C THR C 30 48.80 28.03 -37.22
N SER C 31 49.74 28.97 -37.28
CA SER C 31 51.07 28.68 -37.87
C SER C 31 52.15 29.38 -37.04
N TYR C 32 53.27 28.71 -36.79
CA TYR C 32 54.32 29.30 -35.92
C TYR C 32 55.37 30.07 -36.74
N ILE C 33 55.30 30.04 -38.07
CA ILE C 33 56.25 30.88 -38.85
C ILE C 33 55.55 31.52 -40.06
N ILE C 34 56.10 32.61 -40.60
CA ILE C 34 55.57 33.25 -41.84
C ILE C 34 56.82 33.49 -42.68
N HIS C 35 56.75 33.46 -44.02
CA HIS C 35 58.01 33.59 -44.80
C HIS C 35 57.92 34.63 -45.91
N TRP C 36 59.07 35.17 -46.34
CA TRP C 36 59.10 36.13 -47.47
C TRP C 36 60.13 35.63 -48.48
N VAL C 37 59.79 35.57 -49.77
CA VAL C 37 60.71 35.02 -50.81
C VAL C 37 60.84 36.02 -51.95
N LYS C 38 62.07 36.29 -52.41
CA LYS C 38 62.25 37.18 -53.59
C LYS C 38 62.73 36.32 -54.77
N GLN C 39 61.99 36.33 -55.88
CA GLN C 39 62.45 35.58 -57.08
C GLN C 39 62.45 36.52 -58.29
N THR C 40 63.61 36.73 -58.93
CA THR C 40 63.63 37.53 -60.19
C THR C 40 63.25 36.60 -61.33
N PRO C 41 62.57 37.05 -62.41
CA PRO C 41 62.15 36.14 -63.47
C PRO C 41 63.40 35.48 -64.08
N GLY C 42 63.34 34.17 -64.33
CA GLY C 42 64.51 33.44 -64.89
C GLY C 42 65.50 33.04 -63.82
N GLN C 43 65.16 33.24 -62.54
CA GLN C 43 66.07 32.84 -61.43
C GLN C 43 65.26 32.05 -60.38
N GLY C 44 65.93 31.25 -59.55
CA GLY C 44 65.26 30.46 -58.51
C GLY C 44 64.81 31.30 -57.31
N LEU C 45 63.86 30.78 -56.52
CA LEU C 45 63.34 31.52 -55.34
C LEU C 45 64.45 31.74 -54.32
N GLU C 46 64.49 32.92 -53.69
CA GLU C 46 65.49 33.20 -52.62
C GLU C 46 64.76 33.57 -51.33
N TRP C 47 65.07 32.90 -50.22
CA TRP C 47 64.42 33.19 -48.91
C TRP C 47 64.84 34.59 -48.41
N ILE C 48 63.90 35.34 -47.84
CA ILE C 48 64.24 36.68 -47.26
C ILE C 48 64.17 36.60 -45.73
N GLY C 49 62.95 36.58 -45.17
CA GLY C 49 62.84 36.62 -43.70
C GLY C 49 61.75 35.72 -43.13
N ALA C 50 61.86 35.40 -41.84
CA ALA C 50 60.84 34.56 -41.16
C ALA C 50 60.21 35.36 -40.02
N ILE C 51 58.89 35.22 -39.81
CA ILE C 51 58.18 36.02 -38.75
C ILE C 51 57.54 35.06 -37.74
N PHE C 52 57.50 35.45 -36.46
CA PHE C 52 56.90 34.60 -35.39
C PHE C 52 55.64 35.30 -34.86
N PRO C 53 54.52 34.59 -34.66
CA PRO C 53 53.25 35.22 -34.24
C PRO C 53 53.32 35.94 -32.88
N GLU C 54 54.08 35.40 -31.92
CA GLU C 54 54.16 36.01 -30.56
C GLU C 54 55.35 36.98 -30.54
N ASN C 55 56.43 36.63 -29.86
CA ASN C 55 57.64 37.49 -29.88
C ASN C 55 58.11 37.59 -31.33
N ASP C 56 58.45 38.79 -31.81
CA ASP C 56 58.79 38.94 -33.26
C ASP C 56 60.03 38.09 -33.57
N ASP C 57 59.98 37.30 -34.65
CA ASP C 57 61.18 36.51 -35.06
C ASP C 57 62.30 37.48 -35.44
N THR C 58 61.95 38.59 -36.12
CA THR C 58 62.96 39.59 -36.52
C THR C 58 64.07 38.89 -37.31
N SER C 59 63.73 37.84 -38.07
CA SER C 59 64.75 37.06 -38.82
C SER C 59 64.94 37.64 -40.22
N TYR C 60 66.18 37.94 -40.61
CA TYR C 60 66.46 38.48 -41.97
C TYR C 60 67.62 37.72 -42.61
N SER C 61 67.58 37.50 -43.92
CA SER C 61 68.72 36.85 -44.62
C SER C 61 69.89 37.83 -44.66
N GLN C 62 71.13 37.33 -44.66
CA GLN C 62 72.33 38.22 -44.63
C GLN C 62 72.33 39.12 -45.87
N LYS C 63 71.94 38.57 -47.03
CA LYS C 63 71.91 39.35 -48.29
C LYS C 63 70.89 40.49 -48.15
N PHE C 64 69.73 40.23 -47.54
CA PHE C 64 68.66 41.26 -47.44
C PHE C 64 68.75 42.03 -46.13
N LYS C 65 69.74 41.75 -45.28
CA LYS C 65 69.81 42.40 -43.94
C LYS C 65 70.00 43.91 -44.11
N GLY C 66 69.24 44.71 -43.33
CA GLY C 66 69.37 46.18 -43.38
C GLY C 66 68.50 46.79 -44.47
N LYS C 67 67.86 45.96 -45.30
CA LYS C 67 66.94 46.48 -46.34
C LYS C 67 65.52 46.00 -46.05
N ALA C 68 65.38 44.97 -45.20
CA ALA C 68 64.02 44.40 -44.96
C ALA C 68 63.63 44.53 -43.48
N THR C 69 62.39 44.95 -43.21
CA THR C 69 61.90 45.03 -41.80
C THR C 69 60.61 44.20 -41.72
N LEU C 70 60.45 43.41 -40.65
CA LEU C 70 59.26 42.52 -40.55
C LEU C 70 58.37 42.97 -39.39
N THR C 71 57.09 43.26 -39.67
CA THR C 71 56.13 43.63 -38.60
C THR C 71 54.89 42.76 -38.72
N THR C 72 54.41 42.20 -37.61
CA THR C 72 53.17 41.37 -37.65
C THR C 72 52.12 41.95 -36.70
N ASP C 73 50.89 42.13 -37.16
CA ASP C 73 49.80 42.60 -36.26
C ASP C 73 48.74 41.50 -36.18
N THR C 74 48.43 41.03 -34.97
CA THR C 74 47.44 39.93 -34.81
C THR C 74 46.05 40.40 -35.26
N SER C 75 45.66 41.63 -34.88
CA SER C 75 44.32 42.15 -35.24
C SER C 75 44.20 42.29 -36.77
N SER C 76 45.25 42.79 -37.43
CA SER C 76 45.24 42.93 -38.91
C SER C 76 45.17 41.54 -39.55
N SER C 77 45.89 40.56 -38.99
CA SER C 77 45.90 39.17 -39.53
C SER C 77 46.71 39.11 -40.83
N THR C 78 47.47 40.17 -41.12
CA THR C 78 48.30 40.20 -42.37
C THR C 78 49.75 40.53 -42.03
N ALA C 79 50.70 39.77 -42.60
CA ALA C 79 52.15 40.04 -42.37
C ALA C 79 52.56 41.30 -43.14
N TYR C 80 53.51 42.07 -42.60
CA TYR C 80 53.98 43.31 -43.27
C TYR C 80 55.48 43.24 -43.54
N MET C 81 55.90 43.59 -44.76
CA MET C 81 57.35 43.61 -45.10
C MET C 81 57.69 44.99 -45.67
N GLN C 82 58.71 45.65 -45.11
CA GLN C 82 59.10 47.00 -45.59
C GLN C 82 60.42 46.89 -46.35
N LEU C 83 60.47 47.42 -47.58
CA LEU C 83 61.68 47.32 -48.43
C LEU C 83 62.27 48.72 -48.62
N SER C 84 63.57 48.87 -48.44
CA SER C 84 64.22 50.21 -48.51
C SER C 84 65.42 50.15 -49.46
N SER C 85 65.89 51.31 -49.95
CA SER C 85 67.04 51.38 -50.90
C SER C 85 66.77 50.50 -52.13
N LEU C 86 65.57 50.62 -52.70
CA LEU C 86 65.20 49.79 -53.88
C LEU C 86 66.11 50.09 -55.07
N THR C 87 66.42 49.07 -55.87
CA THR C 87 67.33 49.24 -57.05
C THR C 87 66.75 48.45 -58.22
N SER C 88 67.29 48.64 -59.42
CA SER C 88 66.79 47.92 -60.64
C SER C 88 66.95 46.41 -60.41
N GLU C 89 68.05 45.98 -59.80
CA GLU C 89 68.23 44.54 -59.46
C GLU C 89 67.16 44.11 -58.46
N ASP C 90 66.78 45.00 -57.53
CA ASP C 90 65.78 44.67 -56.48
C ASP C 90 64.43 44.31 -57.11
N SER C 91 64.03 44.95 -58.20
CA SER C 91 62.69 44.67 -58.75
C SER C 91 62.56 43.17 -59.05
N ALA C 92 61.53 42.52 -58.50
CA ALA C 92 61.34 41.06 -58.67
C ALA C 92 59.94 40.69 -58.18
N VAL C 93 59.49 39.45 -58.38
CA VAL C 93 58.18 39.06 -57.78
C VAL C 93 58.46 38.54 -56.36
N TYR C 94 57.83 39.16 -55.35
CA TYR C 94 58.02 38.74 -53.93
C TYR C 94 56.79 37.94 -53.50
N TYR C 95 56.99 36.78 -52.85
CA TYR C 95 55.84 35.89 -52.50
C TYR C 95 55.63 35.81 -50.99
N CYS C 96 54.41 36.08 -50.51
CA CYS C 96 54.14 35.87 -49.06
C CYS C 96 54.00 34.36 -48.85
N ALA C 97 54.52 33.86 -47.74
CA ALA C 97 54.49 32.40 -47.48
C ALA C 97 54.33 32.19 -45.99
N ARG C 98 54.31 30.94 -45.53
CA ARG C 98 54.25 30.66 -44.06
C ARG C 98 55.02 29.36 -43.80
N ASP C 99 54.79 28.72 -42.64
CA ASP C 99 55.44 27.42 -42.32
C ASP C 99 54.85 26.84 -41.04
N GLY C 100 54.08 25.75 -41.14
CA GLY C 100 53.58 25.06 -39.94
C GLY C 100 54.34 23.76 -39.78
N GLU C 101 53.65 22.62 -39.85
CA GLU C 101 54.38 21.32 -39.86
C GLU C 101 55.03 21.21 -41.23
N ASN C 102 54.22 21.27 -42.29
CA ASN C 102 54.76 21.27 -43.68
C ASN C 102 54.11 22.46 -44.39
N VAL C 103 53.18 22.20 -45.32
CA VAL C 103 52.44 23.32 -45.96
C VAL C 103 50.94 23.05 -45.77
N LEU C 104 50.18 24.08 -45.40
CA LEU C 104 48.70 23.94 -45.28
C LEU C 104 48.10 25.16 -45.95
N ASP C 105 48.13 25.23 -47.29
CA ASP C 105 47.66 26.44 -48.02
C ASP C 105 48.21 27.67 -47.30
N TYR C 106 49.53 27.71 -47.09
CA TYR C 106 50.15 28.82 -46.32
C TYR C 106 51.09 29.61 -47.23
N TRP C 107 51.67 28.93 -48.23
CA TRP C 107 52.59 29.58 -49.20
C TRP C 107 51.72 30.30 -50.24
N GLY C 108 51.45 31.60 -50.03
CA GLY C 108 50.55 32.34 -50.93
C GLY C 108 51.20 32.77 -52.23
N GLN C 109 50.51 33.63 -53.01
CA GLN C 109 51.01 34.02 -54.35
C GLN C 109 52.05 35.14 -54.24
N GLY C 110 52.36 35.80 -55.36
CA GLY C 110 53.45 36.81 -55.37
C GLY C 110 53.03 38.09 -56.06
N THR C 111 53.67 39.21 -55.71
CA THR C 111 53.35 40.52 -56.33
C THR C 111 54.56 41.02 -57.11
N SER C 112 54.39 41.33 -58.40
CA SER C 112 55.51 41.85 -59.23
C SER C 112 55.91 43.25 -58.76
N VAL C 113 57.22 43.54 -58.75
CA VAL C 113 57.71 44.88 -58.35
C VAL C 113 58.47 45.49 -59.54
N THR C 114 58.16 46.74 -59.90
CA THR C 114 58.91 47.44 -60.98
C THR C 114 59.58 48.69 -60.39
N VAL C 115 60.90 48.82 -60.58
CA VAL C 115 61.63 49.99 -60.01
C VAL C 115 62.13 50.89 -61.14
N SER C 116 61.60 52.12 -61.23
CA SER C 116 62.10 53.08 -62.25
C SER C 116 61.80 54.52 -61.83
N SER C 117 62.65 55.48 -62.20
CA SER C 117 62.40 56.91 -61.93
C SER C 117 61.20 57.42 -62.74
N LEU D 11 45.35 20.57 -81.09
CA LEU D 11 45.98 20.50 -82.45
C LEU D 11 46.35 19.05 -82.76
N VAL D 12 45.64 18.43 -83.72
CA VAL D 12 45.94 17.01 -84.10
C VAL D 12 46.22 16.94 -85.60
N ASN D 13 47.32 16.28 -85.99
CA ASN D 13 47.66 16.12 -87.43
C ASN D 13 46.72 15.06 -88.04
N PRO D 14 46.48 15.05 -89.37
CA PRO D 14 45.68 14.00 -90.00
C PRO D 14 46.22 12.61 -89.63
N GLY D 15 45.36 11.70 -89.14
CA GLY D 15 45.77 10.34 -88.76
C GLY D 15 46.19 10.25 -87.30
N ALA D 16 46.10 11.35 -86.55
CA ALA D 16 46.45 11.36 -85.11
C ALA D 16 45.30 10.77 -84.28
N SER D 17 45.56 10.43 -83.01
CA SER D 17 44.51 9.89 -82.12
C SER D 17 44.14 10.94 -81.07
N LEU D 18 42.85 11.25 -80.92
CA LEU D 18 42.42 12.33 -79.97
C LEU D 18 41.48 11.75 -78.92
N LYS D 19 41.75 12.03 -77.64
CA LYS D 19 40.90 11.52 -76.53
C LYS D 19 40.19 12.70 -75.85
N MET D 20 38.86 12.62 -75.69
CA MET D 20 38.08 13.70 -75.04
C MET D 20 37.35 13.13 -73.81
N SER D 21 37.46 13.81 -72.67
CA SER D 21 36.78 13.34 -71.42
C SER D 21 35.94 14.46 -70.81
N CYS D 22 34.69 14.15 -70.43
CA CYS D 22 33.83 15.16 -69.73
C CYS D 22 33.22 14.54 -68.48
N LYS D 23 33.08 15.33 -67.41
CA LYS D 23 32.46 14.83 -66.16
C LYS D 23 31.19 15.64 -65.87
N THR D 24 30.08 14.97 -65.55
CA THR D 24 28.84 15.71 -65.18
C THR D 24 29.07 16.46 -63.86
N SER D 25 28.55 17.68 -63.75
CA SER D 25 28.79 18.50 -62.52
C SER D 25 27.46 18.78 -61.82
N GLY D 26 27.39 18.50 -60.51
CA GLY D 26 26.15 18.69 -59.74
C GLY D 26 25.29 17.44 -59.78
N TYR D 27 25.56 16.55 -60.75
CA TYR D 27 24.78 15.29 -60.86
C TYR D 27 25.73 14.09 -60.72
N ARG D 28 25.34 13.10 -59.89
CA ARG D 28 26.20 11.92 -59.67
C ARG D 28 25.63 10.72 -60.43
N PHE D 29 26.28 10.32 -61.53
CA PHE D 29 25.77 9.20 -62.37
C PHE D 29 24.24 9.29 -62.52
N THR D 30 23.51 8.25 -62.12
CA THR D 30 22.02 8.23 -62.19
C THR D 30 21.53 8.46 -63.62
N SER D 31 22.26 7.94 -64.62
CA SER D 31 21.78 8.02 -66.02
C SER D 31 22.11 6.71 -66.74
N TYR D 32 21.20 6.19 -67.56
CA TYR D 32 21.44 4.88 -68.21
C TYR D 32 22.07 5.05 -69.59
N ILE D 33 22.25 6.28 -70.08
CA ILE D 33 22.97 6.43 -71.38
C ILE D 33 23.89 7.66 -71.34
N ILE D 34 24.91 7.69 -72.21
CA ILE D 34 25.81 8.88 -72.34
C ILE D 34 25.91 9.11 -73.85
N HIS D 35 26.07 10.34 -74.33
CA HIS D 35 26.05 10.53 -75.81
C HIS D 35 27.23 11.36 -76.34
N TRP D 36 27.56 11.17 -77.61
CA TRP D 36 28.64 11.98 -78.24
C TRP D 36 28.09 12.60 -79.53
N VAL D 37 28.27 13.90 -79.73
CA VAL D 37 27.69 14.59 -80.94
C VAL D 37 28.79 15.36 -81.67
N LYS D 38 28.87 15.23 -83.00
CA LYS D 38 29.85 16.04 -83.77
C LYS D 38 29.07 17.09 -84.58
N GLN D 39 29.39 18.38 -84.38
CA GLN D 39 28.74 19.43 -85.20
C GLN D 39 29.82 20.32 -85.82
N THR D 40 29.86 20.40 -87.16
CA THR D 40 30.81 21.35 -87.81
C THR D 40 30.14 22.73 -87.82
N PRO D 41 30.87 23.86 -87.73
CA PRO D 41 30.22 25.16 -87.68
C PRO D 41 29.41 25.37 -88.96
N GLY D 42 28.19 25.89 -88.84
CA GLY D 42 27.31 26.11 -90.01
C GLY D 42 26.57 24.84 -90.41
N GLN D 43 26.65 23.77 -89.60
CA GLN D 43 25.93 22.51 -89.89
C GLN D 43 25.19 22.05 -88.62
N GLY D 44 24.16 21.21 -88.77
CA GLY D 44 23.39 20.70 -87.63
C GLY D 44 24.13 19.62 -86.84
N LEU D 45 23.71 19.39 -85.59
CA LEU D 45 24.38 18.38 -84.71
C LEU D 45 24.23 16.99 -85.32
N GLU D 46 25.27 16.15 -85.25
CA GLU D 46 25.18 14.75 -85.75
C GLU D 46 25.52 13.79 -84.60
N TRP D 47 24.65 12.82 -84.32
CA TRP D 47 24.90 11.84 -83.23
C TRP D 47 26.08 10.94 -83.59
N ILE D 48 26.94 10.62 -82.61
CA ILE D 48 28.08 9.69 -82.85
C ILE D 48 27.80 8.37 -82.14
N GLY D 49 27.95 8.33 -80.81
CA GLY D 49 27.83 7.04 -80.10
C GLY D 49 27.10 7.14 -78.77
N ALA D 50 26.59 6.01 -78.27
CA ALA D 50 25.89 5.98 -76.96
C ALA D 50 26.65 5.02 -76.02
N ILE D 51 26.76 5.36 -74.74
CA ILE D 51 27.53 4.51 -73.76
C ILE D 51 26.61 4.06 -72.63
N PHE D 52 26.80 2.84 -72.12
CA PHE D 52 25.96 2.30 -71.01
C PHE D 52 26.83 2.16 -69.76
N PRO D 53 26.34 2.56 -68.57
CA PRO D 53 27.15 2.53 -67.34
C PRO D 53 27.65 1.14 -66.93
N GLU D 54 26.84 0.10 -67.14
CA GLU D 54 27.23 -1.28 -66.73
C GLU D 54 27.92 -1.95 -67.91
N ASN D 55 27.26 -2.92 -68.56
CA ASN D 55 27.86 -3.55 -69.77
C ASN D 55 28.05 -2.44 -70.81
N ASP D 56 29.21 -2.39 -71.48
CA ASP D 56 29.46 -1.26 -72.40
C ASP D 56 28.44 -1.28 -73.53
N ASP D 57 27.84 -0.13 -73.84
CA ASP D 57 26.88 -0.05 -74.98
C ASP D 57 27.63 -0.35 -76.27
N THR D 58 28.86 0.16 -76.40
CA THR D 58 29.70 -0.07 -77.60
C THR D 58 28.89 0.35 -78.84
N SER D 59 28.06 1.39 -78.71
CA SER D 59 27.19 1.83 -79.84
C SER D 59 27.90 2.90 -80.66
N TYR D 60 27.99 2.70 -81.98
CA TYR D 60 28.64 3.70 -82.87
C TYR D 60 27.74 3.98 -84.09
N SER D 61 27.72 5.23 -84.57
CA SER D 61 26.95 5.56 -85.79
C SER D 61 27.66 4.93 -87.00
N GLN D 62 26.92 4.56 -88.04
CA GLN D 62 27.53 3.88 -89.22
C GLN D 62 28.56 4.81 -89.86
N LYS D 63 28.28 6.11 -89.93
CA LYS D 63 29.21 7.09 -90.52
C LYS D 63 30.51 7.12 -89.71
N PHE D 64 30.42 7.07 -88.38
CA PHE D 64 31.62 7.18 -87.51
C PHE D 64 32.18 5.81 -87.14
N LYS D 65 31.57 4.72 -87.65
CA LYS D 65 32.01 3.36 -87.24
C LYS D 65 33.46 3.11 -87.67
N GLY D 66 34.27 2.54 -86.78
CA GLY D 66 35.68 2.23 -87.09
C GLY D 66 36.60 3.41 -86.87
N LYS D 67 36.04 4.57 -86.53
CA LYS D 67 36.88 5.76 -86.20
C LYS D 67 36.67 6.14 -84.74
N ALA D 68 35.60 5.66 -84.11
CA ALA D 68 35.28 6.08 -82.73
C ALA D 68 35.29 4.88 -81.77
N THR D 69 35.92 5.02 -80.60
CA THR D 69 35.91 3.94 -79.58
C THR D 69 35.36 4.53 -78.28
N LEU D 70 34.47 3.81 -77.58
CA LEU D 70 33.85 4.36 -76.35
C LEU D 70 34.31 3.56 -75.13
N THR D 71 34.90 4.24 -74.14
CA THR D 71 35.31 3.57 -72.88
C THR D 71 34.73 4.35 -71.69
N THR D 72 34.13 3.66 -70.72
CA THR D 72 33.61 4.35 -69.51
C THR D 72 34.25 3.77 -68.25
N ASP D 73 34.75 4.63 -67.35
CA ASP D 73 35.31 4.14 -66.07
C ASP D 73 34.45 4.71 -64.94
N THR D 74 33.89 3.84 -64.09
CA THR D 74 33.01 4.31 -62.98
C THR D 74 33.82 5.15 -61.99
N SER D 75 35.04 4.71 -61.65
CA SER D 75 35.87 5.43 -60.66
C SER D 75 36.23 6.82 -61.20
N SER D 76 36.60 6.90 -62.49
CA SER D 76 36.93 8.20 -63.12
C SER D 76 35.70 9.11 -63.14
N SER D 77 34.52 8.53 -63.42
CA SER D 77 33.24 9.29 -63.47
C SER D 77 33.20 10.17 -64.73
N THR D 78 34.10 9.92 -65.69
CA THR D 78 34.14 10.71 -66.94
C THR D 78 34.10 9.77 -68.16
N ALA D 79 33.25 10.08 -69.14
CA ALA D 79 33.17 9.26 -70.39
C ALA D 79 34.42 9.53 -71.24
N TYR D 80 34.88 8.51 -71.98
CA TYR D 80 36.09 8.66 -72.84
C TYR D 80 35.73 8.35 -74.29
N MET D 81 36.17 9.21 -75.23
CA MET D 81 35.92 8.95 -76.68
C MET D 81 37.27 9.04 -77.41
N GLN D 82 37.62 8.00 -78.18
CA GLN D 82 38.91 7.99 -78.92
C GLN D 82 38.63 8.21 -80.40
N LEU D 83 39.32 9.18 -81.02
CA LEU D 83 39.07 9.49 -82.45
C LEU D 83 40.34 9.14 -83.26
N SER D 84 40.18 8.44 -84.37
CA SER D 84 41.36 7.99 -85.16
C SER D 84 41.19 8.38 -86.63
N SER D 85 42.28 8.39 -87.40
CA SER D 85 42.24 8.78 -88.84
C SER D 85 41.61 10.17 -89.00
N LEU D 86 42.05 11.14 -88.18
CA LEU D 86 41.49 12.50 -88.22
C LEU D 86 41.75 13.15 -89.58
N THR D 87 40.81 13.98 -90.06
CA THR D 87 40.95 14.65 -91.39
C THR D 87 40.46 16.10 -91.24
N SER D 88 40.70 16.92 -92.27
CA SER D 88 40.27 18.35 -92.23
C SER D 88 38.75 18.41 -92.07
N GLU D 89 38.02 17.53 -92.75
CA GLU D 89 36.54 17.46 -92.59
C GLU D 89 36.21 17.06 -91.14
N ASP D 90 37.02 16.18 -90.54
CA ASP D 90 36.76 15.69 -89.15
C ASP D 90 36.78 16.86 -88.15
N SER D 91 37.63 17.86 -88.34
CA SER D 91 37.72 18.93 -87.31
C SER D 91 36.33 19.56 -87.13
N ALA D 92 35.84 19.60 -85.89
CA ALA D 92 34.49 20.14 -85.60
C ALA D 92 34.36 20.32 -84.08
N VAL D 93 33.28 20.92 -83.60
CA VAL D 93 33.10 20.97 -82.12
C VAL D 93 32.33 19.71 -81.70
N TYR D 94 32.92 18.91 -80.80
CA TYR D 94 32.29 17.65 -80.31
C TYR D 94 31.70 17.90 -78.92
N TYR D 95 30.45 17.49 -78.68
CA TYR D 95 29.79 17.81 -77.38
C TYR D 95 29.54 16.55 -76.56
N CYS D 96 29.98 16.53 -75.30
CA CYS D 96 29.65 15.38 -74.41
C CYS D 96 28.19 15.56 -74.00
N ALA D 97 27.43 14.46 -73.94
CA ALA D 97 25.99 14.56 -73.61
C ALA D 97 25.61 13.31 -72.81
N ARG D 98 24.35 13.17 -72.43
CA ARG D 98 23.88 11.95 -71.73
C ARG D 98 22.43 11.68 -72.14
N ASP D 99 21.70 10.87 -71.36
CA ASP D 99 20.26 10.59 -71.64
C ASP D 99 19.64 9.79 -70.49
N GLY D 100 18.77 10.42 -69.70
CA GLY D 100 18.04 9.67 -68.66
C GLY D 100 16.60 9.51 -69.11
N GLU D 101 15.65 10.08 -68.36
CA GLU D 101 14.24 10.07 -68.84
C GLU D 101 14.19 11.07 -69.98
N ASN D 102 14.56 12.34 -69.71
CA ASN D 102 14.63 13.36 -70.78
C ASN D 102 16.01 14.01 -70.65
N VAL D 103 16.09 15.26 -70.18
CA VAL D 103 17.41 15.89 -69.91
C VAL D 103 17.44 16.35 -68.45
N LEU D 104 18.54 16.10 -67.75
CA LEU D 104 18.70 16.59 -66.35
C LEU D 104 20.10 17.16 -66.25
N ASP D 105 20.35 18.34 -66.85
CA ASP D 105 21.71 18.92 -66.89
C ASP D 105 22.69 17.81 -67.26
N TYR D 106 22.43 17.10 -68.36
CA TYR D 106 23.27 15.94 -68.74
C TYR D 106 23.96 16.24 -70.07
N TRP D 107 23.32 17.04 -70.92
CA TRP D 107 23.89 17.42 -72.24
C TRP D 107 24.91 18.54 -71.98
N GLY D 108 26.20 18.18 -71.83
CA GLY D 108 27.23 19.18 -71.49
C GLY D 108 27.69 20.01 -72.68
N GLN D 109 28.76 20.80 -72.49
CA GLN D 109 29.22 21.71 -73.57
C GLN D 109 30.09 20.99 -74.61
N GLY D 110 30.82 21.74 -75.44
CA GLY D 110 31.56 21.12 -76.55
C GLY D 110 32.99 21.63 -76.63
N THR D 111 33.89 20.82 -77.20
CA THR D 111 35.31 21.23 -77.35
C THR D 111 35.65 21.36 -78.84
N SER D 112 36.16 22.51 -79.26
CA SER D 112 36.55 22.73 -80.68
C SER D 112 37.75 21.85 -81.04
N VAL D 113 37.76 21.28 -82.26
CA VAL D 113 38.90 20.44 -82.71
C VAL D 113 39.50 21.09 -83.97
N THR D 114 40.83 21.27 -84.01
CA THR D 114 41.50 21.80 -85.23
C THR D 114 42.48 20.75 -85.75
N VAL D 115 42.37 20.39 -87.03
CA VAL D 115 43.26 19.34 -87.61
C VAL D 115 44.19 19.98 -88.65
N SER D 116 45.50 20.01 -88.37
CA SER D 116 46.47 20.53 -89.38
C SER D 116 47.87 19.97 -89.12
N SER D 117 48.66 19.77 -90.17
CA SER D 117 50.07 19.31 -90.02
C SER D 117 50.92 20.40 -89.35
N GLN E 1 17.91 3.48 -90.60
CA GLN E 1 18.65 4.66 -91.01
C GLN E 1 17.72 5.70 -91.62
N ILE E 2 16.66 6.02 -90.86
CA ILE E 2 15.62 6.98 -91.35
C ILE E 2 16.12 8.42 -91.24
N VAL E 3 16.48 9.04 -92.36
CA VAL E 3 16.89 10.48 -92.34
C VAL E 3 15.62 11.31 -92.11
N LEU E 4 15.73 12.41 -91.38
CA LEU E 4 14.55 13.30 -91.11
C LEU E 4 14.73 14.61 -91.88
N THR E 5 13.68 15.09 -92.54
CA THR E 5 13.76 16.34 -93.33
C THR E 5 13.03 17.46 -92.57
N GLN E 6 13.72 18.58 -92.31
CA GLN E 6 13.11 19.70 -91.54
C GLN E 6 13.13 20.98 -92.38
N SER E 7 12.00 21.69 -92.44
CA SER E 7 11.92 22.93 -93.26
C SER E 7 11.14 24.00 -92.47
N PRO E 8 11.24 25.31 -92.79
CA PRO E 8 12.08 25.83 -93.88
C PRO E 8 13.54 26.09 -93.47
N SER E 9 14.36 26.59 -94.39
CA SER E 9 15.77 26.96 -94.02
C SER E 9 15.77 28.10 -93.01
N SER E 10 14.87 29.07 -93.17
CA SER E 10 14.90 30.28 -92.30
C SER E 10 13.51 30.60 -91.72
N LEU E 11 13.46 31.15 -90.52
CA LEU E 11 12.16 31.56 -89.90
C LEU E 11 12.23 33.02 -89.49
N ALA E 12 11.42 33.89 -90.11
CA ALA E 12 11.38 35.31 -89.71
C ALA E 12 10.17 35.54 -88.80
N VAL E 13 10.42 35.88 -87.53
CA VAL E 13 9.30 36.05 -86.54
C VAL E 13 9.47 37.37 -85.81
N SER E 14 8.39 38.15 -85.67
CA SER E 14 8.43 39.41 -84.89
C SER E 14 8.30 39.09 -83.39
N VAL E 15 8.66 40.03 -82.52
CA VAL E 15 8.49 39.82 -81.06
C VAL E 15 6.99 39.69 -80.76
N GLY E 16 6.62 38.80 -79.84
CA GLY E 16 5.21 38.58 -79.49
C GLY E 16 4.39 38.07 -80.68
N GLU E 17 4.99 37.25 -81.55
CA GLU E 17 4.24 36.66 -82.69
C GLU E 17 4.31 35.13 -82.61
N LYS E 18 3.17 34.46 -82.74
CA LYS E 18 3.16 32.96 -82.74
C LYS E 18 3.80 32.45 -84.03
N VAL E 19 4.60 31.39 -83.95
CA VAL E 19 5.23 30.79 -85.15
C VAL E 19 5.07 29.26 -85.11
N THR E 20 4.98 28.60 -86.26
CA THR E 20 4.90 27.12 -86.31
C THR E 20 6.03 26.56 -87.18
N LEU E 21 6.81 25.62 -86.63
CA LEU E 21 7.91 24.97 -87.42
C LEU E 21 7.64 23.45 -87.48
N SER E 22 7.77 22.84 -88.65
CA SER E 22 7.41 21.40 -88.79
C SER E 22 8.59 20.55 -89.27
N CYS E 23 8.80 19.39 -88.65
CA CYS E 23 9.86 18.43 -89.11
C CYS E 23 9.17 17.15 -89.57
N LYS E 24 9.53 16.64 -90.76
CA LYS E 24 8.85 15.44 -91.30
C LYS E 24 9.80 14.24 -91.26
N SER E 25 9.32 13.10 -90.76
CA SER E 25 10.15 11.87 -90.67
C SER E 25 9.73 10.91 -91.78
N SER E 26 10.69 10.22 -92.41
CA SER E 26 10.39 9.29 -93.53
C SER E 26 9.48 8.15 -93.04
N GLN E 27 9.73 7.65 -91.82
CA GLN E 27 8.91 6.54 -91.26
C GLN E 27 8.24 7.02 -89.96
N SER E 28 7.05 6.49 -89.66
CA SER E 28 6.28 6.95 -88.46
C SER E 28 7.08 6.66 -87.18
N LEU E 29 7.19 7.65 -86.29
CA LEU E 29 8.01 7.45 -85.07
C LEU E 29 7.08 7.11 -83.90
N LEU E 30 5.97 6.44 -84.17
CA LEU E 30 5.04 6.02 -83.09
C LEU E 30 5.28 4.52 -82.81
N TYR E 31 5.64 4.18 -81.58
CA TYR E 31 5.82 2.74 -81.21
C TYR E 31 4.44 2.10 -81.09
N SER E 32 4.26 0.93 -81.71
CA SER E 32 2.92 0.27 -81.73
C SER E 32 2.47 -0.12 -80.31
N ASN E 33 3.39 -0.62 -79.48
CA ASN E 33 2.98 -1.13 -78.14
C ASN E 33 2.40 0.00 -77.28
N ASN E 34 3.05 1.16 -77.24
CA ASN E 34 2.57 2.26 -76.35
C ASN E 34 1.66 3.21 -77.11
N GLN E 35 1.61 3.10 -78.44
CA GLN E 35 0.80 4.02 -79.29
C GLN E 35 1.18 5.47 -78.98
N LYS E 36 2.49 5.73 -78.79
CA LYS E 36 2.95 7.10 -78.45
C LYS E 36 4.00 7.55 -79.47
N ASN E 37 3.86 8.76 -80.01
CA ASN E 37 4.88 9.31 -80.95
C ASN E 37 6.18 9.58 -80.19
N TYR E 38 7.32 9.31 -80.82
CA TYR E 38 8.64 9.57 -80.19
C TYR E 38 9.39 10.63 -81.00
N LEU E 39 9.76 11.75 -80.37
CA LEU E 39 10.55 12.81 -81.06
C LEU E 39 11.05 13.81 -80.02
N ALA E 40 12.15 14.51 -80.32
CA ALA E 40 12.71 15.50 -79.36
C ALA E 40 12.98 16.83 -80.09
N TRP E 41 12.63 17.95 -79.47
CA TRP E 41 12.87 19.29 -80.08
C TRP E 41 14.04 19.97 -79.36
N TYR E 42 15.00 20.52 -80.10
CA TYR E 42 16.21 21.08 -79.45
C TYR E 42 16.41 22.56 -79.78
N GLN E 43 16.92 23.33 -78.80
CA GLN E 43 17.21 24.77 -79.00
C GLN E 43 18.74 24.90 -79.08
N GLN E 44 19.25 25.71 -80.02
CA GLN E 44 20.73 25.79 -80.21
C GLN E 44 21.15 27.26 -80.29
N LYS E 45 21.24 27.95 -79.15
CA LYS E 45 21.73 29.36 -79.15
C LYS E 45 23.24 29.35 -79.41
N SER E 46 23.77 30.44 -79.95
CA SER E 46 25.22 30.50 -80.29
C SER E 46 26.06 30.37 -79.02
N GLY E 47 27.15 29.59 -79.09
CA GLY E 47 28.03 29.40 -77.92
C GLY E 47 27.30 28.79 -76.74
N ARG E 48 26.35 27.88 -77.00
CA ARG E 48 25.56 27.25 -75.92
C ARG E 48 25.49 25.73 -76.15
N SER E 49 25.36 24.95 -75.06
CA SER E 49 25.23 23.48 -75.20
C SER E 49 23.88 23.15 -75.84
N PRO E 50 23.75 22.06 -76.63
CA PRO E 50 22.45 21.69 -77.19
C PRO E 50 21.48 21.46 -76.03
N LYS E 51 20.27 21.99 -76.13
CA LYS E 51 19.33 21.90 -74.98
C LYS E 51 17.97 21.35 -75.43
N LEU E 52 17.42 20.39 -74.67
CA LEU E 52 16.11 19.78 -75.03
C LEU E 52 14.97 20.70 -74.57
N LEU E 53 14.08 21.09 -75.49
CA LEU E 53 12.92 21.94 -75.13
C LEU E 53 11.69 21.07 -74.90
N LEU E 54 11.42 20.12 -75.81
CA LEU E 54 10.20 19.29 -75.69
C LEU E 54 10.55 17.82 -75.89
N HIS E 55 9.97 16.92 -75.08
CA HIS E 55 10.27 15.48 -75.17
C HIS E 55 8.98 14.68 -75.47
N TRP E 56 9.09 13.64 -76.30
CA TRP E 56 7.93 12.78 -76.69
C TRP E 56 6.90 13.61 -77.46
N THR E 57 7.06 14.94 -77.48
CA THR E 57 6.14 15.85 -78.22
C THR E 57 4.81 15.92 -77.45
N SER E 58 4.77 15.34 -76.25
CA SER E 58 3.55 15.42 -75.40
C SER E 58 3.87 16.04 -74.05
N THR E 59 5.15 16.07 -73.67
CA THR E 59 5.50 16.57 -72.30
C THR E 59 6.48 17.74 -72.41
N ARG E 60 6.15 18.88 -71.76
CA ARG E 60 7.07 20.05 -71.74
C ARG E 60 8.23 19.76 -70.78
N GLU E 61 9.40 20.36 -71.03
CA GLU E 61 10.56 20.19 -70.11
C GLU E 61 10.29 20.98 -68.82
N SER E 62 10.91 20.57 -67.71
CA SER E 62 10.76 21.30 -66.42
C SER E 62 11.32 22.72 -66.57
N GLY E 63 10.66 23.71 -65.95
CA GLY E 63 11.10 25.11 -66.07
C GLY E 63 11.08 25.59 -67.51
N VAL E 64 10.09 25.16 -68.29
CA VAL E 64 9.97 25.61 -69.72
C VAL E 64 8.62 26.32 -69.88
N PRO E 65 8.58 27.51 -70.53
CA PRO E 65 7.34 28.28 -70.66
C PRO E 65 6.26 27.56 -71.49
N ASP E 66 4.98 27.80 -71.17
CA ASP E 66 3.86 27.16 -71.90
C ASP E 66 3.80 27.70 -73.33
N ARG E 67 4.51 28.80 -73.60
CA ARG E 67 4.53 29.41 -74.96
C ARG E 67 5.07 28.37 -75.95
N PHE E 68 6.05 27.56 -75.53
CA PHE E 68 6.60 26.50 -76.41
C PHE E 68 5.67 25.27 -76.30
N THR E 69 4.86 25.03 -77.34
CA THR E 69 3.93 23.86 -77.33
C THR E 69 4.12 23.06 -78.62
N GLY E 70 4.26 21.74 -78.53
CA GLY E 70 4.48 20.92 -79.73
C GLY E 70 3.44 19.83 -79.89
N SER E 71 2.84 19.70 -81.08
CA SER E 71 1.89 18.59 -81.34
C SER E 71 2.35 17.83 -82.59
N GLY E 72 2.57 16.51 -82.47
CA GLY E 72 3.03 15.70 -83.62
C GLY E 72 2.14 14.49 -83.84
N SER E 73 1.69 14.26 -85.07
CA SER E 73 0.89 13.05 -85.38
C SER E 73 1.59 12.20 -86.46
N GLY E 74 1.86 10.93 -86.16
CA GLY E 74 2.49 10.04 -87.14
C GLY E 74 3.82 10.58 -87.64
N THR E 75 4.03 10.57 -88.96
CA THR E 75 5.31 11.06 -89.55
C THR E 75 5.49 12.56 -89.30
N ASP E 76 4.42 13.36 -89.42
CA ASP E 76 4.55 14.83 -89.29
C ASP E 76 4.69 15.25 -87.83
N PHE E 77 5.64 16.12 -87.52
CA PHE E 77 5.79 16.65 -86.14
C PHE E 77 5.82 18.18 -86.19
N THR E 78 5.03 18.86 -85.36
CA THR E 78 4.96 20.34 -85.44
C THR E 78 5.27 20.97 -84.07
N LEU E 79 6.12 22.01 -84.04
CA LEU E 79 6.39 22.73 -82.77
C LEU E 79 5.92 24.19 -82.95
N THR E 80 5.13 24.70 -82.00
CA THR E 80 4.60 26.09 -82.11
C THR E 80 5.15 26.94 -80.96
N ILE E 81 5.74 28.08 -81.29
CA ILE E 81 6.26 29.02 -80.24
C ILE E 81 5.40 30.28 -80.29
N SER E 82 5.18 30.94 -79.15
CA SER E 82 4.41 32.21 -79.14
C SER E 82 5.21 33.25 -78.34
N SER E 83 4.93 34.53 -78.53
CA SER E 83 5.63 35.60 -77.76
C SER E 83 7.14 35.44 -77.90
N VAL E 84 7.63 35.27 -79.13
CA VAL E 84 9.09 35.03 -79.38
C VAL E 84 9.90 36.22 -78.88
N LYS E 85 11.08 35.97 -78.29
CA LYS E 85 11.92 37.06 -77.72
C LYS E 85 13.34 36.92 -78.28
N ALA E 86 14.18 37.96 -78.13
CA ALA E 86 15.56 37.93 -78.68
C ALA E 86 16.35 36.78 -78.03
N GLU E 87 16.17 36.53 -76.74
CA GLU E 87 16.84 35.39 -76.06
C GLU E 87 16.37 34.08 -76.70
N ASP E 88 15.09 33.98 -77.05
CA ASP E 88 14.50 32.73 -77.60
C ASP E 88 15.14 32.33 -78.95
N LEU E 89 15.57 33.30 -79.77
CA LEU E 89 16.06 32.92 -81.13
C LEU E 89 17.16 31.88 -81.00
N ALA E 90 17.03 30.77 -81.74
CA ALA E 90 18.04 29.69 -81.71
C ALA E 90 17.81 28.74 -82.90
N VAL E 91 18.76 27.84 -83.16
CA VAL E 91 18.51 26.82 -84.22
C VAL E 91 17.60 25.74 -83.61
N TYR E 92 16.55 25.34 -84.32
CA TYR E 92 15.60 24.34 -83.77
C TYR E 92 15.77 23.01 -84.51
N TYR E 93 15.85 21.91 -83.77
CA TYR E 93 16.13 20.60 -84.42
C TYR E 93 15.16 19.52 -83.97
N CYS E 94 14.87 18.55 -84.84
CA CYS E 94 14.01 17.40 -84.46
C CYS E 94 14.91 16.15 -84.36
N GLN E 95 14.90 15.48 -83.21
CA GLN E 95 15.71 14.25 -83.04
C GLN E 95 14.76 13.06 -82.95
N GLN E 96 14.97 12.04 -83.79
CA GLN E 96 14.13 10.83 -83.72
C GLN E 96 14.42 10.11 -82.39
N TYR E 97 13.36 9.64 -81.72
CA TYR E 97 13.53 8.94 -80.43
C TYR E 97 13.03 7.50 -80.61
N TYR E 98 12.42 7.20 -81.76
CA TYR E 98 11.78 5.88 -81.97
C TYR E 98 12.75 4.69 -81.98
N THR E 99 13.86 4.75 -82.73
CA THR E 99 14.73 3.54 -82.84
C THR E 99 16.17 3.89 -83.23
N TYR E 100 17.13 3.03 -82.83
CA TYR E 100 18.54 3.23 -83.26
C TYR E 100 18.65 2.82 -84.74
N PRO E 101 19.56 3.41 -85.55
CA PRO E 101 20.42 4.51 -85.12
C PRO E 101 19.67 5.84 -84.92
N TRP E 102 20.08 6.62 -83.92
CA TRP E 102 19.45 7.96 -83.71
C TRP E 102 19.76 8.83 -84.93
N THR E 103 18.79 9.62 -85.40
CA THR E 103 19.07 10.55 -86.51
C THR E 103 18.66 11.96 -86.08
N PHE E 104 19.56 12.93 -86.19
CA PHE E 104 19.17 14.34 -85.88
C PHE E 104 18.63 14.97 -87.15
N GLY E 105 17.30 15.01 -87.28
CA GLY E 105 16.66 15.63 -88.45
C GLY E 105 16.21 17.04 -88.12
N GLY E 106 16.58 17.56 -86.94
CA GLY E 106 16.29 18.95 -86.48
C GLY E 106 16.93 19.90 -87.63
N GLY E 107 16.61 21.21 -87.69
CA GLY E 107 17.20 22.11 -88.71
C GLY E 107 16.34 23.34 -88.99
N THR E 108 16.32 24.35 -88.12
CA THR E 108 15.58 25.62 -88.42
C THR E 108 16.20 26.79 -87.65
N LYS E 109 16.87 27.72 -88.34
CA LYS E 109 17.38 28.94 -87.64
C LYS E 109 16.19 29.84 -87.31
N LEU E 110 16.25 30.58 -86.19
CA LEU E 110 15.18 31.55 -85.85
C LEU E 110 15.75 32.96 -85.90
N GLU E 111 15.10 33.86 -86.65
CA GLU E 111 15.58 35.27 -86.74
C GLU E 111 14.46 36.21 -86.35
N ILE E 112 14.79 37.49 -86.10
CA ILE E 112 13.77 38.51 -85.72
C ILE E 112 13.59 39.47 -86.90
N LYS E 113 12.35 39.65 -87.35
CA LYS E 113 12.11 40.64 -88.44
C LYS E 113 11.80 42.00 -87.80
N GLN F 1 75.71 29.18 -43.51
CA GLN F 1 75.48 29.70 -44.85
C GLN F 1 75.82 28.65 -45.91
N ILE F 2 75.23 27.46 -45.74
CA ILE F 2 75.52 26.31 -46.66
C ILE F 2 74.75 26.49 -47.98
N VAL F 3 75.45 26.86 -49.06
CA VAL F 3 74.79 26.95 -50.39
C VAL F 3 74.53 25.51 -50.87
N LEU F 4 73.41 25.28 -51.58
CA LEU F 4 73.08 23.93 -52.09
C LEU F 4 73.23 23.93 -53.62
N THR F 5 73.86 22.89 -54.18
CA THR F 5 74.07 22.81 -55.64
C THR F 5 73.11 21.77 -56.23
N GLN F 6 72.30 22.17 -57.22
CA GLN F 6 71.30 21.24 -57.82
C GLN F 6 71.56 21.11 -59.33
N SER F 7 71.57 19.87 -59.83
CA SER F 7 71.84 19.62 -61.28
C SER F 7 70.89 18.55 -61.81
N PRO F 8 70.65 18.42 -63.13
CA PRO F 8 71.25 19.27 -64.17
C PRO F 8 70.47 20.57 -64.43
N SER F 9 70.93 21.38 -65.37
CA SER F 9 70.18 22.62 -65.74
C SER F 9 68.82 22.25 -66.35
N SER F 10 68.78 21.18 -67.17
CA SER F 10 67.53 20.84 -67.90
C SER F 10 67.17 19.36 -67.75
N LEU F 11 65.88 19.03 -67.74
CA LEU F 11 65.45 17.61 -67.66
C LEU F 11 64.49 17.32 -68.81
N ALA F 12 64.89 16.42 -69.73
CA ALA F 12 63.99 16.04 -70.85
C ALA F 12 63.33 14.70 -70.50
N VAL F 13 62.01 14.69 -70.31
CA VAL F 13 61.29 13.45 -69.90
C VAL F 13 60.08 13.23 -70.81
N SER F 14 59.88 12.00 -71.30
CA SER F 14 58.68 11.67 -72.11
C SER F 14 57.49 11.41 -71.17
N VAL F 15 56.27 11.45 -71.72
CA VAL F 15 55.07 11.13 -70.88
C VAL F 15 55.17 9.67 -70.43
N GLY F 16 54.75 9.38 -69.20
CA GLY F 16 54.83 8.00 -68.67
C GLY F 16 56.25 7.47 -68.59
N GLU F 17 57.23 8.34 -68.30
CA GLU F 17 58.64 7.90 -68.15
C GLU F 17 59.15 8.28 -66.75
N LYS F 18 59.76 7.32 -66.03
CA LYS F 18 60.33 7.63 -64.70
C LYS F 18 61.56 8.54 -64.87
N VAL F 19 61.73 9.52 -63.98
CA VAL F 19 62.92 10.42 -64.03
C VAL F 19 63.50 10.58 -62.62
N THR F 20 64.82 10.78 -62.50
CA THR F 20 65.44 11.02 -61.18
C THR F 20 66.19 12.37 -61.19
N LEU F 21 65.92 13.25 -60.22
CA LEU F 21 66.65 14.54 -60.12
C LEU F 21 67.33 14.61 -58.75
N SER F 22 68.61 15.02 -58.71
CA SER F 22 69.35 14.99 -57.42
C SER F 22 69.88 16.38 -57.02
N CYS F 23 69.71 16.75 -55.74
CA CYS F 23 70.27 18.03 -55.23
C CYS F 23 71.33 17.70 -54.17
N LYS F 24 72.52 18.31 -54.26
CA LYS F 24 73.62 17.98 -53.31
C LYS F 24 73.85 19.14 -52.35
N SER F 25 73.93 18.85 -51.05
CA SER F 25 74.16 19.90 -50.02
C SER F 25 75.62 19.84 -49.56
N SER F 26 76.25 21.01 -49.34
CA SER F 26 77.67 21.05 -48.93
C SER F 26 77.86 20.35 -47.58
N GLN F 27 76.91 20.53 -46.66
CA GLN F 27 77.00 19.89 -45.32
C GLN F 27 75.79 18.97 -45.11
N SER F 28 75.96 17.89 -44.34
CA SER F 28 74.87 16.90 -44.16
C SER F 28 73.67 17.56 -43.46
N LEU F 29 72.47 17.33 -43.98
CA LEU F 29 71.27 18.01 -43.42
C LEU F 29 70.54 17.03 -42.50
N LEU F 30 71.29 16.13 -41.85
CA LEU F 30 70.67 15.18 -40.89
C LEU F 30 70.94 15.68 -39.48
N TYR F 31 69.89 15.93 -38.69
CA TYR F 31 70.07 16.37 -37.28
C TYR F 31 70.51 15.15 -36.46
N SER F 32 71.56 15.29 -35.64
CA SER F 32 72.09 14.14 -34.88
C SER F 32 71.06 13.60 -33.88
N ASN F 33 70.32 14.48 -33.20
CA ASN F 33 69.41 14.01 -32.12
C ASN F 33 68.31 13.11 -32.69
N ASN F 34 67.69 13.48 -33.82
CA ASN F 34 66.57 12.68 -34.37
C ASN F 34 67.08 11.69 -35.42
N GLN F 35 68.32 11.85 -35.87
CA GLN F 35 68.90 10.98 -36.93
C GLN F 35 67.98 11.01 -38.16
N LYS F 36 67.43 12.18 -38.49
CA LYS F 36 66.51 12.30 -39.65
C LYS F 36 67.03 13.36 -40.62
N ASN F 37 67.08 13.04 -41.92
CA ASN F 37 67.50 14.03 -42.94
C ASN F 37 66.45 15.14 -43.04
N TYR F 38 66.88 16.39 -43.22
CA TYR F 38 65.93 17.52 -43.38
C TYR F 38 66.10 18.12 -44.77
N LEU F 39 65.02 18.17 -45.56
CA LEU F 39 65.07 18.80 -46.91
C LEU F 39 63.64 18.94 -47.44
N ALA F 40 63.41 19.90 -48.35
CA ALA F 40 62.07 20.10 -48.91
C ALA F 40 62.14 20.18 -50.44
N TRP F 41 61.22 19.53 -51.15
CA TRP F 41 61.20 19.56 -52.64
C TRP F 41 60.06 20.45 -53.11
N TYR F 42 60.32 21.37 -54.05
CA TYR F 42 59.26 22.34 -54.45
C TYR F 42 58.94 22.26 -55.94
N GLN F 43 57.66 22.46 -56.28
CA GLN F 43 57.21 22.48 -57.71
C GLN F 43 56.92 23.94 -58.06
N GLN F 44 57.34 24.38 -59.25
CA GLN F 44 57.18 25.81 -59.61
C GLN F 44 56.60 25.94 -61.03
N LYS F 45 55.29 25.72 -61.18
CA LYS F 45 54.64 25.90 -62.52
C LYS F 45 54.56 27.40 -62.82
N SER F 46 54.52 27.76 -64.10
CA SER F 46 54.50 29.19 -64.49
C SER F 46 53.24 29.86 -63.95
N GLY F 47 53.37 31.10 -63.44
CA GLY F 47 52.21 31.83 -62.90
C GLY F 47 51.53 31.09 -61.76
N ARG F 48 52.32 30.40 -60.92
CA ARG F 48 51.75 29.62 -59.79
C ARG F 48 52.56 29.91 -58.52
N SER F 49 51.91 29.80 -57.35
CA SER F 49 52.63 30.00 -56.06
C SER F 49 53.62 28.84 -55.84
N PRO F 50 54.78 29.05 -55.18
CA PRO F 50 55.69 27.95 -54.90
C PRO F 50 54.94 26.90 -54.07
N LYS F 51 55.07 25.62 -54.43
CA LYS F 51 54.27 24.58 -53.73
C LYS F 51 55.17 23.44 -53.24
N LEU F 52 54.98 23.01 -51.99
CA LEU F 52 55.81 21.92 -51.41
C LEU F 52 55.27 20.57 -51.89
N LEU F 53 56.14 19.75 -52.50
CA LEU F 53 55.72 18.40 -52.96
C LEU F 53 56.11 17.35 -51.91
N LEU F 54 57.34 17.42 -51.40
CA LEU F 54 57.82 16.38 -50.43
C LEU F 54 58.49 17.07 -49.25
N HIS F 55 58.23 16.58 -48.03
CA HIS F 55 58.81 17.18 -46.80
C HIS F 55 59.64 16.15 -46.04
N TRP F 56 60.78 16.59 -45.46
CA TRP F 56 61.70 15.69 -44.70
C TRP F 56 62.29 14.62 -45.62
N THR F 57 61.76 14.50 -46.84
CA THR F 57 62.26 13.51 -47.84
C THR F 57 61.81 12.11 -47.41
N SER F 58 60.97 12.04 -46.39
CA SER F 58 60.44 10.72 -45.92
C SER F 58 58.91 10.72 -45.98
N THR F 59 58.28 11.90 -46.00
CA THR F 59 56.79 11.96 -45.94
C THR F 59 56.23 12.68 -47.17
N ARG F 60 55.29 12.03 -47.87
CA ARG F 60 54.63 12.67 -49.04
C ARG F 60 53.63 13.72 -48.54
N GLU F 61 53.38 14.76 -49.34
CA GLU F 61 52.38 15.80 -48.97
C GLU F 61 50.97 15.20 -49.09
N SER F 62 50.00 15.74 -48.35
CA SER F 62 48.60 15.27 -48.45
C SER F 62 48.06 15.53 -49.86
N GLY F 63 47.26 14.61 -50.40
CA GLY F 63 46.74 14.75 -51.77
C GLY F 63 47.84 14.82 -52.81
N VAL F 64 48.93 14.06 -52.61
CA VAL F 64 50.05 14.04 -53.59
C VAL F 64 50.21 12.61 -54.11
N PRO F 65 50.33 12.39 -55.45
CA PRO F 65 50.42 11.04 -56.02
C PRO F 65 51.67 10.27 -55.57
N ASP F 66 51.56 8.94 -55.48
CA ASP F 66 52.69 8.08 -55.04
C ASP F 66 53.78 8.11 -56.12
N ARG F 67 53.45 8.60 -57.32
CA ARG F 67 54.44 8.68 -58.43
C ARG F 67 55.61 9.55 -58.00
N PHE F 68 55.34 10.62 -57.24
CA PHE F 68 56.44 11.48 -56.72
C PHE F 68 57.00 10.82 -55.45
N THR F 69 58.19 10.23 -55.54
CA THR F 69 58.82 9.57 -54.37
C THR F 69 60.25 10.09 -54.22
N GLY F 70 60.65 10.50 -53.01
CA GLY F 70 62.01 11.05 -52.81
C GLY F 70 62.79 10.30 -51.74
N SER F 71 64.03 9.90 -52.05
CA SER F 71 64.89 9.26 -51.03
C SER F 71 66.22 10.02 -50.93
N GLY F 72 66.57 10.49 -49.73
CA GLY F 72 67.82 11.25 -49.54
C GLY F 72 68.67 10.69 -48.42
N SER F 73 69.95 10.46 -48.67
CA SER F 73 70.87 9.98 -47.60
C SER F 73 72.02 10.98 -47.40
N GLY F 74 72.19 11.46 -46.16
CA GLY F 74 73.29 12.39 -45.85
C GLY F 74 73.25 13.64 -46.73
N THR F 75 74.39 14.02 -47.30
CA THR F 75 74.46 15.24 -48.16
C THR F 75 73.63 15.06 -49.43
N ASP F 76 73.65 13.88 -50.04
CA ASP F 76 72.94 13.67 -51.34
C ASP F 76 71.43 13.52 -51.12
N PHE F 77 70.62 14.21 -51.91
CA PHE F 77 69.14 14.07 -51.82
C PHE F 77 68.59 13.78 -53.23
N THR F 78 67.74 12.77 -53.38
CA THR F 78 67.26 12.40 -54.74
C THR F 78 65.72 12.37 -54.77
N LEU F 79 65.12 12.97 -55.81
CA LEU F 79 63.65 12.92 -55.97
C LEU F 79 63.34 12.19 -57.28
N THR F 80 62.45 11.18 -57.23
CA THR F 80 62.13 10.39 -58.45
C THR F 80 60.65 10.59 -58.81
N ILE F 81 60.37 10.97 -60.07
CA ILE F 81 58.96 11.14 -60.53
C ILE F 81 58.71 10.04 -61.57
N SER F 82 57.47 9.54 -61.66
CA SER F 82 57.13 8.52 -62.68
C SER F 82 55.85 8.97 -63.39
N SER F 83 55.58 8.45 -64.60
CA SER F 83 54.34 8.80 -65.32
C SER F 83 54.21 10.32 -65.46
N VAL F 84 55.28 11.00 -65.87
CA VAL F 84 55.29 12.50 -65.96
C VAL F 84 54.21 12.96 -66.94
N LYS F 85 53.52 14.08 -66.63
CA LYS F 85 52.42 14.59 -67.49
C LYS F 85 52.68 16.07 -67.78
N ALA F 86 51.97 16.65 -68.77
CA ALA F 86 52.19 18.06 -69.16
C ALA F 86 51.90 18.98 -67.97
N GLU F 87 50.86 18.68 -67.19
CA GLU F 87 50.56 19.49 -65.98
C GLU F 87 51.74 19.39 -64.99
N ASP F 88 52.35 18.21 -64.87
CA ASP F 88 53.45 17.99 -63.90
C ASP F 88 54.67 18.86 -64.19
N LEU F 89 54.96 19.18 -65.47
CA LEU F 89 56.22 19.92 -65.76
C LEU F 89 56.28 21.19 -64.92
N ALA F 90 57.40 21.40 -64.22
CA ALA F 90 57.58 22.59 -63.37
C ALA F 90 59.06 22.74 -62.99
N VAL F 91 59.45 23.87 -62.42
CA VAL F 91 60.85 23.99 -61.90
C VAL F 91 60.90 23.26 -60.56
N TYR F 92 61.92 22.42 -60.35
CA TYR F 92 62.00 21.63 -59.09
C TYR F 92 63.14 22.17 -58.23
N TYR F 93 62.89 22.39 -56.94
CA TYR F 93 63.93 23.03 -56.08
C TYR F 93 64.13 22.26 -54.78
N CYS F 94 65.36 22.29 -54.24
CA CYS F 94 65.64 21.65 -52.93
C CYS F 94 65.84 22.76 -51.89
N GLN F 95 65.07 22.74 -50.80
CA GLN F 95 65.22 23.77 -49.74
C GLN F 95 65.80 23.09 -48.50
N GLN F 96 66.91 23.61 -47.97
CA GLN F 96 67.48 23.04 -46.72
C GLN F 96 66.50 23.30 -45.57
N TYR F 97 66.30 22.29 -44.72
CA TYR F 97 65.38 22.42 -43.57
C TYR F 97 66.19 22.25 -42.29
N TYR F 98 67.47 21.89 -42.43
CA TYR F 98 68.31 21.57 -41.23
C TYR F 98 68.57 22.77 -40.30
N THR F 99 69.00 23.92 -40.81
CA THR F 99 69.38 25.04 -39.91
C THR F 99 69.30 26.42 -40.56
N TYR F 100 69.07 27.47 -39.78
CA TYR F 100 69.09 28.86 -40.32
C TYR F 100 70.56 29.24 -40.59
N PRO F 101 70.87 30.11 -41.58
CA PRO F 101 69.87 30.65 -42.51
C PRO F 101 69.34 29.62 -43.51
N TRP F 102 68.05 29.71 -43.86
CA TRP F 102 67.48 28.80 -44.88
C TRP F 102 68.17 29.08 -46.21
N THR F 103 68.49 28.03 -46.98
CA THR F 103 69.06 28.27 -48.34
C THR F 103 68.23 27.51 -49.36
N PHE F 104 67.76 28.19 -50.41
CA PHE F 104 67.02 27.48 -51.48
C PHE F 104 68.04 26.99 -52.51
N GLY F 105 68.40 25.71 -52.41
CA GLY F 105 69.35 25.12 -53.37
C GLY F 105 68.60 24.34 -54.43
N GLY F 106 67.26 24.43 -54.46
CA GLY F 106 66.37 23.80 -55.48
C GLY F 106 66.92 24.38 -56.90
N GLY F 107 66.52 23.80 -58.05
CA GLY F 107 66.97 24.31 -59.37
C GLY F 107 66.93 23.26 -60.47
N THR F 108 65.76 22.92 -61.02
CA THR F 108 65.70 21.98 -62.18
C THR F 108 64.43 22.21 -63.00
N LYS F 109 64.55 22.76 -64.21
CA LYS F 109 63.34 22.90 -65.07
C LYS F 109 62.94 21.52 -65.59
N LEU F 110 61.64 21.28 -65.79
CA LEU F 110 61.19 19.99 -66.37
C LEU F 110 60.56 20.24 -67.75
N GLU F 111 61.02 19.53 -68.77
CA GLU F 111 60.47 19.72 -70.15
C GLU F 111 59.98 18.37 -70.68
N ILE F 112 59.19 18.40 -71.76
CA ILE F 112 58.67 17.14 -72.37
C ILE F 112 59.40 16.93 -73.71
N LYS F 113 59.98 15.74 -73.90
CA LYS F 113 60.63 15.45 -75.21
C LYS F 113 59.60 14.77 -76.11
N ALA G 12 -12.08 49.93 22.39
CA ALA G 12 -13.12 49.43 23.32
C ALA G 12 -13.44 47.95 23.03
N TYR G 13 -14.02 47.22 23.99
CA TYR G 13 -14.29 45.78 23.91
C TYR G 13 -15.68 45.40 24.39
N THR G 14 -16.17 44.22 24.00
CA THR G 14 -17.44 43.62 24.45
C THR G 14 -17.38 42.10 24.34
N ASN G 15 -18.15 41.37 25.14
CA ASN G 15 -18.22 39.91 25.10
C ASN G 15 -18.94 39.39 23.83
N SER G 16 -18.36 38.43 23.12
CA SER G 16 -18.94 37.79 21.93
C SER G 16 -20.13 36.87 22.23
N PHE G 17 -20.28 36.41 23.47
CA PHE G 17 -21.28 35.42 23.87
C PHE G 17 -21.26 34.17 22.95
N THR G 18 -22.38 33.82 22.32
CA THR G 18 -22.56 32.62 21.50
C THR G 18 -23.10 32.99 20.12
N ARG G 19 -22.27 33.67 19.32
CA ARG G 19 -22.57 34.10 17.94
C ARG G 19 -21.38 33.82 17.02
N GLY G 20 -21.60 33.89 15.71
CA GLY G 20 -20.55 33.62 14.72
C GLY G 20 -20.41 32.14 14.34
N VAL G 21 -21.53 31.40 14.32
CA VAL G 21 -21.61 30.04 13.77
C VAL G 21 -22.28 30.07 12.40
N TYR G 22 -21.71 29.39 11.41
CA TYR G 22 -22.17 29.39 10.02
C TYR G 22 -22.24 27.97 9.47
N TYR G 23 -23.17 27.66 8.57
CA TYR G 23 -23.26 26.34 7.93
C TYR G 23 -21.93 26.01 7.21
N PRO G 24 -21.16 25.00 7.65
CA PRO G 24 -19.77 24.82 7.23
C PRO G 24 -19.63 24.23 5.83
N ASP G 25 -20.71 23.70 5.25
CA ASP G 25 -20.79 23.16 3.90
C ASP G 25 -22.25 23.26 3.40
N LYS G 26 -22.46 23.18 2.08
CA LYS G 26 -23.80 23.27 1.46
C LYS G 26 -24.60 21.96 1.55
N VAL G 27 -24.20 21.05 2.43
CA VAL G 27 -24.86 19.77 2.69
C VAL G 27 -26.10 20.00 3.57
N PHE G 28 -27.12 19.16 3.42
CA PHE G 28 -28.25 19.09 4.34
C PHE G 28 -28.02 17.98 5.37
N ARG G 29 -28.35 18.26 6.63
CA ARG G 29 -28.35 17.30 7.74
C ARG G 29 -29.51 17.65 8.67
N SER G 30 -30.11 16.70 9.35
CA SER G 30 -31.21 16.99 10.28
C SER G 30 -31.23 16.07 11.50
N SER G 31 -31.72 16.60 12.62
CA SER G 31 -31.85 15.89 13.91
C SER G 31 -30.55 15.24 14.41
N VAL G 32 -29.38 15.74 14.00
CA VAL G 32 -28.08 15.10 14.21
C VAL G 32 -27.06 16.06 14.80
N LEU G 33 -26.27 15.57 15.75
CA LEU G 33 -25.20 16.31 16.40
C LEU G 33 -23.87 16.12 15.65
N HIS G 34 -23.80 16.62 14.42
CA HIS G 34 -22.59 16.53 13.61
C HIS G 34 -21.44 17.35 14.23
N SER G 35 -20.20 16.93 14.01
CA SER G 35 -19.01 17.63 14.51
C SER G 35 -17.99 17.90 13.40
N THR G 36 -17.32 19.04 13.48
CA THR G 36 -16.49 19.59 12.40
C THR G 36 -15.29 20.36 12.95
N GLN G 37 -14.21 20.44 12.18
CA GLN G 37 -13.08 21.33 12.44
C GLN G 37 -13.08 22.48 11.42
N ASP G 38 -13.02 23.74 11.88
CA ASP G 38 -12.98 24.89 10.99
C ASP G 38 -12.50 26.17 11.69
N LEU G 39 -12.25 27.22 10.90
CA LEU G 39 -12.09 28.57 11.43
C LEU G 39 -13.43 29.09 11.95
N PHE G 40 -13.52 29.36 13.25
CA PHE G 40 -14.72 29.83 13.94
C PHE G 40 -14.38 30.89 14.99
N LEU G 41 -15.35 31.73 15.38
CA LEU G 41 -15.17 32.67 16.48
C LEU G 41 -15.18 31.92 17.83
N PRO G 42 -14.13 32.01 18.68
CA PRO G 42 -14.16 31.41 20.01
C PRO G 42 -15.32 31.98 20.85
N PHE G 43 -16.13 31.12 21.45
CA PHE G 43 -17.24 31.59 22.28
C PHE G 43 -16.73 32.39 23.49
N PHE G 44 -17.50 33.39 23.91
CA PHE G 44 -17.18 34.30 25.01
C PHE G 44 -15.83 35.04 24.92
N SER G 45 -15.19 35.08 23.74
CA SER G 45 -14.05 35.97 23.47
C SER G 45 -14.47 37.44 23.49
N ASN G 46 -13.55 38.38 23.67
CA ASN G 46 -13.85 39.80 23.42
C ASN G 46 -13.90 40.09 21.90
N VAL G 47 -15.01 40.66 21.44
CA VAL G 47 -15.00 41.44 20.18
C VAL G 47 -14.46 42.84 20.44
N THR G 48 -13.82 43.42 19.43
CA THR G 48 -13.53 44.86 19.40
C THR G 48 -14.81 45.62 19.06
N TRP G 49 -15.08 46.71 19.78
CA TRP G 49 -16.31 47.51 19.69
C TRP G 49 -16.04 48.83 18.96
N PHE G 50 -16.93 49.22 18.05
CA PHE G 50 -16.86 50.45 17.25
C PHE G 50 -18.27 51.04 17.01
N HIS G 51 -18.33 52.30 16.53
CA HIS G 51 -19.59 52.97 16.21
C HIS G 51 -19.52 53.83 14.94
N ASN G 66 -13.63 52.49 13.08
CA ASN G 66 -13.43 53.52 12.05
C ASN G 66 -12.10 53.39 11.27
N PRO G 67 -10.91 53.20 11.89
CA PRO G 67 -9.64 53.07 11.16
C PRO G 67 -9.51 51.72 10.43
N VAL G 68 -8.47 51.59 9.61
CA VAL G 68 -8.10 50.31 8.98
C VAL G 68 -7.65 49.30 10.04
N LEU G 69 -8.08 48.05 9.91
CA LEU G 69 -7.88 46.95 10.86
C LEU G 69 -7.10 45.81 10.20
N PRO G 70 -6.33 45.01 10.96
CA PRO G 70 -5.86 43.72 10.46
C PRO G 70 -7.05 42.81 10.15
N PHE G 71 -6.92 41.96 9.14
CA PHE G 71 -7.89 40.91 8.81
C PHE G 71 -7.56 39.56 9.49
N ASN G 72 -6.28 39.35 9.87
CA ASN G 72 -5.77 38.08 10.39
C ASN G 72 -6.11 36.92 9.44
N ASP G 73 -6.47 35.75 9.95
CA ASP G 73 -6.83 34.58 9.13
C ASP G 73 -8.33 34.50 8.78
N GLY G 74 -9.15 35.48 9.19
CA GLY G 74 -10.58 35.54 8.89
C GLY G 74 -11.37 36.34 9.91
N VAL G 75 -12.47 36.96 9.49
CA VAL G 75 -13.19 37.98 10.26
C VAL G 75 -14.65 37.62 10.45
N TYR G 76 -15.13 37.82 11.67
CA TYR G 76 -16.53 37.99 12.00
C TYR G 76 -16.82 39.47 12.15
N PHE G 77 -17.90 39.95 11.52
CA PHE G 77 -18.32 41.35 11.52
C PHE G 77 -19.83 41.45 11.77
N ALA G 78 -20.28 42.41 12.57
CA ALA G 78 -21.71 42.63 12.77
C ALA G 78 -22.02 44.09 13.08
N SER G 79 -23.24 44.55 12.80
CA SER G 79 -23.66 45.94 13.10
C SER G 79 -25.17 46.11 13.27
N THR G 80 -25.58 47.13 14.01
CA THR G 80 -26.99 47.53 14.19
C THR G 80 -27.47 48.48 13.06
N GLU G 81 -27.09 48.19 11.82
CA GLU G 81 -27.04 49.14 10.70
C GLU G 81 -28.38 49.56 10.06
N LYS G 82 -29.43 49.81 10.86
CA LYS G 82 -30.77 50.22 10.38
C LYS G 82 -30.77 51.45 9.47
N SER G 83 -29.80 52.36 9.66
CA SER G 83 -29.60 53.57 8.84
C SER G 83 -29.10 53.29 7.41
N ASN G 84 -28.57 52.09 7.13
CA ASN G 84 -27.84 51.74 5.90
C ASN G 84 -26.61 52.61 5.62
N ILE G 85 -26.08 53.34 6.61
CA ILE G 85 -24.90 54.21 6.45
C ILE G 85 -23.59 53.43 6.37
N ILE G 86 -23.52 52.17 6.84
CA ILE G 86 -22.43 51.28 6.44
C ILE G 86 -22.64 50.89 4.97
N ARG G 87 -21.87 51.52 4.09
CA ARG G 87 -21.97 51.37 2.63
C ARG G 87 -21.26 50.14 2.09
N GLY G 88 -20.22 49.67 2.77
CA GLY G 88 -19.37 48.60 2.26
C GLY G 88 -18.08 48.42 3.03
N TRP G 89 -17.14 47.70 2.43
CA TRP G 89 -15.86 47.31 3.01
C TRP G 89 -14.76 47.30 1.93
N ILE G 90 -13.52 47.47 2.35
CA ILE G 90 -12.32 47.31 1.50
C ILE G 90 -11.36 46.35 2.20
N PHE G 91 -10.67 45.51 1.45
CA PHE G 91 -9.72 44.51 1.95
C PHE G 91 -8.47 44.47 1.07
N GLY G 92 -7.33 44.02 1.59
CA GLY G 92 -6.11 43.88 0.80
C GLY G 92 -4.85 43.91 1.65
N THR G 93 -3.75 44.41 1.07
CA THR G 93 -2.50 44.72 1.78
C THR G 93 -2.25 46.23 1.83
N THR G 94 -2.28 46.93 0.68
CA THR G 94 -2.17 48.40 0.60
C THR G 94 -3.51 49.10 0.80
N LEU G 95 -4.59 48.55 0.23
CA LEU G 95 -5.93 49.17 0.13
C LEU G 95 -5.93 50.51 -0.63
N ASP G 96 -4.83 50.86 -1.30
CA ASP G 96 -4.61 52.13 -2.00
C ASP G 96 -3.43 51.98 -2.97
N SER G 97 -3.74 51.74 -4.25
CA SER G 97 -2.78 51.61 -5.36
C SER G 97 -1.68 50.53 -5.14
N LYS G 98 -0.68 50.51 -6.03
CA LYS G 98 0.52 49.64 -6.09
C LYS G 98 0.29 48.14 -6.31
N THR G 99 -0.83 47.59 -5.84
CA THR G 99 -1.21 46.17 -6.00
C THR G 99 -2.72 46.00 -5.87
N GLN G 100 -3.25 44.88 -6.36
CA GLN G 100 -4.69 44.60 -6.31
C GLN G 100 -5.22 44.52 -4.86
N SER G 101 -6.38 45.13 -4.66
CA SER G 101 -7.16 45.18 -3.41
C SER G 101 -8.64 45.01 -3.75
N LEU G 102 -9.45 44.63 -2.77
CA LEU G 102 -10.86 44.24 -2.92
C LEU G 102 -11.77 45.35 -2.41
N LEU G 103 -12.74 45.76 -3.24
CA LEU G 103 -13.82 46.68 -2.90
C LEU G 103 -15.16 45.94 -2.90
N ILE G 104 -15.92 46.04 -1.81
CA ILE G 104 -17.30 45.53 -1.69
C ILE G 104 -18.22 46.67 -1.28
N VAL G 105 -19.29 46.95 -2.06
CA VAL G 105 -20.25 48.03 -1.77
C VAL G 105 -21.69 47.56 -1.98
N ASN G 106 -22.58 47.87 -1.04
CA ASN G 106 -24.02 47.70 -1.23
C ASN G 106 -24.58 48.81 -2.14
N ASN G 107 -25.06 48.46 -3.33
CA ASN G 107 -25.76 49.38 -4.24
C ASN G 107 -27.27 49.15 -4.15
N ALA G 108 -28.04 50.14 -3.68
CA ALA G 108 -29.48 50.01 -3.43
C ALA G 108 -29.81 48.72 -2.61
N THR G 109 -30.54 47.77 -3.20
CA THR G 109 -30.89 46.47 -2.59
C THR G 109 -29.86 45.35 -2.82
N ASN G 110 -28.78 45.61 -3.57
CA ASN G 110 -27.87 44.60 -4.14
C ASN G 110 -26.42 44.84 -3.66
N VAL G 111 -25.43 44.12 -4.23
CA VAL G 111 -24.00 44.30 -3.93
C VAL G 111 -23.16 44.38 -5.22
N VAL G 112 -22.21 45.31 -5.27
CA VAL G 112 -21.15 45.44 -6.28
C VAL G 112 -19.81 45.05 -5.67
N ILE G 113 -19.02 44.26 -6.38
CA ILE G 113 -17.69 43.82 -5.97
C ILE G 113 -16.69 43.99 -7.12
N LYS G 114 -15.50 44.52 -6.85
CA LYS G 114 -14.41 44.55 -7.84
C LYS G 114 -13.03 44.51 -7.18
N VAL G 115 -12.03 44.02 -7.92
CA VAL G 115 -10.65 43.89 -7.47
C VAL G 115 -9.69 44.60 -8.44
N CYS G 116 -8.99 45.62 -7.94
CA CYS G 116 -8.11 46.54 -8.68
C CYS G 116 -7.04 47.12 -7.75
N GLU G 117 -5.97 47.71 -8.30
CA GLU G 117 -5.12 48.63 -7.55
C GLU G 117 -5.79 50.02 -7.42
N PHE G 118 -6.90 50.10 -6.68
CA PHE G 118 -7.76 51.28 -6.60
C PHE G 118 -7.05 52.52 -6.06
N GLN G 119 -7.27 53.67 -6.71
CA GLN G 119 -6.79 54.99 -6.27
C GLN G 119 -7.82 55.80 -5.46
N PHE G 120 -8.98 55.21 -5.11
CA PHE G 120 -10.06 55.88 -4.39
C PHE G 120 -9.67 56.35 -2.98
N CYS G 121 -10.39 57.36 -2.48
CA CYS G 121 -10.21 57.95 -1.17
C CYS G 121 -10.44 56.95 -0.02
N ASN G 122 -9.93 57.27 1.18
CA ASN G 122 -10.28 56.59 2.43
C ASN G 122 -11.75 56.76 2.83
N ASP G 123 -12.47 57.71 2.23
CA ASP G 123 -13.92 57.93 2.38
C ASP G 123 -14.59 58.08 0.99
N PRO G 124 -14.66 57.00 0.18
CA PRO G 124 -15.01 57.08 -1.24
C PRO G 124 -16.47 57.49 -1.51
N PHE G 125 -17.34 57.32 -0.51
CA PHE G 125 -18.73 57.79 -0.49
C PHE G 125 -18.87 59.33 -0.54
N LEU G 126 -17.80 60.08 -0.25
CA LEU G 126 -17.74 61.54 -0.35
C LEU G 126 -18.02 62.08 -1.77
N GLY G 127 -17.87 61.24 -2.80
CA GLY G 127 -18.24 61.59 -4.18
C GLY G 127 -19.74 61.85 -4.39
N VAL G 128 -20.61 61.36 -3.50
CA VAL G 128 -22.07 61.62 -3.49
C VAL G 128 -22.70 61.43 -4.87
N ASN G 149 -5.79 50.70 -13.78
CA ASN G 149 -6.06 50.21 -12.43
C ASN G 149 -5.66 48.74 -12.20
N ASN G 150 -5.13 48.07 -13.23
CA ASN G 150 -4.68 46.66 -13.20
C ASN G 150 -5.76 45.70 -12.64
N CYS G 151 -7.01 45.86 -13.11
CA CYS G 151 -8.18 45.11 -12.68
C CYS G 151 -8.04 43.60 -12.94
N THR G 152 -8.53 42.74 -12.04
CA THR G 152 -8.43 41.27 -12.20
C THR G 152 -9.71 40.48 -11.88
N PHE G 153 -10.67 41.03 -11.14
CA PHE G 153 -11.98 40.40 -10.91
C PHE G 153 -13.09 41.42 -10.72
N GLU G 154 -14.32 41.09 -11.14
CA GLU G 154 -15.52 41.93 -10.97
C GLU G 154 -16.78 41.04 -10.80
N TYR G 155 -17.74 41.48 -9.99
CA TYR G 155 -19.01 40.81 -9.77
C TYR G 155 -20.11 41.82 -9.40
N VAL G 156 -21.37 41.55 -9.76
CA VAL G 156 -22.54 42.29 -9.26
C VAL G 156 -23.69 41.33 -8.93
N SER G 157 -24.34 41.54 -7.79
CA SER G 157 -25.52 40.79 -7.37
C SER G 157 -26.74 41.07 -8.26
N PHE G 171 -31.93 50.89 15.24
CA PHE G 171 -30.90 49.90 15.57
C PHE G 171 -31.48 48.50 15.86
N LYS G 172 -32.81 48.34 15.85
CA LYS G 172 -33.47 47.04 16.06
C LYS G 172 -33.09 45.98 15.02
N ASN G 173 -32.68 46.38 13.81
CA ASN G 173 -32.06 45.47 12.84
C ASN G 173 -30.59 45.23 13.19
N LEU G 174 -30.22 43.98 13.49
CA LEU G 174 -28.84 43.51 13.55
C LEU G 174 -28.52 42.70 12.29
N ARG G 175 -27.40 43.01 11.67
CA ARG G 175 -26.84 42.26 10.53
C ARG G 175 -25.50 41.67 10.95
N GLU G 176 -25.26 40.41 10.60
CA GLU G 176 -24.07 39.65 10.94
C GLU G 176 -23.45 39.04 9.69
N PHE G 177 -22.12 38.97 9.66
CA PHE G 177 -21.34 38.53 8.50
C PHE G 177 -20.09 37.78 8.94
N VAL G 178 -19.61 36.88 8.08
CA VAL G 178 -18.27 36.30 8.18
C VAL G 178 -17.58 36.44 6.83
N PHE G 179 -16.37 36.96 6.85
CA PHE G 179 -15.51 37.14 5.69
C PHE G 179 -14.29 36.24 5.84
N LYS G 180 -14.09 35.33 4.89
CA LYS G 180 -13.12 34.23 5.01
C LYS G 180 -12.33 34.09 3.71
N ASN G 181 -11.19 34.76 3.62
CA ASN G 181 -10.20 34.56 2.57
C ASN G 181 -9.43 33.26 2.87
N ILE G 182 -10.04 32.10 2.62
CA ILE G 182 -9.59 30.78 3.07
C ILE G 182 -8.39 30.21 2.29
N ASP G 183 -7.43 31.07 1.92
CA ASP G 183 -6.36 30.87 0.95
C ASP G 183 -6.88 30.54 -0.47
N GLY G 184 -7.50 29.38 -0.65
CA GLY G 184 -8.20 29.01 -1.87
C GLY G 184 -9.57 29.69 -1.96
N TYR G 185 -9.59 30.93 -2.46
CA TYR G 185 -10.77 31.75 -2.77
C TYR G 185 -11.55 32.30 -1.56
N PHE G 186 -12.32 33.37 -1.75
CA PHE G 186 -12.89 34.22 -0.70
C PHE G 186 -14.38 33.94 -0.45
N LYS G 187 -14.75 33.52 0.77
CA LYS G 187 -16.12 33.15 1.14
C LYS G 187 -16.81 34.21 1.99
N ILE G 188 -18.10 34.44 1.71
CA ILE G 188 -19.00 35.28 2.51
C ILE G 188 -20.12 34.43 3.11
N TYR G 189 -20.39 34.60 4.41
CA TYR G 189 -21.59 34.08 5.10
C TYR G 189 -22.30 35.24 5.81
N SER G 190 -23.61 35.17 6.01
CA SER G 190 -24.36 36.29 6.61
C SER G 190 -25.69 35.90 7.27
N LYS G 191 -26.24 36.81 8.08
CA LYS G 191 -27.60 36.71 8.65
C LYS G 191 -28.15 38.11 8.97
N HIS G 192 -29.47 38.24 9.03
CA HIS G 192 -30.17 39.42 9.57
C HIS G 192 -31.22 38.98 10.60
N THR G 193 -31.31 39.71 11.71
CA THR G 193 -32.25 39.45 12.81
C THR G 193 -32.80 40.75 13.41
N PRO G 194 -34.11 40.84 13.71
CA PRO G 194 -34.64 41.85 14.60
C PRO G 194 -34.25 41.53 16.07
N ILE G 195 -33.84 42.54 16.82
CA ILE G 195 -33.29 42.43 18.19
C ILE G 195 -33.78 43.57 19.11
N ASN G 196 -33.62 43.38 20.42
CA ASN G 196 -33.72 44.49 21.38
C ASN G 196 -32.56 45.48 21.21
N LEU G 197 -32.72 46.70 21.72
CA LEU G 197 -31.76 47.81 21.59
C LEU G 197 -30.53 47.69 22.54
N VAL G 198 -29.86 46.55 22.51
CA VAL G 198 -28.66 46.25 23.30
C VAL G 198 -27.45 47.02 22.75
N ARG G 199 -26.59 47.56 23.64
CA ARG G 199 -25.37 48.27 23.24
C ARG G 199 -24.24 47.35 22.76
N GLY G 200 -24.08 46.20 23.42
CA GLY G 200 -23.22 45.10 22.98
C GLY G 200 -23.92 44.10 22.05
N LEU G 201 -23.24 43.01 21.70
CA LEU G 201 -23.86 41.88 20.99
C LEU G 201 -24.97 41.25 21.86
N PRO G 202 -26.15 40.97 21.30
CA PRO G 202 -27.26 40.39 22.06
C PRO G 202 -27.02 38.92 22.39
N GLN G 203 -27.65 38.47 23.48
CA GLN G 203 -27.68 37.05 23.88
C GLN G 203 -28.44 36.17 22.88
N GLY G 204 -28.56 34.87 23.18
CA GLY G 204 -29.16 33.89 22.28
C GLY G 204 -28.24 33.48 21.14
N PHE G 205 -28.80 32.83 20.13
CA PHE G 205 -28.04 32.14 19.08
C PHE G 205 -28.81 32.10 17.75
N SER G 206 -28.10 32.20 16.63
CA SER G 206 -28.68 32.19 15.27
C SER G 206 -27.57 32.01 14.21
N ALA G 207 -27.67 30.98 13.37
CA ALA G 207 -26.62 30.64 12.41
C ALA G 207 -26.59 31.55 11.17
N LEU G 208 -25.40 31.73 10.59
CA LEU G 208 -25.17 32.46 9.34
C LEU G 208 -25.14 31.51 8.14
N GLU G 209 -25.64 31.97 7.00
CA GLU G 209 -25.79 31.21 5.76
C GLU G 209 -24.82 31.71 4.66
N PRO G 210 -24.23 30.82 3.84
CA PRO G 210 -23.31 31.21 2.78
C PRO G 210 -23.97 32.07 1.70
N LEU G 211 -23.18 32.88 0.98
CA LEU G 211 -23.60 33.66 -0.19
C LEU G 211 -22.78 33.34 -1.44
N VAL G 212 -21.46 33.54 -1.40
CA VAL G 212 -20.56 33.47 -2.56
C VAL G 212 -19.17 32.96 -2.17
N ASP G 213 -18.45 32.42 -3.15
CA ASP G 213 -17.03 32.05 -3.06
C ASP G 213 -16.26 32.55 -4.28
N LEU G 214 -15.46 33.60 -4.12
CA LEU G 214 -14.93 34.40 -5.22
C LEU G 214 -13.43 34.13 -5.45
N PRO G 215 -12.99 33.81 -6.68
CA PRO G 215 -11.62 33.36 -6.98
C PRO G 215 -10.60 34.51 -7.11
N ILE G 216 -10.65 35.47 -6.18
CA ILE G 216 -9.90 36.74 -6.29
C ILE G 216 -8.38 36.60 -6.17
N GLY G 217 -7.86 35.59 -5.47
CA GLY G 217 -6.42 35.31 -5.36
C GLY G 217 -5.58 36.33 -4.55
N ILE G 218 -6.22 37.32 -3.90
CA ILE G 218 -5.54 38.38 -3.14
C ILE G 218 -5.04 37.86 -1.79
N ASN G 219 -3.77 38.13 -1.45
CA ASN G 219 -3.18 37.82 -0.15
C ASN G 219 -3.60 38.87 0.92
N ILE G 220 -4.89 38.94 1.26
CA ILE G 220 -5.44 39.93 2.20
C ILE G 220 -4.76 39.84 3.57
N THR G 221 -4.34 40.99 4.13
CA THR G 221 -3.83 41.13 5.49
C THR G 221 -4.58 42.17 6.32
N ARG G 222 -5.29 43.11 5.68
CA ARG G 222 -6.00 44.24 6.30
C ARG G 222 -7.36 44.48 5.67
N PHE G 223 -8.26 45.14 6.40
CA PHE G 223 -9.57 45.56 5.92
C PHE G 223 -10.06 46.87 6.58
N GLN G 224 -11.04 47.52 5.98
CA GLN G 224 -11.65 48.75 6.47
C GLN G 224 -13.14 48.83 6.10
N THR G 225 -13.91 49.63 6.83
CA THR G 225 -15.37 49.78 6.67
C THR G 225 -15.71 51.17 6.14
N LEU G 226 -16.71 51.24 5.25
CA LEU G 226 -17.11 52.46 4.55
C LEU G 226 -18.43 53.00 5.11
N ALA G 245 -24.05 53.76 13.22
CA ALA G 245 -24.47 52.58 13.97
C ALA G 245 -23.33 51.95 14.78
N ALA G 246 -23.68 51.19 15.83
CA ALA G 246 -22.73 50.31 16.52
C ALA G 246 -22.31 49.15 15.61
N TYR G 247 -21.03 48.80 15.62
CA TYR G 247 -20.51 47.63 14.93
C TYR G 247 -19.38 46.95 15.72
N TYR G 248 -19.15 45.68 15.42
CA TYR G 248 -18.30 44.78 16.21
C TYR G 248 -17.43 43.93 15.30
N VAL G 249 -16.19 43.65 15.73
CA VAL G 249 -15.22 42.85 14.96
C VAL G 249 -14.59 41.79 15.85
N GLY G 250 -14.47 40.57 15.34
CA GLY G 250 -13.74 39.49 16.01
C GLY G 250 -13.07 38.55 15.00
N TYR G 251 -12.01 37.87 15.42
CA TYR G 251 -11.20 37.06 14.50
C TYR G 251 -11.44 35.56 14.68
N LEU G 252 -11.59 34.86 13.56
CA LEU G 252 -11.78 33.41 13.54
C LEU G 252 -10.48 32.68 13.92
N GLN G 253 -10.61 31.52 14.55
CA GLN G 253 -9.50 30.67 14.98
C GLN G 253 -9.80 29.20 14.63
N PRO G 254 -8.78 28.36 14.37
CA PRO G 254 -8.98 26.94 14.09
C PRO G 254 -9.47 26.20 15.33
N ARG G 255 -10.72 25.73 15.28
CA ARG G 255 -11.40 25.10 16.45
C ARG G 255 -12.27 23.92 15.99
N THR G 256 -12.39 22.89 16.82
CA THR G 256 -13.43 21.86 16.62
C THR G 256 -14.75 22.37 17.18
N PHE G 257 -15.87 21.94 16.60
CA PHE G 257 -17.22 22.32 17.02
C PHE G 257 -18.18 21.12 17.00
N LEU G 258 -19.23 21.19 17.80
CA LEU G 258 -20.43 20.36 17.71
C LEU G 258 -21.60 21.22 17.26
N LEU G 259 -22.39 20.77 16.28
CA LEU G 259 -23.50 21.53 15.70
C LEU G 259 -24.82 20.78 15.86
N LYS G 260 -25.82 21.37 16.52
CA LYS G 260 -27.17 20.79 16.69
C LYS G 260 -28.07 21.17 15.52
N TYR G 261 -28.13 20.33 14.49
CA TYR G 261 -29.13 20.44 13.43
C TYR G 261 -30.48 19.98 13.95
N ASN G 262 -31.52 20.82 13.88
CA ASN G 262 -32.89 20.39 14.19
C ASN G 262 -33.53 19.57 13.06
N GLU G 263 -34.82 19.29 13.22
CA GLU G 263 -35.58 18.36 12.34
C GLU G 263 -35.68 18.92 10.92
N ASN G 264 -35.70 20.25 10.77
CA ASN G 264 -35.91 20.86 9.44
C ASN G 264 -34.57 21.25 8.82
N GLY G 265 -33.46 20.90 9.48
CA GLY G 265 -32.12 21.07 8.90
C GLY G 265 -31.50 22.41 9.25
N THR G 266 -31.87 22.96 10.41
CA THR G 266 -31.35 24.26 10.87
C THR G 266 -30.39 24.07 12.02
N ILE G 267 -29.20 24.70 11.98
CA ILE G 267 -28.31 24.76 13.14
C ILE G 267 -28.98 25.63 14.20
N THR G 268 -29.31 25.06 15.36
CA THR G 268 -30.09 25.72 16.43
C THR G 268 -29.34 25.88 17.75
N ASP G 269 -28.23 25.16 17.93
CA ASP G 269 -27.31 25.33 19.05
C ASP G 269 -25.94 24.74 18.67
N ALA G 270 -24.89 25.08 19.40
CA ALA G 270 -23.55 24.58 19.13
C ALA G 270 -22.69 24.54 20.40
N VAL G 271 -21.67 23.68 20.41
CA VAL G 271 -20.67 23.61 21.48
C VAL G 271 -19.29 23.88 20.92
N ASP G 272 -18.63 24.90 21.45
CA ASP G 272 -17.23 25.20 21.16
C ASP G 272 -16.34 24.21 21.94
N CYS G 273 -15.75 23.23 21.25
CA CYS G 273 -15.09 22.11 21.92
C CYS G 273 -13.95 22.51 22.86
N ALA G 274 -13.29 23.64 22.61
CA ALA G 274 -12.15 24.09 23.38
C ALA G 274 -12.53 25.03 24.55
N LEU G 275 -13.80 25.44 24.69
CA LEU G 275 -14.20 26.52 25.59
C LEU G 275 -13.89 26.26 27.07
N ASP G 276 -14.30 25.11 27.61
CA ASP G 276 -14.07 24.73 29.01
C ASP G 276 -14.21 23.20 29.17
N PRO G 277 -13.82 22.59 30.31
CA PRO G 277 -13.82 21.14 30.45
C PRO G 277 -15.21 20.52 30.32
N LEU G 278 -16.27 21.23 30.71
CA LEU G 278 -17.63 20.77 30.46
C LEU G 278 -17.94 20.71 28.96
N SER G 279 -17.65 21.77 28.21
CA SER G 279 -17.87 21.82 26.75
C SER G 279 -17.05 20.76 26.04
N GLU G 280 -15.81 20.56 26.45
CA GLU G 280 -14.97 19.49 25.95
C GLU G 280 -15.57 18.10 26.26
N THR G 281 -16.18 17.92 27.43
CA THR G 281 -16.88 16.68 27.77
C THR G 281 -18.11 16.47 26.90
N LYS G 282 -18.94 17.50 26.69
CA LYS G 282 -20.10 17.44 25.79
C LYS G 282 -19.67 16.95 24.41
N CYS G 283 -18.57 17.47 23.88
CA CYS G 283 -18.04 17.10 22.58
C CYS G 283 -17.35 15.72 22.57
N THR G 284 -16.75 15.32 23.67
CA THR G 284 -16.19 13.96 23.85
C THR G 284 -17.29 12.90 23.78
N LEU G 285 -18.43 13.15 24.43
CA LEU G 285 -19.57 12.23 24.49
C LEU G 285 -20.58 12.43 23.34
N LYS G 286 -20.35 13.44 22.50
CA LYS G 286 -21.27 13.76 21.36
C LYS G 286 -22.71 13.96 21.86
N THR G 287 -22.87 14.51 23.07
CA THR G 287 -24.23 14.75 23.63
C THR G 287 -24.25 16.08 24.39
N PHE G 288 -25.33 16.86 24.26
CA PHE G 288 -25.45 18.12 25.04
C PHE G 288 -25.59 17.76 26.51
N THR G 289 -26.68 17.08 26.90
CA THR G 289 -26.79 16.59 28.29
C THR G 289 -25.57 15.74 28.63
N VAL G 290 -24.97 15.95 29.79
CA VAL G 290 -23.97 15.03 30.36
C VAL G 290 -24.46 14.52 31.71
N GLU G 291 -24.60 13.21 31.86
CA GLU G 291 -25.02 12.59 33.13
C GLU G 291 -23.90 12.66 34.18
N LYS G 292 -24.24 12.52 35.46
CA LYS G 292 -23.25 12.50 36.56
C LYS G 292 -22.18 11.44 36.33
N GLY G 293 -20.90 11.80 36.51
CA GLY G 293 -19.81 10.84 36.43
C GLY G 293 -18.43 11.48 36.31
N ILE G 294 -17.43 10.66 35.99
CA ILE G 294 -16.10 11.08 35.59
C ILE G 294 -15.83 10.57 34.17
N TYR G 295 -15.32 11.42 33.28
CA TYR G 295 -15.08 11.08 31.87
C TYR G 295 -13.68 11.49 31.44
N GLN G 296 -12.91 10.61 30.80
CA GLN G 296 -11.65 11.00 30.17
C GLN G 296 -11.93 11.75 28.88
N THR G 297 -11.32 12.92 28.68
CA THR G 297 -11.58 13.77 27.50
C THR G 297 -10.34 14.07 26.68
N SER G 298 -9.15 14.08 27.27
CA SER G 298 -7.93 14.54 26.61
C SER G 298 -6.68 13.96 27.29
N ASN G 299 -5.51 14.14 26.69
CA ASN G 299 -4.23 13.77 27.29
C ASN G 299 -3.36 15.02 27.49
N PHE G 300 -2.94 15.27 28.73
CA PHE G 300 -1.99 16.31 29.07
C PHE G 300 -0.57 15.80 28.83
N ARG G 301 0.33 16.68 28.40
CA ARG G 301 1.70 16.35 28.02
C ARG G 301 2.57 17.59 28.11
N VAL G 302 3.44 17.67 29.12
CA VAL G 302 4.30 18.84 29.37
C VAL G 302 5.21 19.08 28.16
N GLN G 303 5.01 20.19 27.47
CA GLN G 303 5.67 20.45 26.18
C GLN G 303 7.17 20.71 26.33
N PRO G 304 7.98 20.46 25.27
CA PRO G 304 9.38 20.88 25.24
C PRO G 304 9.48 22.41 25.37
N THR G 305 10.12 22.86 26.44
CA THR G 305 10.34 24.28 26.75
C THR G 305 11.34 24.93 25.79
N GLU G 306 12.31 24.15 25.29
CA GLU G 306 13.36 24.56 24.35
C GLU G 306 14.00 23.31 23.70
N SER G 307 14.81 23.53 22.66
CA SER G 307 15.47 22.47 21.87
C SER G 307 17.00 22.48 22.02
N ILE G 308 17.61 21.30 22.10
CA ILE G 308 19.03 21.05 22.37
C ILE G 308 19.65 20.18 21.27
N VAL G 309 20.92 20.41 20.93
CA VAL G 309 21.73 19.51 20.10
C VAL G 309 23.11 19.34 20.74
N ARG G 310 23.66 18.12 20.78
CA ARG G 310 25.05 17.86 21.19
C ARG G 310 25.73 16.88 20.22
N PHE G 311 26.92 17.23 19.81
CA PHE G 311 27.89 16.46 19.01
C PHE G 311 29.30 16.75 19.56
N PRO G 312 30.34 15.97 19.23
CA PRO G 312 31.69 16.16 19.77
C PRO G 312 32.28 17.54 19.46
N ASN G 313 33.17 17.99 20.35
CA ASN G 313 33.75 19.35 20.21
C ASN G 313 34.75 19.34 19.07
N ILE G 314 34.32 19.85 17.91
CA ILE G 314 35.23 19.93 16.74
C ILE G 314 36.43 20.80 17.13
N THR G 315 36.22 22.11 17.26
CA THR G 315 37.03 23.05 18.07
C THR G 315 38.53 22.75 17.93
N ASN G 316 39.02 22.65 16.69
CA ASN G 316 40.47 22.42 16.44
C ASN G 316 40.89 23.25 15.23
N LEU G 317 41.62 24.34 15.46
CA LEU G 317 42.07 25.20 14.34
C LEU G 317 42.70 24.36 13.22
N CYS G 318 42.29 24.58 11.97
CA CYS G 318 42.85 23.86 10.83
C CYS G 318 44.13 24.56 10.36
N PRO G 319 45.17 23.80 10.00
CA PRO G 319 46.41 24.42 9.52
C PRO G 319 46.22 25.21 8.24
N PHE G 320 45.60 26.38 8.35
CA PHE G 320 45.39 27.26 7.21
C PHE G 320 46.09 28.61 7.33
N GLY G 321 46.40 29.06 8.55
CA GLY G 321 47.08 30.34 8.72
C GLY G 321 48.54 30.31 8.33
N GLU G 322 49.13 29.12 8.19
CA GLU G 322 50.53 29.02 7.81
C GLU G 322 50.75 29.29 6.33
N VAL G 323 49.68 29.29 5.53
CA VAL G 323 49.79 29.54 4.10
C VAL G 323 49.42 30.97 3.75
N PHE G 324 48.34 31.48 4.33
CA PHE G 324 47.91 32.85 4.02
C PHE G 324 48.89 33.88 4.60
N ASN G 325 49.47 33.59 5.77
CA ASN G 325 50.41 34.49 6.41
C ASN G 325 51.86 34.18 6.03
N ALA G 326 52.08 33.33 5.03
CA ALA G 326 53.44 33.00 4.61
C ALA G 326 54.07 34.18 3.87
N THR G 327 55.40 34.15 3.77
CA THR G 327 56.15 35.21 3.10
C THR G 327 56.98 34.69 1.94
N ARG G 328 56.78 33.45 1.51
CA ARG G 328 57.55 32.88 0.42
C ARG G 328 56.77 31.73 -0.20
N PHE G 329 56.47 31.84 -1.49
CA PHE G 329 55.76 30.78 -2.21
C PHE G 329 56.65 30.19 -3.29
N ALA G 330 56.14 30.11 -4.52
CA ALA G 330 56.88 29.55 -5.64
C ALA G 330 56.37 30.19 -6.92
N SER G 331 56.73 29.62 -8.06
CA SER G 331 56.30 30.13 -9.35
C SER G 331 54.89 29.63 -9.68
N VAL G 332 54.38 30.06 -10.83
CA VAL G 332 53.04 29.64 -11.24
C VAL G 332 53.06 28.24 -11.84
N TYR G 333 54.17 27.84 -12.47
CA TYR G 333 54.29 26.52 -13.04
C TYR G 333 54.82 25.49 -12.05
N ALA G 334 55.69 25.91 -11.13
CA ALA G 334 56.25 25.03 -10.11
C ALA G 334 55.51 25.18 -8.80
N TRP G 335 54.18 25.16 -8.86
CA TRP G 335 53.36 25.32 -7.66
C TRP G 335 53.45 24.08 -6.79
N ASN G 336 53.20 24.27 -5.49
CA ASN G 336 53.21 23.20 -4.52
C ASN G 336 51.79 22.84 -4.11
N ARG G 337 51.66 21.71 -3.41
CA ARG G 337 50.37 21.22 -2.94
C ARG G 337 50.54 20.71 -1.51
N LYS G 338 50.07 21.48 -0.55
CA LYS G 338 50.14 21.10 0.86
C LYS G 338 48.89 20.30 1.21
N ARG G 339 49.05 18.99 1.36
CA ARG G 339 47.91 18.12 1.65
C ARG G 339 47.42 18.37 3.08
N ILE G 340 46.22 18.93 3.19
CA ILE G 340 45.63 19.23 4.50
C ILE G 340 44.57 18.18 4.80
N SER G 341 44.68 17.55 5.98
CA SER G 341 43.72 16.55 6.40
C SER G 341 43.69 16.49 7.91
N ASN G 342 42.64 15.87 8.45
CA ASN G 342 42.45 15.70 9.87
C ASN G 342 42.43 17.03 10.61
N CYS G 343 41.39 17.82 10.39
CA CYS G 343 41.25 19.11 11.06
C CYS G 343 39.76 19.43 11.18
N VAL G 344 39.44 20.69 11.42
CA VAL G 344 38.06 21.16 11.53
C VAL G 344 37.89 22.30 10.53
N ALA G 345 37.01 22.10 9.55
CA ALA G 345 36.78 23.11 8.53
C ALA G 345 35.97 24.27 9.12
N ASP G 346 36.51 25.48 9.00
CA ASP G 346 35.82 26.67 9.52
C ASP G 346 36.32 27.87 8.70
N TYR G 347 35.66 28.11 7.58
CA TYR G 347 36.01 29.22 6.69
C TYR G 347 35.22 30.49 6.98
N SER G 348 34.43 30.50 8.07
CA SER G 348 33.65 31.68 8.41
C SER G 348 34.51 32.82 8.95
N VAL G 349 35.61 32.48 9.63
CA VAL G 349 36.50 33.51 10.19
C VAL G 349 37.45 34.08 9.15
N LEU G 350 37.50 33.50 7.96
CA LEU G 350 38.39 33.97 6.89
C LEU G 350 37.66 34.79 5.84
N TYR G 351 36.37 35.06 6.02
CA TYR G 351 35.58 35.83 5.06
C TYR G 351 35.34 37.26 5.52
N ASN G 352 35.01 37.46 6.80
CA ASN G 352 34.75 38.79 7.34
C ASN G 352 36.00 39.45 7.91
N SER G 353 37.19 38.96 7.56
CA SER G 353 38.42 39.54 8.06
C SER G 353 38.80 40.83 7.35
N ALA G 354 38.26 41.06 6.15
CA ALA G 354 38.54 42.27 5.37
C ALA G 354 40.03 42.44 5.12
N SER G 355 40.71 41.34 4.75
CA SER G 355 42.13 41.36 4.48
C SER G 355 42.49 40.74 3.14
N PHE G 356 41.52 40.31 2.34
CA PHE G 356 41.76 39.72 1.03
C PHE G 356 41.15 40.60 -0.05
N SER G 357 41.87 40.74 -1.17
CA SER G 357 41.37 41.57 -2.26
C SER G 357 40.34 40.85 -3.10
N THR G 358 40.48 39.54 -3.27
CA THR G 358 39.54 38.75 -4.08
C THR G 358 39.30 37.43 -3.36
N PHE G 359 38.09 37.25 -2.84
CA PHE G 359 37.69 36.03 -2.14
C PHE G 359 36.41 35.53 -2.80
N LYS G 360 36.57 34.78 -3.89
CA LYS G 360 35.46 34.23 -4.65
C LYS G 360 35.51 32.71 -4.65
N CYS G 361 34.37 32.11 -5.00
CA CYS G 361 34.24 30.66 -5.04
C CYS G 361 33.50 30.27 -6.32
N TYR G 362 33.37 28.96 -6.52
CA TYR G 362 32.67 28.42 -7.68
C TYR G 362 31.84 27.23 -7.25
N GLY G 363 30.55 27.24 -7.61
CA GLY G 363 29.65 26.17 -7.25
C GLY G 363 29.24 26.18 -5.80
N VAL G 364 30.15 25.83 -4.91
CA VAL G 364 29.86 25.81 -3.48
C VAL G 364 29.89 27.23 -2.95
N SER G 365 28.83 27.63 -2.26
CA SER G 365 28.77 28.98 -1.70
C SER G 365 29.67 29.08 -0.48
N PRO G 366 30.26 30.27 -0.23
CA PRO G 366 31.11 30.43 0.95
C PRO G 366 30.38 30.24 2.27
N THR G 367 29.08 30.49 2.31
CA THR G 367 28.29 30.32 3.53
C THR G 367 27.69 28.93 3.67
N LYS G 368 28.10 27.98 2.83
CA LYS G 368 27.57 26.63 2.88
C LYS G 368 28.63 25.56 3.11
N LEU G 369 29.91 25.87 2.88
CA LEU G 369 30.99 24.91 3.08
C LEU G 369 31.51 24.88 4.51
N ASN G 370 30.88 25.60 5.42
CA ASN G 370 31.32 25.61 6.81
C ASN G 370 30.85 24.39 7.58
N ASP G 371 29.68 23.87 7.26
CA ASP G 371 29.11 22.70 7.93
C ASP G 371 29.00 21.51 6.98
N LEU G 372 29.96 21.39 6.06
CA LEU G 372 29.98 20.30 5.10
C LEU G 372 31.31 19.57 5.19
N CYS G 373 31.26 18.25 5.07
CA CYS G 373 32.47 17.44 5.13
C CYS G 373 33.26 17.54 3.83
N PHE G 374 34.56 17.27 3.93
CA PHE G 374 35.46 17.27 2.77
C PHE G 374 36.45 16.13 2.93
N THR G 375 36.65 15.37 1.86
CA THR G 375 37.57 14.25 1.90
C THR G 375 39.02 14.73 2.05
N ASN G 376 39.45 15.63 1.16
CA ASN G 376 40.79 16.18 1.22
C ASN G 376 40.80 17.53 0.52
N VAL G 377 41.52 18.48 1.10
CA VAL G 377 41.62 19.84 0.57
C VAL G 377 43.07 20.10 0.19
N TYR G 378 43.28 20.53 -1.05
CA TYR G 378 44.61 20.83 -1.55
C TYR G 378 45.00 22.26 -1.16
N ALA G 379 46.13 22.73 -1.69
CA ALA G 379 46.62 24.08 -1.41
C ALA G 379 47.55 24.48 -2.56
N ASP G 380 46.97 25.10 -3.58
CA ASP G 380 47.70 25.55 -4.76
C ASP G 380 48.03 27.04 -4.58
N SER G 381 49.27 27.32 -4.20
CA SER G 381 49.72 28.69 -3.97
C SER G 381 50.68 29.11 -5.08
N PHE G 382 50.44 30.28 -5.66
CA PHE G 382 51.28 30.79 -6.72
C PHE G 382 51.12 32.30 -6.80
N VAL G 383 52.16 32.98 -7.28
CA VAL G 383 52.18 34.43 -7.39
C VAL G 383 52.15 34.80 -8.87
N ILE G 384 51.14 35.58 -9.26
CA ILE G 384 51.00 36.01 -10.65
C ILE G 384 50.90 37.53 -10.69
N ARG G 385 50.48 38.06 -11.84
CA ARG G 385 50.34 39.51 -12.01
C ARG G 385 48.92 39.91 -11.64
N GLY G 386 48.47 41.07 -12.11
CA GLY G 386 47.13 41.55 -11.81
C GLY G 386 46.12 41.22 -12.88
N ASP G 387 46.55 41.25 -14.15
CA ASP G 387 45.66 40.94 -15.25
C ASP G 387 45.43 39.44 -15.43
N GLU G 388 46.25 38.60 -14.80
CA GLU G 388 46.11 37.16 -14.91
C GLU G 388 45.14 36.58 -13.89
N VAL G 389 44.59 37.40 -13.01
CA VAL G 389 43.65 36.90 -12.00
C VAL G 389 42.31 36.53 -12.65
N ARG G 390 41.91 37.28 -13.68
CA ARG G 390 40.66 36.98 -14.37
C ARG G 390 40.75 35.69 -15.18
N GLN G 391 41.95 35.30 -15.60
CA GLN G 391 42.14 34.08 -16.36
C GLN G 391 42.09 32.82 -15.50
N ILE G 392 42.19 32.96 -14.18
CA ILE G 392 42.13 31.79 -13.27
C ILE G 392 40.66 31.54 -13.01
N ALA G 393 40.03 30.79 -13.93
CA ALA G 393 38.62 30.46 -13.83
C ALA G 393 38.35 29.21 -14.65
N PRO G 394 37.45 28.33 -14.21
CA PRO G 394 37.14 27.13 -15.00
C PRO G 394 36.52 27.46 -16.35
N GLY G 395 37.29 27.33 -17.41
CA GLY G 395 36.83 27.61 -18.74
C GLY G 395 37.50 28.77 -19.46
N GLN G 396 38.74 29.10 -19.10
CA GLN G 396 39.47 30.20 -19.73
C GLN G 396 40.63 29.66 -20.56
N THR G 397 41.23 30.55 -21.34
CA THR G 397 42.35 30.18 -22.19
C THR G 397 43.24 31.40 -22.38
N GLY G 398 44.41 31.17 -22.94
CA GLY G 398 45.37 32.23 -23.19
C GLY G 398 46.78 31.66 -23.21
N ASN G 399 47.70 32.41 -22.59
CA ASN G 399 49.10 32.02 -22.50
C ASN G 399 49.54 31.68 -21.09
N ILE G 400 48.63 31.71 -20.11
CA ILE G 400 48.94 31.41 -18.73
C ILE G 400 48.15 30.21 -18.22
N ALA G 401 46.84 30.20 -18.47
CA ALA G 401 46.00 29.09 -18.02
C ALA G 401 46.24 27.82 -18.82
N ASP G 402 46.74 27.94 -20.05
CA ASP G 402 47.01 26.78 -20.90
C ASP G 402 48.47 26.36 -20.88
N TYR G 403 49.33 27.09 -20.19
CA TYR G 403 50.75 26.75 -20.13
C TYR G 403 51.32 26.70 -18.72
N ASN G 404 50.58 27.11 -17.70
CA ASN G 404 51.09 27.07 -16.33
C ASN G 404 50.15 26.29 -15.42
N TYR G 405 49.14 26.98 -14.89
CA TYR G 405 48.15 26.37 -14.00
C TYR G 405 46.83 26.23 -14.74
N LYS G 406 46.37 25.00 -14.90
CA LYS G 406 45.12 24.71 -15.60
C LYS G 406 44.06 24.33 -14.59
N LEU G 407 42.86 24.90 -14.75
CA LEU G 407 41.77 24.62 -13.84
C LEU G 407 40.81 23.60 -14.44
N PRO G 408 40.33 22.65 -13.63
CA PRO G 408 39.39 21.65 -14.16
C PRO G 408 38.07 22.27 -14.55
N ASP G 409 37.31 21.53 -15.35
CA ASP G 409 36.00 22.00 -15.79
C ASP G 409 34.97 21.93 -14.66
N ASP G 410 35.07 20.90 -13.81
CA ASP G 410 34.15 20.71 -12.69
C ASP G 410 34.76 21.20 -11.37
N PHE G 411 35.48 22.32 -11.41
CA PHE G 411 36.11 22.85 -10.20
C PHE G 411 35.07 23.47 -9.30
N THR G 412 34.90 22.90 -8.10
CA THR G 412 33.93 23.41 -7.14
C THR G 412 34.62 23.89 -5.87
N GLY G 413 35.58 24.81 -6.02
CA GLY G 413 36.31 25.33 -4.88
C GLY G 413 36.24 26.84 -4.75
N CYS G 414 37.30 27.45 -4.23
CA CYS G 414 37.36 28.89 -4.05
C CYS G 414 38.72 29.40 -4.52
N VAL G 415 38.77 30.70 -4.79
CA VAL G 415 39.99 31.37 -5.25
C VAL G 415 40.30 32.48 -4.26
N ILE G 416 41.39 32.33 -3.51
CA ILE G 416 41.82 33.29 -2.52
C ILE G 416 42.97 34.10 -3.10
N ALA G 417 42.82 35.42 -3.14
CA ALA G 417 43.84 36.30 -3.69
C ALA G 417 43.81 37.63 -2.96
N TRP G 418 44.98 38.11 -2.56
CA TRP G 418 45.10 39.38 -1.86
C TRP G 418 46.22 40.20 -2.50
N ASN G 419 46.16 41.51 -2.26
CA ASN G 419 47.16 42.44 -2.78
C ASN G 419 48.41 42.39 -1.92
N SER G 420 49.57 42.53 -2.55
CA SER G 420 50.85 42.50 -1.85
C SER G 420 51.90 43.19 -2.70
N ASN G 421 52.91 43.74 -2.04
CA ASN G 421 54.00 44.42 -2.73
C ASN G 421 55.26 44.44 -1.88
N ASN G 422 55.19 43.82 -0.70
CA ASN G 422 56.33 43.75 0.21
C ASN G 422 56.75 42.33 0.55
N LEU G 423 55.83 41.37 0.51
CA LEU G 423 56.15 39.98 0.80
C LEU G 423 56.59 39.19 -0.42
N ASP G 424 56.66 39.83 -1.59
CA ASP G 424 57.08 39.14 -2.81
C ASP G 424 57.68 40.09 -3.84
N SER G 425 58.02 41.32 -3.46
CA SER G 425 58.60 42.29 -4.39
C SER G 425 59.53 43.21 -3.59
N LYS G 426 60.82 43.14 -3.89
CA LYS G 426 61.81 43.94 -3.20
C LYS G 426 62.05 45.25 -3.96
N VAL G 427 62.98 46.05 -3.47
CA VAL G 427 63.32 47.32 -4.09
C VAL G 427 64.26 47.08 -5.27
N GLY G 428 63.95 47.72 -6.40
CA GLY G 428 64.75 47.57 -7.60
C GLY G 428 64.25 46.54 -8.59
N GLY G 429 63.11 45.90 -8.32
CA GLY G 429 62.58 44.90 -9.22
C GLY G 429 62.89 43.48 -8.79
N ASN G 430 61.87 42.64 -8.70
CA ASN G 430 62.01 41.25 -8.29
C ASN G 430 61.78 40.36 -9.51
N TYR G 431 62.81 39.64 -9.93
CA TYR G 431 62.76 38.75 -11.08
C TYR G 431 63.05 37.31 -10.67
N ASN G 432 62.48 36.89 -9.53
CA ASN G 432 62.69 35.55 -9.02
C ASN G 432 61.57 34.59 -9.38
N TYR G 433 60.43 35.10 -9.85
CA TYR G 433 59.29 34.26 -10.22
C TYR G 433 59.24 34.12 -11.73
N LEU G 434 59.51 32.92 -12.23
CA LEU G 434 59.49 32.63 -13.65
C LEU G 434 58.15 32.03 -14.05
N TYR G 435 57.93 31.92 -15.37
CA TYR G 435 56.70 31.37 -15.90
C TYR G 435 56.94 30.89 -17.32
N ARG G 436 56.15 29.91 -17.74
CA ARG G 436 56.22 29.36 -19.08
C ARG G 436 55.25 30.09 -20.00
N LEU G 437 55.76 30.59 -21.11
CA LEU G 437 54.96 31.34 -22.07
C LEU G 437 54.48 30.49 -23.24
N PHE G 438 55.37 29.71 -23.86
CA PHE G 438 55.01 28.84 -24.96
C PHE G 438 55.58 27.44 -24.71
N ARG G 439 54.86 26.43 -25.21
CA ARG G 439 55.31 25.06 -25.11
C ARG G 439 54.70 24.26 -26.25
N LYS G 440 55.28 23.07 -26.50
CA LYS G 440 54.80 22.23 -27.59
C LYS G 440 53.44 21.63 -27.31
N SER G 441 53.00 21.59 -26.05
CA SER G 441 51.71 21.02 -25.71
C SER G 441 51.17 21.75 -24.49
N ASN G 442 49.88 21.52 -24.23
CA ASN G 442 49.20 22.14 -23.09
C ASN G 442 49.40 21.28 -21.84
N LEU G 443 48.84 21.74 -20.73
CA LEU G 443 48.94 21.05 -19.45
C LEU G 443 47.55 20.63 -18.98
N LYS G 444 47.45 19.39 -18.50
CA LYS G 444 46.20 18.89 -17.96
C LYS G 444 45.93 19.51 -16.59
N PRO G 445 44.65 19.60 -16.19
CA PRO G 445 44.35 20.14 -14.87
C PRO G 445 44.97 19.31 -13.75
N PHE G 446 45.43 20.01 -12.72
CA PHE G 446 46.10 19.40 -11.57
C PHE G 446 47.33 18.61 -12.02
N GLU G 447 48.30 19.34 -12.57
CA GLU G 447 49.54 18.74 -13.05
C GLU G 447 50.65 19.77 -12.98
N ARG G 448 51.79 19.38 -12.43
CA ARG G 448 52.94 20.26 -12.30
C ARG G 448 53.99 19.93 -13.36
N ASP G 449 54.84 20.91 -13.65
CA ASP G 449 55.89 20.75 -14.64
C ASP G 449 57.09 21.57 -14.21
N ILE G 450 58.22 20.90 -13.97
CA ILE G 450 59.45 21.54 -13.55
C ILE G 450 60.56 21.38 -14.57
N SER G 451 60.25 20.85 -15.75
CA SER G 451 61.24 20.66 -16.79
C SER G 451 61.56 22.00 -17.47
N THR G 452 62.63 22.00 -18.25
CA THR G 452 63.09 23.19 -18.98
C THR G 452 63.44 22.78 -20.40
N GLU G 453 62.61 23.18 -21.36
CA GLU G 453 62.84 22.87 -22.76
C GLU G 453 62.66 24.13 -23.59
N ILE G 454 63.25 24.14 -24.78
CA ILE G 454 63.19 25.28 -25.68
C ILE G 454 62.01 25.09 -26.62
N TYR G 455 61.21 26.14 -26.77
CA TYR G 455 60.05 26.07 -27.65
C TYR G 455 60.48 26.08 -29.11
N GLN G 456 59.75 25.34 -29.94
CA GLN G 456 60.03 25.24 -31.37
C GLN G 456 58.96 26.01 -32.14
N ALA G 457 59.41 27.03 -32.88
CA ALA G 457 58.47 27.80 -33.73
C ALA G 457 58.82 27.47 -35.18
N GLY G 458 57.91 26.79 -35.89
CA GLY G 458 58.17 26.40 -37.29
C GLY G 458 59.34 25.45 -37.43
N SER G 459 60.36 25.82 -38.23
CA SER G 459 61.50 24.90 -38.50
C SER G 459 62.56 24.96 -37.40
N THR G 460 63.79 24.53 -37.74
CA THR G 460 64.91 24.50 -36.76
C THR G 460 64.45 23.82 -35.46
N PRO G 461 64.38 22.47 -35.42
CA PRO G 461 63.96 21.73 -34.22
C PRO G 461 64.84 22.19 -33.05
N CYS G 462 64.24 22.45 -31.90
CA CYS G 462 64.97 23.07 -30.80
C CYS G 462 65.17 22.02 -29.72
N ASN G 463 66.43 21.62 -29.49
CA ASN G 463 66.76 20.62 -28.49
C ASN G 463 68.18 20.89 -28.00
N GLY G 464 68.29 21.78 -27.02
CA GLY G 464 69.57 22.16 -26.46
C GLY G 464 70.31 23.23 -27.20
N VAL G 465 69.70 23.87 -28.20
CA VAL G 465 70.34 24.92 -28.98
C VAL G 465 69.36 26.07 -29.13
N LYS G 466 69.83 27.29 -28.91
CA LYS G 466 69.02 28.49 -29.01
C LYS G 466 69.54 29.37 -30.13
N GLY G 467 68.81 30.45 -30.40
CA GLY G 467 69.19 31.38 -31.45
C GLY G 467 68.04 31.70 -32.39
N PHE G 468 68.10 31.19 -33.61
CA PHE G 468 67.06 31.44 -34.60
C PHE G 468 66.02 30.32 -34.56
N ASN G 469 64.74 30.72 -34.64
CA ASN G 469 63.60 29.82 -34.56
C ASN G 469 63.52 29.07 -33.23
N CYS G 470 64.30 29.50 -32.24
CA CYS G 470 64.29 28.89 -30.91
C CYS G 470 64.38 30.00 -29.88
N TYR G 471 63.37 30.09 -29.02
CA TYR G 471 63.29 31.16 -28.03
C TYR G 471 63.19 30.56 -26.63
N PHE G 472 63.60 31.36 -25.64
CA PHE G 472 63.60 30.92 -24.25
C PHE G 472 62.22 31.20 -23.66
N PRO G 473 61.43 30.18 -23.32
CA PRO G 473 60.06 30.44 -22.84
C PRO G 473 60.01 30.97 -21.42
N LEU G 474 60.95 30.55 -20.57
CA LEU G 474 60.96 30.96 -19.18
C LEU G 474 61.36 32.44 -19.10
N GLN G 475 60.37 33.31 -18.93
CA GLN G 475 60.59 34.73 -18.83
C GLN G 475 60.70 35.13 -17.35
N SER G 476 60.17 36.31 -17.00
CA SER G 476 60.22 36.79 -15.63
C SER G 476 59.20 37.90 -15.45
N TYR G 477 58.49 37.90 -14.33
CA TYR G 477 57.52 38.94 -14.03
C TYR G 477 58.22 40.23 -13.65
N GLY G 478 57.57 41.35 -13.95
CA GLY G 478 58.12 42.65 -13.63
C GLY G 478 57.52 43.25 -12.37
N PHE G 479 57.68 42.54 -11.24
CA PHE G 479 57.15 43.00 -9.96
C PHE G 479 57.96 44.17 -9.42
N GLN G 480 57.52 45.39 -9.72
CA GLN G 480 58.20 46.59 -9.26
C GLN G 480 57.21 47.50 -8.53
N PRO G 481 57.62 48.12 -7.42
CA PRO G 481 56.70 49.00 -6.68
C PRO G 481 56.43 50.32 -7.37
N THR G 482 57.13 50.63 -8.46
CA THR G 482 56.95 51.89 -9.17
C THR G 482 56.02 51.76 -10.38
N TYR G 483 55.50 50.57 -10.65
CA TYR G 483 54.61 50.36 -11.78
C TYR G 483 53.19 50.77 -11.40
N GLY G 484 52.23 50.41 -12.24
CA GLY G 484 50.83 50.74 -12.00
C GLY G 484 50.16 49.76 -11.06
N VAL G 485 48.85 49.64 -11.23
CA VAL G 485 48.07 48.73 -10.38
C VAL G 485 48.00 47.34 -10.99
N GLY G 486 47.87 47.25 -12.32
CA GLY G 486 47.80 45.97 -12.98
C GLY G 486 49.06 45.17 -12.94
N TYR G 487 50.20 45.81 -12.70
CA TYR G 487 51.50 45.13 -12.62
C TYR G 487 51.87 44.74 -11.20
N GLN G 488 50.96 44.90 -10.24
CA GLN G 488 51.26 44.52 -8.87
C GLN G 488 51.11 43.01 -8.68
N PRO G 489 51.96 42.40 -7.87
CA PRO G 489 51.86 40.94 -7.66
C PRO G 489 50.70 40.60 -6.75
N TYR G 490 50.09 39.44 -7.01
CA TYR G 490 48.98 38.93 -6.21
C TYR G 490 49.25 37.47 -5.87
N ARG G 491 49.39 37.18 -4.59
CA ARG G 491 49.66 35.81 -4.12
C ARG G 491 48.33 35.06 -4.08
N VAL G 492 48.04 34.36 -5.17
CA VAL G 492 46.78 33.62 -5.30
C VAL G 492 46.96 32.23 -4.70
N VAL G 493 46.03 31.86 -3.81
CA VAL G 493 46.02 30.54 -3.19
C VAL G 493 44.71 29.87 -3.55
N VAL G 494 44.77 28.88 -4.44
CA VAL G 494 43.60 28.16 -4.91
C VAL G 494 43.44 26.89 -4.08
N LEU G 495 42.25 26.71 -3.51
CA LEU G 495 41.93 25.52 -2.72
C LEU G 495 41.02 24.61 -3.51
N SER G 496 41.36 23.32 -3.55
CA SER G 496 40.61 22.33 -4.30
C SER G 496 39.82 21.43 -3.35
N PHE G 497 38.57 21.17 -3.70
CA PHE G 497 37.68 20.31 -2.92
C PHE G 497 37.36 19.07 -3.73
N GLU G 498 37.56 17.90 -3.12
CA GLU G 498 37.30 16.63 -3.78
C GLU G 498 36.57 15.70 -2.81
N LEU G 499 35.78 14.79 -3.38
CA LEU G 499 35.01 13.82 -2.61
C LEU G 499 35.21 12.45 -3.22
N LEU G 500 35.66 11.49 -2.41
CA LEU G 500 35.90 10.13 -2.84
C LEU G 500 35.08 9.18 -1.97
N HIS G 501 35.34 7.87 -2.14
CA HIS G 501 34.64 6.87 -1.36
C HIS G 501 35.22 6.71 0.04
N ALA G 502 36.39 7.30 0.31
CA ALA G 502 36.98 7.21 1.63
C ALA G 502 36.23 8.09 2.61
N PRO G 503 36.18 7.70 3.90
CA PRO G 503 35.48 8.53 4.89
C PRO G 503 36.22 9.84 5.10
N ALA G 504 35.46 10.94 5.04
CA ALA G 504 36.05 12.26 5.19
C ALA G 504 36.39 12.53 6.66
N THR G 505 37.58 13.08 6.89
CA THR G 505 38.04 13.41 8.23
C THR G 505 37.95 14.90 8.54
N VAL G 506 37.64 15.74 7.57
CA VAL G 506 37.51 17.17 7.77
C VAL G 506 36.05 17.54 7.49
N CYS G 507 35.32 17.86 8.57
CA CYS G 507 33.87 18.25 8.47
C CYS G 507 33.62 19.56 9.21
N GLY G 508 34.12 19.78 10.37
CA GLY G 508 33.80 21.15 10.79
C GLY G 508 32.29 21.51 10.79
N PRO G 509 31.27 20.63 11.00
CA PRO G 509 29.86 21.02 11.15
C PRO G 509 29.44 20.98 12.64
N LYS G 510 29.09 19.78 13.13
CA LYS G 510 28.97 19.41 14.57
C LYS G 510 27.92 20.32 15.21
N LYS G 511 26.71 20.27 14.65
CA LYS G 511 25.61 21.10 15.20
C LYS G 511 25.54 20.89 16.70
N SER G 512 25.69 21.96 17.49
CA SER G 512 25.49 21.86 18.95
C SER G 512 24.93 23.15 19.57
N THR G 513 24.43 23.01 20.80
CA THR G 513 23.83 24.07 21.62
C THR G 513 24.32 23.96 23.07
N ASN G 514 23.97 24.94 23.91
CA ASN G 514 23.95 24.75 25.36
C ASN G 514 23.06 23.55 25.76
N LEU G 515 23.34 22.96 26.92
CA LEU G 515 22.69 21.75 27.45
C LEU G 515 21.91 22.09 28.72
N VAL G 516 20.60 21.89 28.71
CA VAL G 516 19.70 22.31 29.81
C VAL G 516 19.18 21.09 30.58
N LYS G 517 19.49 21.03 31.88
CA LYS G 517 19.04 19.99 32.80
C LYS G 517 17.69 20.34 33.44
N ASN G 518 17.00 19.32 33.94
CA ASN G 518 15.88 19.41 34.89
C ASN G 518 14.66 20.22 34.39
N LYS G 519 14.49 20.29 33.07
CA LYS G 519 13.33 20.87 32.36
C LYS G 519 12.92 19.94 31.23
N CYS G 520 11.65 19.94 30.83
CA CYS G 520 11.23 19.21 29.64
C CYS G 520 11.75 19.91 28.39
N VAL G 521 12.49 19.20 27.55
CA VAL G 521 13.23 19.76 26.41
C VAL G 521 13.26 18.78 25.25
N ASN G 522 13.29 19.32 24.03
CA ASN G 522 13.63 18.56 22.84
C ASN G 522 15.16 18.41 22.78
N PHE G 523 15.68 17.28 22.29
CA PHE G 523 17.11 17.03 22.27
C PHE G 523 17.58 16.18 21.10
N ASN G 524 18.87 16.30 20.79
CA ASN G 524 19.63 15.41 19.92
C ASN G 524 21.02 15.16 20.52
N PHE G 525 21.46 13.90 20.63
CA PHE G 525 22.82 13.51 21.01
C PHE G 525 23.43 12.64 19.92
N ASN G 526 24.44 13.13 19.19
CA ASN G 526 25.14 12.40 18.11
C ASN G 526 24.21 11.80 17.01
N GLY G 527 23.00 12.35 16.83
CA GLY G 527 21.97 11.81 15.93
C GLY G 527 20.83 11.04 16.64
N LEU G 528 20.98 10.69 17.92
CA LEU G 528 19.87 10.17 18.73
C LEU G 528 18.94 11.34 19.14
N THR G 529 17.86 11.51 18.38
CA THR G 529 16.82 12.53 18.67
C THR G 529 15.79 12.05 19.67
N GLY G 530 15.19 12.98 20.42
CA GLY G 530 14.10 12.69 21.35
C GLY G 530 13.56 13.93 22.05
N THR G 531 12.68 13.75 23.03
CA THR G 531 12.16 14.83 23.88
C THR G 531 11.82 14.27 25.26
N GLY G 532 12.10 15.03 26.32
CA GLY G 532 11.95 14.58 27.72
C GLY G 532 12.65 15.50 28.71
N VAL G 533 12.70 15.10 29.99
CA VAL G 533 13.43 15.81 31.03
C VAL G 533 14.82 15.19 31.18
N LEU G 534 15.85 15.92 30.74
CA LEU G 534 17.26 15.52 30.90
C LEU G 534 17.70 15.73 32.36
N THR G 535 18.39 14.77 32.96
CA THR G 535 18.81 14.81 34.38
C THR G 535 20.22 14.26 34.55
N GLU G 536 20.89 14.59 35.66
CA GLU G 536 22.19 13.99 36.00
C GLU G 536 22.05 12.49 36.34
N SER G 537 23.12 11.70 36.21
CA SER G 537 23.12 10.31 36.69
C SER G 537 24.49 9.81 37.15
N ASN G 538 24.46 8.80 38.02
CA ASN G 538 25.63 8.02 38.45
C ASN G 538 25.85 6.76 37.60
N LYS G 539 25.12 6.57 36.48
CA LYS G 539 25.16 5.35 35.66
C LYS G 539 26.52 5.21 34.95
N LYS G 540 27.27 4.17 35.33
CA LYS G 540 28.67 3.95 34.93
C LYS G 540 28.79 3.40 33.50
N PHE G 541 28.57 4.25 32.50
CA PHE G 541 28.85 3.90 31.11
C PHE G 541 30.33 3.54 30.95
N LEU G 542 30.61 2.42 30.26
CA LEU G 542 31.97 2.09 29.82
C LEU G 542 32.42 3.10 28.74
N PRO G 543 33.73 3.33 28.54
CA PRO G 543 34.23 4.47 27.76
C PRO G 543 33.71 4.56 26.31
N PHE G 544 33.44 3.42 25.68
CA PHE G 544 32.88 3.35 24.32
C PHE G 544 31.35 3.48 24.26
N GLN G 545 30.62 3.28 25.37
CA GLN G 545 29.16 3.35 25.40
C GLN G 545 28.66 4.81 25.26
N GLN G 546 27.68 5.04 24.39
CA GLN G 546 27.15 6.36 24.05
C GLN G 546 25.72 6.59 24.56
N PHE G 547 24.91 5.52 24.63
CA PHE G 547 23.49 5.57 24.97
C PHE G 547 23.15 4.48 25.98
N GLY G 548 22.08 4.63 26.75
CA GLY G 548 21.63 3.66 27.76
C GLY G 548 20.16 3.30 27.58
N ARG G 549 19.79 2.04 27.84
CA ARG G 549 18.43 1.52 27.66
C ARG G 549 17.90 0.76 28.87
N ASP G 550 16.61 0.91 29.13
CA ASP G 550 15.83 0.22 30.16
C ASP G 550 15.40 -1.19 29.72
N ILE G 551 14.77 -1.96 30.62
CA ILE G 551 14.37 -3.36 30.39
C ILE G 551 13.50 -3.54 29.14
N ALA G 552 12.55 -2.63 28.91
CA ALA G 552 11.66 -2.63 27.74
C ALA G 552 12.27 -1.91 26.50
N ASP G 553 13.59 -1.98 26.33
CA ASP G 553 14.40 -1.39 25.25
C ASP G 553 14.38 0.14 25.10
N THR G 554 13.52 0.84 25.84
CA THR G 554 13.37 2.30 25.80
C THR G 554 14.60 3.00 26.36
N THR G 555 15.09 4.07 25.71
CA THR G 555 16.27 4.84 26.14
C THR G 555 16.06 5.45 27.53
N ASP G 556 17.04 5.32 28.42
CA ASP G 556 17.00 5.91 29.76
C ASP G 556 18.22 6.79 30.10
N ALA G 557 19.29 6.78 29.29
CA ALA G 557 20.48 7.57 29.57
C ALA G 557 21.28 7.89 28.29
N VAL G 558 22.10 8.94 28.34
CA VAL G 558 22.98 9.35 27.23
C VAL G 558 24.28 9.98 27.74
N ARG G 559 25.37 9.80 26.99
CA ARG G 559 26.61 10.56 27.15
C ARG G 559 26.49 11.92 26.45
N ASP G 560 26.79 13.01 27.14
CA ASP G 560 27.06 14.29 26.48
C ASP G 560 28.39 14.22 25.72
N PRO G 561 28.43 14.32 24.38
CA PRO G 561 29.67 14.24 23.62
C PRO G 561 30.64 15.41 23.87
N GLN G 562 30.22 16.49 24.54
CA GLN G 562 31.07 17.65 24.85
C GLN G 562 31.62 17.66 26.29
N THR G 563 31.29 16.67 27.12
CA THR G 563 31.80 16.53 28.51
C THR G 563 31.95 15.06 28.90
N LEU G 564 32.18 14.77 30.18
CA LEU G 564 32.08 13.42 30.76
C LEU G 564 30.66 13.08 31.27
N GLU G 565 29.67 13.96 31.11
CA GLU G 565 28.35 13.76 31.72
C GLU G 565 27.58 12.57 31.12
N ILE G 566 27.20 11.61 31.97
CA ILE G 566 26.18 10.61 31.65
C ILE G 566 24.86 11.11 32.24
N LEU G 567 24.00 11.63 31.37
CA LEU G 567 22.65 12.06 31.72
C LEU G 567 21.71 10.85 31.82
N ASP G 568 20.69 10.94 32.64
CA ASP G 568 19.50 10.09 32.59
C ASP G 568 18.33 10.87 31.99
N ILE G 569 17.64 10.27 31.03
CA ILE G 569 16.50 10.88 30.33
C ILE G 569 15.20 10.34 30.93
N THR G 570 14.47 11.19 31.63
CA THR G 570 13.08 10.93 32.00
C THR G 570 12.19 11.30 30.80
N PRO G 571 11.10 10.58 30.49
CA PRO G 571 10.13 11.03 29.49
C PRO G 571 9.48 12.36 29.88
N CYS G 572 8.74 12.98 28.95
CA CYS G 572 7.86 14.11 29.29
C CYS G 572 6.87 13.69 30.38
N SER G 573 6.59 14.57 31.35
CA SER G 573 5.47 14.34 32.27
C SER G 573 4.16 14.42 31.48
N PHE G 574 3.30 13.41 31.59
CA PHE G 574 2.07 13.29 30.81
C PHE G 574 1.04 12.45 31.55
N GLY G 575 -0.22 12.57 31.17
CA GLY G 575 -1.29 11.72 31.70
C GLY G 575 -2.66 12.04 31.11
N GLY G 576 -3.59 11.11 31.22
CA GLY G 576 -4.98 11.37 30.85
C GLY G 576 -5.60 12.48 31.70
N VAL G 577 -6.46 13.29 31.09
CA VAL G 577 -7.24 14.33 31.76
C VAL G 577 -8.68 13.87 31.80
N SER G 578 -9.25 13.83 32.99
CA SER G 578 -10.64 13.42 33.20
C SER G 578 -11.43 14.49 33.90
N VAL G 579 -12.67 14.68 33.48
CA VAL G 579 -13.57 15.71 34.00
C VAL G 579 -14.58 15.05 34.92
N ILE G 580 -14.60 15.47 36.18
CA ILE G 580 -15.60 15.12 37.17
C ILE G 580 -16.76 16.08 36.99
N THR G 581 -17.99 15.58 36.87
CA THR G 581 -19.17 16.43 36.75
C THR G 581 -20.38 15.83 37.47
N PRO G 582 -21.16 16.62 38.23
CA PRO G 582 -22.56 16.29 38.47
C PRO G 582 -23.34 16.34 37.14
N GLY G 583 -24.55 15.79 37.11
CA GLY G 583 -25.36 15.83 35.89
C GLY G 583 -25.73 17.26 35.50
N THR G 584 -25.62 17.62 34.22
CA THR G 584 -25.85 18.99 33.73
C THR G 584 -27.25 19.51 34.00
N ASN G 585 -28.23 18.62 34.17
CA ASN G 585 -29.58 18.93 34.61
C ASN G 585 -29.64 19.61 36.00
N THR G 586 -28.60 19.43 36.82
CA THR G 586 -28.55 19.91 38.21
C THR G 586 -27.53 21.04 38.42
N SER G 587 -26.37 21.01 37.76
CA SER G 587 -25.35 22.07 37.84
C SER G 587 -24.40 22.04 36.65
N ASN G 588 -23.78 23.17 36.33
CA ASN G 588 -22.76 23.29 35.30
C ASN G 588 -21.33 23.26 35.85
N GLN G 589 -21.14 23.18 37.17
CA GLN G 589 -19.80 23.13 37.76
C GLN G 589 -19.07 21.84 37.36
N VAL G 590 -17.74 21.90 37.19
CA VAL G 590 -16.89 20.73 36.90
C VAL G 590 -15.53 20.87 37.56
N ALA G 591 -14.86 19.74 37.76
CA ALA G 591 -13.51 19.66 38.30
C ALA G 591 -12.68 18.69 37.46
N VAL G 592 -11.36 18.76 37.51
CA VAL G 592 -10.48 18.05 36.58
C VAL G 592 -9.42 17.26 37.31
N LEU G 593 -9.23 16.00 36.93
CA LEU G 593 -8.16 15.13 37.42
C LEU G 593 -7.12 14.94 36.32
N TYR G 594 -5.87 15.30 36.59
CA TYR G 594 -4.73 15.05 35.73
C TYR G 594 -4.05 13.76 36.17
N GLN G 595 -4.43 12.63 35.57
CA GLN G 595 -4.14 11.28 36.06
C GLN G 595 -2.64 11.04 36.22
N GLY G 596 -2.20 10.74 37.44
CA GLY G 596 -0.79 10.48 37.76
C GLY G 596 0.15 11.69 37.71
N VAL G 597 -0.37 12.88 37.40
CA VAL G 597 0.52 14.09 37.25
C VAL G 597 0.76 14.73 38.62
N ASN G 598 2.01 15.13 38.90
CA ASN G 598 2.38 15.95 40.09
C ASN G 598 1.73 17.34 39.96
N CYS G 599 1.25 17.92 41.06
CA CYS G 599 0.59 19.25 40.96
C CYS G 599 1.50 20.33 40.41
N THR G 600 2.81 20.26 40.59
CA THR G 600 3.72 21.34 40.12
C THR G 600 3.82 21.36 38.59
N GLU G 601 3.53 20.25 37.91
CA GLU G 601 3.66 20.15 36.45
C GLU G 601 2.45 20.68 35.68
N VAL G 602 1.26 20.72 36.29
CA VAL G 602 0.04 21.15 35.60
C VAL G 602 0.05 22.65 35.33
N ASN G 623 -8.42 26.20 42.74
CA ASN G 623 -8.34 25.33 43.91
C ASN G 623 -7.70 23.98 43.54
N VAL G 624 -6.71 23.51 44.29
CA VAL G 624 -5.84 22.39 43.89
C VAL G 624 -5.61 21.41 45.04
N PHE G 625 -5.59 20.11 44.75
CA PHE G 625 -5.39 19.03 45.70
C PHE G 625 -4.51 17.94 45.07
N GLN G 626 -3.40 17.55 45.71
CA GLN G 626 -2.64 16.37 45.31
C GLN G 626 -3.31 15.10 45.85
N THR G 627 -4.00 14.36 45.00
CA THR G 627 -4.42 12.98 45.31
C THR G 627 -3.33 11.98 44.92
N ARG G 628 -3.37 10.75 45.41
CA ARG G 628 -2.51 9.67 44.88
C ARG G 628 -2.89 9.22 43.46
N ALA G 629 -4.08 9.59 42.99
CA ALA G 629 -4.53 9.39 41.62
C ALA G 629 -4.07 10.49 40.64
N GLY G 630 -3.52 11.59 41.18
CA GLY G 630 -3.13 12.72 40.31
C GLY G 630 -3.52 14.04 40.95
N CYS G 631 -3.97 15.03 40.17
CA CYS G 631 -4.27 16.32 40.86
C CYS G 631 -5.71 16.77 40.66
N LEU G 632 -6.41 16.97 41.77
CA LEU G 632 -7.82 17.41 41.73
C LEU G 632 -7.87 18.92 41.58
N ILE G 633 -8.02 19.43 40.35
CA ILE G 633 -8.21 20.87 40.24
C ILE G 633 -9.68 21.22 40.18
N GLY G 634 -10.10 22.25 40.91
CA GLY G 634 -11.47 22.75 40.92
C GLY G 634 -12.41 22.05 41.90
N ALA G 635 -11.92 21.08 42.69
CA ALA G 635 -12.67 20.40 43.74
C ALA G 635 -12.05 20.65 45.13
N GLU G 636 -12.87 20.90 46.14
CA GLU G 636 -12.37 21.18 47.49
C GLU G 636 -11.82 19.93 48.17
N HIS G 637 -10.64 20.03 48.79
CA HIS G 637 -10.27 19.06 49.85
C HIS G 637 -11.11 19.36 51.11
N VAL G 638 -12.02 18.44 51.44
CA VAL G 638 -12.96 18.60 52.59
C VAL G 638 -12.57 17.64 53.71
N ASN G 639 -12.03 16.47 53.35
CA ASN G 639 -11.40 15.46 54.27
C ASN G 639 -12.46 14.68 55.07
N ASN G 640 -13.54 15.34 55.50
CA ASN G 640 -14.68 14.66 56.16
C ASN G 640 -15.20 13.56 55.22
N SER G 641 -15.53 12.38 55.74
CA SER G 641 -15.65 11.22 54.85
C SER G 641 -17.13 10.82 54.68
N TYR G 642 -17.45 10.23 53.54
CA TYR G 642 -18.82 9.97 53.08
C TYR G 642 -18.88 8.70 52.24
N GLU G 643 -20.09 8.23 51.91
CA GLU G 643 -20.29 7.26 50.83
C GLU G 643 -19.66 7.70 49.51
N CYS G 644 -19.36 6.74 48.64
CA CYS G 644 -18.97 7.01 47.26
C CYS G 644 -20.08 7.78 46.51
N ASP G 645 -19.71 8.61 45.54
CA ASP G 645 -20.67 9.31 44.66
C ASP G 645 -20.16 9.29 43.21
N ILE G 646 -19.12 10.07 42.90
CA ILE G 646 -18.31 9.90 41.69
C ILE G 646 -16.96 9.33 42.15
N PRO G 647 -16.52 8.17 41.65
CA PRO G 647 -15.25 7.58 42.05
C PRO G 647 -14.06 8.31 41.43
N ILE G 648 -12.90 8.31 42.10
CA ILE G 648 -11.65 8.90 41.55
C ILE G 648 -10.53 7.85 41.52
N GLY G 649 -10.06 7.39 42.68
CA GLY G 649 -8.94 6.45 42.74
C GLY G 649 -8.20 6.52 44.06
N ALA G 650 -7.55 5.43 44.45
CA ALA G 650 -6.73 5.37 45.66
C ALA G 650 -7.46 5.92 46.90
N GLY G 651 -8.72 5.54 47.07
CA GLY G 651 -9.57 5.89 48.20
C GLY G 651 -10.25 7.25 48.09
N ILE G 652 -9.91 8.11 47.13
CA ILE G 652 -10.63 9.38 46.93
C ILE G 652 -11.92 9.14 46.16
N CYS G 653 -12.99 9.82 46.57
CA CYS G 653 -14.22 10.01 45.81
C CYS G 653 -14.57 11.51 45.79
N ALA G 654 -15.46 11.91 44.90
CA ALA G 654 -15.93 13.29 44.83
C ALA G 654 -17.44 13.38 44.60
N SER G 655 -18.03 14.47 45.06
CA SER G 655 -19.48 14.71 45.03
C SER G 655 -19.77 16.20 44.87
N TYR G 656 -21.01 16.54 44.51
CA TYR G 656 -21.46 17.93 44.45
C TYR G 656 -22.44 18.19 45.60
N GLN G 657 -22.06 19.04 46.55
CA GLN G 657 -22.76 19.19 47.84
C GLN G 657 -22.68 20.62 48.39
N THR G 658 -23.63 20.98 49.24
CA THR G 658 -23.78 22.32 49.85
C THR G 658 -22.66 22.65 50.83
N SER G 671 -23.71 28.28 47.69
CA SER G 671 -23.23 27.41 48.79
C SER G 671 -22.87 25.99 48.34
N GLN G 672 -23.07 25.65 47.06
CA GLN G 672 -22.79 24.34 46.48
C GLN G 672 -21.51 24.33 45.64
N SER G 673 -20.69 23.30 45.82
CA SER G 673 -19.42 23.10 45.13
C SER G 673 -19.09 21.62 45.00
N ILE G 674 -18.15 21.28 44.12
CA ILE G 674 -17.60 19.92 44.05
C ILE G 674 -16.58 19.74 45.18
N ILE G 675 -16.72 18.66 45.93
CA ILE G 675 -15.84 18.28 47.05
C ILE G 675 -15.21 16.93 46.79
N ALA G 676 -14.00 16.71 47.29
CA ALA G 676 -13.29 15.45 47.20
C ALA G 676 -12.72 15.03 48.55
N TYR G 677 -12.89 13.76 48.90
CA TYR G 677 -12.71 13.23 50.23
C TYR G 677 -12.26 11.77 50.17
N THR G 678 -11.60 11.28 51.22
CA THR G 678 -11.33 9.84 51.33
C THR G 678 -12.63 9.13 51.67
N MET G 679 -13.07 8.18 50.85
CA MET G 679 -14.37 7.53 51.00
C MET G 679 -14.47 6.77 52.32
N SER G 680 -15.70 6.61 52.80
CA SER G 680 -16.02 5.78 53.96
C SER G 680 -16.60 4.45 53.52
N LEU G 681 -16.12 3.35 54.09
CA LEU G 681 -16.57 2.00 53.76
C LEU G 681 -17.90 1.62 54.44
N GLY G 682 -18.41 2.48 55.32
CA GLY G 682 -19.62 2.26 56.11
C GLY G 682 -19.42 2.66 57.58
N VAL G 683 -20.50 2.69 58.35
CA VAL G 683 -20.45 3.04 59.78
C VAL G 683 -19.68 1.96 60.57
N GLU G 684 -18.83 2.34 61.52
CA GLU G 684 -18.17 1.38 62.40
C GLU G 684 -19.10 0.83 63.48
N ASN G 685 -19.00 -0.45 63.82
CA ASN G 685 -19.91 -1.12 64.75
C ASN G 685 -19.17 -2.17 65.61
N SER G 686 -18.89 -1.86 66.87
CA SER G 686 -18.33 -2.86 67.81
C SER G 686 -19.42 -3.83 68.26
N VAL G 687 -19.34 -5.08 67.80
CA VAL G 687 -20.26 -6.15 68.25
C VAL G 687 -19.97 -6.47 69.72
N ALA G 688 -20.98 -6.44 70.57
CA ALA G 688 -20.84 -6.58 72.03
C ALA G 688 -20.61 -8.04 72.50
N TYR G 689 -19.67 -8.75 71.88
CA TYR G 689 -19.34 -10.14 72.18
C TYR G 689 -18.88 -10.33 73.62
N SER G 690 -19.39 -11.41 74.25
CA SER G 690 -18.76 -12.02 75.45
C SER G 690 -18.91 -13.54 75.36
N ASN G 691 -18.51 -14.25 76.40
CA ASN G 691 -18.53 -15.74 76.41
C ASN G 691 -19.88 -16.23 76.96
N ASN G 692 -20.82 -15.31 77.19
CA ASN G 692 -22.11 -15.66 77.84
C ASN G 692 -23.20 -14.68 77.41
N SER G 693 -23.00 -13.97 76.29
CA SER G 693 -24.04 -13.07 75.77
C SER G 693 -24.51 -13.50 74.39
N ILE G 694 -25.81 -13.61 74.18
CA ILE G 694 -26.41 -13.84 72.86
C ILE G 694 -27.53 -12.85 72.59
N ALA G 695 -27.64 -12.35 71.36
CA ALA G 695 -28.77 -11.54 70.93
C ALA G 695 -29.73 -12.40 70.12
N ILE G 696 -31.04 -12.37 70.42
CA ILE G 696 -32.06 -13.12 69.66
C ILE G 696 -33.10 -12.14 69.12
N PRO G 697 -33.54 -12.24 67.85
CA PRO G 697 -34.59 -11.38 67.29
C PRO G 697 -35.94 -11.65 67.93
N THR G 698 -36.64 -10.59 68.33
CA THR G 698 -38.01 -10.76 68.89
C THR G 698 -39.05 -10.41 67.81
N ASN G 699 -38.60 -9.99 66.63
CA ASN G 699 -39.53 -9.58 65.55
C ASN G 699 -38.83 -9.70 64.20
N PHE G 700 -39.59 -9.51 63.12
CA PHE G 700 -39.12 -9.74 61.73
C PHE G 700 -39.59 -8.59 60.82
N THR G 701 -39.01 -8.50 59.63
CA THR G 701 -39.64 -7.93 58.45
C THR G 701 -39.55 -8.93 57.32
N ILE G 702 -40.65 -9.21 56.64
CA ILE G 702 -40.59 -9.65 55.25
C ILE G 702 -40.08 -8.48 54.39
N SER G 703 -39.19 -8.76 53.46
CA SER G 703 -38.59 -7.78 52.56
C SER G 703 -38.77 -8.24 51.13
N VAL G 704 -38.89 -7.33 50.18
CA VAL G 704 -38.88 -7.67 48.75
C VAL G 704 -37.71 -6.96 48.08
N THR G 705 -36.80 -7.72 47.47
CA THR G 705 -35.60 -7.21 46.83
C THR G 705 -35.66 -7.46 45.34
N THR G 706 -35.67 -6.42 44.53
CA THR G 706 -35.59 -6.53 43.07
C THR G 706 -34.17 -6.90 42.67
N GLU G 707 -34.02 -7.90 41.80
CA GLU G 707 -32.75 -8.19 41.11
C GLU G 707 -33.01 -8.29 39.62
N ILE G 708 -32.11 -7.75 38.80
CA ILE G 708 -32.30 -7.59 37.35
C ILE G 708 -31.16 -8.27 36.63
N LEU G 709 -31.43 -9.13 35.65
CA LEU G 709 -30.40 -9.78 34.83
C LEU G 709 -30.71 -9.65 33.34
N PRO G 710 -29.76 -9.24 32.49
CA PRO G 710 -29.94 -9.33 31.05
C PRO G 710 -29.88 -10.78 30.60
N VAL G 711 -30.56 -11.10 29.49
CA VAL G 711 -30.73 -12.47 28.99
C VAL G 711 -30.44 -12.57 27.50
N SER G 712 -30.76 -11.54 26.71
CA SER G 712 -30.54 -11.53 25.27
C SER G 712 -29.99 -10.19 24.78
N MET G 713 -28.99 -10.23 23.91
CA MET G 713 -28.69 -9.10 23.03
C MET G 713 -29.81 -8.92 21.99
N THR G 714 -29.84 -7.78 21.32
CA THR G 714 -30.65 -7.61 20.11
C THR G 714 -30.07 -8.46 18.99
N LYS G 715 -30.83 -9.42 18.45
CA LYS G 715 -30.35 -10.29 17.35
C LYS G 715 -30.00 -9.45 16.13
N THR G 716 -28.72 -9.37 15.77
CA THR G 716 -28.23 -8.52 14.68
C THR G 716 -27.43 -9.35 13.68
N SER G 717 -27.57 -9.07 12.38
CA SER G 717 -26.83 -9.77 11.33
C SER G 717 -26.41 -8.82 10.22
N VAL G 718 -25.26 -9.10 9.61
CA VAL G 718 -24.64 -8.25 8.59
C VAL G 718 -24.28 -9.10 7.38
N ASP G 719 -24.67 -8.65 6.18
CA ASP G 719 -24.11 -9.19 4.94
C ASP G 719 -22.75 -8.53 4.72
N CYS G 720 -21.68 -9.28 4.93
CA CYS G 720 -20.31 -8.78 4.84
C CYS G 720 -20.01 -8.20 3.46
N THR G 721 -20.56 -8.74 2.38
CA THR G 721 -20.36 -8.17 1.03
C THR G 721 -21.07 -6.83 0.89
N MET G 722 -22.22 -6.65 1.53
CA MET G 722 -23.01 -5.43 1.44
C MET G 722 -22.49 -4.32 2.35
N TYR G 723 -21.91 -4.66 3.49
CA TYR G 723 -21.19 -3.70 4.33
C TYR G 723 -19.85 -3.32 3.69
N ILE G 724 -19.04 -4.29 3.26
CA ILE G 724 -17.71 -4.00 2.72
C ILE G 724 -17.82 -3.33 1.37
N CYS G 725 -18.45 -3.96 0.38
CA CYS G 725 -18.59 -3.43 -0.97
C CYS G 725 -19.84 -2.55 -1.09
N GLY G 726 -21.02 -3.17 -1.05
CA GLY G 726 -22.31 -2.52 -1.31
C GLY G 726 -22.51 -2.24 -2.80
N ASP G 727 -23.43 -2.96 -3.44
CA ASP G 727 -23.84 -2.87 -4.85
C ASP G 727 -22.78 -3.15 -5.93
N SER G 728 -21.53 -2.71 -5.76
CA SER G 728 -20.49 -2.83 -6.78
C SER G 728 -20.10 -4.27 -7.04
N THR G 729 -20.40 -4.76 -8.26
CA THR G 729 -19.96 -6.08 -8.70
C THR G 729 -18.43 -6.13 -8.87
N GLU G 730 -17.80 -5.02 -9.23
CA GLU G 730 -16.35 -4.87 -9.35
C GLU G 730 -15.67 -5.13 -8.00
N CYS G 731 -16.13 -4.42 -6.97
CA CYS G 731 -15.61 -4.55 -5.61
C CYS G 731 -15.94 -5.93 -5.02
N SER G 732 -17.15 -6.43 -5.26
CA SER G 732 -17.54 -7.78 -4.81
C SER G 732 -16.62 -8.86 -5.38
N ASN G 733 -16.24 -8.76 -6.66
CA ASN G 733 -15.24 -9.67 -7.25
C ASN G 733 -13.85 -9.48 -6.62
N LEU G 734 -13.44 -8.25 -6.30
CA LEU G 734 -12.17 -8.01 -5.63
C LEU G 734 -12.14 -8.61 -4.22
N LEU G 735 -13.26 -8.57 -3.49
CA LEU G 735 -13.36 -9.17 -2.15
C LEU G 735 -13.12 -10.67 -2.16
N LEU G 736 -13.44 -11.40 -3.24
CA LEU G 736 -13.18 -12.84 -3.32
C LEU G 736 -11.69 -13.21 -3.13
N GLN G 737 -10.77 -12.28 -3.41
CA GLN G 737 -9.35 -12.51 -3.16
C GLN G 737 -9.01 -12.70 -1.68
N TYR G 738 -9.84 -12.21 -0.75
CA TYR G 738 -9.66 -12.36 0.69
C TYR G 738 -10.22 -13.69 1.23
N GLY G 739 -10.88 -14.48 0.38
CA GLY G 739 -11.37 -15.82 0.72
C GLY G 739 -12.43 -15.82 1.82
N SER G 740 -12.25 -16.71 2.80
CA SER G 740 -13.32 -17.16 3.70
C SER G 740 -13.87 -16.13 4.68
N PHE G 741 -13.23 -14.96 4.88
CA PHE G 741 -13.65 -13.99 5.90
C PHE G 741 -15.11 -13.55 5.76
N CYS G 742 -15.60 -13.31 4.55
CA CYS G 742 -16.99 -12.97 4.30
C CYS G 742 -17.98 -14.00 4.88
N THR G 743 -17.75 -15.29 4.65
CA THR G 743 -18.59 -16.36 5.22
C THR G 743 -18.35 -16.50 6.71
N GLN G 744 -17.09 -16.51 7.15
CA GLN G 744 -16.73 -16.75 8.55
C GLN G 744 -17.30 -15.69 9.49
N LEU G 745 -17.33 -14.41 9.10
CA LEU G 745 -17.90 -13.34 9.91
C LEU G 745 -19.42 -13.39 9.94
N ASN G 746 -20.09 -13.65 8.83
CA ASN G 746 -21.54 -13.85 8.84
C ASN G 746 -21.96 -15.10 9.63
N ARG G 747 -21.16 -16.16 9.61
CA ARG G 747 -21.37 -17.36 10.43
C ARG G 747 -21.25 -17.04 11.92
N ALA G 748 -20.22 -16.29 12.33
CA ALA G 748 -20.06 -15.90 13.74
C ALA G 748 -21.24 -15.06 14.25
N LEU G 749 -21.72 -14.08 13.47
CA LEU G 749 -22.93 -13.33 13.82
C LEU G 749 -24.18 -14.21 13.81
N THR G 750 -24.29 -15.18 12.92
CA THR G 750 -25.42 -16.12 12.96
C THR G 750 -25.38 -16.98 14.23
N GLY G 751 -24.20 -17.44 14.68
CA GLY G 751 -24.06 -18.18 15.93
C GLY G 751 -24.52 -17.36 17.14
N ILE G 752 -24.10 -16.09 17.24
CA ILE G 752 -24.59 -15.17 18.27
C ILE G 752 -26.11 -14.98 18.15
N ALA G 753 -26.62 -14.70 16.95
CA ALA G 753 -28.03 -14.41 16.76
C ALA G 753 -28.93 -15.60 17.14
N VAL G 754 -28.56 -16.81 16.75
CA VAL G 754 -29.29 -18.04 17.13
C VAL G 754 -29.24 -18.27 18.64
N GLU G 755 -28.12 -17.99 19.29
CA GLU G 755 -28.00 -18.19 20.73
C GLU G 755 -28.96 -17.31 21.55
N GLN G 756 -29.40 -16.15 21.04
CA GLN G 756 -30.34 -15.30 21.79
C GLN G 756 -31.70 -15.96 22.01
N ASP G 757 -32.17 -16.73 21.03
CA ASP G 757 -33.39 -17.52 21.20
C ASP G 757 -33.18 -18.65 22.20
N LYS G 758 -32.01 -19.29 22.17
CA LYS G 758 -31.65 -20.34 23.13
C LYS G 758 -31.58 -19.78 24.55
N ASN G 759 -30.91 -18.67 24.81
CA ASN G 759 -30.88 -18.04 26.12
C ASN G 759 -32.29 -17.79 26.65
N THR G 760 -33.15 -17.21 25.83
CA THR G 760 -34.51 -16.86 26.25
C THR G 760 -35.32 -18.10 26.61
N GLN G 761 -35.21 -19.19 25.87
CA GLN G 761 -35.84 -20.45 26.22
C GLN G 761 -35.20 -21.09 27.46
N GLU G 762 -33.88 -21.09 27.59
CA GLU G 762 -33.18 -21.64 28.76
C GLU G 762 -33.59 -20.93 30.06
N VAL G 763 -33.87 -19.62 30.00
CA VAL G 763 -34.34 -18.86 31.15
C VAL G 763 -35.83 -19.07 31.42
N PHE G 764 -36.72 -18.80 30.46
CA PHE G 764 -38.17 -18.77 30.72
C PHE G 764 -38.89 -20.09 30.45
N ALA G 765 -38.51 -20.87 29.45
CA ALA G 765 -39.22 -22.08 29.04
C ALA G 765 -38.88 -23.31 29.91
N GLN G 766 -38.73 -23.11 31.22
CA GLN G 766 -38.50 -24.17 32.19
C GLN G 766 -39.78 -24.93 32.59
N VAL G 767 -40.94 -24.43 32.20
CA VAL G 767 -42.25 -24.92 32.66
C VAL G 767 -42.95 -25.71 31.56
N LYS G 768 -43.38 -26.94 31.87
CA LYS G 768 -43.93 -27.86 30.88
C LYS G 768 -45.34 -27.49 30.38
N GLN G 769 -46.09 -26.76 31.20
CA GLN G 769 -47.50 -26.44 31.01
C GLN G 769 -47.74 -24.98 31.32
N ILE G 770 -48.71 -24.35 30.68
CA ILE G 770 -49.09 -22.98 30.98
C ILE G 770 -50.11 -23.00 32.11
N TYR G 771 -49.62 -23.00 33.35
CA TYR G 771 -50.50 -22.93 34.51
C TYR G 771 -51.29 -21.64 34.52
N LYS G 772 -52.58 -21.72 34.81
CA LYS G 772 -53.49 -20.56 34.84
C LYS G 772 -53.79 -20.18 36.28
N THR G 773 -53.71 -18.90 36.62
CA THR G 773 -54.12 -18.43 37.95
C THR G 773 -55.62 -18.67 38.17
N PRO G 774 -56.05 -19.12 39.35
CA PRO G 774 -57.47 -19.36 39.63
C PRO G 774 -58.30 -18.05 39.61
N PRO G 775 -59.63 -18.14 39.40
CA PRO G 775 -60.50 -16.97 39.35
C PRO G 775 -60.68 -16.27 40.71
N ILE G 776 -60.55 -17.00 41.84
CA ILE G 776 -60.78 -16.48 43.19
C ILE G 776 -59.47 -16.48 44.00
N LYS G 777 -59.11 -15.32 44.54
CA LYS G 777 -57.79 -15.01 45.15
C LYS G 777 -57.75 -15.26 46.67
N ASP G 778 -58.08 -16.47 47.12
CA ASP G 778 -57.98 -16.87 48.53
C ASP G 778 -56.53 -17.18 48.97
N PHE G 779 -55.59 -16.27 48.71
CA PHE G 779 -54.17 -16.41 49.03
C PHE G 779 -53.82 -15.84 50.40
N GLY G 780 -54.65 -16.19 51.40
CA GLY G 780 -54.41 -15.84 52.81
C GLY G 780 -54.02 -14.38 52.99
N GLY G 781 -54.57 -13.48 52.16
CA GLY G 781 -54.38 -12.02 52.34
C GLY G 781 -53.26 -11.49 51.46
N PHE G 782 -52.34 -12.36 51.03
CA PHE G 782 -51.20 -11.95 50.17
C PHE G 782 -51.73 -11.53 48.79
N ASN G 783 -51.45 -10.29 48.38
CA ASN G 783 -52.04 -9.70 47.15
C ASN G 783 -51.00 -9.71 46.01
N PHE G 784 -51.31 -10.39 44.90
CA PHE G 784 -50.35 -10.59 43.78
C PHE G 784 -50.89 -9.91 42.52
N SER G 785 -51.93 -9.08 42.68
CA SER G 785 -52.57 -8.40 41.52
C SER G 785 -51.51 -7.68 40.67
N GLN G 786 -50.61 -6.94 41.32
CA GLN G 786 -49.63 -6.08 40.61
C GLN G 786 -48.71 -6.94 39.75
N ILE G 787 -48.56 -8.23 40.09
CA ILE G 787 -47.56 -9.06 39.41
C ILE G 787 -48.16 -10.23 38.61
N LEU G 788 -49.39 -10.63 38.86
CA LEU G 788 -50.18 -11.44 37.94
C LEU G 788 -50.60 -10.63 36.69
N PRO G 789 -51.04 -11.26 35.60
CA PRO G 789 -51.38 -10.56 34.36
C PRO G 789 -52.50 -9.54 34.54
N ASP G 790 -52.44 -8.44 33.78
CA ASP G 790 -53.56 -7.52 33.58
C ASP G 790 -54.34 -7.95 32.32
N PRO G 791 -55.61 -8.42 32.40
CA PRO G 791 -56.35 -8.85 31.20
C PRO G 791 -56.50 -7.71 30.16
N SER G 792 -56.49 -6.46 30.63
CA SER G 792 -56.56 -5.29 29.73
C SER G 792 -55.14 -4.73 29.49
N LYS G 793 -54.15 -5.63 29.48
CA LYS G 793 -52.74 -5.29 29.10
C LYS G 793 -52.30 -4.03 29.86
N SER G 795 -49.53 -6.15 25.98
CA SER G 795 -49.17 -7.59 25.82
C SER G 795 -49.42 -8.39 27.12
N LYS G 796 -50.64 -8.33 27.66
CA LYS G 796 -51.10 -9.21 28.76
C LYS G 796 -50.02 -9.30 29.84
N ARG G 797 -49.14 -8.29 29.90
CA ARG G 797 -48.15 -8.13 30.96
C ARG G 797 -48.84 -7.85 32.31
N SER G 798 -48.17 -8.14 33.42
CA SER G 798 -48.59 -7.65 34.74
C SER G 798 -48.44 -6.15 34.86
N PHE G 799 -48.90 -5.54 35.96
CA PHE G 799 -48.67 -4.12 36.17
C PHE G 799 -47.18 -3.80 36.30
N ILE G 800 -46.45 -4.51 37.16
CA ILE G 800 -45.01 -4.27 37.33
C ILE G 800 -44.22 -4.60 36.06
N GLU G 801 -44.56 -5.66 35.33
CA GLU G 801 -43.94 -5.89 34.01
C GLU G 801 -44.17 -4.70 33.10
N ASP G 802 -45.32 -4.04 33.13
CA ASP G 802 -45.56 -2.90 32.25
C ASP G 802 -44.75 -1.67 32.62
N LEU G 803 -44.49 -1.40 33.91
CA LEU G 803 -43.55 -0.36 34.32
C LEU G 803 -42.15 -0.66 33.79
N LEU G 804 -41.68 -1.89 33.93
CA LEU G 804 -40.37 -2.30 33.41
C LEU G 804 -40.29 -2.11 31.90
N PHE G 805 -41.34 -2.46 31.15
CA PHE G 805 -41.40 -2.22 29.71
C PHE G 805 -41.47 -0.73 29.34
N ASN G 806 -41.87 0.16 30.24
CA ASN G 806 -41.82 1.60 30.00
C ASN G 806 -40.46 2.24 30.32
N LYS G 807 -39.78 1.81 31.39
CA LYS G 807 -38.53 2.48 31.84
C LYS G 807 -37.31 2.23 30.95
N VAL G 808 -37.23 1.08 30.29
CA VAL G 808 -36.15 0.81 29.31
C VAL G 808 -36.38 1.60 28.01
N THR G 809 -35.30 2.15 27.43
CA THR G 809 -35.31 2.96 26.20
C THR G 809 -34.54 2.26 25.08
N LYS G 836 -29.76 4.31 6.19
CA LYS G 836 -29.87 3.66 7.51
C LYS G 836 -29.45 2.18 7.46
N PHE G 837 -29.99 1.44 6.51
CA PHE G 837 -29.81 -0.01 6.37
C PHE G 837 -28.64 -0.37 5.46
N ASN G 838 -27.42 -0.11 5.93
CA ASN G 838 -26.17 -0.33 5.19
C ASN G 838 -25.73 -1.81 5.14
N GLY G 839 -26.63 -2.73 4.81
CA GLY G 839 -26.42 -4.18 4.88
C GLY G 839 -26.52 -4.78 6.30
N LEU G 840 -26.66 -3.94 7.32
CA LEU G 840 -27.04 -4.31 8.68
C LEU G 840 -28.53 -4.64 8.76
N THR G 841 -28.91 -5.59 9.59
CA THR G 841 -30.31 -5.95 9.88
C THR G 841 -30.49 -6.39 11.33
N VAL G 842 -31.67 -6.15 11.88
CA VAL G 842 -32.11 -6.70 13.18
C VAL G 842 -33.19 -7.74 12.95
N LEU G 843 -32.97 -8.95 13.46
CA LEU G 843 -33.92 -10.06 13.35
C LEU G 843 -34.88 -10.05 14.56
N PRO G 844 -36.12 -10.51 14.41
CA PRO G 844 -37.03 -10.63 15.54
C PRO G 844 -36.60 -11.76 16.49
N PRO G 845 -36.91 -11.67 17.79
CA PRO G 845 -36.76 -12.81 18.70
C PRO G 845 -37.72 -13.94 18.32
N LEU G 846 -37.42 -15.18 18.67
CA LEU G 846 -38.34 -16.30 18.40
C LEU G 846 -39.60 -16.24 19.28
N LEU G 847 -39.45 -15.87 20.55
CA LEU G 847 -40.57 -15.63 21.46
C LEU G 847 -40.84 -14.12 21.53
N THR G 848 -42.04 -13.69 21.20
CA THR G 848 -42.44 -12.28 21.32
C THR G 848 -42.61 -11.89 22.78
N ASP G 849 -42.67 -10.59 23.09
CA ASP G 849 -42.88 -10.15 24.47
C ASP G 849 -44.21 -10.63 25.08
N GLU G 850 -45.23 -10.87 24.27
CA GLU G 850 -46.44 -11.55 24.71
C GLU G 850 -46.16 -13.00 25.13
N MET G 851 -45.36 -13.75 24.39
CA MET G 851 -45.02 -15.12 24.76
C MET G 851 -44.16 -15.16 26.02
N ILE G 852 -43.24 -14.22 26.22
CA ILE G 852 -42.53 -14.13 27.49
C ILE G 852 -43.51 -13.84 28.63
N ALA G 853 -44.49 -12.95 28.44
CA ALA G 853 -45.52 -12.72 29.44
C ALA G 853 -46.39 -13.97 29.70
N GLN G 854 -46.62 -14.86 28.73
CA GLN G 854 -47.24 -16.15 29.02
C GLN G 854 -46.36 -17.04 29.89
N TYR G 855 -45.06 -17.17 29.59
CA TYR G 855 -44.18 -17.97 30.43
C TYR G 855 -43.99 -17.40 31.84
N THR G 856 -43.78 -16.10 32.02
CA THR G 856 -43.70 -15.54 33.38
C THR G 856 -45.03 -15.67 34.09
N SER G 857 -46.17 -15.56 33.41
CA SER G 857 -47.46 -15.90 34.01
C SER G 857 -47.53 -17.36 34.46
N ALA G 858 -47.09 -18.31 33.64
CA ALA G 858 -47.11 -19.73 34.01
C ALA G 858 -46.20 -20.07 35.20
N LEU G 859 -44.96 -19.59 35.19
CA LEU G 859 -44.03 -19.75 36.32
C LEU G 859 -44.63 -19.15 37.59
N LEU G 860 -45.19 -17.96 37.50
CA LEU G 860 -45.76 -17.28 38.64
C LEU G 860 -47.03 -17.97 39.15
N ALA G 861 -47.98 -18.35 38.29
CA ALA G 861 -49.18 -19.04 38.72
C ALA G 861 -48.90 -20.44 39.28
N GLY G 862 -47.88 -21.13 38.78
CA GLY G 862 -47.39 -22.35 39.41
C GLY G 862 -46.85 -22.06 40.81
N THR G 863 -45.99 -21.06 40.94
CA THR G 863 -45.35 -20.68 42.21
C THR G 863 -46.35 -20.24 43.27
N ILE G 864 -47.42 -19.56 42.89
CA ILE G 864 -48.49 -19.16 43.81
C ILE G 864 -49.36 -20.35 44.20
N THR G 865 -49.78 -21.21 43.28
CA THR G 865 -50.73 -22.29 43.61
C THR G 865 -50.11 -23.58 44.13
N SER G 866 -48.82 -23.85 43.91
CA SER G 866 -48.26 -25.20 44.06
C SER G 866 -46.83 -25.27 44.61
N GLY G 867 -46.27 -24.16 45.05
CA GLY G 867 -44.94 -24.10 45.67
C GLY G 867 -43.82 -24.49 44.72
N TRP G 868 -42.94 -25.37 45.22
CA TRP G 868 -41.81 -25.92 44.45
C TRP G 868 -42.26 -27.18 43.66
N THR G 869 -43.45 -27.72 43.96
CA THR G 869 -43.79 -29.06 43.46
C THR G 869 -43.86 -29.14 41.94
N PHE G 870 -44.23 -28.04 41.25
CA PHE G 870 -44.25 -28.00 39.79
C PHE G 870 -42.85 -28.04 39.15
N GLY G 871 -41.79 -27.86 39.95
CA GLY G 871 -40.39 -28.09 39.57
C GLY G 871 -39.93 -29.55 39.64
N ALA G 872 -40.84 -30.49 39.95
CA ALA G 872 -40.61 -31.92 40.00
C ALA G 872 -41.74 -32.69 39.30
N GLY G 873 -42.94 -32.70 39.88
CA GLY G 873 -44.12 -33.42 39.37
C GLY G 873 -45.03 -32.54 38.52
N ALA G 874 -46.32 -32.85 38.50
CA ALA G 874 -47.35 -31.88 38.15
C ALA G 874 -47.50 -30.84 39.28
N ALA G 875 -48.06 -29.66 38.99
CA ALA G 875 -48.28 -28.64 39.99
C ALA G 875 -49.32 -29.09 41.03
N LEU G 876 -48.87 -29.62 42.17
CA LEU G 876 -49.76 -30.04 43.25
C LEU G 876 -50.33 -28.82 43.95
N GLN G 877 -51.65 -28.61 43.96
CA GLN G 877 -52.18 -27.46 44.69
C GLN G 877 -51.86 -27.57 46.18
N ILE G 878 -51.58 -26.44 46.82
CA ILE G 878 -51.46 -26.32 48.27
C ILE G 878 -51.91 -24.91 48.68
N PRO G 879 -52.66 -24.72 49.79
CA PRO G 879 -53.13 -23.41 50.18
C PRO G 879 -51.97 -22.47 50.46
N PHE G 880 -52.00 -21.21 50.03
CA PHE G 880 -50.80 -20.38 50.05
C PHE G 880 -50.28 -20.09 51.46
N ALA G 881 -51.15 -19.96 52.48
CA ALA G 881 -50.70 -19.82 53.85
C ALA G 881 -49.90 -21.05 54.33
N MET G 882 -50.23 -22.26 53.86
CA MET G 882 -49.43 -23.44 54.16
C MET G 882 -48.13 -23.48 53.38
N GLN G 883 -48.11 -23.03 52.13
CA GLN G 883 -46.86 -22.94 51.37
C GLN G 883 -45.88 -22.00 52.04
N MET G 884 -46.33 -20.87 52.57
CA MET G 884 -45.45 -20.02 53.37
C MET G 884 -45.03 -20.69 54.67
N ALA G 885 -45.87 -21.48 55.32
CA ALA G 885 -45.46 -22.20 56.51
C ALA G 885 -44.33 -23.19 56.21
N TYR G 886 -44.38 -23.89 55.08
CA TYR G 886 -43.29 -24.76 54.65
C TYR G 886 -42.02 -23.93 54.38
N ARG G 887 -42.12 -22.78 53.70
CA ARG G 887 -40.96 -21.93 53.42
C ARG G 887 -40.35 -21.30 54.66
N PHE G 888 -41.14 -20.93 55.66
CA PHE G 888 -40.64 -20.55 56.99
C PHE G 888 -39.92 -21.74 57.64
N ASN G 889 -40.50 -22.93 57.60
CA ASN G 889 -39.85 -24.11 58.17
C ASN G 889 -38.48 -24.38 57.51
N GLY G 890 -38.28 -23.96 56.26
CA GLY G 890 -37.02 -24.05 55.55
C GLY G 890 -35.92 -23.09 56.00
N ILE G 891 -36.21 -22.09 56.83
CA ILE G 891 -35.23 -21.14 57.40
C ILE G 891 -35.07 -21.30 58.91
N GLY G 892 -35.45 -22.44 59.47
CA GLY G 892 -35.32 -22.70 60.91
C GLY G 892 -36.28 -21.92 61.81
N VAL G 893 -37.37 -21.38 61.26
CA VAL G 893 -38.44 -20.71 62.00
C VAL G 893 -39.66 -21.63 62.04
N THR G 894 -40.15 -21.98 63.22
CA THR G 894 -41.20 -23.00 63.39
C THR G 894 -42.51 -22.54 62.75
N GLN G 895 -43.30 -23.46 62.18
CA GLN G 895 -44.51 -23.11 61.41
C GLN G 895 -45.44 -22.16 62.14
N ASN G 896 -45.61 -22.29 63.45
CA ASN G 896 -46.53 -21.46 64.22
C ASN G 896 -46.19 -19.97 64.13
N VAL G 897 -44.93 -19.60 63.94
CA VAL G 897 -44.54 -18.19 63.81
C VAL G 897 -45.18 -17.54 62.59
N LEU G 898 -45.48 -18.29 61.52
CA LEU G 898 -46.29 -17.74 60.43
C LEU G 898 -47.75 -17.60 60.85
N TYR G 899 -48.44 -18.67 61.23
CA TYR G 899 -49.88 -18.60 61.44
C TYR G 899 -50.25 -17.65 62.57
N GLU G 900 -49.46 -17.57 63.63
CA GLU G 900 -49.70 -16.60 64.70
C GLU G 900 -49.48 -15.15 64.27
N ASN G 901 -48.87 -14.91 63.11
CA ASN G 901 -48.60 -13.59 62.56
C ASN G 901 -49.09 -13.43 61.11
N GLN G 902 -50.03 -14.26 60.64
CA GLN G 902 -50.34 -14.29 59.20
C GLN G 902 -50.86 -12.94 58.70
N LYS G 903 -51.78 -12.30 59.42
CA LYS G 903 -52.36 -11.03 58.98
C LYS G 903 -51.34 -9.90 58.98
N LEU G 904 -50.42 -9.90 59.94
CA LEU G 904 -49.25 -9.01 59.94
C LEU G 904 -48.34 -9.28 58.75
N ILE G 905 -47.97 -10.53 58.51
CA ILE G 905 -47.06 -10.92 57.42
C ILE G 905 -47.67 -10.58 56.06
N ALA G 906 -48.96 -10.79 55.85
CA ALA G 906 -49.64 -10.37 54.64
C ALA G 906 -49.51 -8.86 54.42
N ASN G 907 -49.75 -8.03 55.45
CA ASN G 907 -49.58 -6.59 55.34
C ASN G 907 -48.14 -6.18 55.04
N GLN G 908 -47.13 -6.85 55.63
CA GLN G 908 -45.74 -6.59 55.29
C GLN G 908 -45.44 -6.94 53.83
N PHE G 909 -45.93 -8.07 53.32
CA PHE G 909 -45.73 -8.41 51.92
C PHE G 909 -46.43 -7.43 50.97
N ASN G 910 -47.72 -7.15 51.18
CA ASN G 910 -48.46 -6.22 50.32
C ASN G 910 -47.83 -4.83 50.30
N SER G 911 -47.42 -4.32 51.47
CA SER G 911 -46.69 -3.05 51.56
C SER G 911 -45.36 -3.10 50.80
N ALA G 912 -44.59 -4.18 50.92
CA ALA G 912 -43.32 -4.33 50.22
C ALA G 912 -43.50 -4.32 48.69
N ILE G 913 -44.47 -5.06 48.15
CA ILE G 913 -44.80 -4.96 46.71
C ILE G 913 -45.22 -3.54 46.34
N GLY G 914 -45.99 -2.86 47.17
CA GLY G 914 -46.34 -1.46 46.97
C GLY G 914 -45.11 -0.57 46.82
N LYS G 915 -44.09 -0.74 47.67
CA LYS G 915 -42.81 0.00 47.54
C LYS G 915 -42.07 -0.35 46.25
N ILE G 916 -42.07 -1.59 45.79
CA ILE G 916 -41.45 -1.92 44.50
C ILE G 916 -42.15 -1.19 43.36
N GLN G 917 -43.47 -1.25 43.33
CA GLN G 917 -44.27 -0.62 42.28
C GLN G 917 -44.08 0.90 42.27
N ASP G 918 -44.08 1.55 43.43
CA ASP G 918 -43.76 2.97 43.56
C ASP G 918 -42.31 3.28 43.18
N SER G 919 -41.32 2.49 43.60
CA SER G 919 -39.92 2.72 43.27
C SER G 919 -39.66 2.65 41.76
N LEU G 920 -40.11 1.58 41.10
CA LEU G 920 -39.99 1.42 39.65
C LEU G 920 -40.80 2.48 38.89
N SER G 921 -41.96 2.90 39.42
CA SER G 921 -42.73 4.00 38.83
C SER G 921 -41.99 5.34 38.93
N SER G 922 -41.39 5.61 40.10
CA SER G 922 -40.77 6.90 40.43
C SER G 922 -39.47 7.18 39.66
N THR G 923 -38.60 6.20 39.46
CA THR G 923 -37.29 6.43 38.81
C THR G 923 -36.91 5.32 37.81
N ALA G 924 -36.38 5.71 36.65
CA ALA G 924 -35.78 4.80 35.68
C ALA G 924 -34.40 4.27 36.11
N SER G 925 -33.76 4.90 37.10
CA SER G 925 -32.37 4.62 37.49
C SER G 925 -32.10 3.18 37.95
N ALA G 926 -33.13 2.43 38.35
CA ALA G 926 -32.98 1.05 38.81
C ALA G 926 -32.59 0.06 37.69
N LEU G 927 -33.00 0.30 36.43
CA LEU G 927 -32.86 -0.66 35.32
C LEU G 927 -31.50 -0.60 34.60
N GLY G 928 -30.47 -0.06 35.24
CA GLY G 928 -29.15 0.12 34.62
C GLY G 928 -28.63 -1.14 33.93
N LYS G 929 -28.76 -2.30 34.58
CA LYS G 929 -28.28 -3.58 34.03
C LYS G 929 -28.89 -3.98 32.69
N LEU G 930 -30.10 -3.53 32.35
CA LEU G 930 -30.69 -3.75 31.03
C LEU G 930 -30.39 -2.60 30.07
N GLN G 931 -30.53 -1.36 30.52
CA GLN G 931 -30.30 -0.20 29.65
C GLN G 931 -28.87 -0.17 29.11
N ASP G 932 -27.89 -0.59 29.92
CA ASP G 932 -26.49 -0.74 29.53
C ASP G 932 -26.33 -1.72 28.35
N VAL G 933 -27.09 -2.81 28.31
CA VAL G 933 -27.02 -3.78 27.20
C VAL G 933 -27.56 -3.20 25.90
N VAL G 934 -28.60 -2.38 25.95
CA VAL G 934 -29.04 -1.63 24.75
C VAL G 934 -27.98 -0.62 24.35
N ASN G 935 -27.51 0.20 25.28
CA ASN G 935 -26.54 1.25 25.00
C ASN G 935 -25.24 0.70 24.40
N GLN G 936 -24.71 -0.42 24.89
CA GLN G 936 -23.49 -1.01 24.33
C GLN G 936 -23.66 -1.50 22.90
N ASN G 937 -24.81 -2.06 22.54
CA ASN G 937 -25.08 -2.43 21.15
C ASN G 937 -25.25 -1.20 20.25
N ALA G 938 -25.92 -0.15 20.70
CA ALA G 938 -26.01 1.09 19.94
C ALA G 938 -24.64 1.75 19.73
N GLN G 939 -23.78 1.83 20.76
CA GLN G 939 -22.41 2.35 20.62
C GLN G 939 -21.56 1.50 19.65
N ALA G 940 -21.72 0.17 19.66
CA ALA G 940 -21.03 -0.69 18.71
C ALA G 940 -21.52 -0.47 17.28
N LEU G 941 -22.83 -0.53 17.01
CA LEU G 941 -23.34 -0.33 15.66
C LEU G 941 -23.13 1.09 15.15
N ASN G 942 -23.38 2.13 15.94
CA ASN G 942 -23.10 3.50 15.50
C ASN G 942 -21.61 3.83 15.43
N THR G 943 -20.71 2.92 15.83
CA THR G 943 -19.30 2.96 15.41
C THR G 943 -19.09 2.19 14.12
N LEU G 944 -19.62 0.96 14.00
CA LEU G 944 -19.49 0.14 12.80
C LEU G 944 -20.02 0.86 11.55
N VAL G 945 -21.18 1.50 11.65
CA VAL G 945 -21.76 2.28 10.54
C VAL G 945 -20.92 3.51 10.27
N LYS G 946 -20.55 4.28 11.30
CA LYS G 946 -19.78 5.50 11.10
C LYS G 946 -18.41 5.24 10.49
N GLN G 947 -17.79 4.10 10.73
CA GLN G 947 -16.55 3.73 10.03
C GLN G 947 -16.70 3.61 8.49
N LEU G 948 -17.90 3.50 7.93
CA LEU G 948 -18.09 3.63 6.48
C LEU G 948 -17.71 5.02 5.96
N SER G 949 -17.79 6.06 6.80
CA SER G 949 -17.34 7.40 6.41
C SER G 949 -15.82 7.58 6.41
N SER G 950 -15.03 6.61 6.87
CA SER G 950 -13.58 6.75 6.96
C SER G 950 -12.87 6.42 5.65
N ASN G 951 -11.78 7.12 5.35
CA ASN G 951 -11.07 7.00 4.07
C ASN G 951 -10.09 5.82 4.00
N PHE G 952 -9.47 5.42 5.11
CA PHE G 952 -8.44 4.36 5.17
C PHE G 952 -7.29 4.55 4.17
N GLY G 953 -7.01 5.78 3.74
CA GLY G 953 -6.00 6.09 2.73
C GLY G 953 -6.44 5.91 1.27
N ALA G 954 -7.72 5.64 1.01
CA ALA G 954 -8.31 5.70 -0.32
C ALA G 954 -8.66 7.15 -0.72
N ILE G 955 -8.98 7.35 -2.00
CA ILE G 955 -9.36 8.66 -2.56
C ILE G 955 -10.69 9.22 -2.02
N SER G 956 -11.62 8.37 -1.58
CA SER G 956 -12.89 8.77 -0.93
C SER G 956 -13.41 7.67 0.01
N SER G 957 -14.22 8.03 0.99
CA SER G 957 -14.96 7.09 1.85
C SER G 957 -16.11 6.38 1.14
N VAL G 958 -16.62 6.94 0.02
CA VAL G 958 -17.79 6.41 -0.69
C VAL G 958 -17.35 5.73 -1.97
N LEU G 959 -17.62 4.43 -2.08
CA LEU G 959 -17.10 3.56 -3.14
C LEU G 959 -17.54 4.00 -4.53
N ASN G 960 -18.77 4.50 -4.66
CA ASN G 960 -19.31 4.99 -5.92
C ASN G 960 -18.47 6.14 -6.50
N ASP G 961 -17.87 6.99 -5.66
CA ASP G 961 -16.99 8.06 -6.14
C ASP G 961 -15.81 7.46 -6.90
N ILE G 962 -15.17 6.45 -6.33
CA ILE G 962 -14.00 5.81 -6.93
C ILE G 962 -14.39 5.23 -8.28
N LEU G 963 -15.46 4.43 -8.32
CA LEU G 963 -15.94 3.77 -9.54
C LEU G 963 -16.40 4.76 -10.62
N SER G 964 -16.90 5.94 -10.23
CA SER G 964 -17.33 6.98 -11.16
C SER G 964 -16.24 7.99 -11.53
N ARG G 965 -15.08 7.98 -10.87
CA ARG G 965 -13.92 8.83 -11.18
C ARG G 965 -12.78 8.08 -11.87
N LEU G 966 -12.65 6.77 -11.66
CA LEU G 966 -11.49 5.99 -12.08
C LEU G 966 -11.88 4.75 -12.91
N ASP G 967 -11.08 4.44 -13.92
CA ASP G 967 -11.32 3.19 -14.70
C ASP G 967 -10.87 2.02 -13.81
N PRO G 968 -11.56 0.85 -13.80
CA PRO G 968 -11.22 -0.28 -12.93
C PRO G 968 -9.73 -0.54 -12.63
N PRO G 969 -8.77 -0.60 -13.58
CA PRO G 969 -7.35 -0.77 -13.25
C PRO G 969 -6.85 0.18 -12.15
N GLU G 970 -6.89 1.49 -12.39
CA GLU G 970 -6.33 2.46 -11.40
C GLU G 970 -7.21 2.47 -10.14
N ALA G 971 -8.51 2.16 -10.27
CA ALA G 971 -9.36 2.08 -9.09
C ALA G 971 -9.00 0.96 -8.11
N GLU G 972 -8.53 -0.20 -8.58
CA GLU G 972 -8.35 -1.39 -7.74
C GLU G 972 -7.46 -1.15 -6.51
N VAL G 973 -6.40 -0.36 -6.63
CA VAL G 973 -5.56 0.00 -5.47
C VAL G 973 -6.36 0.79 -4.42
N GLN G 974 -7.20 1.72 -4.85
CA GLN G 974 -8.06 2.50 -3.95
C GLN G 974 -9.12 1.61 -3.30
N ILE G 975 -9.77 0.75 -4.08
CA ILE G 975 -10.80 -0.16 -3.56
C ILE G 975 -10.17 -1.15 -2.58
N ASP G 976 -8.97 -1.65 -2.82
CA ASP G 976 -8.31 -2.57 -1.90
C ASP G 976 -8.03 -1.94 -0.53
N ARG G 977 -7.73 -0.64 -0.48
CA ARG G 977 -7.60 0.08 0.80
C ARG G 977 -8.93 0.14 1.53
N LEU G 978 -10.03 0.50 0.85
CA LEU G 978 -11.35 0.47 1.46
C LEU G 978 -11.77 -0.93 1.91
N ILE G 979 -11.51 -1.96 1.10
CA ILE G 979 -11.78 -3.34 1.50
C ILE G 979 -11.03 -3.66 2.77
N THR G 980 -9.72 -3.41 2.82
CA THR G 980 -8.92 -3.73 4.01
C THR G 980 -9.42 -2.99 5.25
N GLY G 981 -9.72 -1.70 5.13
CA GLY G 981 -10.25 -0.90 6.23
C GLY G 981 -11.61 -1.37 6.72
N ARG G 982 -12.59 -1.51 5.82
CA ARG G 982 -13.94 -1.95 6.18
C ARG G 982 -13.93 -3.38 6.71
N LEU G 983 -13.11 -4.27 6.15
CA LEU G 983 -12.94 -5.63 6.65
C LEU G 983 -12.37 -5.66 8.06
N GLN G 984 -11.30 -4.91 8.34
CA GLN G 984 -10.74 -4.82 9.70
C GLN G 984 -11.73 -4.20 10.69
N SER G 985 -12.53 -3.23 10.26
CA SER G 985 -13.63 -2.67 11.06
C SER G 985 -14.67 -3.73 11.40
N LEU G 986 -15.14 -4.51 10.42
CA LEU G 986 -16.09 -5.58 10.66
C LEU G 986 -15.52 -6.70 11.53
N GLN G 987 -14.27 -7.12 11.32
CA GLN G 987 -13.61 -8.10 12.19
C GLN G 987 -13.54 -7.65 13.64
N THR G 988 -13.29 -6.36 13.87
CA THR G 988 -13.26 -5.80 15.23
C THR G 988 -14.65 -5.87 15.85
N TYR G 989 -15.68 -5.43 15.15
CA TYR G 989 -17.06 -5.52 15.64
C TYR G 989 -17.46 -6.96 15.95
N VAL G 990 -17.28 -7.90 15.03
CA VAL G 990 -17.68 -9.30 15.28
C VAL G 990 -16.90 -9.92 16.43
N THR G 991 -15.61 -9.60 16.57
CA THR G 991 -14.82 -10.10 17.70
C THR G 991 -15.36 -9.57 19.02
N GLN G 992 -15.69 -8.28 19.11
CA GLN G 992 -16.24 -7.73 20.33
C GLN G 992 -17.66 -8.23 20.61
N GLN G 993 -18.49 -8.45 19.60
CA GLN G 993 -19.79 -9.07 19.81
C GLN G 993 -19.69 -10.53 20.25
N LEU G 994 -18.72 -11.32 19.79
CA LEU G 994 -18.53 -12.67 20.35
C LEU G 994 -18.24 -12.60 21.85
N ILE G 995 -17.37 -11.69 22.28
CA ILE G 995 -17.02 -11.56 23.70
C ILE G 995 -18.21 -11.04 24.51
N ARG G 996 -18.92 -10.02 24.02
CA ARG G 996 -20.13 -9.51 24.68
C ARG G 996 -21.22 -10.58 24.76
N ALA G 997 -21.46 -11.33 23.69
CA ALA G 997 -22.41 -12.43 23.71
C ALA G 997 -22.02 -13.53 24.71
N ALA G 998 -20.73 -13.81 24.88
CA ALA G 998 -20.28 -14.73 25.92
C ALA G 998 -20.54 -14.19 27.33
N GLU G 999 -20.43 -12.90 27.56
CA GLU G 999 -20.82 -12.29 28.84
C GLU G 999 -22.34 -12.39 29.08
N ILE G 1000 -23.16 -12.12 28.07
CA ILE G 1000 -24.61 -12.29 28.16
C ILE G 1000 -24.98 -13.76 28.36
N ARG G 1001 -24.29 -14.73 27.77
CA ARG G 1001 -24.50 -16.16 28.08
C ARG G 1001 -24.23 -16.44 29.55
N ALA G 1002 -23.17 -15.89 30.14
CA ALA G 1002 -22.91 -16.07 31.56
C ALA G 1002 -24.07 -15.51 32.41
N SER G 1003 -24.60 -14.35 32.04
CA SER G 1003 -25.79 -13.78 32.67
C SER G 1003 -27.06 -14.60 32.44
N ALA G 1004 -27.29 -15.14 31.25
CA ALA G 1004 -28.45 -16.00 30.99
C ALA G 1004 -28.37 -17.34 31.73
N ASN G 1005 -27.21 -17.95 31.86
CA ASN G 1005 -27.05 -19.13 32.70
C ASN G 1005 -27.25 -18.80 34.17
N LEU G 1006 -26.78 -17.66 34.65
CA LEU G 1006 -27.07 -17.22 36.02
C LEU G 1006 -28.57 -17.02 36.20
N ALA G 1007 -29.27 -16.36 35.28
CA ALA G 1007 -30.71 -16.21 35.33
C ALA G 1007 -31.43 -17.55 35.30
N ALA G 1008 -31.04 -18.49 34.46
CA ALA G 1008 -31.64 -19.83 34.45
C ALA G 1008 -31.39 -20.58 35.76
N THR G 1009 -30.24 -20.35 36.39
CA THR G 1009 -29.93 -20.92 37.71
C THR G 1009 -30.81 -20.30 38.78
N LYS G 1010 -30.96 -18.97 38.81
CA LYS G 1010 -31.88 -18.32 39.76
C LYS G 1010 -33.33 -18.69 39.48
N MET G 1011 -33.74 -18.86 38.23
CA MET G 1011 -35.07 -19.35 37.91
C MET G 1011 -35.28 -20.76 38.50
N SER G 1012 -34.32 -21.64 38.32
CA SER G 1012 -34.38 -23.02 38.80
C SER G 1012 -34.39 -23.13 40.32
N GLU G 1013 -33.55 -22.36 41.01
CA GLU G 1013 -33.40 -22.47 42.47
C GLU G 1013 -34.30 -21.52 43.24
N CYS G 1014 -34.38 -20.24 42.85
CA CYS G 1014 -35.08 -19.22 43.61
C CYS G 1014 -36.59 -19.20 43.37
N VAL G 1015 -37.06 -19.63 42.20
CA VAL G 1015 -38.49 -19.65 41.88
C VAL G 1015 -39.05 -21.04 42.12
N LEU G 1016 -38.55 -22.04 41.39
CA LEU G 1016 -39.00 -23.44 41.44
C LEU G 1016 -38.63 -24.18 42.73
N GLY G 1017 -37.99 -23.54 43.70
CA GLY G 1017 -37.45 -24.18 44.90
C GLY G 1017 -37.35 -23.22 46.09
N GLN G 1018 -36.40 -23.45 46.98
CA GLN G 1018 -36.02 -22.49 48.02
C GLN G 1018 -34.51 -22.58 48.25
N SER G 1019 -33.76 -21.57 47.85
CA SER G 1019 -32.31 -21.53 48.06
C SER G 1019 -31.96 -21.50 49.55
N LYS G 1020 -30.99 -22.32 49.95
CA LYS G 1020 -30.33 -22.27 51.26
C LYS G 1020 -28.88 -21.78 51.15
N ARG G 1021 -28.63 -21.02 50.07
CA ARG G 1021 -27.29 -20.45 49.76
C ARG G 1021 -27.32 -18.97 50.14
N VAL G 1022 -26.53 -18.59 51.16
CA VAL G 1022 -26.68 -17.26 51.76
C VAL G 1022 -26.34 -16.16 50.77
N ASP G 1023 -27.19 -15.14 50.70
CA ASP G 1023 -27.04 -13.97 49.82
C ASP G 1023 -26.92 -14.29 48.32
N PHE G 1024 -27.40 -15.46 47.86
CA PHE G 1024 -27.64 -15.72 46.44
C PHE G 1024 -28.95 -15.10 45.93
N CYS G 1025 -29.90 -14.80 46.83
CA CYS G 1025 -31.27 -14.41 46.50
C CYS G 1025 -31.66 -13.09 47.18
N GLY G 1026 -30.77 -12.09 47.10
CA GLY G 1026 -30.87 -10.87 47.90
C GLY G 1026 -30.63 -11.12 49.40
N LYS G 1027 -30.38 -10.04 50.15
CA LYS G 1027 -30.10 -10.11 51.58
C LYS G 1027 -31.29 -10.64 52.38
N GLY G 1028 -31.01 -11.27 53.52
CA GLY G 1028 -31.99 -11.98 54.34
C GLY G 1028 -32.03 -13.47 54.03
N TYR G 1029 -32.76 -14.23 54.85
CA TYR G 1029 -33.05 -15.62 54.55
C TYR G 1029 -34.08 -15.70 53.43
N HIS G 1030 -33.87 -16.54 52.42
CA HIS G 1030 -34.76 -16.59 51.25
C HIS G 1030 -36.06 -17.33 51.52
N LEU G 1031 -37.19 -16.79 51.08
CA LEU G 1031 -38.49 -17.47 51.16
C LEU G 1031 -38.97 -17.97 49.81
N MET G 1032 -39.07 -17.10 48.81
CA MET G 1032 -39.49 -17.42 47.44
C MET G 1032 -39.12 -16.26 46.53
N SER G 1033 -39.23 -16.41 45.22
CA SER G 1033 -39.08 -15.25 44.34
C SER G 1033 -40.03 -15.34 43.18
N PHE G 1034 -40.47 -14.20 42.68
CA PHE G 1034 -41.39 -14.13 41.56
C PHE G 1034 -40.66 -13.56 40.35
N PRO G 1035 -40.59 -14.26 39.22
CA PRO G 1035 -40.01 -13.71 38.01
C PRO G 1035 -41.00 -12.76 37.35
N GLN G 1036 -40.51 -11.68 36.77
CA GLN G 1036 -41.26 -10.74 35.95
C GLN G 1036 -40.44 -10.49 34.70
N SER G 1037 -41.07 -10.43 33.54
CA SER G 1037 -40.39 -10.14 32.28
C SER G 1037 -39.94 -8.70 32.22
N ALA G 1038 -38.86 -8.43 31.50
CA ALA G 1038 -38.43 -7.09 31.13
C ALA G 1038 -37.79 -7.15 29.75
N PRO G 1039 -37.78 -6.08 28.95
CA PRO G 1039 -37.24 -6.15 27.60
C PRO G 1039 -35.76 -6.53 27.67
N HIS G 1040 -35.37 -7.58 26.94
CA HIS G 1040 -34.02 -8.16 26.93
C HIS G 1040 -33.51 -8.75 28.24
N GLY G 1041 -34.38 -9.00 29.23
CA GLY G 1041 -33.93 -9.54 30.51
C GLY G 1041 -35.04 -10.13 31.37
N VAL G 1042 -34.71 -10.40 32.63
CA VAL G 1042 -35.64 -10.87 33.64
C VAL G 1042 -35.44 -10.10 34.92
N VAL G 1043 -36.52 -9.85 35.64
CA VAL G 1043 -36.51 -9.20 36.94
C VAL G 1043 -37.04 -10.18 37.95
N PHE G 1044 -36.30 -10.47 39.01
CA PHE G 1044 -36.76 -11.30 40.10
C PHE G 1044 -37.19 -10.40 41.25
N LEU G 1045 -38.36 -10.61 41.79
CA LEU G 1045 -38.76 -10.03 43.07
C LEU G 1045 -38.48 -11.07 44.16
N HIS G 1046 -37.28 -11.08 44.73
CA HIS G 1046 -36.94 -12.00 45.81
C HIS G 1046 -37.66 -11.60 47.07
N VAL G 1047 -38.35 -12.52 47.73
CA VAL G 1047 -39.02 -12.28 49.01
C VAL G 1047 -38.18 -12.91 50.10
N THR G 1048 -37.72 -12.14 51.06
CA THR G 1048 -36.76 -12.60 52.06
C THR G 1048 -37.20 -12.23 53.47
N TYR G 1049 -37.00 -13.13 54.42
CA TYR G 1049 -37.19 -12.88 55.84
C TYR G 1049 -35.94 -12.18 56.36
N VAL G 1050 -36.08 -11.03 57.02
CA VAL G 1050 -34.98 -10.34 57.70
C VAL G 1050 -35.34 -10.19 59.18
N PRO G 1051 -34.57 -10.72 60.12
CA PRO G 1051 -34.82 -10.52 61.55
C PRO G 1051 -34.54 -9.07 61.95
N ALA G 1052 -35.34 -8.49 62.87
CA ALA G 1052 -35.46 -7.03 62.92
C ALA G 1052 -35.39 -6.33 64.29
N GLN G 1053 -35.65 -7.00 65.41
CA GLN G 1053 -35.68 -6.35 66.73
C GLN G 1053 -35.08 -7.22 67.82
N GLU G 1054 -33.75 -7.28 67.89
CA GLU G 1054 -33.05 -8.13 68.83
C GLU G 1054 -33.05 -7.61 70.27
N LYS G 1055 -33.04 -8.55 71.22
CA LYS G 1055 -32.75 -8.24 72.64
C LYS G 1055 -31.57 -9.10 73.10
N ASN G 1056 -30.80 -8.60 74.07
CA ASN G 1056 -29.57 -9.29 74.54
C ASN G 1056 -29.94 -10.19 75.72
N PHE G 1057 -29.52 -11.46 75.67
CA PHE G 1057 -29.84 -12.43 76.76
C PHE G 1057 -28.56 -13.11 77.23
N THR G 1058 -28.48 -13.41 78.53
CA THR G 1058 -27.48 -14.33 79.06
C THR G 1058 -27.74 -15.73 78.50
N THR G 1059 -26.70 -16.52 78.25
CA THR G 1059 -26.81 -17.86 77.68
C THR G 1059 -25.73 -18.80 78.21
N ALA G 1060 -25.91 -20.10 78.08
CA ALA G 1060 -24.95 -21.12 78.44
C ALA G 1060 -25.07 -22.31 77.49
N PRO G 1061 -23.98 -23.00 77.11
CA PRO G 1061 -24.02 -24.03 76.09
C PRO G 1061 -24.80 -25.27 76.48
N ALA G 1062 -24.85 -25.57 77.78
CA ALA G 1062 -25.50 -26.73 78.36
C ALA G 1062 -25.98 -26.38 79.77
N ILE G 1063 -26.87 -27.16 80.35
CA ILE G 1063 -27.26 -26.97 81.75
C ILE G 1063 -27.20 -28.28 82.53
N CYS G 1064 -26.85 -28.19 83.81
CA CYS G 1064 -26.77 -29.42 84.65
C CYS G 1064 -28.14 -29.69 85.27
N HIS G 1065 -28.48 -30.95 85.54
CA HIS G 1065 -29.68 -31.24 86.33
C HIS G 1065 -29.41 -32.18 87.50
N ASP G 1066 -28.59 -33.21 87.29
CA ASP G 1066 -28.17 -34.21 88.29
C ASP G 1066 -26.82 -34.81 87.90
N GLY G 1067 -25.80 -33.97 87.68
CA GLY G 1067 -24.47 -34.38 87.20
C GLY G 1067 -24.42 -34.80 85.72
N LYS G 1068 -25.57 -35.19 85.15
CA LYS G 1068 -25.85 -35.23 83.71
C LYS G 1068 -26.00 -33.82 83.15
N ALA G 1069 -25.53 -33.60 81.93
CA ALA G 1069 -25.67 -32.33 81.23
C ALA G 1069 -26.74 -32.42 80.15
N HIS G 1070 -27.63 -31.45 80.09
CA HIS G 1070 -28.69 -31.30 79.09
C HIS G 1070 -28.31 -30.25 78.06
N PHE G 1071 -28.53 -30.54 76.79
CA PHE G 1071 -28.31 -29.65 75.64
C PHE G 1071 -29.65 -29.41 74.92
N PRO G 1072 -29.87 -28.28 74.24
CA PRO G 1072 -31.12 -28.02 73.55
C PRO G 1072 -31.29 -29.00 72.39
N ARG G 1073 -32.46 -29.62 72.21
CA ARG G 1073 -32.66 -30.61 71.13
C ARG G 1073 -32.50 -29.96 69.76
N GLU G 1074 -33.15 -28.82 69.59
CA GLU G 1074 -32.79 -27.82 68.58
C GLU G 1074 -33.17 -26.42 69.10
N GLY G 1075 -32.41 -25.41 68.72
CA GLY G 1075 -32.50 -24.09 69.35
C GLY G 1075 -31.45 -23.88 70.44
N VAL G 1076 -31.70 -22.95 71.38
CA VAL G 1076 -30.67 -22.29 72.19
C VAL G 1076 -31.16 -22.06 73.60
N PHE G 1077 -30.32 -22.17 74.63
CA PHE G 1077 -30.69 -21.74 75.97
C PHE G 1077 -30.48 -20.24 76.16
N VAL G 1078 -31.41 -19.58 76.85
CA VAL G 1078 -31.31 -18.16 77.19
C VAL G 1078 -31.90 -17.89 78.55
N SER G 1079 -31.46 -16.78 79.14
CA SER G 1079 -31.98 -16.30 80.46
C SER G 1079 -32.39 -14.83 80.33
N ASN G 1080 -33.45 -14.42 81.05
CA ASN G 1080 -33.78 -12.98 81.18
C ASN G 1080 -33.01 -12.41 82.38
N GLY G 1081 -32.20 -13.24 83.02
CA GLY G 1081 -31.55 -12.89 84.29
C GLY G 1081 -32.30 -13.49 85.47
N THR G 1082 -33.58 -13.83 85.27
CA THR G 1082 -34.42 -14.28 86.41
C THR G 1082 -35.01 -15.69 86.24
N HIS G 1083 -35.03 -16.21 85.03
CA HIS G 1083 -35.54 -17.53 84.65
C HIS G 1083 -34.62 -18.15 83.58
N TRP G 1084 -34.77 -19.42 83.25
CA TRP G 1084 -34.08 -20.02 82.11
C TRP G 1084 -35.07 -20.67 81.14
N PHE G 1085 -34.81 -20.51 79.85
CA PHE G 1085 -35.68 -20.89 78.75
C PHE G 1085 -34.88 -21.50 77.62
N VAL G 1086 -35.55 -22.19 76.71
CA VAL G 1086 -35.00 -22.61 75.41
C VAL G 1086 -35.81 -21.97 74.31
N THR G 1087 -35.19 -21.50 73.23
CA THR G 1087 -35.89 -20.90 72.09
C THR G 1087 -35.39 -21.46 70.78
N GLN G 1088 -36.20 -21.45 69.72
CA GLN G 1088 -35.66 -21.54 68.35
C GLN G 1088 -34.67 -20.38 68.11
N ARG G 1089 -33.67 -20.53 67.25
CA ARG G 1089 -32.57 -19.55 67.19
C ARG G 1089 -32.89 -18.25 66.44
N ASN G 1090 -33.79 -18.27 65.45
CA ASN G 1090 -34.05 -17.11 64.57
C ASN G 1090 -35.22 -16.21 65.00
N PHE G 1091 -35.99 -16.56 66.02
CA PHE G 1091 -37.14 -15.79 66.50
C PHE G 1091 -37.49 -16.15 67.93
N TYR G 1092 -37.39 -15.21 68.86
CA TYR G 1092 -37.54 -15.45 70.28
C TYR G 1092 -38.91 -16.03 70.62
N GLU G 1093 -38.91 -17.20 71.26
CA GLU G 1093 -40.10 -17.87 71.77
C GLU G 1093 -39.68 -18.73 72.97
N PRO G 1094 -39.74 -18.20 74.20
CA PRO G 1094 -39.21 -18.86 75.37
C PRO G 1094 -40.10 -20.01 75.80
N GLN G 1095 -39.70 -21.23 75.45
CA GLN G 1095 -40.27 -22.44 76.03
C GLN G 1095 -39.60 -22.75 77.36
N ILE G 1096 -40.34 -23.39 78.27
CA ILE G 1096 -39.78 -23.93 79.52
C ILE G 1096 -38.82 -25.07 79.17
N ILE G 1097 -37.75 -25.23 79.95
CA ILE G 1097 -36.75 -26.25 79.66
C ILE G 1097 -37.23 -27.60 80.18
N THR G 1098 -37.39 -28.58 79.30
CA THR G 1098 -37.95 -29.88 79.64
C THR G 1098 -37.14 -31.03 79.05
N THR G 1099 -37.33 -32.23 79.60
CA THR G 1099 -36.69 -33.47 79.14
C THR G 1099 -37.11 -33.93 77.73
N ASP G 1100 -38.08 -33.30 77.07
CA ASP G 1100 -38.33 -33.48 75.62
C ASP G 1100 -37.77 -32.31 74.78
N ASN G 1101 -37.77 -31.07 75.28
CA ASN G 1101 -37.13 -29.93 74.61
C ASN G 1101 -35.58 -30.02 74.60
N THR G 1102 -35.01 -30.96 75.33
CA THR G 1102 -33.56 -31.15 75.54
C THR G 1102 -33.15 -32.61 75.41
N PHE G 1103 -31.84 -32.87 75.26
CA PHE G 1103 -31.28 -34.21 75.27
C PHE G 1103 -30.03 -34.28 76.15
N VAL G 1104 -29.73 -35.45 76.70
CA VAL G 1104 -28.62 -35.65 77.65
C VAL G 1104 -27.37 -36.13 76.92
N SER G 1105 -26.19 -35.66 77.33
CA SER G 1105 -24.94 -36.38 77.06
C SER G 1105 -23.83 -36.08 78.07
N GLY G 1106 -22.90 -37.01 78.27
CA GLY G 1106 -21.71 -36.79 79.10
C GLY G 1106 -22.02 -36.50 80.57
N ASN G 1107 -21.19 -35.68 81.19
CA ASN G 1107 -21.30 -35.23 82.58
C ASN G 1107 -20.87 -33.77 82.74
N CYS G 1108 -21.35 -33.11 83.79
CA CYS G 1108 -21.12 -31.64 83.92
C CYS G 1108 -19.62 -31.28 83.81
N ASP G 1109 -18.75 -32.12 84.39
CA ASP G 1109 -17.33 -31.77 84.48
C ASP G 1109 -16.74 -31.27 83.14
N VAL G 1110 -17.24 -31.77 82.01
CA VAL G 1110 -16.52 -31.68 80.72
C VAL G 1110 -16.83 -30.40 79.96
N VAL G 1111 -18.10 -29.98 79.92
CA VAL G 1111 -18.55 -28.81 79.17
C VAL G 1111 -18.00 -27.52 79.81
N ILE G 1112 -17.35 -26.66 79.05
CA ILE G 1112 -16.93 -25.33 79.51
C ILE G 1112 -18.16 -24.41 79.59
N GLY G 1113 -18.34 -23.69 80.70
CA GLY G 1113 -19.41 -22.69 80.82
C GLY G 1113 -20.82 -23.23 81.05
N ILE G 1114 -20.98 -24.53 81.35
CA ILE G 1114 -22.24 -25.11 81.81
C ILE G 1114 -22.78 -24.40 83.06
N VAL G 1115 -24.11 -24.33 83.20
CA VAL G 1115 -24.72 -23.71 84.42
C VAL G 1115 -25.54 -24.76 85.17
N ASN G 1116 -25.82 -24.50 86.45
CA ASN G 1116 -26.58 -25.45 87.31
C ASN G 1116 -28.06 -25.07 87.29
N ASN G 1117 -28.89 -25.82 86.57
CA ASN G 1117 -30.32 -25.42 86.41
C ASN G 1117 -31.25 -26.60 86.77
N THR G 1118 -32.55 -26.33 86.77
CA THR G 1118 -33.63 -27.34 86.83
C THR G 1118 -34.19 -27.62 85.44
N VAL G 1119 -34.29 -28.90 85.06
CA VAL G 1119 -35.08 -29.34 83.89
C VAL G 1119 -36.37 -30.01 84.36
N TYR G 1120 -37.50 -29.49 83.88
CA TYR G 1120 -38.84 -30.07 84.17
C TYR G 1120 -38.98 -31.40 83.42
N ASP G 1121 -39.63 -32.39 84.06
CA ASP G 1121 -39.87 -33.68 83.41
C ASP G 1121 -41.39 -33.93 83.23
N PRO G 1122 -41.94 -33.97 81.99
CA PRO G 1122 -43.38 -33.94 81.78
C PRO G 1122 -44.16 -35.12 82.36
N LEU G 1123 -43.52 -36.28 82.54
CA LEU G 1123 -44.12 -37.45 83.16
C LEU G 1123 -44.31 -37.31 84.68
N GLN G 1124 -43.43 -36.59 85.36
CA GLN G 1124 -43.38 -36.57 86.83
C GLN G 1124 -44.68 -36.13 87.52
N PRO G 1125 -45.40 -35.10 87.05
CA PRO G 1125 -46.71 -34.74 87.58
C PRO G 1125 -47.78 -35.82 87.40
N GLU G 1126 -47.72 -36.60 86.31
CA GLU G 1126 -48.66 -37.69 86.07
C GLU G 1126 -48.36 -38.89 86.97
N LEU G 1127 -47.09 -39.22 87.17
CA LEU G 1127 -46.65 -40.19 88.18
C LEU G 1127 -47.01 -39.75 89.62
N ASP G 1128 -47.17 -38.44 89.85
CA ASP G 1128 -47.66 -37.86 91.10
C ASP G 1128 -49.19 -37.93 91.31
N SER G 1129 -49.98 -38.36 90.31
CA SER G 1129 -51.43 -38.49 90.45
C SER G 1129 -51.84 -39.60 91.42
N ALA H 12 46.72 -29.27 15.27
CA ALA H 12 46.44 -29.43 16.72
C ALA H 12 45.31 -28.48 17.17
N TYR H 13 44.54 -28.85 18.20
CA TYR H 13 43.35 -28.13 18.65
C TYR H 13 43.28 -27.94 20.17
N THR H 14 42.44 -27.02 20.63
CA THR H 14 42.13 -26.78 22.05
C THR H 14 40.70 -26.24 22.23
N ASN H 15 40.10 -26.51 23.38
CA ASN H 15 38.77 -26.05 23.77
C ASN H 15 38.73 -24.52 24.01
N SER H 16 37.82 -23.78 23.37
CA SER H 16 37.62 -22.34 23.59
C SER H 16 36.83 -21.97 24.86
N PHE H 17 36.24 -22.95 25.56
CA PHE H 17 35.38 -22.76 26.72
C PHE H 17 34.27 -21.72 26.47
N THR H 18 34.40 -20.51 27.03
CA THR H 18 33.41 -19.43 26.95
C THR H 18 34.02 -18.09 26.53
N ARG H 19 35.19 -18.11 25.88
CA ARG H 19 35.88 -16.90 25.38
C ARG H 19 35.31 -16.43 24.03
N GLY H 20 35.68 -15.21 23.62
CA GLY H 20 35.28 -14.65 22.33
C GLY H 20 33.93 -13.93 22.30
N VAL H 21 33.30 -13.67 23.45
CA VAL H 21 32.19 -12.71 23.57
C VAL H 21 32.75 -11.27 23.46
N TYR H 22 32.03 -10.36 22.80
CA TYR H 22 32.41 -8.95 22.68
C TYR H 22 31.19 -8.05 22.72
N TYR H 23 31.34 -6.78 23.12
CA TYR H 23 30.23 -5.84 23.19
C TYR H 23 29.66 -5.57 21.78
N PRO H 24 28.42 -5.98 21.48
CA PRO H 24 27.89 -5.95 20.12
C PRO H 24 27.52 -4.55 19.64
N ASP H 25 27.24 -3.63 20.56
CA ASP H 25 26.83 -2.25 20.30
C ASP H 25 27.31 -1.32 21.43
N LYS H 26 27.38 -0.01 21.14
CA LYS H 26 27.84 1.03 22.06
C LYS H 26 26.78 1.43 23.10
N VAL H 27 26.04 0.45 23.64
CA VAL H 27 24.89 0.69 24.52
C VAL H 27 25.17 0.21 25.94
N PHE H 28 24.99 1.09 26.92
CA PHE H 28 24.88 0.74 28.33
C PHE H 28 23.55 0.04 28.62
N ARG H 29 23.59 -1.02 29.41
CA ARG H 29 22.43 -1.73 29.94
C ARG H 29 22.79 -2.14 31.36
N SER H 30 21.84 -2.27 32.28
CA SER H 30 22.16 -2.66 33.66
C SER H 30 21.18 -3.63 34.28
N SER H 31 21.71 -4.57 35.08
CA SER H 31 20.96 -5.59 35.82
C SER H 31 19.95 -6.37 34.95
N VAL H 32 20.33 -6.69 33.72
CA VAL H 32 19.40 -7.11 32.66
C VAL H 32 20.01 -8.17 31.74
N LEU H 33 19.15 -8.96 31.12
CA LEU H 33 19.49 -9.94 30.09
C LEU H 33 19.05 -9.41 28.73
N HIS H 34 19.96 -9.33 27.76
CA HIS H 34 19.68 -8.87 26.41
C HIS H 34 20.15 -9.90 25.39
N SER H 35 19.49 -10.02 24.25
CA SER H 35 19.82 -11.02 23.23
C SER H 35 20.06 -10.40 21.86
N THR H 36 21.01 -10.97 21.12
CA THR H 36 21.50 -10.46 19.84
C THR H 36 21.89 -11.60 18.91
N GLN H 37 21.80 -11.40 17.60
CA GLN H 37 22.32 -12.31 16.60
C GLN H 37 23.38 -11.60 15.75
N ASP H 38 24.59 -12.17 15.70
CA ASP H 38 25.75 -11.59 15.04
C ASP H 38 26.83 -12.65 14.81
N LEU H 39 27.92 -12.28 14.15
CA LEU H 39 29.10 -13.14 14.08
C LEU H 39 29.76 -13.23 15.47
N PHE H 40 29.84 -14.43 16.06
CA PHE H 40 30.46 -14.69 17.36
C PHE H 40 31.24 -16.02 17.36
N LEU H 41 32.23 -16.18 18.23
CA LEU H 41 32.89 -17.48 18.41
C LEU H 41 31.95 -18.41 19.19
N PRO H 42 31.62 -19.62 18.69
CA PRO H 42 30.80 -20.57 19.44
C PRO H 42 31.47 -21.01 20.75
N PHE H 43 30.69 -21.22 21.81
CA PHE H 43 31.21 -21.83 23.04
C PHE H 43 31.71 -23.25 22.77
N PHE H 44 32.72 -23.69 23.53
CA PHE H 44 33.33 -25.02 23.47
C PHE H 44 33.83 -25.44 22.06
N SER H 45 34.06 -24.50 21.17
CA SER H 45 34.63 -24.71 19.84
C SER H 45 36.11 -25.11 19.90
N ASN H 46 36.58 -25.90 18.93
CA ASN H 46 38.00 -26.19 18.75
C ASN H 46 38.71 -24.99 18.11
N VAL H 47 39.47 -24.22 18.89
CA VAL H 47 40.47 -23.30 18.35
C VAL H 47 41.70 -24.08 17.89
N THR H 48 42.39 -23.60 16.87
CA THR H 48 43.67 -24.18 16.42
C THR H 48 44.80 -23.75 17.37
N TRP H 49 45.56 -24.71 17.90
CA TRP H 49 46.70 -24.48 18.78
C TRP H 49 47.96 -24.10 17.98
N PHE H 50 48.73 -23.12 18.45
CA PHE H 50 49.99 -22.69 17.87
C PHE H 50 51.00 -22.24 18.94
N HIS H 51 52.29 -22.25 18.58
CA HIS H 51 53.40 -21.69 19.36
C HIS H 51 54.58 -21.34 18.46
N ASN H 66 51.28 -20.32 13.15
CA ASN H 66 52.45 -19.70 12.53
C ASN H 66 52.31 -19.30 11.03
N PRO H 67 51.59 -20.04 10.15
CA PRO H 67 51.51 -19.70 8.72
C PRO H 67 50.50 -18.56 8.44
N VAL H 68 50.36 -18.19 7.16
CA VAL H 68 49.17 -17.45 6.68
C VAL H 68 47.92 -18.31 6.88
N LEU H 69 46.81 -17.69 7.29
CA LEU H 69 45.54 -18.36 7.60
C LEU H 69 44.36 -17.66 6.90
N PRO H 70 43.25 -18.37 6.61
CA PRO H 70 42.04 -17.76 6.10
C PRO H 70 41.42 -16.83 7.15
N PHE H 71 40.63 -15.85 6.71
CA PHE H 71 39.84 -14.96 7.58
C PHE H 71 38.42 -15.48 7.80
N ASN H 72 37.89 -16.29 6.87
CA ASN H 72 36.46 -16.66 6.81
C ASN H 72 35.57 -15.41 6.85
N ASP H 73 34.54 -15.36 7.70
CA ASP H 73 33.71 -14.16 7.92
C ASP H 73 34.23 -13.25 9.05
N GLY H 74 35.22 -13.70 9.82
CA GLY H 74 35.78 -12.96 10.95
C GLY H 74 36.68 -13.83 11.83
N VAL H 75 37.72 -13.23 12.40
CA VAL H 75 38.77 -13.93 13.13
C VAL H 75 38.71 -13.62 14.62
N TYR H 76 38.82 -14.66 15.44
CA TYR H 76 39.26 -14.56 16.83
C TYR H 76 40.73 -14.98 16.91
N PHE H 77 41.54 -14.18 17.60
CA PHE H 77 42.98 -14.39 17.78
C PHE H 77 43.35 -14.16 19.26
N ALA H 78 44.16 -15.03 19.86
CA ALA H 78 44.59 -14.84 21.24
C ALA H 78 45.99 -15.38 21.50
N SER H 79 46.72 -14.85 22.48
CA SER H 79 48.06 -15.32 22.85
C SER H 79 48.39 -15.17 24.34
N THR H 80 49.22 -16.07 24.86
CA THR H 80 49.65 -16.09 26.27
C THR H 80 50.82 -15.11 26.49
N GLU H 81 50.55 -13.81 26.33
CA GLU H 81 51.54 -12.75 26.37
C GLU H 81 52.39 -12.66 27.65
N LYS H 82 53.58 -12.04 27.51
CA LYS H 82 54.56 -11.78 28.59
C LYS H 82 55.21 -10.40 28.48
N SER H 83 55.63 -10.02 27.26
CA SER H 83 56.39 -8.79 26.97
C SER H 83 56.00 -8.16 25.62
N ASN H 84 54.74 -8.32 25.21
CA ASN H 84 54.18 -7.84 23.94
C ASN H 84 54.96 -8.36 22.71
N ILE H 85 55.22 -9.67 22.66
CA ILE H 85 56.11 -10.30 21.67
C ILE H 85 55.64 -10.07 20.22
N ILE H 86 54.35 -10.34 19.94
CA ILE H 86 53.78 -10.22 18.59
C ILE H 86 53.87 -8.77 18.10
N ARG H 87 54.46 -8.58 16.92
CA ARG H 87 54.77 -7.28 16.34
C ARG H 87 53.63 -6.68 15.55
N GLY H 88 52.66 -7.47 15.10
CA GLY H 88 51.54 -6.99 14.30
C GLY H 88 50.85 -8.07 13.47
N TRP H 89 50.04 -7.64 12.51
CA TRP H 89 49.27 -8.49 11.60
C TRP H 89 49.11 -7.83 10.23
N ILE H 90 48.85 -8.63 9.20
CA ILE H 90 48.50 -8.18 7.84
C ILE H 90 47.26 -8.92 7.36
N PHE H 91 46.34 -8.23 6.66
CA PHE H 91 45.07 -8.78 6.17
C PHE H 91 44.79 -8.32 4.73
N GLY H 92 44.14 -9.16 3.93
CA GLY H 92 43.74 -8.77 2.57
C GLY H 92 43.24 -9.95 1.75
N THR H 93 43.06 -9.73 0.45
CA THR H 93 42.94 -10.81 -0.56
C THR H 93 44.32 -11.30 -0.98
N THR H 94 45.21 -10.40 -1.42
CA THR H 94 46.56 -10.76 -1.89
C THR H 94 47.57 -10.88 -0.76
N LEU H 95 47.58 -9.93 0.19
CA LEU H 95 48.70 -9.70 1.11
C LEU H 95 50.05 -9.52 0.37
N ASP H 96 49.98 -9.15 -0.92
CA ASP H 96 51.08 -9.22 -1.89
C ASP H 96 50.76 -8.34 -3.11
N SER H 97 50.88 -7.01 -2.93
CA SER H 97 50.59 -5.96 -3.91
C SER H 97 49.21 -6.08 -4.60
N LYS H 98 49.01 -5.40 -5.74
CA LYS H 98 47.74 -5.26 -6.52
C LYS H 98 46.58 -4.55 -5.82
N THR H 99 46.57 -4.49 -4.48
CA THR H 99 45.64 -3.74 -3.64
C THR H 99 46.31 -3.33 -2.32
N GLN H 100 45.81 -2.27 -1.67
CA GLN H 100 46.30 -1.82 -0.37
C GLN H 100 45.88 -2.80 0.75
N SER H 101 46.65 -3.86 0.96
CA SER H 101 46.43 -4.81 2.06
C SER H 101 46.59 -4.10 3.42
N LEU H 102 45.74 -4.42 4.39
CA LEU H 102 45.77 -3.83 5.72
C LEU H 102 47.00 -4.31 6.51
N LEU H 103 47.75 -3.38 7.08
CA LEU H 103 48.91 -3.57 7.95
C LEU H 103 48.63 -2.98 9.33
N ILE H 104 48.88 -3.76 10.38
CA ILE H 104 48.76 -3.36 11.78
C ILE H 104 50.05 -3.74 12.51
N VAL H 105 50.59 -2.84 13.34
CA VAL H 105 51.87 -2.97 14.05
C VAL H 105 51.72 -2.48 15.49
N ASN H 106 52.42 -3.10 16.44
CA ASN H 106 52.41 -2.69 17.85
C ASN H 106 53.73 -2.00 18.25
N ASN H 107 53.66 -0.81 18.85
CA ASN H 107 54.76 -0.14 19.53
C ASN H 107 54.43 0.02 21.03
N ALA H 108 55.24 -0.55 21.93
CA ALA H 108 54.99 -0.56 23.37
C ALA H 108 53.54 -1.01 23.71
N THR H 109 52.73 -0.15 24.35
CA THR H 109 51.30 -0.39 24.67
C THR H 109 50.32 0.06 23.58
N ASN H 110 50.81 0.53 22.43
CA ASN H 110 50.05 1.28 21.41
C ASN H 110 50.18 0.63 20.01
N VAL H 111 49.46 1.17 19.03
CA VAL H 111 49.29 0.55 17.71
C VAL H 111 49.49 1.55 16.57
N VAL H 112 50.17 1.13 15.51
CA VAL H 112 50.34 1.82 14.22
C VAL H 112 49.58 1.02 13.15
N ILE H 113 48.83 1.70 12.28
CA ILE H 113 47.98 1.09 11.25
C ILE H 113 48.19 1.80 9.91
N LYS H 114 48.23 1.04 8.81
CA LYS H 114 48.33 1.56 7.44
C LYS H 114 47.73 0.57 6.43
N VAL H 115 47.39 1.01 5.23
CA VAL H 115 46.99 0.10 4.13
C VAL H 115 48.00 0.23 2.98
N CYS H 116 48.63 -0.87 2.60
CA CYS H 116 49.86 -0.88 1.78
C CYS H 116 49.85 -1.97 0.69
N GLU H 117 50.40 -1.65 -0.48
CA GLU H 117 50.60 -2.59 -1.59
C GLU H 117 51.97 -3.29 -1.56
N PHE H 118 52.53 -3.58 -0.38
CA PHE H 118 53.79 -4.34 -0.24
C PHE H 118 53.68 -5.76 -0.79
N GLN H 119 54.81 -6.30 -1.25
CA GLN H 119 54.90 -7.63 -1.89
C GLN H 119 56.01 -8.51 -1.27
N PHE H 120 56.21 -8.38 0.05
CA PHE H 120 57.29 -9.04 0.77
C PHE H 120 57.22 -10.57 0.73
N CYS H 121 58.39 -11.21 0.86
CA CYS H 121 58.55 -12.65 1.09
C CYS H 121 58.04 -13.06 2.48
N ASN H 122 58.24 -14.31 2.90
CA ASN H 122 57.89 -14.87 4.21
C ASN H 122 58.65 -14.28 5.43
N ASP H 123 59.28 -13.11 5.28
CA ASP H 123 59.92 -12.33 6.35
C ASP H 123 59.51 -10.84 6.32
N PRO H 124 58.20 -10.51 6.35
CA PRO H 124 57.72 -9.13 6.24
C PRO H 124 58.19 -8.23 7.40
N PHE H 125 58.45 -8.82 8.57
CA PHE H 125 59.05 -8.14 9.73
C PHE H 125 60.46 -7.59 9.45
N LEU H 126 61.19 -8.19 8.49
CA LEU H 126 62.49 -7.71 8.00
C LEU H 126 62.33 -6.83 6.74
N GLY H 127 61.33 -7.11 5.90
CA GLY H 127 61.01 -6.31 4.71
C GLY H 127 60.53 -4.88 5.04
N VAL H 128 59.81 -4.70 6.15
CA VAL H 128 59.42 -3.39 6.72
C VAL H 128 58.77 -2.48 5.68
N ASN H 149 54.13 2.38 -1.36
CA ASN H 149 53.11 1.36 -1.09
C ASN H 149 51.69 1.77 -1.50
N ASN H 150 51.53 2.86 -2.26
CA ASN H 150 50.27 3.35 -2.84
C ASN H 150 49.15 3.60 -1.80
N CYS H 151 49.52 4.01 -0.58
CA CYS H 151 48.66 4.03 0.60
C CYS H 151 47.47 5.00 0.52
N THR H 152 46.34 4.60 1.11
CA THR H 152 45.07 5.37 1.12
C THR H 152 44.48 5.59 2.53
N PHE H 153 45.07 5.02 3.58
CA PHE H 153 44.73 5.24 4.99
C PHE H 153 45.95 4.98 5.89
N GLU H 154 46.05 5.72 6.99
CA GLU H 154 47.05 5.58 8.05
C GLU H 154 46.48 6.05 9.40
N TYR H 155 46.88 5.42 10.51
CA TYR H 155 46.46 5.78 11.87
C TYR H 155 47.51 5.37 12.92
N VAL H 156 47.57 6.07 14.07
CA VAL H 156 48.34 5.66 15.25
C VAL H 156 47.54 5.90 16.54
N SER H 157 47.55 4.93 17.45
CA SER H 157 46.93 5.02 18.77
C SER H 157 47.61 6.04 19.68
N PHE H 171 53.54 -15.89 29.19
CA PHE H 171 52.45 -16.69 29.72
C PHE H 171 51.77 -16.07 30.95
N LYS H 172 52.33 -14.98 31.52
CA LYS H 172 51.73 -14.27 32.66
C LYS H 172 50.38 -13.64 32.33
N ASN H 173 50.16 -13.30 31.06
CA ASN H 173 48.95 -12.66 30.57
C ASN H 173 48.31 -13.45 29.42
N LEU H 174 47.03 -13.21 29.19
CA LEU H 174 46.31 -13.58 27.98
C LEU H 174 45.81 -12.31 27.30
N ARG H 175 46.16 -12.15 26.03
CA ARG H 175 45.60 -11.13 25.15
C ARG H 175 44.66 -11.79 24.16
N GLU H 176 43.50 -11.19 23.95
CA GLU H 176 42.47 -11.66 23.03
C GLU H 176 42.04 -10.53 22.11
N PHE H 177 41.81 -10.83 20.83
CA PHE H 177 41.37 -9.89 19.83
C PHE H 177 40.34 -10.52 18.90
N VAL H 178 39.41 -9.70 18.43
CA VAL H 178 38.49 -10.03 17.34
C VAL H 178 38.71 -9.03 16.22
N PHE H 179 38.95 -9.55 15.02
CA PHE H 179 39.07 -8.77 13.79
C PHE H 179 37.86 -9.05 12.91
N LYS H 180 37.12 -8.00 12.54
CA LYS H 180 35.79 -8.13 11.93
C LYS H 180 35.61 -7.15 10.76
N ASN H 181 35.05 -7.65 9.66
CA ASN H 181 34.52 -6.81 8.58
C ASN H 181 32.98 -6.77 8.69
N ILE H 182 32.38 -5.58 8.69
CA ILE H 182 30.93 -5.41 8.72
C ILE H 182 30.30 -5.07 7.35
N ASP H 183 31.11 -4.93 6.29
CA ASP H 183 30.79 -4.25 5.01
C ASP H 183 30.43 -2.76 5.13
N GLY H 184 29.73 -2.36 6.20
CA GLY H 184 29.80 -1.02 6.79
C GLY H 184 31.14 -0.79 7.49
N TYR H 185 32.24 -0.94 6.74
CA TYR H 185 33.64 -0.85 7.18
C TYR H 185 34.07 -1.88 8.28
N PHE H 186 35.33 -1.79 8.70
CA PHE H 186 36.06 -2.82 9.45
C PHE H 186 36.30 -2.41 10.91
N LYS H 187 36.26 -3.34 11.86
CA LYS H 187 36.34 -3.06 13.31
C LYS H 187 37.21 -4.07 14.06
N ILE H 188 37.73 -3.63 15.21
CA ILE H 188 38.60 -4.42 16.08
C ILE H 188 38.12 -4.36 17.53
N TYR H 189 38.10 -5.50 18.21
CA TYR H 189 37.75 -5.65 19.62
C TYR H 189 38.84 -6.41 20.36
N SER H 190 39.00 -6.20 21.67
CA SER H 190 40.20 -6.57 22.41
C SER H 190 39.96 -6.87 23.88
N LYS H 191 40.82 -7.66 24.50
CA LYS H 191 40.92 -7.77 25.97
C LYS H 191 42.32 -8.21 26.39
N HIS H 192 42.75 -7.81 27.59
CA HIS H 192 44.02 -8.19 28.20
C HIS H 192 43.78 -8.56 29.68
N THR H 193 44.28 -9.70 30.13
CA THR H 193 44.14 -10.17 31.53
C THR H 193 45.39 -10.91 32.00
N PRO H 194 45.67 -11.00 33.31
CA PRO H 194 46.53 -12.05 33.84
C PRO H 194 45.90 -13.44 33.61
N ILE H 195 46.72 -14.50 33.68
CA ILE H 195 46.29 -15.91 33.72
C ILE H 195 47.28 -16.77 34.53
N ASN H 196 46.87 -17.98 34.93
CA ASN H 196 47.81 -19.05 35.29
C ASN H 196 48.72 -19.41 34.10
N LEU H 197 49.96 -19.84 34.33
CA LEU H 197 50.98 -20.03 33.29
C LEU H 197 50.77 -21.25 32.36
N VAL H 198 49.58 -21.87 32.39
CA VAL H 198 49.20 -23.00 31.52
C VAL H 198 49.10 -22.54 30.07
N ARG H 199 49.54 -23.39 29.13
CA ARG H 199 49.52 -23.06 27.69
C ARG H 199 48.10 -23.05 27.09
N GLY H 200 47.24 -23.99 27.49
CA GLY H 200 45.83 -24.03 27.11
C GLY H 200 45.01 -22.86 27.67
N LEU H 201 44.02 -22.37 26.92
CA LEU H 201 43.13 -21.28 27.36
C LEU H 201 42.40 -21.64 28.67
N PRO H 202 42.54 -20.86 29.76
CA PRO H 202 41.85 -21.17 31.02
C PRO H 202 40.34 -20.97 30.90
N GLN H 203 39.55 -21.80 31.58
CA GLN H 203 38.11 -21.63 31.68
C GLN H 203 37.76 -20.38 32.52
N GLY H 204 37.17 -19.38 31.88
CA GLY H 204 36.79 -18.11 32.49
C GLY H 204 36.08 -17.19 31.51
N PHE H 205 35.50 -16.09 32.02
CA PHE H 205 34.65 -15.19 31.24
C PHE H 205 35.03 -13.71 31.41
N SER H 206 35.27 -13.03 30.28
CA SER H 206 35.12 -11.56 30.14
C SER H 206 34.90 -11.21 28.66
N ALA H 207 34.24 -10.09 28.38
CA ALA H 207 33.97 -9.66 27.01
C ALA H 207 35.10 -8.80 26.43
N LEU H 208 35.33 -8.91 25.13
CA LEU H 208 36.23 -8.04 24.38
C LEU H 208 35.56 -6.71 24.04
N GLU H 209 36.33 -5.62 24.11
CA GLU H 209 35.86 -4.24 23.99
C GLU H 209 36.43 -3.58 22.73
N PRO H 210 35.66 -2.73 22.03
CA PRO H 210 36.09 -2.12 20.77
C PRO H 210 37.29 -1.20 20.96
N LEU H 211 38.17 -1.16 19.96
CA LEU H 211 39.30 -0.21 19.88
C LEU H 211 39.16 0.79 18.73
N VAL H 212 38.89 0.31 17.52
CA VAL H 212 38.86 1.14 16.31
C VAL H 212 37.81 0.65 15.31
N ASP H 213 37.30 1.60 14.54
CA ASP H 213 36.72 1.39 13.21
C ASP H 213 37.71 1.93 12.17
N LEU H 214 38.02 1.12 11.16
CA LEU H 214 38.86 1.49 10.03
C LEU H 214 37.96 1.74 8.81
N PRO H 215 37.75 3.00 8.37
CA PRO H 215 36.88 3.36 7.26
C PRO H 215 37.54 3.11 5.88
N ILE H 216 38.06 1.90 5.68
CA ILE H 216 39.05 1.58 4.63
C ILE H 216 38.48 0.86 3.41
N GLY H 217 37.44 0.03 3.56
CA GLY H 217 36.81 -0.68 2.44
C GLY H 217 37.66 -1.76 1.75
N ILE H 218 38.75 -2.20 2.38
CA ILE H 218 39.68 -3.20 1.83
C ILE H 218 39.06 -4.61 1.85
N ASN H 219 39.17 -5.33 0.73
CA ASN H 219 38.72 -6.72 0.63
C ASN H 219 39.67 -7.66 1.40
N ILE H 220 39.14 -8.50 2.29
CA ILE H 220 39.91 -9.42 3.13
C ILE H 220 39.38 -10.85 3.00
N THR H 221 40.28 -11.81 2.77
CA THR H 221 39.99 -13.26 2.77
C THR H 221 41.05 -14.08 3.51
N ARG H 222 42.24 -13.52 3.76
CA ARG H 222 43.33 -14.14 4.54
C ARG H 222 43.99 -13.13 5.48
N PHE H 223 44.73 -13.65 6.46
CA PHE H 223 45.55 -12.87 7.37
C PHE H 223 46.89 -13.56 7.72
N GLN H 224 47.85 -12.77 8.18
CA GLN H 224 49.18 -13.21 8.60
C GLN H 224 49.65 -12.43 9.83
N THR H 225 50.59 -13.00 10.60
CA THR H 225 51.08 -12.44 11.87
C THR H 225 52.56 -12.03 11.76
N LEU H 226 52.94 -10.91 12.38
CA LEU H 226 54.30 -10.36 12.38
C LEU H 226 54.96 -10.64 13.74
N ALA H 245 55.40 -17.44 23.89
CA ALA H 245 53.96 -17.54 24.11
C ALA H 245 53.31 -18.60 23.20
N ALA H 246 52.32 -19.33 23.73
CA ALA H 246 51.34 -20.04 22.92
C ALA H 246 50.33 -19.04 22.33
N TYR H 247 49.70 -19.40 21.21
CA TYR H 247 48.65 -18.59 20.59
C TYR H 247 47.58 -19.47 19.92
N TYR H 248 46.41 -18.87 19.67
CA TYR H 248 45.20 -19.55 19.23
C TYR H 248 44.45 -18.75 18.18
N VAL H 249 43.80 -19.47 17.27
CA VAL H 249 42.92 -18.89 16.24
C VAL H 249 41.60 -19.65 16.20
N GLY H 250 40.50 -18.92 16.07
CA GLY H 250 39.16 -19.45 15.82
C GLY H 250 38.37 -18.51 14.91
N TYR H 251 37.16 -18.92 14.52
CA TYR H 251 36.37 -18.19 13.52
C TYR H 251 34.97 -17.87 14.02
N LEU H 252 34.51 -16.67 13.70
CA LEU H 252 33.16 -16.22 14.08
C LEU H 252 32.11 -16.88 13.19
N GLN H 253 30.92 -17.11 13.75
CA GLN H 253 29.78 -17.72 13.09
C GLN H 253 28.51 -16.92 13.38
N PRO H 254 27.57 -16.77 12.43
CA PRO H 254 26.31 -16.07 12.65
C PRO H 254 25.43 -16.86 13.62
N ARG H 255 25.38 -16.40 14.88
CA ARG H 255 24.73 -17.14 15.98
C ARG H 255 23.97 -16.17 16.89
N THR H 256 22.87 -16.62 17.49
CA THR H 256 22.19 -15.88 18.57
C THR H 256 22.93 -16.11 19.88
N PHE H 257 22.99 -15.09 20.72
CA PHE H 257 23.54 -15.14 22.08
C PHE H 257 22.61 -14.43 23.05
N LEU H 258 22.71 -14.82 24.32
CA LEU H 258 22.13 -14.11 25.47
C LEU H 258 23.27 -13.50 26.29
N LEU H 259 23.14 -12.25 26.70
CA LEU H 259 24.17 -11.48 27.38
C LEU H 259 23.62 -10.88 28.67
N LYS H 260 24.29 -11.09 29.81
CA LYS H 260 23.92 -10.55 31.11
C LYS H 260 24.77 -9.34 31.45
N TYR H 261 24.13 -8.24 31.80
CA TYR H 261 24.76 -6.99 32.19
C TYR H 261 24.60 -6.75 33.69
N ASN H 262 25.69 -6.45 34.41
CA ASN H 262 25.64 -6.12 35.83
C ASN H 262 25.12 -4.69 36.08
N GLU H 263 25.21 -4.18 37.30
CA GLU H 263 24.84 -2.79 37.61
C GLU H 263 25.69 -1.79 36.82
N ASN H 264 27.02 -1.99 36.82
CA ASN H 264 28.00 -1.10 36.20
C ASN H 264 28.17 -1.35 34.68
N GLY H 265 27.07 -1.51 33.93
CA GLY H 265 27.11 -1.47 32.46
C GLY H 265 27.83 -2.61 31.74
N THR H 266 28.29 -3.63 32.47
CA THR H 266 29.34 -4.57 32.02
C THR H 266 28.73 -5.93 31.68
N ILE H 267 29.03 -6.46 30.50
CA ILE H 267 28.70 -7.85 30.14
C ILE H 267 29.50 -8.78 31.05
N THR H 268 28.80 -9.64 31.79
CA THR H 268 29.37 -10.38 32.93
C THR H 268 28.94 -11.84 32.98
N ASP H 269 28.03 -12.28 32.11
CA ASP H 269 27.81 -13.69 31.79
C ASP H 269 27.12 -13.81 30.42
N ALA H 270 27.14 -14.98 29.79
CA ALA H 270 26.51 -15.19 28.49
C ALA H 270 26.07 -16.63 28.24
N VAL H 271 25.19 -16.83 27.25
CA VAL H 271 24.79 -18.14 26.72
C VAL H 271 24.88 -18.12 25.19
N ASP H 272 25.50 -19.15 24.63
CA ASP H 272 25.50 -19.44 23.20
C ASP H 272 24.23 -20.25 22.88
N CYS H 273 23.22 -19.65 22.24
CA CYS H 273 21.87 -20.19 22.23
C CYS H 273 21.78 -21.61 21.66
N ALA H 274 22.59 -21.92 20.66
CA ALA H 274 22.55 -23.20 19.96
C ALA H 274 23.37 -24.33 20.62
N LEU H 275 24.09 -24.05 21.71
CA LEU H 275 25.08 -24.96 22.29
C LEU H 275 24.51 -26.34 22.66
N ASP H 276 23.41 -26.39 23.41
CA ASP H 276 22.70 -27.60 23.79
C ASP H 276 21.24 -27.28 24.16
N PRO H 277 20.34 -28.26 24.33
CA PRO H 277 18.93 -27.98 24.53
C PRO H 277 18.65 -27.19 25.82
N LEU H 278 19.45 -27.37 26.87
CA LEU H 278 19.35 -26.53 28.07
C LEU H 278 19.71 -25.07 27.75
N SER H 279 20.79 -24.83 27.03
CA SER H 279 21.16 -23.49 26.58
C SER H 279 20.08 -22.89 25.70
N GLU H 280 19.49 -23.67 24.81
CA GLU H 280 18.39 -23.20 23.98
C GLU H 280 17.16 -22.85 24.84
N THR H 281 16.91 -23.61 25.90
CA THR H 281 15.83 -23.30 26.84
C THR H 281 16.08 -21.99 27.56
N LYS H 282 17.30 -21.73 28.07
CA LYS H 282 17.67 -20.44 28.68
C LYS H 282 17.37 -19.27 27.76
N CYS H 283 17.70 -19.43 26.49
CA CYS H 283 17.50 -18.40 25.47
C CYS H 283 16.05 -18.28 25.01
N THR H 284 15.27 -19.37 25.08
CA THR H 284 13.81 -19.34 24.85
C THR H 284 13.10 -18.51 25.91
N LEU H 285 13.50 -18.66 27.17
CA LEU H 285 12.90 -17.99 28.33
C LEU H 285 13.46 -16.57 28.59
N LYS H 286 14.60 -16.26 27.97
CA LYS H 286 15.31 -14.98 28.25
C LYS H 286 15.76 -15.00 29.72
N THR H 287 16.25 -16.15 30.21
CA THR H 287 16.68 -16.29 31.62
C THR H 287 17.99 -17.09 31.71
N PHE H 288 18.56 -17.22 32.91
CA PHE H 288 19.76 -18.07 33.10
C PHE H 288 19.34 -19.25 33.98
N THR H 289 18.33 -19.04 34.82
CA THR H 289 17.75 -20.12 35.63
C THR H 289 16.51 -20.68 34.95
N VAL H 290 16.36 -22.01 34.94
CA VAL H 290 15.18 -22.70 34.42
C VAL H 290 14.55 -23.52 35.54
N GLU H 291 13.26 -23.33 35.83
CA GLU H 291 12.51 -24.16 36.77
C GLU H 291 12.18 -25.55 36.18
N LYS H 292 11.86 -26.53 37.04
CA LYS H 292 11.40 -27.87 36.61
C LYS H 292 10.21 -27.76 35.64
N GLY H 293 10.17 -28.60 34.61
CA GLY H 293 9.01 -28.70 33.72
C GLY H 293 9.35 -29.21 32.34
N ILE H 294 8.50 -28.88 31.38
CA ILE H 294 8.70 -29.10 29.95
C ILE H 294 8.48 -27.78 29.18
N TYR H 295 9.38 -27.44 28.28
CA TYR H 295 9.35 -26.19 27.52
C TYR H 295 9.49 -26.45 26.03
N GLN H 296 8.59 -25.94 25.19
CA GLN H 296 8.86 -25.90 23.75
C GLN H 296 9.96 -24.87 23.48
N THR H 297 10.99 -25.20 22.71
CA THR H 297 12.10 -24.29 22.40
C THR H 297 12.25 -23.99 20.91
N SER H 298 11.89 -24.91 20.02
CA SER H 298 12.11 -24.75 18.57
C SER H 298 11.22 -25.70 17.76
N ASN H 299 11.12 -25.48 16.46
CA ASN H 299 10.47 -26.42 15.53
C ASN H 299 11.52 -27.35 14.90
N PHE H 300 11.24 -28.64 14.87
CA PHE H 300 11.98 -29.64 14.12
C PHE H 300 11.23 -29.95 12.82
N ARG H 301 11.92 -30.01 11.69
CA ARG H 301 11.33 -30.14 10.35
C ARG H 301 12.31 -30.88 9.43
N VAL H 302 11.99 -32.10 9.02
CA VAL H 302 12.92 -32.93 8.23
C VAL H 302 13.07 -32.38 6.82
N GLN H 303 14.26 -31.89 6.47
CA GLN H 303 14.55 -31.33 5.14
C GLN H 303 14.51 -32.42 4.05
N PRO H 304 14.09 -32.11 2.82
CA PRO H 304 14.17 -33.04 1.71
C PRO H 304 15.62 -33.39 1.36
N THR H 305 15.89 -34.67 1.12
CA THR H 305 17.22 -35.18 0.82
C THR H 305 17.70 -34.84 -0.60
N GLU H 306 16.79 -34.82 -1.58
CA GLU H 306 17.08 -34.58 -3.00
C GLU H 306 15.81 -34.20 -3.78
N SER H 307 15.96 -33.83 -5.05
CA SER H 307 14.85 -33.52 -5.96
C SER H 307 14.59 -34.63 -6.98
N ILE H 308 13.32 -34.99 -7.16
CA ILE H 308 12.81 -35.89 -8.21
C ILE H 308 12.07 -35.07 -9.27
N VAL H 309 12.27 -35.37 -10.55
CA VAL H 309 11.51 -34.74 -11.65
C VAL H 309 11.00 -35.82 -12.61
N ARG H 310 9.70 -35.77 -12.95
CA ARG H 310 9.05 -36.70 -13.87
C ARG H 310 8.19 -35.96 -14.90
N PHE H 311 8.32 -36.42 -16.15
CA PHE H 311 7.51 -35.93 -17.29
C PHE H 311 7.23 -37.22 -18.09
N PRO H 312 6.24 -37.31 -19.00
CA PRO H 312 5.91 -38.59 -19.69
C PRO H 312 6.94 -39.13 -20.70
N ASN H 313 6.94 -40.45 -20.96
CA ASN H 313 7.84 -41.02 -22.00
C ASN H 313 7.52 -40.31 -23.31
N ILE H 314 8.52 -39.81 -24.04
CA ILE H 314 8.25 -39.04 -25.29
C ILE H 314 9.40 -39.20 -26.28
N THR H 315 9.10 -39.10 -27.59
CA THR H 315 10.10 -38.76 -28.64
C THR H 315 9.42 -37.94 -29.76
N ASN H 316 10.16 -37.06 -30.43
CA ASN H 316 9.59 -36.28 -31.57
C ASN H 316 10.74 -35.81 -32.48
N LEU H 317 10.45 -35.45 -33.74
CA LEU H 317 11.52 -35.05 -34.70
C LEU H 317 11.04 -33.89 -35.59
N CYS H 318 11.98 -33.10 -36.13
CA CYS H 318 11.63 -31.99 -37.06
C CYS H 318 12.28 -32.22 -38.42
N PRO H 319 11.54 -32.17 -39.55
CA PRO H 319 12.16 -32.28 -40.87
C PRO H 319 13.02 -31.06 -41.20
N PHE H 320 14.23 -31.26 -41.70
CA PHE H 320 15.15 -30.14 -42.08
C PHE H 320 16.32 -30.74 -42.87
N GLY H 321 16.75 -31.95 -42.49
CA GLY H 321 17.82 -32.63 -43.20
C GLY H 321 17.54 -32.83 -44.68
N GLU H 322 16.28 -32.70 -45.10
CA GLU H 322 15.95 -32.87 -46.51
C GLU H 322 16.37 -31.68 -47.36
N VAL H 323 16.69 -30.55 -46.74
CA VAL H 323 17.10 -29.36 -47.46
C VAL H 323 18.63 -29.20 -47.46
N PHE H 324 19.27 -29.42 -46.32
CA PHE H 324 20.72 -29.27 -46.25
C PHE H 324 21.43 -30.38 -47.02
N ASN H 325 20.87 -31.58 -47.01
CA ASN H 325 21.45 -32.72 -47.71
C ASN H 325 20.91 -32.87 -49.14
N ALA H 326 20.18 -31.88 -49.63
CA ALA H 326 19.64 -31.96 -50.99
C ALA H 326 20.75 -31.78 -52.02
N THR H 327 20.46 -32.19 -53.26
CA THR H 327 21.41 -32.12 -54.35
C THR H 327 20.90 -31.29 -55.51
N ARG H 328 19.80 -30.56 -55.34
CA ARG H 328 19.24 -29.76 -56.42
C ARG H 328 18.38 -28.65 -55.82
N PHE H 329 18.71 -27.40 -56.11
CA PHE H 329 17.94 -26.26 -55.63
C PHE H 329 17.33 -25.50 -56.80
N ALA H 330 17.53 -24.19 -56.84
CA ALA H 330 16.98 -23.36 -57.91
C ALA H 330 17.90 -22.14 -58.07
N SER H 331 17.41 -21.13 -58.78
CA SER H 331 18.18 -19.91 -59.00
C SER H 331 18.03 -18.98 -57.82
N VAL H 332 18.72 -17.83 -57.89
CA VAL H 332 18.65 -16.86 -56.80
C VAL H 332 17.36 -16.04 -56.89
N TYR H 333 16.84 -15.82 -58.10
CA TYR H 333 15.60 -15.07 -58.25
C TYR H 333 14.37 -15.95 -58.20
N ALA H 334 14.46 -17.20 -58.64
CA ALA H 334 13.36 -18.15 -58.60
C ALA H 334 13.48 -19.07 -57.40
N TRP H 335 13.75 -18.50 -56.23
CA TRP H 335 13.90 -19.28 -55.02
C TRP H 335 12.55 -19.85 -54.56
N ASN H 336 12.62 -20.96 -53.83
CA ASN H 336 11.44 -21.61 -53.29
C ASN H 336 11.33 -21.35 -51.79
N ARG H 337 10.18 -21.70 -51.23
CA ARG H 337 9.91 -21.51 -49.81
C ARG H 337 9.18 -22.75 -49.30
N LYS H 338 9.89 -23.61 -48.58
CA LYS H 338 9.31 -24.82 -48.00
C LYS H 338 8.76 -24.48 -46.62
N ARG H 339 7.43 -24.40 -46.52
CA ARG H 339 6.77 -24.03 -45.27
C ARG H 339 6.92 -25.18 -44.27
N ILE H 340 7.69 -24.94 -43.21
CA ILE H 340 7.93 -25.95 -42.19
C ILE H 340 7.10 -25.59 -40.96
N SER H 341 6.32 -26.56 -40.48
CA SER H 341 5.47 -26.35 -39.32
C SER H 341 5.23 -27.69 -38.64
N ASN H 342 4.76 -27.62 -37.39
CA ASN H 342 4.43 -28.80 -36.59
C ASN H 342 5.63 -29.74 -36.45
N CYS H 343 6.65 -29.31 -35.72
CA CYS H 343 7.83 -30.13 -35.48
C CYS H 343 8.42 -29.73 -34.14
N VAL H 344 9.69 -30.09 -33.92
CA VAL H 344 10.42 -29.75 -32.70
C VAL H 344 11.69 -29.02 -33.12
N ALA H 345 11.82 -27.76 -32.71
CA ALA H 345 12.99 -26.97 -33.06
C ALA H 345 14.19 -27.42 -32.24
N ASP H 346 15.27 -27.79 -32.93
CA ASP H 346 16.49 -28.24 -32.26
C ASP H 346 17.66 -27.95 -33.21
N TYR H 347 18.20 -26.73 -33.12
CA TYR H 347 19.31 -26.30 -33.95
C TYR H 347 20.66 -26.53 -33.28
N SER H 348 20.68 -27.21 -32.13
CA SER H 348 21.96 -27.45 -31.44
C SER H 348 22.79 -28.51 -32.14
N VAL H 349 22.15 -29.48 -32.81
CA VAL H 349 22.87 -30.53 -33.51
C VAL H 349 23.38 -30.09 -34.87
N LEU H 350 22.97 -28.91 -35.34
CA LEU H 350 23.39 -28.40 -36.64
C LEU H 350 24.48 -27.34 -36.54
N TYR H 351 24.98 -27.07 -35.33
CA TYR H 351 26.03 -26.07 -35.12
C TYR H 351 27.40 -26.69 -34.90
N ASN H 352 27.49 -27.75 -34.12
CA ASN H 352 28.75 -28.42 -33.82
C ASN H 352 29.05 -29.55 -34.80
N SER H 353 28.38 -29.59 -35.95
CA SER H 353 28.62 -30.64 -36.93
C SER H 353 29.89 -30.42 -37.73
N ALA H 354 30.39 -29.18 -37.78
CA ALA H 354 31.61 -28.84 -38.51
C ALA H 354 31.50 -29.22 -39.99
N SER H 355 30.33 -28.92 -40.59
CA SER H 355 30.10 -29.24 -41.99
C SER H 355 29.61 -28.04 -42.80
N PHE H 356 29.51 -26.86 -42.20
CA PHE H 356 29.07 -25.65 -42.89
C PHE H 356 30.19 -24.63 -42.90
N SER H 357 30.34 -23.93 -44.03
CA SER H 357 31.39 -22.94 -44.16
C SER H 357 31.03 -21.62 -43.49
N THR H 358 29.75 -21.25 -43.51
CA THR H 358 29.28 -19.99 -42.90
C THR H 358 27.96 -20.27 -42.20
N PHE H 359 27.97 -20.24 -40.87
CA PHE H 359 26.77 -20.46 -40.05
C PHE H 359 26.64 -19.26 -39.12
N LYS H 360 26.02 -18.19 -39.61
CA LYS H 360 25.84 -16.96 -38.87
C LYS H 360 24.35 -16.66 -38.69
N CYS H 361 24.05 -15.78 -37.75
CA CYS H 361 22.69 -15.38 -37.46
C CYS H 361 22.63 -13.87 -37.27
N TYR H 362 21.42 -13.36 -37.06
CA TYR H 362 21.21 -11.93 -36.85
C TYR H 362 20.17 -11.76 -35.75
N GLY H 363 20.50 -10.94 -34.76
CA GLY H 363 19.58 -10.68 -33.65
C GLY H 363 19.49 -11.84 -32.67
N VAL H 364 18.84 -12.92 -33.07
CA VAL H 364 18.68 -14.08 -32.21
C VAL H 364 19.98 -14.87 -32.21
N SER H 365 20.50 -15.16 -31.03
CA SER H 365 21.74 -15.92 -30.91
C SER H 365 21.49 -17.39 -31.23
N PRO H 366 22.47 -18.08 -31.81
CA PRO H 366 22.29 -19.52 -32.11
C PRO H 366 22.07 -20.38 -30.88
N THR H 367 22.58 -19.96 -29.71
CA THR H 367 22.42 -20.71 -28.48
C THR H 367 21.18 -20.31 -27.69
N LYS H 368 20.29 -19.52 -28.28
CA LYS H 368 19.08 -19.08 -27.62
C LYS H 368 17.80 -19.47 -28.33
N LEU H 369 17.85 -19.82 -29.61
CA LEU H 369 16.68 -20.21 -30.38
C LEU H 369 16.34 -21.69 -30.24
N ASN H 370 17.05 -22.43 -29.38
CA ASN H 370 16.78 -23.85 -29.21
C ASN H 370 15.58 -24.10 -28.30
N ASP H 371 15.37 -23.24 -27.30
CA ASP H 371 14.26 -23.38 -26.35
C ASP H 371 13.27 -22.23 -26.49
N LEU H 372 13.07 -21.76 -27.73
CA LEU H 372 12.14 -20.67 -28.01
C LEU H 372 11.15 -21.11 -29.07
N CYS H 373 9.90 -20.71 -28.90
CA CYS H 373 8.85 -21.05 -29.85
C CYS H 373 8.96 -20.22 -31.11
N PHE H 374 8.41 -20.75 -32.21
CA PHE H 374 8.38 -20.06 -33.49
C PHE H 374 7.06 -20.34 -34.17
N THR H 375 6.42 -19.29 -34.69
CA THR H 375 5.14 -19.46 -35.36
C THR H 375 5.29 -20.24 -36.66
N ASN H 376 6.20 -19.81 -37.54
CA ASN H 376 6.43 -20.49 -38.79
C ASN H 376 7.84 -20.15 -39.27
N VAL H 377 8.53 -21.15 -39.80
CA VAL H 377 9.90 -21.01 -40.30
C VAL H 377 9.90 -21.27 -41.80
N TYR H 378 10.44 -20.33 -42.55
CA TYR H 378 10.54 -20.46 -44.00
C TYR H 378 11.78 -21.25 -44.37
N ALA H 379 12.07 -21.31 -45.67
CA ALA H 379 13.25 -22.04 -46.18
C ALA H 379 13.59 -21.45 -47.54
N ASP H 380 14.46 -20.44 -47.54
CA ASP H 380 14.91 -19.76 -48.76
C ASP H 380 16.25 -20.36 -49.17
N SER H 381 16.22 -21.24 -50.16
CA SER H 381 17.41 -21.91 -50.66
C SER H 381 17.77 -21.37 -52.03
N PHE H 382 19.03 -21.00 -52.22
CA PHE H 382 19.51 -20.48 -53.49
C PHE H 382 21.01 -20.67 -53.57
N VAL H 383 21.52 -20.78 -54.80
CA VAL H 383 22.93 -21.00 -55.06
C VAL H 383 23.49 -19.73 -55.69
N ILE H 384 24.52 -19.16 -55.07
CA ILE H 384 25.15 -17.95 -55.57
C ILE H 384 26.64 -18.18 -55.71
N ARG H 385 27.41 -17.11 -55.87
CA ARG H 385 28.86 -17.19 -56.01
C ARG H 385 29.50 -17.06 -54.63
N GLY H 386 30.79 -16.72 -54.59
CA GLY H 386 31.49 -16.58 -53.32
C GLY H 386 31.52 -15.15 -52.81
N ASP H 387 31.63 -14.19 -53.73
CA ASP H 387 31.67 -12.78 -53.35
C ASP H 387 30.29 -12.23 -53.01
N GLU H 388 29.23 -12.92 -53.39
CA GLU H 388 27.87 -12.47 -53.11
C GLU H 388 27.36 -12.88 -51.74
N VAL H 389 28.16 -13.65 -50.98
CA VAL H 389 27.72 -14.07 -49.64
C VAL H 389 27.74 -12.90 -48.67
N ARG H 390 28.68 -11.98 -48.84
CA ARG H 390 28.75 -10.82 -47.95
C ARG H 390 27.59 -9.85 -48.20
N GLN H 391 27.03 -9.86 -49.41
CA GLN H 391 25.90 -8.98 -49.74
C GLN H 391 24.59 -9.48 -49.16
N ILE H 392 24.51 -10.73 -48.71
CA ILE H 392 23.27 -11.28 -48.14
C ILE H 392 23.29 -10.89 -46.66
N ALA H 393 22.83 -9.67 -46.39
CA ALA H 393 22.79 -9.15 -45.03
C ALA H 393 21.76 -8.04 -44.96
N PRO H 394 21.02 -7.90 -43.84
CA PRO H 394 20.03 -6.83 -43.75
C PRO H 394 20.66 -5.44 -43.79
N GLY H 395 20.53 -4.75 -44.92
CA GLY H 395 21.07 -3.43 -45.09
C GLY H 395 22.16 -3.29 -46.14
N GLN H 396 22.18 -4.16 -47.17
CA GLN H 396 23.16 -4.12 -48.22
C GLN H 396 22.52 -3.71 -49.54
N THR H 397 23.36 -3.42 -50.52
CA THR H 397 22.89 -3.01 -51.84
C THR H 397 23.92 -3.44 -52.89
N GLY H 398 23.52 -3.34 -54.14
CA GLY H 398 24.37 -3.71 -55.24
C GLY H 398 23.54 -4.12 -56.44
N ASN H 399 23.99 -5.19 -57.11
CA ASN H 399 23.31 -5.72 -58.28
C ASN H 399 22.69 -7.10 -58.04
N ILE H 400 22.78 -7.62 -56.81
CA ILE H 400 22.24 -8.93 -56.48
C ILE H 400 21.16 -8.81 -55.40
N ALA H 401 21.46 -8.09 -54.31
CA ALA H 401 20.50 -7.95 -53.23
C ALA H 401 19.33 -7.04 -53.61
N ASP H 402 19.51 -6.16 -54.59
CA ASP H 402 18.45 -5.26 -55.03
C ASP H 402 17.74 -5.74 -56.27
N TYR H 403 18.17 -6.86 -56.86
CA TYR H 403 17.54 -7.38 -58.07
C TYR H 403 17.17 -8.85 -58.00
N ASN H 404 17.58 -9.58 -56.96
CA ASN H 404 17.25 -11.00 -56.83
C ASN H 404 16.58 -11.28 -55.50
N TYR H 405 17.37 -11.52 -54.46
CA TYR H 405 16.87 -11.81 -53.12
C TYR H 405 17.11 -10.60 -52.23
N LYS H 406 16.03 -10.01 -51.71
CA LYS H 406 16.10 -8.85 -50.85
C LYS H 406 15.82 -9.27 -49.41
N LEU H 407 16.65 -8.79 -48.49
CA LEU H 407 16.47 -9.12 -47.08
C LEU H 407 15.76 -7.99 -46.34
N PRO H 408 14.83 -8.33 -45.45
CA PRO H 408 14.13 -7.30 -44.69
C PRO H 408 15.07 -6.56 -43.74
N ASP H 409 14.62 -5.39 -43.28
CA ASP H 409 15.42 -4.59 -42.36
C ASP H 409 15.39 -5.20 -40.96
N ASP H 410 14.27 -5.77 -40.55
CA ASP H 410 14.12 -6.40 -39.24
C ASP H 410 14.28 -7.91 -39.31
N PHE H 411 15.22 -8.39 -40.11
CA PHE H 411 15.43 -9.83 -40.24
C PHE H 411 16.13 -10.37 -39.01
N THR H 412 15.45 -11.26 -38.29
CA THR H 412 16.01 -11.86 -37.08
C THR H 412 16.16 -13.37 -37.24
N GLY H 413 16.87 -13.80 -38.29
CA GLY H 413 17.07 -15.21 -38.54
C GLY H 413 18.53 -15.61 -38.62
N CYS H 414 18.82 -16.62 -39.43
CA CYS H 414 20.18 -17.11 -39.61
C CYS H 414 20.46 -17.32 -41.09
N VAL H 415 21.75 -17.36 -41.43
CA VAL H 415 22.20 -17.56 -42.80
C VAL H 415 23.08 -18.81 -42.82
N ILE H 416 22.60 -19.86 -43.46
CA ILE H 416 23.31 -21.13 -43.56
C ILE H 416 23.94 -21.21 -44.95
N ALA H 417 25.25 -21.42 -45.00
CA ALA H 417 25.97 -21.49 -46.27
C ALA H 417 27.16 -22.41 -46.11
N TRP H 418 27.33 -23.33 -47.06
CA TRP H 418 28.44 -24.28 -47.05
C TRP H 418 29.09 -24.30 -48.42
N ASN H 419 30.33 -24.77 -48.45
CA ASN H 419 31.10 -24.88 -49.69
C ASN H 419 30.68 -26.13 -50.45
N SER H 420 30.65 -26.04 -51.77
CA SER H 420 30.27 -27.16 -52.62
C SER H 420 30.82 -26.94 -54.02
N ASN H 421 31.05 -28.04 -54.73
CA ASN H 421 31.58 -27.98 -56.08
C ASN H 421 31.23 -29.25 -56.85
N ASN H 422 30.47 -30.15 -56.23
CA ASN H 422 30.04 -31.38 -56.86
C ASN H 422 28.53 -31.56 -56.91
N LEU H 423 27.81 -30.96 -55.97
CA LEU H 423 26.35 -31.06 -55.96
C LEU H 423 25.67 -29.96 -56.75
N ASP H 424 26.43 -29.06 -57.38
CA ASP H 424 25.85 -27.99 -58.18
C ASP H 424 26.78 -27.50 -59.28
N SER H 425 27.85 -28.23 -59.59
CA SER H 425 28.79 -27.83 -60.63
C SER H 425 29.38 -29.08 -61.25
N LYS H 426 29.09 -29.31 -62.54
CA LYS H 426 29.57 -30.47 -63.24
C LYS H 426 30.89 -30.16 -63.95
N VAL H 427 31.40 -31.14 -64.68
CA VAL H 427 32.65 -30.97 -65.42
C VAL H 427 32.38 -30.21 -66.71
N GLY H 428 33.21 -29.23 -67.01
CA GLY H 428 33.07 -28.42 -68.20
C GLY H 428 32.32 -27.13 -68.02
N GLY H 429 31.90 -26.80 -66.81
CA GLY H 429 31.16 -25.57 -66.57
C GLY H 429 29.66 -25.78 -66.48
N ASN H 430 29.05 -25.28 -65.41
CA ASN H 430 27.61 -25.41 -65.19
C ASN H 430 26.97 -24.04 -65.36
N TYR H 431 26.12 -23.91 -66.37
CA TYR H 431 25.43 -22.67 -66.69
C TYR H 431 23.92 -22.85 -66.58
N ASN H 432 23.47 -23.57 -65.54
CA ASN H 432 22.05 -23.82 -65.34
C ASN H 432 21.41 -22.86 -64.36
N TYR H 433 22.19 -22.11 -63.59
CA TYR H 433 21.68 -21.16 -62.62
C TYR H 433 21.76 -19.75 -63.19
N LEU H 434 20.61 -19.16 -63.47
CA LEU H 434 20.53 -17.81 -64.00
C LEU H 434 20.28 -16.80 -62.88
N TYR H 435 20.39 -15.52 -63.23
CA TYR H 435 20.20 -14.45 -62.26
C TYR H 435 19.88 -13.17 -63.01
N ARG H 436 19.16 -12.28 -62.33
CA ARG H 436 18.78 -10.99 -62.90
C ARG H 436 19.82 -9.95 -62.51
N LEU H 437 20.36 -9.24 -63.50
CA LEU H 437 21.38 -8.23 -63.29
C LEU H 437 20.81 -6.81 -63.22
N PHE H 438 19.95 -6.44 -64.17
CA PHE H 438 19.33 -5.13 -64.20
C PHE H 438 17.84 -5.27 -64.42
N ARG H 439 17.08 -4.34 -63.84
CA ARG H 439 15.63 -4.32 -64.02
C ARG H 439 15.15 -2.89 -63.85
N LYS H 440 13.92 -2.64 -64.31
CA LYS H 440 13.35 -1.30 -64.23
C LYS H 440 13.01 -0.89 -62.80
N SER H 441 12.89 -1.85 -61.88
CA SER H 441 12.56 -1.54 -60.49
C SER H 441 13.21 -2.57 -59.59
N ASN H 442 13.22 -2.26 -58.29
CA ASN H 442 13.80 -3.16 -57.30
C ASN H 442 12.75 -4.18 -56.84
N LEU H 443 13.16 -5.06 -55.93
CA LEU H 443 12.30 -6.10 -55.39
C LEU H 443 12.11 -5.90 -53.89
N LYS H 444 10.88 -6.03 -53.44
CA LYS H 444 10.58 -5.92 -52.02
C LYS H 444 11.05 -7.18 -51.29
N PRO H 445 11.33 -7.06 -50.00
CA PRO H 445 11.75 -8.25 -49.23
C PRO H 445 10.67 -9.31 -49.22
N PHE H 446 11.10 -10.57 -49.29
CA PHE H 446 10.22 -11.73 -49.33
C PHE H 446 9.25 -11.64 -50.52
N GLU H 447 9.83 -11.66 -51.71
CA GLU H 447 9.05 -11.59 -52.95
C GLU H 447 9.83 -12.30 -54.06
N ARG H 448 9.14 -13.15 -54.80
CA ARG H 448 9.73 -13.89 -55.90
C ARG H 448 9.34 -13.27 -57.23
N ASP H 449 10.14 -13.56 -58.25
CA ASP H 449 9.91 -13.03 -59.60
C ASP H 449 10.39 -14.06 -60.61
N ILE H 450 9.47 -14.57 -61.42
CA ILE H 450 9.78 -15.56 -62.44
C ILE H 450 9.54 -15.04 -63.85
N SER H 451 9.25 -13.74 -63.99
CA SER H 451 9.01 -13.15 -65.29
C SER H 451 10.32 -12.95 -66.04
N THR H 452 10.22 -12.65 -67.33
CA THR H 452 11.37 -12.43 -68.20
C THR H 452 11.09 -11.21 -69.06
N GLU H 453 11.78 -10.11 -68.77
CA GLU H 453 11.63 -8.87 -69.52
C GLU H 453 13.00 -8.31 -69.87
N ILE H 454 13.05 -7.49 -70.90
CA ILE H 454 14.29 -6.89 -71.37
C ILE H 454 14.49 -5.55 -70.69
N TYR H 455 15.69 -5.32 -70.16
CA TYR H 455 15.98 -4.07 -69.47
C TYR H 455 16.11 -2.93 -70.47
N GLN H 456 15.64 -1.75 -70.07
CA GLN H 456 15.69 -0.56 -70.89
C GLN H 456 16.77 0.38 -70.37
N ALA H 457 17.77 0.66 -71.21
CA ALA H 457 18.82 1.63 -70.83
C ALA H 457 18.64 2.88 -71.71
N GLY H 458 18.26 4.00 -71.09
CA GLY H 458 18.02 5.24 -71.85
C GLY H 458 16.88 5.11 -72.85
N SER H 459 17.13 5.36 -74.14
CA SER H 459 16.03 5.35 -75.15
C SER H 459 15.72 3.95 -75.66
N THR H 460 15.10 3.86 -76.84
CA THR H 460 14.71 2.55 -77.44
C THR H 460 13.96 1.72 -76.39
N PRO H 461 12.66 2.00 -76.13
CA PRO H 461 11.88 1.22 -75.16
C PRO H 461 11.97 -0.26 -75.52
N CYS H 462 12.19 -1.11 -74.53
CA CYS H 462 12.49 -2.51 -74.82
C CYS H 462 11.28 -3.34 -74.40
N ASN H 463 10.60 -3.95 -75.38
CA ASN H 463 9.42 -4.77 -75.13
C ASN H 463 9.33 -5.82 -76.24
N GLY H 464 10.03 -6.93 -76.05
CA GLY H 464 10.05 -8.00 -77.01
C GLY H 464 11.04 -7.85 -78.14
N VAL H 465 11.92 -6.85 -78.08
CA VAL H 465 12.91 -6.61 -79.12
C VAL H 465 14.25 -6.34 -78.46
N LYS H 466 15.30 -6.99 -78.95
CA LYS H 466 16.64 -6.82 -78.43
C LYS H 466 17.54 -6.20 -79.49
N GLY H 467 18.78 -5.92 -79.09
CA GLY H 467 19.74 -5.31 -79.98
C GLY H 467 20.43 -4.10 -79.38
N PHE H 468 20.09 -2.90 -79.88
CA PHE H 468 20.68 -1.67 -79.40
C PHE H 468 19.81 -1.08 -78.29
N ASN H 469 20.47 -0.59 -77.24
CA ASN H 469 19.83 -0.03 -76.05
C ASN H 469 18.93 -1.03 -75.33
N CYS H 470 19.05 -2.32 -75.67
CA CYS H 470 18.28 -3.38 -75.02
C CYS H 470 19.19 -4.57 -74.83
N TYR H 471 19.37 -4.97 -73.57
CA TYR H 471 20.29 -6.06 -73.23
C TYR H 471 19.54 -7.15 -72.48
N PHE H 472 20.08 -8.36 -72.53
CA PHE H 472 19.48 -9.52 -71.89
C PHE H 472 19.95 -9.58 -70.45
N PRO H 473 19.09 -9.37 -69.46
CA PRO H 473 19.55 -9.32 -68.07
C PRO H 473 19.88 -10.68 -67.49
N LEU H 474 19.16 -11.72 -67.92
CA LEU H 474 19.37 -13.07 -67.41
C LEU H 474 20.70 -13.60 -67.93
N GLN H 475 21.72 -13.56 -67.09
CA GLN H 475 23.05 -14.03 -67.43
C GLN H 475 23.21 -15.48 -66.98
N SER H 476 24.40 -15.84 -66.50
CA SER H 476 24.68 -17.20 -66.04
C SER H 476 25.94 -17.19 -65.20
N TYR H 477 25.92 -17.93 -64.09
CA TYR H 477 27.09 -18.03 -63.24
C TYR H 477 28.15 -18.92 -63.88
N GLY H 478 29.41 -18.64 -63.57
CA GLY H 478 30.52 -19.41 -64.09
C GLY H 478 31.04 -20.44 -63.11
N PHE H 479 30.17 -21.36 -62.70
CA PHE H 479 30.55 -22.41 -61.74
C PHE H 479 31.44 -23.45 -62.40
N GLN H 480 32.76 -23.26 -62.30
CA GLN H 480 33.72 -24.19 -62.87
C GLN H 480 34.70 -24.65 -61.80
N PRO H 481 35.06 -25.95 -61.79
CA PRO H 481 36.00 -26.44 -60.77
C PRO H 481 37.43 -25.99 -60.99
N THR H 482 37.74 -25.36 -62.12
CA THR H 482 39.10 -24.90 -62.42
C THR H 482 39.33 -23.44 -62.08
N TYR H 483 38.32 -22.75 -61.56
CA TYR H 483 38.46 -21.34 -61.20
C TYR H 483 39.09 -21.22 -59.82
N GLY H 484 39.06 -20.02 -59.26
CA GLY H 484 39.64 -19.76 -57.96
C GLY H 484 38.69 -20.14 -56.83
N VAL H 485 38.87 -19.46 -55.70
CA VAL H 485 38.05 -19.73 -54.53
C VAL H 485 36.79 -18.86 -54.54
N GLY H 486 36.92 -17.60 -54.96
CA GLY H 486 35.78 -16.70 -54.98
C GLY H 486 34.73 -17.06 -56.01
N TYR H 487 35.09 -17.85 -57.02
CA TYR H 487 34.16 -18.28 -58.06
C TYR H 487 33.51 -19.62 -57.75
N GLN H 488 33.71 -20.16 -56.55
CA GLN H 488 33.10 -21.44 -56.19
C GLN H 488 31.64 -21.22 -55.79
N PRO H 489 30.75 -22.15 -56.14
CA PRO H 489 29.35 -22.00 -55.75
C PRO H 489 29.12 -22.29 -54.28
N TYR H 490 28.16 -21.58 -53.69
CA TYR H 490 27.79 -21.76 -52.29
C TYR H 490 26.27 -21.86 -52.20
N ARG H 491 25.79 -23.01 -51.75
CA ARG H 491 24.34 -23.25 -51.61
C ARG H 491 23.88 -22.61 -50.31
N VAL H 492 23.41 -21.38 -50.40
CA VAL H 492 22.98 -20.63 -49.23
C VAL H 492 21.52 -20.94 -48.94
N VAL H 493 21.22 -21.29 -47.70
CA VAL H 493 19.86 -21.58 -47.25
C VAL H 493 19.54 -20.60 -46.13
N VAL H 494 18.68 -19.62 -46.42
CA VAL H 494 18.29 -18.59 -45.47
C VAL H 494 16.98 -19.00 -44.81
N LEU H 495 16.98 -19.02 -43.48
CA LEU H 495 15.80 -19.36 -42.70
C LEU H 495 15.20 -18.09 -42.10
N SER H 496 13.89 -17.94 -42.25
CA SER H 496 13.19 -16.76 -41.75
C SER H 496 12.36 -17.12 -40.53
N PHE H 497 12.40 -16.26 -39.51
CA PHE H 497 11.66 -16.44 -38.27
C PHE H 497 10.63 -15.33 -38.15
N GLU H 498 9.37 -15.71 -37.93
CA GLU H 498 8.29 -14.75 -37.80
C GLU H 498 7.40 -15.14 -36.63
N LEU H 499 6.77 -14.14 -36.02
CA LEU H 499 5.89 -14.33 -34.88
C LEU H 499 4.59 -13.56 -35.13
N LEU H 500 3.46 -14.29 -35.09
CA LEU H 500 2.14 -13.66 -35.36
C LEU H 500 1.19 -13.96 -34.20
N HIS H 501 -0.08 -13.59 -34.33
CA HIS H 501 -1.10 -13.83 -33.26
C HIS H 501 -1.29 -15.33 -33.05
N ALA H 502 -1.28 -16.12 -34.13
CA ALA H 502 -1.55 -17.58 -34.02
C ALA H 502 -0.50 -18.24 -33.12
N PRO H 503 -0.90 -19.18 -32.22
CA PRO H 503 0.04 -19.81 -31.29
C PRO H 503 1.12 -20.65 -32.00
N ALA H 504 2.36 -20.59 -31.51
CA ALA H 504 3.45 -21.37 -32.12
C ALA H 504 3.25 -22.87 -31.86
N THR H 505 3.42 -23.70 -32.89
CA THR H 505 3.28 -25.17 -32.72
C THR H 505 4.66 -25.82 -32.53
N VAL H 506 5.73 -25.05 -32.64
CA VAL H 506 7.11 -25.65 -32.56
C VAL H 506 7.85 -25.09 -31.34
N CYS H 507 8.04 -25.90 -30.30
CA CYS H 507 8.84 -25.47 -29.10
C CYS H 507 9.70 -26.65 -28.62
N GLY H 508 9.10 -27.69 -28.02
CA GLY H 508 9.85 -28.91 -27.65
C GLY H 508 10.53 -28.93 -26.29
N PRO H 509 9.82 -29.21 -25.16
CA PRO H 509 10.46 -29.38 -23.83
C PRO H 509 10.36 -30.80 -23.21
N LYS H 510 11.48 -31.37 -22.75
CA LYS H 510 11.42 -32.71 -22.08
C LYS H 510 12.51 -32.88 -21.01
N LYS H 511 12.25 -33.68 -19.95
CA LYS H 511 13.26 -33.99 -18.91
C LYS H 511 12.88 -35.31 -18.22
N SER H 512 13.84 -36.04 -17.62
CA SER H 512 13.52 -37.29 -16.87
C SER H 512 14.49 -37.53 -15.70
N THR H 513 14.03 -38.17 -14.61
CA THR H 513 14.89 -38.54 -13.44
C THR H 513 14.35 -39.82 -12.79
N ASN H 514 15.09 -40.41 -11.84
CA ASN H 514 14.63 -41.65 -11.11
C ASN H 514 13.41 -41.36 -10.24
N LEU H 515 12.84 -42.36 -9.58
CA LEU H 515 11.61 -42.11 -8.82
C LEU H 515 11.75 -42.61 -7.38
N VAL H 516 12.59 -41.93 -6.58
CA VAL H 516 13.02 -42.40 -5.26
C VAL H 516 11.87 -42.40 -4.25
N LYS H 517 11.38 -43.60 -3.89
CA LYS H 517 10.33 -43.83 -2.89
C LYS H 517 10.88 -43.78 -1.46
N ASN H 518 9.99 -43.62 -0.48
CA ASN H 518 10.20 -43.73 0.98
C ASN H 518 11.17 -42.73 1.64
N LYS H 519 12.08 -42.06 0.92
CA LYS H 519 12.85 -40.91 1.43
C LYS H 519 12.02 -39.64 1.41
N CYS H 520 12.34 -38.68 2.29
CA CYS H 520 11.83 -37.31 2.17
C CYS H 520 12.53 -36.59 1.01
N VAL H 521 11.78 -36.02 0.07
CA VAL H 521 12.26 -35.50 -1.21
C VAL H 521 11.44 -34.30 -1.68
N ASN H 522 12.06 -33.41 -2.46
CA ASN H 522 11.32 -32.53 -3.34
C ASN H 522 10.87 -33.32 -4.57
N PHE H 523 9.73 -32.96 -5.15
CA PHE H 523 9.22 -33.65 -6.34
C PHE H 523 8.51 -32.71 -7.31
N ASN H 524 8.56 -33.09 -8.58
CA ASN H 524 7.82 -32.49 -9.69
C ASN H 524 7.27 -33.60 -10.59
N PHE H 525 5.99 -33.50 -10.96
CA PHE H 525 5.33 -34.37 -11.93
C PHE H 525 4.58 -33.50 -12.95
N ASN H 526 5.06 -33.42 -14.19
CA ASN H 526 4.44 -32.61 -15.26
C ASN H 526 4.23 -31.12 -14.91
N GLY H 527 4.98 -30.56 -13.96
CA GLY H 527 4.81 -29.20 -13.45
C GLY H 527 3.97 -29.08 -12.17
N LEU H 528 3.34 -30.16 -11.70
CA LEU H 528 2.79 -30.26 -10.34
C LEU H 528 3.94 -30.52 -9.36
N THR H 529 4.10 -29.67 -8.34
CA THR H 529 5.27 -29.70 -7.44
C THR H 529 4.89 -29.79 -5.98
N GLY H 530 5.80 -30.34 -5.17
CA GLY H 530 5.65 -30.38 -3.72
C GLY H 530 6.87 -30.99 -3.04
N THR H 531 6.79 -31.16 -1.72
CA THR H 531 7.84 -31.75 -0.89
C THR H 531 7.21 -32.75 0.07
N GLY H 532 7.81 -33.93 0.22
CA GLY H 532 7.27 -34.96 1.09
C GLY H 532 7.93 -36.32 0.86
N VAL H 533 7.28 -37.37 1.36
CA VAL H 533 7.69 -38.77 1.18
C VAL H 533 6.77 -39.40 0.15
N LEU H 534 7.33 -39.90 -0.96
CA LEU H 534 6.57 -40.61 -1.99
C LEU H 534 6.45 -42.09 -1.65
N THR H 535 5.23 -42.60 -1.54
CA THR H 535 4.93 -44.01 -1.21
C THR H 535 3.98 -44.61 -2.22
N GLU H 536 4.11 -45.88 -2.60
CA GLU H 536 3.08 -46.56 -3.39
C GLU H 536 1.72 -46.59 -2.67
N SER H 537 0.63 -46.67 -3.43
CA SER H 537 -0.73 -46.56 -2.89
C SER H 537 -1.74 -47.46 -3.58
N ASN H 538 -2.84 -47.77 -2.88
CA ASN H 538 -3.96 -48.57 -3.37
C ASN H 538 -4.97 -47.77 -4.22
N LYS H 539 -4.87 -46.44 -4.29
CA LYS H 539 -5.87 -45.58 -4.93
C LYS H 539 -6.07 -45.93 -6.40
N LYS H 540 -7.33 -46.05 -6.82
CA LYS H 540 -7.73 -46.47 -8.18
C LYS H 540 -8.12 -45.28 -9.04
N PHE H 541 -7.13 -44.49 -9.48
CA PHE H 541 -7.38 -43.36 -10.37
C PHE H 541 -8.04 -43.80 -11.69
N LEU H 542 -8.95 -42.99 -12.23
CA LEU H 542 -9.52 -43.16 -13.56
C LEU H 542 -8.46 -42.92 -14.66
N PRO H 543 -8.64 -43.45 -15.88
CA PRO H 543 -7.60 -43.44 -16.92
C PRO H 543 -7.03 -42.05 -17.25
N PHE H 544 -7.87 -41.01 -17.20
CA PHE H 544 -7.47 -39.63 -17.48
C PHE H 544 -6.91 -38.88 -16.26
N GLN H 545 -7.13 -39.34 -15.02
CA GLN H 545 -6.76 -38.61 -13.81
C GLN H 545 -5.25 -38.63 -13.56
N GLN H 546 -4.68 -37.47 -13.21
CA GLN H 546 -3.23 -37.25 -13.08
C GLN H 546 -2.75 -37.09 -11.64
N PHE H 547 -3.58 -36.52 -10.77
CA PHE H 547 -3.26 -36.31 -9.36
C PHE H 547 -4.53 -36.28 -8.51
N GLY H 548 -4.39 -36.46 -7.20
CA GLY H 548 -5.51 -36.55 -6.27
C GLY H 548 -5.35 -35.59 -5.09
N ARG H 549 -6.47 -35.19 -4.48
CA ARG H 549 -6.51 -34.21 -3.40
C ARG H 549 -7.18 -34.77 -2.14
N ASP H 550 -6.68 -34.30 -1.01
CA ASP H 550 -7.29 -34.43 0.31
C ASP H 550 -8.59 -33.61 0.41
N ILE H 551 -9.33 -33.73 1.53
CA ILE H 551 -10.61 -33.04 1.75
C ILE H 551 -10.50 -31.52 1.57
N ALA H 552 -9.41 -30.92 2.06
CA ALA H 552 -9.17 -29.48 2.02
C ALA H 552 -7.97 -29.13 1.13
N ASP H 553 -8.21 -29.02 -0.18
CA ASP H 553 -7.31 -28.61 -1.27
C ASP H 553 -6.02 -29.43 -1.51
N THR H 554 -5.39 -29.95 -0.46
CA THR H 554 -3.98 -30.36 -0.49
C THR H 554 -3.78 -31.60 -1.34
N THR H 555 -2.84 -31.56 -2.31
CA THR H 555 -2.51 -32.71 -3.15
C THR H 555 -1.99 -33.85 -2.29
N ASP H 556 -2.59 -35.04 -2.37
CA ASP H 556 -2.22 -36.19 -1.55
C ASP H 556 -1.79 -37.43 -2.35
N ALA H 557 -1.94 -37.43 -3.67
CA ALA H 557 -1.46 -38.50 -4.52
C ALA H 557 -1.14 -38.01 -5.94
N VAL H 558 -0.24 -38.70 -6.64
CA VAL H 558 0.19 -38.38 -8.00
C VAL H 558 0.37 -39.64 -8.83
N ARG H 559 0.06 -39.56 -10.12
CA ARG H 559 0.40 -40.60 -11.11
C ARG H 559 1.81 -40.36 -11.61
N ASP H 560 2.69 -41.37 -11.59
CA ASP H 560 3.95 -41.29 -12.32
C ASP H 560 3.66 -41.24 -13.83
N PRO H 561 4.05 -40.19 -14.56
CA PRO H 561 3.73 -40.07 -15.99
C PRO H 561 4.45 -41.09 -16.89
N GLN H 562 5.50 -41.78 -16.42
CA GLN H 562 6.23 -42.73 -17.26
C GLN H 562 5.70 -44.16 -17.17
N THR H 563 5.47 -44.66 -15.95
CA THR H 563 4.62 -45.83 -15.70
C THR H 563 3.14 -45.39 -15.70
N LEU H 564 2.30 -46.05 -14.90
CA LEU H 564 0.98 -45.56 -14.50
C LEU H 564 0.80 -45.56 -12.97
N GLU H 565 1.83 -45.84 -12.18
CA GLU H 565 1.73 -46.03 -10.73
C GLU H 565 1.15 -44.81 -10.01
N ILE H 566 0.32 -45.02 -9.00
CA ILE H 566 -0.19 -43.94 -8.14
C ILE H 566 0.57 -43.94 -6.82
N LEU H 567 1.20 -42.83 -6.52
CA LEU H 567 1.96 -42.64 -5.29
C LEU H 567 1.18 -41.71 -4.37
N ASP H 568 0.96 -42.13 -3.13
CA ASP H 568 0.57 -41.23 -2.06
C ASP H 568 1.76 -40.35 -1.67
N ILE H 569 1.47 -39.10 -1.34
CA ILE H 569 2.40 -38.12 -0.76
C ILE H 569 2.08 -37.99 0.72
N THR H 570 3.08 -38.17 1.57
CA THR H 570 3.01 -37.79 2.99
C THR H 570 3.90 -36.56 3.21
N PRO H 571 3.44 -35.45 3.81
CA PRO H 571 4.28 -34.29 4.09
C PRO H 571 5.50 -34.63 4.94
N CYS H 572 6.52 -33.77 4.90
CA CYS H 572 7.75 -33.93 5.70
C CYS H 572 7.41 -34.10 7.19
N SER H 573 8.09 -35.02 7.89
CA SER H 573 7.90 -35.12 9.33
C SER H 573 8.35 -33.83 10.02
N PHE H 574 7.50 -33.29 10.90
CA PHE H 574 7.80 -32.06 11.64
C PHE H 574 7.06 -32.02 12.98
N GLY H 575 7.53 -31.19 13.90
CA GLY H 575 6.88 -31.00 15.19
C GLY H 575 7.70 -30.14 16.14
N GLY H 576 7.14 -29.78 17.28
CA GLY H 576 7.88 -29.05 18.31
C GLY H 576 8.99 -29.89 18.93
N VAL H 577 10.18 -29.31 19.05
CA VAL H 577 11.21 -29.72 19.99
C VAL H 577 10.81 -29.20 21.36
N SER H 578 10.68 -30.08 22.33
CA SER H 578 10.43 -29.68 23.71
C SER H 578 11.48 -30.25 24.64
N VAL H 579 11.96 -29.43 25.56
CA VAL H 579 13.03 -29.77 26.50
C VAL H 579 12.41 -30.05 27.85
N ILE H 580 12.67 -31.24 28.38
CA ILE H 580 12.19 -31.75 29.66
C ILE H 580 13.34 -31.64 30.63
N THR H 581 13.12 -31.00 31.77
CA THR H 581 14.23 -30.65 32.66
C THR H 581 13.84 -30.65 34.13
N PRO H 582 14.72 -31.09 35.05
CA PRO H 582 14.70 -30.66 36.44
C PRO H 582 15.01 -29.16 36.52
N GLY H 583 14.92 -28.56 37.71
CA GLY H 583 15.39 -27.19 37.89
C GLY H 583 16.91 -27.06 37.75
N THR H 584 17.42 -25.98 37.15
CA THR H 584 18.88 -25.73 37.07
C THR H 584 19.52 -25.56 38.45
N ASN H 585 18.73 -25.26 39.47
CA ASN H 585 19.16 -25.27 40.87
C ASN H 585 19.53 -26.67 41.40
N THR H 586 19.09 -27.75 40.75
CA THR H 586 19.31 -29.14 41.22
C THR H 586 20.05 -30.02 40.22
N SER H 587 19.93 -29.81 38.91
CA SER H 587 20.70 -30.55 37.90
C SER H 587 20.76 -29.83 36.54
N ASN H 588 21.74 -30.19 35.70
CA ASN H 588 21.87 -29.71 34.32
C ASN H 588 21.62 -30.80 33.25
N GLN H 589 21.33 -32.05 33.64
CA GLN H 589 20.88 -33.06 32.67
C GLN H 589 19.49 -32.68 32.12
N VAL H 590 19.24 -32.87 30.82
CA VAL H 590 17.93 -32.66 30.19
C VAL H 590 17.61 -33.78 29.23
N ALA H 591 16.33 -33.91 28.89
CA ALA H 591 15.83 -34.83 27.88
C ALA H 591 15.03 -34.04 26.86
N VAL H 592 14.90 -34.54 25.64
CA VAL H 592 14.22 -33.84 24.56
C VAL H 592 13.14 -34.73 23.98
N LEU H 593 11.93 -34.18 23.86
CA LEU H 593 10.79 -34.79 23.21
C LEU H 593 10.65 -34.19 21.81
N TYR H 594 10.62 -35.02 20.78
CA TYR H 594 10.27 -34.63 19.42
C TYR H 594 8.80 -34.93 19.19
N GLN H 595 7.93 -33.93 19.37
CA GLN H 595 6.47 -34.13 19.38
C GLN H 595 5.97 -34.72 18.06
N GLY H 596 5.31 -35.88 18.11
CA GLY H 596 4.73 -36.51 16.93
C GLY H 596 5.73 -37.12 15.95
N VAL H 597 6.96 -37.38 16.38
CA VAL H 597 7.96 -38.02 15.46
C VAL H 597 8.14 -39.50 15.84
N ASN H 598 8.43 -40.32 14.82
CA ASN H 598 8.98 -41.69 14.99
C ASN H 598 10.50 -41.56 15.07
N CYS H 599 11.14 -42.30 15.99
CA CYS H 599 12.55 -42.17 16.17
C CYS H 599 13.34 -42.38 14.81
N THR H 600 12.80 -43.15 13.87
CA THR H 600 13.46 -43.38 12.55
C THR H 600 13.89 -42.03 11.93
N GLU H 601 13.07 -40.99 12.13
CA GLU H 601 13.21 -39.70 11.43
C GLU H 601 14.20 -38.74 12.11
N VAL H 602 14.58 -38.97 13.37
CA VAL H 602 15.42 -38.04 14.14
C VAL H 602 16.84 -37.95 13.56
N ASN H 623 20.24 -42.29 25.82
CA ASN H 623 19.17 -43.27 25.56
C ASN H 623 18.08 -42.71 24.63
N VAL H 624 17.34 -43.58 23.95
CA VAL H 624 16.20 -43.22 23.07
C VAL H 624 14.99 -44.11 23.34
N PHE H 625 13.80 -43.52 23.45
CA PHE H 625 12.55 -44.19 23.80
C PHE H 625 11.40 -43.71 22.90
N GLN H 626 10.64 -44.61 22.28
CA GLN H 626 9.44 -44.23 21.54
C GLN H 626 8.23 -44.16 22.48
N THR H 627 7.67 -42.97 22.70
CA THR H 627 6.37 -42.79 23.38
C THR H 627 5.25 -42.60 22.35
N ARG H 628 3.98 -42.66 22.77
CA ARG H 628 2.84 -42.24 21.94
C ARG H 628 2.85 -40.74 21.62
N ALA H 629 3.49 -39.92 22.46
CA ALA H 629 3.67 -38.48 22.23
C ALA H 629 4.80 -38.15 21.23
N GLY H 630 5.81 -39.05 21.10
CA GLY H 630 7.01 -38.90 20.20
C GLY H 630 8.30 -39.61 20.63
N CYS H 631 9.36 -39.71 19.76
CA CYS H 631 10.72 -40.26 20.12
C CYS H 631 11.37 -39.36 21.19
N LEU H 632 11.53 -39.90 22.40
CA LEU H 632 12.00 -39.14 23.58
C LEU H 632 13.46 -39.52 23.86
N ILE H 633 14.34 -38.52 23.94
CA ILE H 633 15.79 -38.73 23.91
C ILE H 633 16.46 -38.16 25.16
N GLY H 634 17.42 -38.89 25.73
CA GLY H 634 18.12 -38.52 26.96
C GLY H 634 17.42 -38.94 28.25
N ALA H 635 16.13 -39.31 28.20
CA ALA H 635 15.42 -39.94 29.31
C ALA H 635 15.55 -41.46 29.29
N GLU H 636 15.43 -42.12 30.44
CA GLU H 636 15.40 -43.58 30.57
C GLU H 636 13.99 -44.11 30.81
N HIS H 637 13.54 -45.06 30.00
CA HIS H 637 12.24 -45.70 30.20
C HIS H 637 12.25 -46.55 31.47
N VAL H 638 11.24 -46.34 32.33
CA VAL H 638 11.02 -47.17 33.55
C VAL H 638 9.59 -47.73 33.48
N ASN H 639 9.43 -49.03 33.77
CA ASN H 639 8.11 -49.70 33.70
C ASN H 639 7.26 -49.30 34.92
N ASN H 640 7.91 -49.14 36.08
CA ASN H 640 7.21 -48.84 37.35
C ASN H 640 6.52 -47.47 37.24
N SER H 641 5.37 -47.31 37.93
CA SER H 641 4.54 -46.12 37.77
C SER H 641 4.55 -45.24 39.03
N TYR H 642 4.47 -43.92 38.84
CA TYR H 642 4.64 -42.88 39.86
C TYR H 642 3.74 -41.67 39.57
N GLU H 643 3.68 -40.67 40.45
CA GLU H 643 2.97 -39.41 40.18
C GLU H 643 3.43 -38.69 38.90
N CYS H 644 2.57 -37.86 38.31
CA CYS H 644 2.98 -36.90 37.29
C CYS H 644 3.88 -35.82 37.89
N ASP H 645 5.19 -35.97 37.77
CA ASP H 645 6.15 -34.95 38.20
C ASP H 645 6.33 -33.87 37.11
N ILE H 646 6.77 -34.26 35.91
CA ILE H 646 6.71 -33.47 34.67
C ILE H 646 5.75 -34.17 33.69
N PRO H 647 4.73 -33.48 33.15
CA PRO H 647 3.82 -34.06 32.17
C PRO H 647 4.50 -34.24 30.81
N ILE H 648 4.12 -35.26 30.04
CA ILE H 648 4.57 -35.40 28.65
C ILE H 648 3.35 -35.49 27.72
N GLY H 649 2.56 -36.54 27.81
CA GLY H 649 1.42 -36.75 26.93
C GLY H 649 1.06 -38.22 26.82
N ALA H 650 -0.20 -38.53 26.50
CA ALA H 650 -0.67 -39.90 26.34
C ALA H 650 -0.28 -40.81 27.54
N GLY H 651 -0.41 -40.28 28.75
CA GLY H 651 -0.15 -40.97 30.00
C GLY H 651 1.31 -41.07 30.42
N ILE H 652 2.26 -40.71 29.57
CA ILE H 652 3.68 -40.68 29.97
C ILE H 652 3.96 -39.45 30.81
N CYS H 653 4.81 -39.61 31.82
CA CYS H 653 5.38 -38.54 32.63
C CYS H 653 6.86 -38.79 32.87
N ALA H 654 7.59 -37.76 33.25
CA ALA H 654 9.02 -37.82 33.51
C ALA H 654 9.39 -37.17 34.85
N SER H 655 10.48 -37.63 35.47
CA SER H 655 10.93 -37.20 36.79
C SER H 655 12.43 -37.42 36.94
N TYR H 656 13.01 -36.82 37.98
CA TYR H 656 14.44 -36.92 38.28
C TYR H 656 14.76 -37.85 39.46
N GLN H 657 13.98 -38.92 39.63
CA GLN H 657 14.16 -39.89 40.72
C GLN H 657 15.50 -40.64 40.60
N THR H 658 16.21 -40.78 41.72
CA THR H 658 17.55 -41.40 41.80
C THR H 658 17.56 -42.86 41.34
N SER H 671 24.17 -41.90 39.91
CA SER H 671 22.92 -42.50 40.41
C SER H 671 21.66 -41.77 39.94
N GLN H 672 21.80 -40.69 39.16
CA GLN H 672 20.70 -39.83 38.71
C GLN H 672 20.70 -39.62 37.19
N SER H 673 19.49 -39.57 36.63
CA SER H 673 19.14 -39.29 35.24
C SER H 673 17.65 -38.91 35.19
N ILE H 674 17.17 -38.33 34.08
CA ILE H 674 15.73 -38.18 33.88
C ILE H 674 15.14 -39.54 33.50
N ILE H 675 14.09 -40.00 34.19
CA ILE H 675 13.31 -41.17 33.81
C ILE H 675 12.02 -40.76 33.12
N ALA H 676 11.41 -41.67 32.37
CA ALA H 676 10.06 -41.54 31.83
C ALA H 676 9.27 -42.84 32.02
N TYR H 677 8.00 -42.72 32.41
CA TYR H 677 7.16 -43.82 32.89
C TYR H 677 5.69 -43.51 32.64
N THR H 678 4.82 -44.53 32.63
CA THR H 678 3.37 -44.28 32.60
C THR H 678 2.89 -43.83 33.97
N MET H 679 2.19 -42.71 34.08
CA MET H 679 1.81 -42.15 35.38
C MET H 679 0.82 -43.04 36.12
N SER H 680 0.88 -43.02 37.45
CA SER H 680 -0.07 -43.67 38.33
C SER H 680 -1.13 -42.66 38.75
N LEU H 681 -2.39 -42.98 38.52
CA LEU H 681 -3.51 -42.07 38.77
C LEU H 681 -3.83 -41.89 40.26
N GLY H 682 -3.28 -42.75 41.11
CA GLY H 682 -3.42 -42.76 42.57
C GLY H 682 -3.19 -44.17 43.14
N VAL H 683 -3.08 -44.30 44.46
CA VAL H 683 -3.01 -45.61 45.13
C VAL H 683 -4.31 -46.38 44.88
N GLU H 684 -4.23 -47.64 44.46
CA GLU H 684 -5.44 -48.46 44.25
C GLU H 684 -6.01 -49.00 45.57
N ASN H 685 -7.33 -49.02 45.71
CA ASN H 685 -7.99 -49.41 46.96
C ASN H 685 -9.32 -50.14 46.71
N SER H 686 -9.40 -51.44 46.94
CA SER H 686 -10.66 -52.19 46.91
C SER H 686 -11.43 -51.96 48.22
N VAL H 687 -12.49 -51.15 48.18
CA VAL H 687 -13.29 -50.82 49.37
C VAL H 687 -13.94 -52.09 49.92
N ALA H 688 -13.85 -52.34 51.23
CA ALA H 688 -14.27 -53.59 51.88
C ALA H 688 -15.80 -53.75 52.05
N TYR H 689 -16.58 -53.42 51.03
CA TYR H 689 -18.04 -53.50 51.02
C TYR H 689 -18.57 -54.92 51.18
N SER H 690 -19.59 -55.06 52.03
CA SER H 690 -20.56 -56.18 51.99
C SER H 690 -21.98 -55.61 52.17
N ASN H 691 -22.97 -56.49 52.31
CA ASN H 691 -24.39 -56.08 52.37
C ASN H 691 -24.81 -55.92 53.83
N ASN H 692 -23.86 -55.97 54.77
CA ASN H 692 -24.16 -55.91 56.22
C ASN H 692 -22.97 -55.31 56.97
N SER H 693 -22.09 -54.59 56.26
CA SER H 693 -20.94 -53.94 56.89
C SER H 693 -21.00 -52.42 56.72
N ILE H 694 -20.86 -51.67 57.81
CA ILE H 694 -20.71 -50.21 57.77
C ILE H 694 -19.49 -49.77 58.57
N ALA H 695 -18.73 -48.79 58.10
CA ALA H 695 -17.63 -48.22 58.85
C ALA H 695 -17.99 -46.84 59.40
N ILE H 696 -17.85 -46.62 60.70
CA ILE H 696 -18.20 -45.34 61.36
C ILE H 696 -16.93 -44.68 61.91
N PRO H 697 -16.69 -43.38 61.69
CA PRO H 697 -15.54 -42.64 62.22
C PRO H 697 -15.54 -42.57 63.74
N THR H 698 -14.45 -42.98 64.39
CA THR H 698 -14.39 -42.85 65.88
C THR H 698 -13.66 -41.56 66.25
N ASN H 699 -13.09 -40.86 65.27
CA ASN H 699 -12.34 -39.61 65.56
C ASN H 699 -12.36 -38.73 64.31
N PHE H 700 -11.77 -37.54 64.41
CA PHE H 700 -11.85 -36.52 63.32
C PHE H 700 -10.66 -35.57 63.42
N THR H 701 -10.41 -34.81 62.35
CA THR H 701 -9.47 -33.68 62.35
C THR H 701 -10.13 -32.46 61.75
N ILE H 702 -10.03 -31.30 62.41
CA ILE H 702 -10.30 -30.02 61.76
C ILE H 702 -9.15 -29.70 60.79
N SER H 703 -9.46 -29.20 59.60
CA SER H 703 -8.56 -29.27 58.45
C SER H 703 -8.52 -27.96 57.67
N VAL H 704 -7.93 -26.92 58.26
CA VAL H 704 -7.81 -25.60 57.59
C VAL H 704 -7.15 -25.75 56.23
N THR H 705 -7.84 -25.36 55.18
CA THR H 705 -7.48 -25.57 53.78
C THR H 705 -7.46 -24.23 53.06
N THR H 706 -6.33 -23.83 52.49
CA THR H 706 -6.26 -22.56 51.75
C THR H 706 -6.91 -22.70 50.38
N GLU H 707 -7.58 -21.67 49.91
CA GLU H 707 -7.94 -21.49 48.50
C GLU H 707 -7.62 -20.08 48.06
N ILE H 708 -7.09 -19.91 46.85
CA ILE H 708 -6.59 -18.63 46.36
C ILE H 708 -7.30 -18.29 45.04
N LEU H 709 -7.90 -17.12 44.93
CA LEU H 709 -8.62 -16.71 43.72
C LEU H 709 -8.17 -15.31 43.27
N PRO H 710 -7.89 -15.08 41.98
CA PRO H 710 -7.70 -13.74 41.48
C PRO H 710 -9.01 -13.00 41.43
N VAL H 711 -8.95 -11.67 41.52
CA VAL H 711 -10.12 -10.78 41.58
C VAL H 711 -10.02 -9.61 40.61
N SER H 712 -8.83 -9.09 40.34
CA SER H 712 -8.67 -7.92 39.47
C SER H 712 -7.40 -7.98 38.64
N MET H 713 -7.48 -7.58 37.38
CA MET H 713 -6.31 -7.22 36.57
C MET H 713 -5.79 -5.84 37.00
N THR H 714 -4.56 -5.50 36.62
CA THR H 714 -4.04 -4.14 36.78
C THR H 714 -4.77 -3.17 35.83
N LYS H 715 -5.51 -2.20 36.36
CA LYS H 715 -6.28 -1.23 35.55
C LYS H 715 -5.35 -0.49 34.60
N THR H 716 -5.63 -0.52 33.30
CA THR H 716 -4.75 0.07 32.27
C THR H 716 -5.54 0.90 31.27
N SER H 717 -4.93 1.97 30.75
CA SER H 717 -5.48 2.77 29.65
C SER H 717 -4.36 3.24 28.74
N VAL H 718 -4.64 3.45 27.45
CA VAL H 718 -3.62 3.77 26.44
C VAL H 718 -4.04 5.03 25.68
N ASP H 719 -3.16 6.01 25.56
CA ASP H 719 -3.31 7.07 24.56
C ASP H 719 -2.86 6.51 23.21
N CYS H 720 -3.82 6.10 22.39
CA CYS H 720 -3.56 5.55 21.07
C CYS H 720 -2.74 6.50 20.20
N THR H 721 -2.94 7.81 20.29
CA THR H 721 -2.17 8.76 19.50
C THR H 721 -0.71 8.76 19.94
N MET H 722 -0.43 8.72 21.24
CA MET H 722 0.95 8.69 21.73
C MET H 722 1.63 7.36 21.41
N TYR H 723 0.95 6.23 21.61
CA TYR H 723 1.50 4.92 21.30
C TYR H 723 1.81 4.78 19.81
N ILE H 724 0.87 5.13 18.93
CA ILE H 724 1.05 4.99 17.49
C ILE H 724 2.02 6.06 16.95
N CYS H 725 1.79 7.34 17.28
CA CYS H 725 2.42 8.48 16.59
C CYS H 725 3.68 9.05 17.24
N GLY H 726 3.93 8.83 18.54
CA GLY H 726 5.12 9.33 19.21
C GLY H 726 5.37 10.85 19.04
N ASP H 727 4.32 11.66 19.18
CA ASP H 727 4.32 13.13 18.95
C ASP H 727 4.57 13.62 17.51
N SER H 728 4.64 12.75 16.49
CA SER H 728 4.65 13.20 15.10
C SER H 728 3.29 13.80 14.69
N THR H 729 3.30 15.08 14.29
CA THR H 729 2.13 15.75 13.70
C THR H 729 1.71 15.04 12.41
N GLU H 730 2.67 14.57 11.64
CA GLU H 730 2.48 13.89 10.36
C GLU H 730 1.70 12.59 10.55
N CYS H 731 2.17 11.74 11.46
CA CYS H 731 1.49 10.52 11.83
C CYS H 731 0.14 10.80 12.48
N SER H 732 0.06 11.83 13.33
CA SER H 732 -1.21 12.25 13.94
C SER H 732 -2.27 12.62 12.89
N ASN H 733 -1.90 13.38 11.86
CA ASN H 733 -2.80 13.71 10.76
C ASN H 733 -3.16 12.49 9.92
N LEU H 734 -2.20 11.59 9.65
CA LEU H 734 -2.43 10.39 8.85
C LEU H 734 -3.35 9.40 9.58
N LEU H 735 -3.23 9.27 10.89
CA LEU H 735 -4.06 8.38 11.72
C LEU H 735 -5.56 8.73 11.65
N LEU H 736 -5.92 9.99 11.38
CA LEU H 736 -7.33 10.39 11.20
C LEU H 736 -8.04 9.58 10.11
N GLN H 737 -7.31 9.12 9.09
CA GLN H 737 -7.90 8.37 7.98
C GLN H 737 -8.46 7.02 8.43
N TYR H 738 -7.98 6.45 9.54
CA TYR H 738 -8.49 5.23 10.15
C TYR H 738 -9.73 5.45 11.04
N GLY H 739 -10.16 6.70 11.23
CA GLY H 739 -11.41 7.04 11.90
C GLY H 739 -11.45 6.63 13.37
N SER H 740 -12.44 5.83 13.73
CA SER H 740 -12.81 5.60 15.13
C SER H 740 -11.87 4.68 15.92
N PHE H 741 -10.97 3.91 15.32
CA PHE H 741 -10.15 2.94 16.06
C PHE H 741 -9.37 3.58 17.21
N CYS H 742 -8.82 4.77 17.01
CA CYS H 742 -8.13 5.56 18.03
C CYS H 742 -8.99 5.81 19.30
N THR H 743 -10.29 6.05 19.15
CA THR H 743 -11.24 6.14 20.29
C THR H 743 -11.73 4.78 20.76
N GLN H 744 -12.07 3.88 19.85
CA GLN H 744 -12.69 2.60 20.17
C GLN H 744 -11.84 1.73 21.10
N LEU H 745 -10.52 1.69 20.87
CA LEU H 745 -9.61 0.91 21.72
C LEU H 745 -9.43 1.55 23.10
N ASN H 746 -9.36 2.87 23.17
CA ASN H 746 -9.33 3.59 24.45
C ASN H 746 -10.64 3.42 25.25
N ARG H 747 -11.79 3.36 24.59
CA ARG H 747 -13.07 2.99 25.22
C ARG H 747 -13.06 1.55 25.74
N ALA H 748 -12.61 0.59 24.94
CA ALA H 748 -12.59 -0.81 25.34
C ALA H 748 -11.72 -1.06 26.58
N LEU H 749 -10.52 -0.45 26.65
CA LEU H 749 -9.69 -0.51 27.84
C LEU H 749 -10.33 0.20 29.04
N THR H 750 -10.98 1.34 28.84
CA THR H 750 -11.72 2.02 29.93
C THR H 750 -12.81 1.13 30.50
N GLY H 751 -13.52 0.35 29.68
CA GLY H 751 -14.50 -0.62 30.14
C GLY H 751 -13.90 -1.68 31.06
N ILE H 752 -12.76 -2.27 30.66
CA ILE H 752 -12.03 -3.23 31.50
C ILE H 752 -11.59 -2.57 32.81
N ALA H 753 -11.04 -1.36 32.75
CA ALA H 753 -10.55 -0.66 33.93
C ALA H 753 -11.66 -0.42 34.97
N VAL H 754 -12.83 0.05 34.54
CA VAL H 754 -13.97 0.25 35.46
C VAL H 754 -14.43 -1.07 36.06
N GLU H 755 -14.41 -2.16 35.28
CA GLU H 755 -14.84 -3.46 35.79
C GLU H 755 -13.96 -3.99 36.93
N GLN H 756 -12.70 -3.55 37.06
CA GLN H 756 -11.86 -4.02 38.16
C GLN H 756 -12.32 -3.50 39.52
N ASP H 757 -12.83 -2.28 39.59
CA ASP H 757 -13.43 -1.75 40.81
C ASP H 757 -14.76 -2.43 41.09
N LYS H 758 -15.57 -2.71 40.06
CA LYS H 758 -16.79 -3.50 40.19
C LYS H 758 -16.51 -4.89 40.75
N ASN H 759 -15.52 -5.61 40.23
CA ASN H 759 -15.10 -6.90 40.76
C ASN H 759 -14.66 -6.81 42.22
N THR H 760 -13.79 -5.86 42.54
CA THR H 760 -13.27 -5.72 43.89
C THR H 760 -14.38 -5.39 44.88
N GLN H 761 -15.36 -4.56 44.51
CA GLN H 761 -16.51 -4.30 45.37
C GLN H 761 -17.43 -5.50 45.52
N GLU H 762 -17.78 -6.22 44.44
CA GLU H 762 -18.67 -7.37 44.58
C GLU H 762 -18.05 -8.52 45.40
N VAL H 763 -16.72 -8.65 45.42
CA VAL H 763 -16.04 -9.62 46.27
C VAL H 763 -15.99 -9.17 47.72
N PHE H 764 -15.43 -7.99 48.03
CA PHE H 764 -15.19 -7.58 49.41
C PHE H 764 -16.32 -6.79 50.06
N ALA H 765 -16.97 -5.89 49.34
CA ALA H 765 -17.96 -4.96 49.89
C ALA H 765 -19.36 -5.59 50.07
N GLN H 766 -19.41 -6.84 50.51
CA GLN H 766 -20.67 -7.52 50.85
C GLN H 766 -21.18 -7.18 52.25
N VAL H 767 -20.27 -6.85 53.18
CA VAL H 767 -20.60 -6.45 54.54
C VAL H 767 -21.20 -5.04 54.56
N LYS H 768 -22.29 -4.84 55.31
CA LYS H 768 -23.04 -3.57 55.31
C LYS H 768 -22.43 -2.47 56.21
N GLN H 769 -21.72 -2.86 57.26
CA GLN H 769 -21.13 -1.98 58.27
C GLN H 769 -19.74 -2.48 58.64
N ILE H 770 -18.85 -1.62 59.11
CA ILE H 770 -17.50 -2.02 59.48
C ILE H 770 -17.50 -2.55 60.91
N TYR H 771 -17.85 -3.82 61.05
CA TYR H 771 -17.77 -4.52 62.33
C TYR H 771 -16.34 -4.54 62.87
N LYS H 772 -16.18 -4.51 64.20
CA LYS H 772 -14.87 -4.45 64.86
C LYS H 772 -14.68 -5.59 65.85
N THR H 773 -13.45 -6.07 65.99
CA THR H 773 -13.11 -7.13 66.96
C THR H 773 -13.21 -6.61 68.40
N PRO H 774 -13.71 -7.40 69.36
CA PRO H 774 -13.80 -7.00 70.77
C PRO H 774 -12.42 -6.89 71.44
N PRO H 775 -12.30 -6.16 72.56
CA PRO H 775 -11.02 -5.98 73.26
C PRO H 775 -10.47 -7.29 73.82
N ILE H 776 -11.30 -8.10 74.49
CA ILE H 776 -10.91 -9.41 75.04
C ILE H 776 -11.15 -10.50 73.98
N LYS H 777 -10.10 -11.19 73.56
CA LYS H 777 -10.13 -12.24 72.52
C LYS H 777 -10.64 -13.58 73.09
N ASP H 778 -11.78 -13.56 73.76
CA ASP H 778 -12.32 -14.64 74.59
C ASP H 778 -13.07 -15.73 73.79
N PHE H 779 -12.46 -16.22 72.72
CA PHE H 779 -13.10 -17.10 71.73
C PHE H 779 -13.04 -18.58 72.09
N GLY H 780 -13.38 -18.94 73.33
CA GLY H 780 -13.53 -20.35 73.74
C GLY H 780 -12.29 -21.23 73.58
N GLY H 781 -11.09 -20.66 73.50
CA GLY H 781 -9.81 -21.35 73.28
C GLY H 781 -9.22 -21.22 71.87
N PHE H 782 -10.06 -20.76 70.92
CA PHE H 782 -9.66 -20.61 69.50
C PHE H 782 -8.87 -19.31 69.34
N ASN H 783 -7.63 -19.43 68.85
CA ASN H 783 -6.71 -18.28 68.67
C ASN H 783 -6.82 -17.79 67.23
N PHE H 784 -7.06 -16.48 67.04
CA PHE H 784 -7.21 -15.92 65.68
C PHE H 784 -6.15 -14.82 65.46
N SER H 785 -5.15 -14.75 66.34
CA SER H 785 -4.16 -13.66 66.25
C SER H 785 -3.37 -13.62 64.94
N GLN H 786 -3.20 -14.76 64.26
CA GLN H 786 -2.54 -14.84 62.95
C GLN H 786 -3.37 -14.24 61.80
N ILE H 787 -4.70 -14.14 61.94
CA ILE H 787 -5.62 -13.74 60.87
C ILE H 787 -6.35 -12.44 61.15
N LEU H 788 -6.48 -12.02 62.40
CA LEU H 788 -6.99 -10.69 62.76
C LEU H 788 -5.94 -9.61 62.47
N PRO H 789 -6.34 -8.34 62.34
CA PRO H 789 -5.42 -7.22 62.16
C PRO H 789 -4.38 -7.08 63.27
N ASP H 790 -3.16 -6.67 62.92
CA ASP H 790 -2.20 -6.13 63.87
C ASP H 790 -2.31 -4.59 63.90
N PRO H 791 -2.78 -3.98 65.01
CA PRO H 791 -3.01 -2.54 65.07
C PRO H 791 -1.71 -1.72 65.06
N SER H 792 -0.55 -2.32 65.32
CA SER H 792 0.74 -1.61 65.43
C SER H 792 1.34 -1.18 64.09
N LYS H 793 0.85 -1.81 63.00
CA LYS H 793 1.39 -1.62 61.63
C LYS H 793 0.89 -0.29 61.06
N SER H 795 -0.16 -0.04 57.30
CA SER H 795 -1.26 -0.81 56.67
C SER H 795 -1.65 -1.96 57.61
N LYS H 796 -2.82 -1.85 58.27
CA LYS H 796 -3.15 -2.69 59.43
C LYS H 796 -3.68 -4.06 58.99
N ARG H 797 -2.85 -4.79 58.26
CA ARG H 797 -3.11 -6.16 57.80
C ARG H 797 -2.91 -7.19 58.91
N SER H 798 -3.42 -8.40 58.72
CA SER H 798 -3.11 -9.53 59.60
C SER H 798 -1.71 -10.08 59.35
N PHE H 799 -1.25 -11.02 60.18
CA PHE H 799 0.02 -11.68 59.93
C PHE H 799 -0.01 -12.49 58.63
N ILE H 800 -1.05 -13.31 58.42
CA ILE H 800 -1.15 -14.11 57.19
C ILE H 800 -1.36 -13.23 55.95
N GLU H 801 -2.07 -12.11 56.05
CA GLU H 801 -2.15 -11.16 54.94
C GLU H 801 -0.78 -10.59 54.59
N ASP H 802 0.12 -10.35 55.56
CA ASP H 802 1.48 -9.89 55.24
C ASP H 802 2.29 -10.90 54.46
N LEU H 803 2.26 -12.19 54.81
CA LEU H 803 2.94 -13.20 54.00
C LEU H 803 2.43 -13.17 52.55
N LEU H 804 1.12 -13.06 52.36
CA LEU H 804 0.52 -13.01 51.04
C LEU H 804 0.95 -11.75 50.28
N PHE H 805 0.98 -10.58 50.92
CA PHE H 805 1.50 -9.36 50.30
C PHE H 805 3.01 -9.37 50.06
N ASN H 806 3.79 -10.24 50.73
CA ASN H 806 5.23 -10.38 50.48
C ASN H 806 5.55 -11.40 49.38
N LYS H 807 4.90 -12.56 49.32
CA LYS H 807 5.23 -13.61 48.32
C LYS H 807 4.88 -13.18 46.90
N VAL H 808 3.72 -12.58 46.66
CA VAL H 808 3.38 -12.06 45.33
C VAL H 808 4.33 -10.92 44.97
N THR H 809 4.91 -10.97 43.77
CA THR H 809 6.04 -10.14 43.35
C THR H 809 5.75 -9.43 42.02
N LYS H 836 8.79 1.93 28.56
CA LYS H 836 7.84 1.59 29.63
C LYS H 836 6.66 2.57 29.71
N PHE H 837 6.88 3.82 29.30
CA PHE H 837 5.95 4.94 29.44
C PHE H 837 5.47 5.51 28.09
N ASN H 838 5.52 4.69 27.04
CA ASN H 838 5.24 5.05 25.65
C ASN H 838 3.74 5.15 25.34
N GLY H 839 3.03 6.06 25.99
CA GLY H 839 1.59 6.28 25.81
C GLY H 839 0.68 5.31 26.58
N LEU H 840 1.24 4.23 27.12
CA LEU H 840 0.60 3.38 28.12
C LEU H 840 0.47 4.13 29.45
N THR H 841 -0.61 3.88 30.19
CA THR H 841 -0.80 4.37 31.57
C THR H 841 -1.43 3.28 32.43
N VAL H 842 -1.00 3.19 33.68
CA VAL H 842 -1.59 2.31 34.71
C VAL H 842 -2.33 3.18 35.73
N LEU H 843 -3.53 2.75 36.12
CA LEU H 843 -4.44 3.52 36.97
C LEU H 843 -4.58 2.84 38.34
N PRO H 844 -4.82 3.59 39.43
CA PRO H 844 -4.99 2.99 40.75
C PRO H 844 -6.34 2.27 40.86
N PRO H 845 -6.45 1.22 41.68
CA PRO H 845 -7.74 0.68 42.11
C PRO H 845 -8.50 1.74 42.93
N LEU H 846 -9.83 1.72 42.93
CA LEU H 846 -10.60 2.69 43.70
C LEU H 846 -10.38 2.49 45.19
N LEU H 847 -10.31 1.24 45.64
CA LEU H 847 -10.07 0.87 47.03
C LEU H 847 -8.58 0.57 47.22
N THR H 848 -7.93 1.23 48.17
CA THR H 848 -6.52 0.96 48.49
C THR H 848 -6.36 -0.38 49.21
N ASP H 849 -5.15 -0.88 49.29
CA ASP H 849 -4.86 -2.12 50.03
C ASP H 849 -5.28 -2.04 51.52
N GLU H 850 -5.19 -0.86 52.12
CA GLU H 850 -5.71 -0.61 53.46
C GLU H 850 -7.23 -0.74 53.51
N MET H 851 -7.97 -0.17 52.56
CA MET H 851 -9.43 -0.29 52.53
C MET H 851 -9.87 -1.74 52.34
N ILE H 852 -9.18 -2.51 51.51
CA ILE H 852 -9.47 -3.94 51.39
C ILE H 852 -9.20 -4.65 52.71
N ALA H 853 -8.12 -4.34 53.41
CA ALA H 853 -7.88 -4.91 54.73
C ALA H 853 -8.92 -4.47 55.78
N GLN H 854 -9.57 -3.31 55.63
CA GLN H 854 -10.73 -2.98 56.47
C GLN H 854 -11.93 -3.85 56.15
N TYR H 855 -12.25 -4.14 54.89
CA TYR H 855 -13.32 -5.09 54.58
C TYR H 855 -12.99 -6.51 55.04
N THR H 856 -11.78 -7.05 54.81
CA THR H 856 -11.47 -8.39 55.32
C THR H 856 -11.42 -8.42 56.84
N SER H 857 -11.05 -7.33 57.52
CA SER H 857 -11.24 -7.21 58.97
C SER H 857 -12.71 -7.23 59.36
N ALA H 858 -13.58 -6.48 58.69
CA ALA H 858 -15.00 -6.45 59.02
C ALA H 858 -15.70 -7.79 58.78
N LEU H 859 -15.46 -8.42 57.63
CA LEU H 859 -15.98 -9.75 57.31
C LEU H 859 -15.51 -10.79 58.33
N LEU H 860 -14.25 -10.77 58.70
CA LEU H 860 -13.71 -11.67 59.71
C LEU H 860 -14.27 -11.38 61.10
N ALA H 861 -14.33 -10.13 61.56
CA ALA H 861 -14.87 -9.79 62.87
C ALA H 861 -16.37 -10.06 62.99
N GLY H 862 -17.12 -9.91 61.92
CA GLY H 862 -18.51 -10.38 61.86
C GLY H 862 -18.58 -11.91 62.01
N THR H 863 -17.81 -12.64 61.22
CA THR H 863 -17.80 -14.11 61.20
C THR H 863 -17.37 -14.72 62.53
N ILE H 864 -16.47 -14.08 63.26
CA ILE H 864 -16.05 -14.52 64.59
C ILE H 864 -17.10 -14.20 65.64
N THR H 865 -17.62 -12.97 65.69
CA THR H 865 -18.50 -12.57 66.81
C THR H 865 -19.97 -12.93 66.63
N SER H 866 -20.45 -13.22 65.42
CA SER H 866 -21.88 -13.19 65.12
C SER H 866 -22.38 -14.23 64.12
N GLY H 867 -21.60 -15.26 63.83
CA GLY H 867 -22.01 -16.33 62.92
C GLY H 867 -22.29 -15.86 61.51
N TRP H 868 -23.28 -16.46 60.87
CA TRP H 868 -23.83 -15.98 59.61
C TRP H 868 -24.74 -14.75 59.75
N THR H 869 -25.15 -14.38 60.97
CA THR H 869 -26.26 -13.43 61.15
C THR H 869 -26.00 -12.07 60.52
N PHE H 870 -24.76 -11.59 60.51
CA PHE H 870 -24.40 -10.33 59.85
C PHE H 870 -24.55 -10.36 58.32
N GLY H 871 -24.66 -11.55 57.72
CA GLY H 871 -24.97 -11.73 56.29
C GLY H 871 -26.47 -11.81 55.99
N ALA H 872 -27.32 -11.96 57.00
CA ALA H 872 -28.78 -11.99 56.88
C ALA H 872 -29.46 -10.70 57.34
N GLY H 873 -28.93 -10.02 58.35
CA GLY H 873 -29.48 -8.78 58.90
C GLY H 873 -28.44 -8.02 59.71
N ALA H 874 -28.84 -7.38 60.80
CA ALA H 874 -27.88 -6.84 61.77
C ALA H 874 -27.10 -7.98 62.44
N ALA H 875 -25.82 -7.77 62.76
CA ALA H 875 -25.04 -8.77 63.48
C ALA H 875 -25.59 -9.01 64.89
N LEU H 876 -25.74 -10.28 65.27
CA LEU H 876 -26.17 -10.71 66.60
C LEU H 876 -24.99 -11.36 67.31
N GLN H 877 -24.53 -10.84 68.45
CA GLN H 877 -23.42 -11.48 69.14
C GLN H 877 -23.83 -12.88 69.61
N ILE H 878 -22.87 -13.80 69.66
CA ILE H 878 -23.04 -15.15 70.20
C ILE H 878 -21.69 -15.67 70.70
N PRO H 879 -21.60 -16.46 71.79
CA PRO H 879 -20.32 -16.97 72.26
C PRO H 879 -19.69 -17.91 71.25
N PHE H 880 -18.38 -17.86 71.02
CA PHE H 880 -17.81 -18.58 69.89
C PHE H 880 -17.95 -20.10 69.99
N ALA H 881 -17.82 -20.68 71.17
CA ALA H 881 -18.04 -22.10 71.36
C ALA H 881 -19.45 -22.53 70.92
N MET H 882 -20.46 -21.69 71.13
CA MET H 882 -21.82 -21.96 70.68
C MET H 882 -21.98 -21.78 69.17
N GLN H 883 -21.29 -20.82 68.56
CA GLN H 883 -21.30 -20.71 67.11
C GLN H 883 -20.75 -21.98 66.48
N MET H 884 -19.62 -22.50 66.94
CA MET H 884 -19.12 -23.76 66.40
C MET H 884 -20.09 -24.91 66.66
N ALA H 885 -20.86 -24.90 67.76
CA ALA H 885 -21.85 -25.92 68.00
C ALA H 885 -22.96 -25.90 66.96
N TYR H 886 -23.41 -24.73 66.49
CA TYR H 886 -24.35 -24.69 65.36
C TYR H 886 -23.69 -25.19 64.08
N ARG H 887 -22.44 -24.83 63.80
CA ARG H 887 -21.76 -25.26 62.58
C ARG H 887 -21.51 -26.77 62.57
N PHE H 888 -21.20 -27.39 63.71
CA PHE H 888 -21.21 -28.85 63.85
C PHE H 888 -22.61 -29.43 63.64
N ASN H 889 -23.64 -28.85 64.25
CA ASN H 889 -25.01 -29.30 64.03
C ASN H 889 -25.38 -29.23 62.53
N GLY H 890 -24.85 -28.25 61.80
CA GLY H 890 -25.02 -28.11 60.36
C GLY H 890 -24.45 -29.25 59.51
N ILE H 891 -23.56 -30.09 60.03
CA ILE H 891 -22.95 -31.23 59.32
C ILE H 891 -23.38 -32.59 59.89
N GLY H 892 -24.52 -32.65 60.60
CA GLY H 892 -25.04 -33.90 61.15
C GLY H 892 -24.25 -34.47 62.33
N VAL H 893 -23.35 -33.70 62.93
CA VAL H 893 -22.64 -34.06 64.16
C VAL H 893 -23.30 -33.34 65.32
N THR H 894 -23.79 -34.10 66.30
CA THR H 894 -24.64 -33.58 67.36
C THR H 894 -23.89 -32.62 68.26
N GLN H 895 -24.52 -31.55 68.75
CA GLN H 895 -23.83 -30.42 69.41
C GLN H 895 -22.84 -30.85 70.49
N ASN H 896 -23.20 -31.85 71.28
CA ASN H 896 -22.40 -32.33 72.40
C ASN H 896 -21.05 -32.89 71.98
N VAL H 897 -20.89 -33.36 70.75
CA VAL H 897 -19.59 -33.80 70.22
C VAL H 897 -18.59 -32.64 70.16
N LEU H 898 -19.02 -31.38 70.02
CA LEU H 898 -18.12 -30.23 70.19
C LEU H 898 -17.77 -30.02 71.67
N TYR H 899 -18.77 -29.82 72.54
CA TYR H 899 -18.50 -29.44 73.92
C TYR H 899 -17.70 -30.50 74.67
N GLU H 900 -17.97 -31.77 74.44
CA GLU H 900 -17.19 -32.86 75.03
C GLU H 900 -15.75 -32.94 74.50
N ASN H 901 -15.38 -32.15 73.49
CA ASN H 901 -14.06 -32.13 72.87
C ASN H 901 -13.52 -30.71 72.65
N GLN H 902 -14.01 -29.70 73.38
CA GLN H 902 -13.76 -28.31 72.99
C GLN H 902 -12.28 -27.93 72.97
N LYS H 903 -11.50 -28.30 73.99
CA LYS H 903 -10.07 -27.96 74.04
C LYS H 903 -9.28 -28.67 72.94
N LEU H 904 -9.57 -29.94 72.68
CA LEU H 904 -9.00 -30.67 71.55
C LEU H 904 -9.29 -29.96 70.22
N ILE H 905 -10.53 -29.55 69.99
CA ILE H 905 -10.92 -28.88 68.74
C ILE H 905 -10.24 -27.51 68.64
N ALA H 906 -10.10 -26.78 69.74
CA ALA H 906 -9.32 -25.54 69.76
C ALA H 906 -7.85 -25.78 69.40
N ASN H 907 -7.20 -26.79 69.99
CA ASN H 907 -5.81 -27.13 69.65
C ASN H 907 -5.66 -27.55 68.20
N GLN H 908 -6.56 -28.36 67.65
CA GLN H 908 -6.52 -28.72 66.23
C GLN H 908 -6.68 -27.49 65.34
N PHE H 909 -7.61 -26.59 65.63
CA PHE H 909 -7.75 -25.36 64.85
C PHE H 909 -6.51 -24.48 64.95
N ASN H 910 -6.01 -24.20 66.16
CA ASN H 910 -4.81 -23.37 66.36
C ASN H 910 -3.59 -23.96 65.66
N SER H 911 -3.36 -25.27 65.81
CA SER H 911 -2.27 -25.97 65.12
C SER H 911 -2.41 -25.89 63.60
N ALA H 912 -3.61 -26.09 63.05
CA ALA H 912 -3.84 -25.99 61.63
C ALA H 912 -3.59 -24.59 61.08
N ILE H 913 -4.00 -23.53 61.79
CA ILE H 913 -3.62 -22.15 61.46
C ILE H 913 -2.10 -22.00 61.42
N GLY H 914 -1.40 -22.56 62.41
CA GLY H 914 0.07 -22.60 62.42
C GLY H 914 0.65 -23.23 61.15
N LYS H 915 0.12 -24.36 60.70
CA LYS H 915 0.57 -24.99 59.44
C LYS H 915 0.38 -24.08 58.23
N ILE H 916 -0.70 -23.31 58.14
CA ILE H 916 -0.86 -22.36 57.02
C ILE H 916 0.25 -21.31 57.05
N GLN H 917 0.52 -20.75 58.23
CA GLN H 917 1.52 -19.70 58.42
C GLN H 917 2.91 -20.20 58.03
N ASP H 918 3.27 -21.42 58.43
CA ASP H 918 4.49 -22.10 57.97
C ASP H 918 4.49 -22.34 56.46
N SER H 919 3.39 -22.83 55.88
CA SER H 919 3.29 -23.16 54.45
C SER H 919 3.51 -21.93 53.56
N LEU H 920 2.80 -20.85 53.83
CA LEU H 920 2.95 -19.59 53.07
C LEU H 920 4.33 -18.96 53.29
N SER H 921 4.91 -19.09 54.50
CA SER H 921 6.27 -18.61 54.75
C SER H 921 7.32 -19.40 53.97
N SER H 922 7.14 -20.73 53.85
CA SER H 922 8.11 -21.66 53.27
C SER H 922 8.40 -21.47 51.78
N THR H 923 7.37 -21.23 50.93
CA THR H 923 7.54 -21.19 49.46
C THR H 923 6.78 -20.06 48.76
N ALA H 924 7.39 -19.47 47.73
CA ALA H 924 6.76 -18.54 46.80
C ALA H 924 5.96 -19.22 45.66
N SER H 925 6.12 -20.54 45.46
CA SER H 925 5.45 -21.29 44.37
C SER H 925 3.98 -21.61 44.64
N ALA H 926 3.50 -21.48 45.88
CA ALA H 926 2.13 -21.83 46.27
C ALA H 926 1.05 -20.85 45.75
N LEU H 927 1.37 -19.55 45.61
CA LEU H 927 0.45 -18.49 45.19
C LEU H 927 0.33 -18.37 43.66
N GLY H 928 0.48 -19.47 42.93
CA GLY H 928 0.58 -19.48 41.47
C GLY H 928 -0.56 -18.75 40.77
N LYS H 929 -1.79 -18.91 41.27
CA LYS H 929 -2.99 -18.25 40.69
C LYS H 929 -2.94 -16.73 40.70
N LEU H 930 -2.31 -16.11 41.70
CA LEU H 930 -2.15 -14.65 41.75
C LEU H 930 -0.89 -14.22 41.01
N GLN H 931 0.23 -14.91 41.20
CA GLN H 931 1.47 -14.54 40.52
C GLN H 931 1.33 -14.63 39.01
N ASP H 932 0.59 -15.60 38.49
CA ASP H 932 0.30 -15.72 37.07
C ASP H 932 -0.52 -14.54 36.51
N VAL H 933 -1.44 -13.96 37.28
CA VAL H 933 -2.15 -12.73 36.85
C VAL H 933 -1.19 -11.57 36.70
N VAL H 934 -0.22 -11.42 37.60
CA VAL H 934 0.79 -10.37 37.46
C VAL H 934 1.71 -10.67 36.28
N ASN H 935 2.19 -11.89 36.13
CA ASN H 935 3.08 -12.28 35.03
C ASN H 935 2.42 -12.11 33.66
N GLN H 936 1.17 -12.57 33.47
CA GLN H 936 0.49 -12.42 32.18
C GLN H 936 0.33 -10.95 31.77
N ASN H 937 -0.01 -10.06 32.71
CA ASN H 937 -0.13 -8.65 32.39
C ASN H 937 1.23 -8.00 32.15
N ALA H 938 2.30 -8.41 32.85
CA ALA H 938 3.65 -7.97 32.52
C ALA H 938 4.07 -8.40 31.11
N GLN H 939 3.86 -9.67 30.72
CA GLN H 939 4.14 -10.14 29.36
C GLN H 939 3.33 -9.38 28.30
N ALA H 940 2.05 -9.13 28.55
CA ALA H 940 1.20 -8.38 27.62
C ALA H 940 1.74 -6.97 27.41
N LEU H 941 1.99 -6.22 28.48
CA LEU H 941 2.49 -4.85 28.38
C LEU H 941 3.90 -4.79 27.77
N ASN H 942 4.83 -5.65 28.18
CA ASN H 942 6.16 -5.66 27.57
C ASN H 942 6.11 -6.06 26.09
N THR H 943 5.26 -7.00 25.68
CA THR H 943 5.13 -7.34 24.26
C THR H 943 4.53 -6.18 23.48
N LEU H 944 3.53 -5.50 24.01
CA LEU H 944 2.95 -4.31 23.40
C LEU H 944 4.00 -3.19 23.23
N VAL H 945 4.88 -3.01 24.21
CA VAL H 945 5.99 -2.03 24.11
C VAL H 945 7.03 -2.47 23.08
N LYS H 946 7.53 -3.71 23.13
CA LYS H 946 8.54 -4.17 22.16
C LYS H 946 8.08 -4.06 20.73
N GLN H 947 6.80 -4.28 20.42
CA GLN H 947 6.26 -4.10 19.07
C GLN H 947 6.37 -2.67 18.53
N LEU H 948 6.64 -1.64 19.35
CA LEU H 948 7.00 -0.31 18.81
C LEU H 948 8.26 -0.35 17.94
N SER H 949 9.21 -1.21 18.29
CA SER H 949 10.51 -1.34 17.61
C SER H 949 10.48 -2.24 16.37
N SER H 950 9.40 -2.98 16.12
CA SER H 950 9.27 -3.82 14.93
C SER H 950 9.02 -2.96 13.68
N ASN H 951 9.57 -3.38 12.54
CA ASN H 951 9.52 -2.61 11.31
C ASN H 951 8.22 -2.79 10.52
N PHE H 952 7.54 -3.93 10.63
CA PHE H 952 6.34 -4.28 9.85
C PHE H 952 6.52 -4.11 8.33
N GLY H 953 7.75 -4.34 7.84
CA GLY H 953 8.15 -4.14 6.45
C GLY H 953 8.44 -2.68 6.04
N ALA H 954 8.27 -1.71 6.94
CA ALA H 954 8.69 -0.33 6.70
C ALA H 954 10.22 -0.16 6.77
N ILE H 955 10.73 0.94 6.24
CA ILE H 955 12.18 1.21 6.12
C ILE H 955 12.91 1.29 7.48
N SER H 956 12.25 1.80 8.51
CA SER H 956 12.72 1.81 9.90
C SER H 956 11.53 1.90 10.85
N SER H 957 11.66 1.42 12.08
CA SER H 957 10.66 1.62 13.15
C SER H 957 10.93 2.87 13.99
N VAL H 958 12.05 3.57 13.79
CA VAL H 958 12.29 4.88 14.39
C VAL H 958 11.63 5.94 13.50
N LEU H 959 10.53 6.52 13.93
CA LEU H 959 9.70 7.38 13.07
C LEU H 959 10.46 8.60 12.55
N ASN H 960 11.37 9.15 13.36
CA ASN H 960 12.21 10.28 12.98
C ASN H 960 13.18 9.96 11.83
N ASP H 961 13.53 8.69 11.60
CA ASP H 961 14.26 8.31 10.38
C ASP H 961 13.43 8.67 9.15
N ILE H 962 12.20 8.17 9.06
CA ILE H 962 11.33 8.40 7.91
C ILE H 962 11.10 9.89 7.70
N LEU H 963 10.77 10.60 8.78
CA LEU H 963 10.47 12.03 8.76
C LEU H 963 11.68 12.91 8.37
N SER H 964 12.92 12.44 8.57
CA SER H 964 14.13 13.18 8.16
C SER H 964 14.67 12.73 6.79
N ARG H 965 14.50 11.46 6.43
CA ARG H 965 15.13 10.86 5.23
C ARG H 965 14.28 10.91 3.96
N LEU H 966 12.95 10.98 4.06
CA LEU H 966 12.05 10.86 2.90
C LEU H 966 11.19 12.12 2.69
N ASP H 967 10.85 12.38 1.42
CA ASP H 967 9.95 13.53 1.11
C ASP H 967 8.52 13.11 1.47
N PRO H 968 7.65 14.03 1.94
CA PRO H 968 6.27 13.69 2.35
C PRO H 968 5.54 12.57 1.58
N PRO H 969 5.43 12.54 0.23
CA PRO H 969 4.79 11.41 -0.47
C PRO H 969 5.26 10.02 -0.02
N GLU H 970 6.56 9.71 -0.18
CA GLU H 970 7.06 8.36 0.15
C GLU H 970 7.05 8.18 1.67
N ALA H 971 7.21 9.26 2.44
CA ALA H 971 7.13 9.16 3.89
C ALA H 971 5.74 8.70 4.34
N GLU H 972 4.66 9.19 3.72
CA GLU H 972 3.31 8.73 4.03
C GLU H 972 3.14 7.22 3.83
N VAL H 973 3.76 6.62 2.82
CA VAL H 973 3.65 5.16 2.61
C VAL H 973 4.38 4.39 3.70
N GLN H 974 5.58 4.83 4.06
CA GLN H 974 6.35 4.19 5.14
C GLN H 974 5.69 4.38 6.51
N ILE H 975 5.18 5.57 6.82
CA ILE H 975 4.43 5.79 8.06
C ILE H 975 3.16 4.96 8.04
N ASP H 976 2.43 4.87 6.94
CA ASP H 976 1.21 4.05 6.89
C ASP H 976 1.47 2.57 7.14
N ARG H 977 2.64 2.05 6.74
CA ARG H 977 3.06 0.70 7.14
C ARG H 977 3.25 0.61 8.65
N LEU H 978 3.97 1.54 9.29
CA LEU H 978 4.11 1.55 10.75
C LEU H 978 2.78 1.72 11.46
N ILE H 979 1.90 2.60 11.00
CA ILE H 979 0.56 2.75 11.58
C ILE H 979 -0.16 1.42 11.49
N THR H 980 -0.21 0.79 10.31
CA THR H 980 -0.87 -0.50 10.14
C THR H 980 -0.33 -1.56 11.09
N GLY H 981 0.99 -1.58 11.31
CA GLY H 981 1.63 -2.49 12.25
C GLY H 981 1.28 -2.20 13.71
N ARG H 982 1.53 -0.97 14.17
CA ARG H 982 1.26 -0.56 15.56
C ARG H 982 -0.22 -0.66 15.90
N LEU H 983 -1.10 -0.32 14.98
CA LEU H 983 -2.53 -0.44 15.15
C LEU H 983 -2.95 -1.91 15.27
N GLN H 984 -2.47 -2.80 14.40
CA GLN H 984 -2.75 -4.24 14.51
C GLN H 984 -2.19 -4.84 15.82
N SER H 985 -1.04 -4.36 16.27
CA SER H 985 -0.46 -4.70 17.58
C SER H 985 -1.40 -4.30 18.72
N LEU H 986 -1.87 -3.05 18.73
CA LEU H 986 -2.73 -2.56 19.78
C LEU H 986 -4.10 -3.26 19.78
N GLN H 987 -4.71 -3.48 18.61
CA GLN H 987 -5.97 -4.24 18.53
C GLN H 987 -5.83 -5.67 19.05
N THR H 988 -4.70 -6.32 18.80
CA THR H 988 -4.44 -7.67 19.32
C THR H 988 -4.30 -7.66 20.83
N TYR H 989 -3.54 -6.71 21.37
CA TYR H 989 -3.43 -6.54 22.82
C TYR H 989 -4.78 -6.25 23.48
N VAL H 990 -5.57 -5.31 22.97
CA VAL H 990 -6.89 -5.00 23.54
C VAL H 990 -7.82 -6.20 23.45
N THR H 991 -7.80 -6.95 22.36
CA THR H 991 -8.59 -8.19 22.25
C THR H 991 -8.16 -9.22 23.29
N GLN H 992 -6.86 -9.39 23.55
CA GLN H 992 -6.41 -10.29 24.60
C GLN H 992 -6.77 -9.76 25.99
N GLN H 993 -6.69 -8.46 26.26
CA GLN H 993 -7.17 -7.94 27.54
C GLN H 993 -8.67 -8.11 27.72
N LEU H 994 -9.51 -7.96 26.69
CA LEU H 994 -10.95 -8.23 26.83
C LEU H 994 -11.19 -9.69 27.22
N ILE H 995 -10.53 -10.63 26.54
CA ILE H 995 -10.70 -12.05 26.83
C ILE H 995 -10.19 -12.40 28.23
N ARG H 996 -9.05 -11.83 28.63
CA ARG H 996 -8.51 -11.97 29.98
C ARG H 996 -9.40 -11.32 31.04
N ALA H 997 -10.05 -10.20 30.75
CA ALA H 997 -11.00 -9.59 31.67
C ALA H 997 -12.23 -10.48 31.90
N ALA H 998 -12.74 -11.16 30.87
CA ALA H 998 -13.79 -12.17 31.06
C ALA H 998 -13.31 -13.36 31.90
N GLU H 999 -12.08 -13.81 31.70
CA GLU H 999 -11.47 -14.88 32.49
C GLU H 999 -11.32 -14.51 33.97
N ILE H 1000 -10.90 -13.29 34.29
CA ILE H 1000 -10.85 -12.83 35.69
C ILE H 1000 -12.25 -12.53 36.22
N ARG H 1001 -13.20 -12.02 35.43
CA ARG H 1001 -14.59 -11.84 35.88
C ARG H 1001 -15.22 -13.15 36.33
N ALA H 1002 -15.00 -14.25 35.62
CA ALA H 1002 -15.47 -15.56 36.04
C ALA H 1002 -14.89 -15.98 37.41
N SER H 1003 -13.63 -15.64 37.69
CA SER H 1003 -13.04 -15.83 39.02
C SER H 1003 -13.55 -14.83 40.05
N ALA H 1004 -13.80 -13.57 39.70
CA ALA H 1004 -14.36 -12.60 40.63
C ALA H 1004 -15.79 -12.97 41.03
N ASN H 1005 -16.63 -13.41 40.10
CA ASN H 1005 -17.98 -13.91 40.44
C ASN H 1005 -17.91 -15.19 41.28
N LEU H 1006 -16.96 -16.08 41.01
CA LEU H 1006 -16.74 -17.22 41.88
C LEU H 1006 -16.29 -16.80 43.28
N ALA H 1007 -15.36 -15.86 43.41
CA ALA H 1007 -14.95 -15.35 44.71
C ALA H 1007 -16.09 -14.65 45.44
N ALA H 1008 -16.90 -13.84 44.75
CA ALA H 1008 -18.06 -13.20 45.35
C ALA H 1008 -19.05 -14.24 45.84
N THR H 1009 -19.25 -15.32 45.09
CA THR H 1009 -20.11 -16.43 45.49
C THR H 1009 -19.53 -17.15 46.71
N LYS H 1010 -18.24 -17.44 46.75
CA LYS H 1010 -17.62 -18.03 47.94
C LYS H 1010 -17.64 -17.07 49.13
N MET H 1011 -17.54 -15.77 48.94
CA MET H 1011 -17.67 -14.82 50.03
C MET H 1011 -19.07 -14.92 50.64
N SER H 1012 -20.10 -14.89 49.81
CA SER H 1012 -21.48 -14.98 50.28
C SER H 1012 -21.80 -16.33 50.90
N GLU H 1013 -21.36 -17.44 50.32
CA GLU H 1013 -21.69 -18.77 50.83
C GLU H 1013 -20.76 -19.25 51.95
N CYS H 1014 -19.45 -19.13 51.80
CA CYS H 1014 -18.47 -19.71 52.72
C CYS H 1014 -18.16 -18.85 53.93
N VAL H 1015 -18.23 -17.51 53.82
CA VAL H 1015 -17.92 -16.60 54.92
C VAL H 1015 -19.19 -16.17 55.61
N LEU H 1016 -20.12 -15.56 54.88
CA LEU H 1016 -21.42 -15.14 55.38
C LEU H 1016 -22.37 -16.30 55.72
N GLY H 1017 -21.97 -17.56 55.52
CA GLY H 1017 -22.83 -18.72 55.71
C GLY H 1017 -22.08 -20.00 56.09
N GLN H 1018 -22.68 -21.14 55.78
CA GLN H 1018 -22.06 -22.47 55.83
C GLN H 1018 -22.63 -23.30 54.68
N SER H 1019 -21.93 -23.39 53.56
CA SER H 1019 -22.51 -24.04 52.38
C SER H 1019 -22.54 -25.55 52.51
N LYS H 1020 -23.70 -26.15 52.21
CA LYS H 1020 -23.89 -27.60 52.06
C LYS H 1020 -23.49 -28.12 50.68
N ARG H 1021 -22.90 -27.29 49.82
CA ARG H 1021 -22.42 -27.68 48.48
C ARG H 1021 -21.18 -28.55 48.63
N VAL H 1022 -21.32 -29.86 48.44
CA VAL H 1022 -20.25 -30.82 48.72
C VAL H 1022 -19.00 -30.52 47.91
N ASP H 1023 -17.85 -30.48 48.58
CA ASP H 1023 -16.53 -30.17 48.00
C ASP H 1023 -16.43 -28.80 47.28
N PHE H 1024 -17.36 -27.87 47.53
CA PHE H 1024 -17.22 -26.48 47.09
C PHE H 1024 -16.22 -25.68 47.94
N CYS H 1025 -15.99 -26.10 49.20
CA CYS H 1025 -15.22 -25.38 50.21
C CYS H 1025 -14.06 -26.22 50.76
N GLY H 1026 -13.30 -26.85 49.87
CA GLY H 1026 -12.27 -27.83 50.20
C GLY H 1026 -12.85 -29.18 50.62
N LYS H 1027 -11.98 -30.20 50.75
CA LYS H 1027 -12.37 -31.52 51.25
C LYS H 1027 -12.84 -31.46 52.70
N GLY H 1028 -13.64 -32.44 53.08
CA GLY H 1028 -14.32 -32.50 54.37
C GLY H 1028 -15.66 -31.80 54.34
N TYR H 1029 -16.45 -31.97 55.41
CA TYR H 1029 -17.66 -31.20 55.60
C TYR H 1029 -17.28 -29.78 56.02
N HIS H 1030 -17.93 -28.77 55.48
CA HIS H 1030 -17.56 -27.38 55.73
C HIS H 1030 -18.02 -26.89 57.11
N LEU H 1031 -17.20 -26.13 57.83
CA LEU H 1031 -17.61 -25.47 59.07
C LEU H 1031 -17.74 -23.97 58.90
N MET H 1032 -16.70 -23.27 58.45
CA MET H 1032 -16.67 -21.81 58.26
C MET H 1032 -15.49 -21.43 57.40
N SER H 1033 -15.38 -20.20 56.93
CA SER H 1033 -14.14 -19.75 56.31
C SER H 1033 -13.83 -18.30 56.65
N PHE H 1034 -12.55 -17.97 56.59
CA PHE H 1034 -12.07 -16.62 56.83
C PHE H 1034 -11.45 -16.07 55.56
N PRO H 1035 -11.88 -14.91 55.04
CA PRO H 1035 -11.19 -14.28 53.96
C PRO H 1035 -9.93 -13.61 54.50
N GLN H 1036 -8.89 -13.56 53.70
CA GLN H 1036 -7.69 -12.77 53.91
C GLN H 1036 -7.40 -12.07 52.57
N SER H 1037 -7.03 -10.81 52.59
CA SER H 1037 -6.73 -10.07 51.37
C SER H 1037 -5.36 -10.47 50.81
N ALA H 1038 -5.20 -10.40 49.49
CA ALA H 1038 -3.93 -10.63 48.81
C ALA H 1038 -3.88 -9.77 47.53
N PRO H 1039 -2.71 -9.34 47.06
CA PRO H 1039 -2.63 -8.39 45.96
C PRO H 1039 -3.23 -8.98 44.68
N HIS H 1040 -4.18 -8.26 44.07
CA HIS H 1040 -4.98 -8.70 42.92
C HIS H 1040 -5.86 -9.93 43.15
N GLY H 1041 -6.16 -10.30 44.39
CA GLY H 1041 -6.95 -11.49 44.68
C GLY H 1041 -7.56 -11.55 46.07
N VAL H 1042 -7.98 -12.75 46.46
CA VAL H 1042 -8.45 -13.07 47.81
C VAL H 1042 -8.00 -14.48 48.16
N VAL H 1043 -7.73 -14.70 49.44
CA VAL H 1043 -7.42 -16.02 50.00
C VAL H 1043 -8.51 -16.40 50.98
N PHE H 1044 -9.07 -17.58 50.85
CA PHE H 1044 -9.97 -18.14 51.84
C PHE H 1044 -9.20 -19.15 52.66
N LEU H 1045 -9.29 -19.08 53.98
CA LEU H 1045 -8.92 -20.16 54.87
C LEU H 1045 -10.20 -20.94 55.16
N HIS H 1046 -10.49 -21.99 54.40
CA HIS H 1046 -11.67 -22.82 54.66
C HIS H 1046 -11.40 -23.73 55.83
N VAL H 1047 -12.28 -23.77 56.83
CA VAL H 1047 -12.15 -24.64 58.00
C VAL H 1047 -13.13 -25.79 57.81
N THR H 1048 -12.66 -27.02 57.74
CA THR H 1048 -13.50 -28.18 57.44
C THR H 1048 -13.28 -29.32 58.42
N TYR H 1049 -14.30 -30.12 58.66
CA TYR H 1049 -14.25 -31.31 59.50
C TYR H 1049 -13.96 -32.49 58.60
N VAL H 1050 -12.92 -33.26 58.88
CA VAL H 1050 -12.60 -34.49 58.14
C VAL H 1050 -12.65 -35.67 59.12
N PRO H 1051 -13.56 -36.64 58.97
CA PRO H 1051 -13.60 -37.81 59.82
C PRO H 1051 -12.39 -38.72 59.55
N ALA H 1052 -11.78 -39.30 60.58
CA ALA H 1052 -10.37 -39.66 60.49
C ALA H 1052 -9.92 -41.05 60.97
N GLN H 1053 -10.68 -41.75 61.82
CA GLN H 1053 -10.25 -43.03 62.40
C GLN H 1053 -11.42 -44.00 62.53
N GLU H 1054 -11.85 -44.61 61.44
CA GLU H 1054 -13.02 -45.48 61.42
C GLU H 1054 -12.82 -46.86 62.05
N LYS H 1055 -13.92 -47.43 62.53
CA LYS H 1055 -13.98 -48.90 62.85
C LYS H 1055 -15.12 -49.52 62.04
N ASN H 1056 -14.97 -50.80 61.68
CA ASN H 1056 -16.00 -51.52 60.89
C ASN H 1056 -17.02 -52.12 61.86
N PHE H 1057 -18.30 -52.10 61.50
CA PHE H 1057 -19.38 -52.67 62.36
C PHE H 1057 -20.39 -53.43 61.49
N THR H 1058 -20.91 -54.54 62.02
CA THR H 1058 -22.14 -55.15 61.49
C THR H 1058 -23.31 -54.19 61.66
N THR H 1059 -24.18 -54.08 60.67
CA THR H 1059 -25.34 -53.20 60.64
C THR H 1059 -26.54 -53.89 60.02
N ALA H 1060 -27.75 -53.43 60.33
CA ALA H 1060 -28.99 -53.88 59.74
C ALA H 1060 -29.88 -52.67 59.47
N PRO H 1061 -30.63 -52.63 58.35
CA PRO H 1061 -31.36 -51.43 57.93
C PRO H 1061 -32.46 -51.01 58.89
N ALA H 1062 -33.01 -51.95 59.64
CA ALA H 1062 -34.03 -51.78 60.66
C ALA H 1062 -33.93 -52.94 61.65
N ILE H 1063 -34.62 -52.86 62.79
CA ILE H 1063 -34.71 -54.02 63.73
C ILE H 1063 -36.18 -54.33 64.02
N CYS H 1064 -36.52 -55.57 64.38
CA CYS H 1064 -37.95 -55.88 64.75
C CYS H 1064 -38.04 -56.32 66.25
N HIS H 1065 -39.02 -55.80 67.03
CA HIS H 1065 -39.19 -55.82 68.50
C HIS H 1065 -40.48 -56.58 68.85
N ASP H 1066 -41.63 -56.05 68.42
CA ASP H 1066 -42.95 -56.70 68.67
C ASP H 1066 -43.55 -57.10 67.32
N GLY H 1067 -42.80 -57.86 66.52
CA GLY H 1067 -43.24 -58.19 65.15
C GLY H 1067 -43.40 -57.00 64.20
N LYS H 1068 -42.94 -55.81 64.61
CA LYS H 1068 -42.98 -54.55 63.85
C LYS H 1068 -41.58 -53.95 63.71
N ALA H 1069 -41.32 -53.31 62.59
CA ALA H 1069 -39.99 -52.83 62.26
C ALA H 1069 -39.74 -51.44 62.82
N HIS H 1070 -38.69 -51.27 63.63
CA HIS H 1070 -38.19 -50.00 64.13
C HIS H 1070 -37.03 -49.55 63.25
N PHE H 1071 -37.18 -48.41 62.60
CA PHE H 1071 -36.14 -47.73 61.84
C PHE H 1071 -35.45 -46.68 62.72
N PRO H 1072 -34.18 -46.32 62.51
CA PRO H 1072 -33.52 -45.31 63.32
C PRO H 1072 -34.08 -43.94 62.98
N ARG H 1073 -34.37 -43.08 63.97
CA ARG H 1073 -34.98 -41.76 63.71
C ARG H 1073 -34.02 -40.83 62.99
N GLU H 1074 -32.80 -40.74 63.51
CA GLU H 1074 -31.68 -40.12 62.81
C GLU H 1074 -30.37 -40.75 63.30
N GLY H 1075 -29.70 -41.49 62.42
CA GLY H 1075 -28.60 -42.38 62.79
C GLY H 1075 -28.68 -43.74 62.12
N VAL H 1076 -27.83 -44.68 62.54
CA VAL H 1076 -27.71 -46.03 61.98
C VAL H 1076 -27.60 -47.07 63.06
N PHE H 1077 -28.21 -48.25 62.90
CA PHE H 1077 -27.99 -49.36 63.82
C PHE H 1077 -26.64 -50.02 63.59
N VAL H 1078 -25.86 -50.24 64.63
CA VAL H 1078 -24.57 -50.92 64.57
C VAL H 1078 -24.39 -51.85 65.75
N SER H 1079 -23.52 -52.84 65.61
CA SER H 1079 -23.27 -53.81 66.67
C SER H 1079 -21.79 -54.11 66.84
N ASN H 1080 -21.36 -54.20 68.10
CA ASN H 1080 -20.06 -54.76 68.49
C ASN H 1080 -20.04 -56.31 68.49
N GLY H 1081 -20.97 -56.95 67.77
CA GLY H 1081 -21.16 -58.40 67.70
C GLY H 1081 -22.03 -58.98 68.83
N THR H 1082 -22.03 -58.38 70.02
CA THR H 1082 -22.79 -58.86 71.19
C THR H 1082 -24.01 -58.04 71.53
N HIS H 1083 -24.02 -56.73 71.23
CA HIS H 1083 -25.09 -55.79 71.54
C HIS H 1083 -25.46 -54.96 70.31
N TRP H 1084 -26.67 -54.41 70.28
CA TRP H 1084 -27.11 -53.49 69.24
C TRP H 1084 -27.27 -52.08 69.78
N PHE H 1085 -26.75 -51.10 69.03
CA PHE H 1085 -26.76 -49.68 69.36
C PHE H 1085 -27.21 -48.88 68.14
N VAL H 1086 -27.61 -47.63 68.34
CA VAL H 1086 -27.76 -46.65 67.25
C VAL H 1086 -26.77 -45.53 67.45
N THR H 1087 -26.18 -44.99 66.38
CA THR H 1087 -25.26 -43.83 66.49
C THR H 1087 -25.66 -42.75 65.54
N GLN H 1088 -25.30 -41.50 65.81
CA GLN H 1088 -25.19 -40.49 64.75
C GLN H 1088 -24.20 -40.98 63.68
N ARG H 1089 -24.40 -40.62 62.41
CA ARG H 1089 -23.69 -41.28 61.32
C ARG H 1089 -22.26 -40.81 61.04
N ASN H 1090 -21.87 -39.63 61.53
CA ASN H 1090 -20.56 -39.00 61.25
C ASN H 1090 -19.57 -39.02 62.43
N PHE H 1091 -19.89 -39.70 63.53
CA PHE H 1091 -19.02 -39.84 64.70
C PHE H 1091 -19.55 -40.98 65.57
N TYR H 1092 -18.74 -41.96 65.92
CA TYR H 1092 -19.19 -43.12 66.66
C TYR H 1092 -19.54 -42.76 68.10
N GLU H 1093 -20.82 -42.80 68.42
CA GLU H 1093 -21.35 -42.47 69.74
C GLU H 1093 -22.57 -43.36 69.96
N PRO H 1094 -22.45 -44.51 70.64
CA PRO H 1094 -23.51 -45.48 70.74
C PRO H 1094 -24.56 -45.07 71.77
N GLN H 1095 -25.81 -45.04 71.34
CA GLN H 1095 -26.99 -44.84 72.16
C GLN H 1095 -27.71 -46.18 72.31
N ILE H 1096 -28.22 -46.49 73.50
CA ILE H 1096 -29.08 -47.67 73.72
C ILE H 1096 -30.35 -47.52 72.88
N ILE H 1097 -30.78 -48.59 72.19
CA ILE H 1097 -31.89 -48.45 71.25
C ILE H 1097 -33.21 -48.36 72.01
N THR H 1098 -33.97 -47.31 71.75
CA THR H 1098 -35.21 -47.00 72.46
C THR H 1098 -36.32 -46.52 71.53
N THR H 1099 -37.55 -46.57 72.01
CA THR H 1099 -38.73 -46.13 71.26
C THR H 1099 -38.77 -44.63 70.92
N ASP H 1100 -37.86 -43.80 71.45
CA ASP H 1100 -37.69 -42.40 71.06
C ASP H 1100 -36.43 -42.15 70.19
N ASN H 1101 -35.47 -43.07 70.18
CA ASN H 1101 -34.39 -43.11 69.17
C ASN H 1101 -34.86 -43.64 67.80
N THR H 1102 -36.07 -44.20 67.71
CA THR H 1102 -36.52 -45.02 66.58
C THR H 1102 -37.99 -44.78 66.27
N PHE H 1103 -38.46 -45.16 65.08
CA PHE H 1103 -39.87 -45.10 64.73
C PHE H 1103 -40.35 -46.38 64.04
N VAL H 1104 -41.58 -46.80 64.35
CA VAL H 1104 -42.22 -47.97 63.77
C VAL H 1104 -42.67 -47.70 62.34
N SER H 1105 -42.58 -48.68 61.44
CA SER H 1105 -43.37 -48.66 60.21
C SER H 1105 -43.73 -50.06 59.68
N GLY H 1106 -44.85 -50.61 60.16
CA GLY H 1106 -45.39 -51.88 59.69
C GLY H 1106 -44.62 -53.12 60.14
N ASN H 1107 -44.83 -54.23 59.45
CA ASN H 1107 -44.25 -55.55 59.86
C ASN H 1107 -42.86 -55.72 59.27
N CYS H 1108 -42.26 -56.89 59.50
CA CYS H 1108 -40.86 -57.19 59.09
C CYS H 1108 -40.85 -57.78 57.68
N ASP H 1109 -42.00 -58.30 57.25
CA ASP H 1109 -42.09 -59.19 56.05
C ASP H 1109 -41.38 -58.53 54.86
N VAL H 1110 -41.56 -57.22 54.70
CA VAL H 1110 -41.11 -56.51 53.49
C VAL H 1110 -39.69 -56.00 53.61
N VAL H 1111 -39.23 -55.70 54.82
CA VAL H 1111 -37.89 -55.15 55.06
C VAL H 1111 -36.84 -56.23 54.80
N ILE H 1112 -36.06 -56.08 53.73
CA ILE H 1112 -34.94 -56.99 53.45
C ILE H 1112 -33.84 -56.80 54.49
N GLY H 1113 -33.34 -57.87 55.10
CA GLY H 1113 -32.19 -57.82 56.00
C GLY H 1113 -32.46 -57.27 57.41
N ILE H 1114 -33.71 -57.13 57.84
CA ILE H 1114 -34.06 -56.79 59.22
C ILE H 1114 -33.51 -57.84 60.21
N VAL H 1115 -33.10 -57.40 61.41
CA VAL H 1115 -32.74 -58.37 62.50
C VAL H 1115 -33.77 -58.23 63.61
N ASN H 1116 -33.63 -59.02 64.68
CA ASN H 1116 -34.63 -58.99 65.78
C ASN H 1116 -34.24 -57.92 66.81
N ASN H 1117 -33.86 -58.35 68.01
CA ASN H 1117 -33.27 -57.49 69.07
C ASN H 1117 -34.35 -56.72 69.83
N THR H 1118 -34.25 -56.71 71.16
CA THR H 1118 -35.01 -55.80 72.05
C THR H 1118 -34.95 -54.36 71.53
N VAL H 1119 -36.03 -53.60 71.68
CA VAL H 1119 -35.98 -52.13 71.76
C VAL H 1119 -36.46 -51.71 73.15
N TYR H 1120 -35.64 -50.98 73.90
CA TYR H 1120 -35.99 -50.61 75.27
C TYR H 1120 -37.07 -49.52 75.30
N ASP H 1121 -37.91 -49.51 76.33
CA ASP H 1121 -38.93 -48.48 76.52
C ASP H 1121 -38.54 -47.54 77.66
N PRO H 1122 -38.29 -46.24 77.40
CA PRO H 1122 -37.93 -45.28 78.43
C PRO H 1122 -39.00 -45.06 79.51
N LEU H 1123 -40.26 -45.44 79.27
CA LEU H 1123 -41.31 -45.40 80.29
C LEU H 1123 -41.19 -46.54 81.31
N GLN H 1124 -40.52 -47.64 80.98
CA GLN H 1124 -40.50 -48.87 81.80
C GLN H 1124 -40.20 -48.68 83.30
N PRO H 1125 -39.24 -47.83 83.72
CA PRO H 1125 -38.95 -47.57 85.13
C PRO H 1125 -40.13 -46.99 85.92
N GLU H 1126 -41.07 -46.30 85.27
CA GLU H 1126 -42.28 -45.75 85.88
C GLU H 1126 -43.55 -46.49 85.46
N LEU H 1127 -43.52 -47.28 84.39
CA LEU H 1127 -44.50 -48.35 84.17
C LEU H 1127 -44.48 -49.37 85.31
N ASP H 1128 -43.30 -49.60 85.91
CA ASP H 1128 -43.08 -50.36 87.14
C ASP H 1128 -42.73 -49.46 88.34
N SER H 1129 -43.38 -48.30 88.49
CA SER H 1129 -43.05 -47.30 89.53
C SER H 1129 -43.14 -47.86 90.95
N ALA I 12 -38.54 -27.94 -32.37
CA ALA I 12 -39.06 -28.84 -31.32
C ALA I 12 -38.15 -28.82 -30.08
N TYR I 13 -38.69 -29.17 -28.90
CA TYR I 13 -37.94 -29.14 -27.63
C TYR I 13 -38.31 -30.32 -26.71
N THR I 14 -37.37 -30.70 -25.83
CA THR I 14 -37.58 -31.69 -24.76
C THR I 14 -36.78 -31.34 -23.51
N ASN I 15 -37.14 -31.89 -22.36
CA ASN I 15 -36.46 -31.67 -21.09
C ASN I 15 -35.06 -32.30 -21.06
N SER I 16 -34.04 -31.54 -20.64
CA SER I 16 -32.66 -32.03 -20.43
C SER I 16 -32.50 -32.96 -19.23
N PHE I 17 -33.47 -32.97 -18.31
CA PHE I 17 -33.38 -33.65 -17.03
C PHE I 17 -32.05 -33.32 -16.32
N THR I 18 -31.23 -34.31 -16.02
CA THR I 18 -29.95 -34.15 -15.32
C THR I 18 -28.76 -34.54 -16.20
N ARG I 19 -28.90 -34.49 -17.53
CA ARG I 19 -27.84 -34.85 -18.48
C ARG I 19 -26.64 -33.89 -18.38
N GLY I 20 -25.49 -34.30 -18.90
CA GLY I 20 -24.46 -33.34 -19.33
C GLY I 20 -23.61 -32.74 -18.22
N VAL I 21 -23.17 -33.57 -17.28
CA VAL I 21 -22.08 -33.23 -16.34
C VAL I 21 -20.82 -34.00 -16.70
N TYR I 22 -19.69 -33.32 -16.73
CA TYR I 22 -18.38 -33.84 -17.15
C TYR I 22 -17.34 -33.56 -16.07
N TYR I 23 -16.28 -34.36 -15.98
CA TYR I 23 -15.21 -34.12 -15.02
C TYR I 23 -14.52 -32.77 -15.29
N PRO I 24 -14.63 -31.77 -14.40
CA PRO I 24 -14.15 -30.42 -14.69
C PRO I 24 -12.62 -30.30 -14.71
N ASP I 25 -11.92 -31.16 -13.97
CA ASP I 25 -10.46 -31.22 -13.88
C ASP I 25 -10.00 -32.68 -13.80
N LYS I 26 -8.74 -32.97 -14.17
CA LYS I 26 -8.21 -34.35 -14.21
C LYS I 26 -7.80 -34.86 -12.83
N VAL I 27 -8.61 -34.55 -11.81
CA VAL I 27 -8.31 -34.80 -10.39
C VAL I 27 -9.09 -35.99 -9.86
N PHE I 28 -8.41 -36.89 -9.13
CA PHE I 28 -9.05 -37.91 -8.31
C PHE I 28 -9.48 -37.32 -6.96
N ARG I 29 -10.73 -37.53 -6.55
CA ARG I 29 -11.22 -37.17 -5.21
C ARG I 29 -11.95 -38.36 -4.60
N SER I 30 -11.64 -38.70 -3.35
CA SER I 30 -12.15 -39.91 -2.69
C SER I 30 -13.47 -39.67 -1.94
N SER I 31 -14.61 -40.04 -2.51
CA SER I 31 -15.95 -39.94 -1.88
C SER I 31 -16.45 -38.53 -1.48
N VAL I 32 -15.76 -37.48 -1.89
CA VAL I 32 -16.04 -36.09 -1.50
C VAL I 32 -17.25 -35.50 -2.24
N LEU I 33 -18.01 -34.65 -1.56
CA LEU I 33 -19.05 -33.79 -2.14
C LEU I 33 -18.45 -32.43 -2.53
N HIS I 34 -17.70 -32.41 -3.63
CA HIS I 34 -16.94 -31.22 -4.04
C HIS I 34 -17.83 -30.17 -4.71
N SER I 35 -17.59 -28.89 -4.44
CA SER I 35 -18.30 -27.78 -5.08
C SER I 35 -17.42 -27.13 -6.14
N THR I 36 -17.97 -26.86 -7.32
CA THR I 36 -17.22 -26.32 -8.45
C THR I 36 -18.06 -25.33 -9.27
N GLN I 37 -17.44 -24.32 -9.86
CA GLN I 37 -18.11 -23.40 -10.77
C GLN I 37 -17.48 -23.49 -12.16
N ASP I 38 -18.28 -23.77 -13.18
CA ASP I 38 -17.81 -23.98 -14.55
C ASP I 38 -18.99 -23.80 -15.53
N LEU I 39 -18.71 -23.81 -16.83
CA LEU I 39 -19.74 -23.85 -17.85
C LEU I 39 -20.41 -25.23 -17.83
N PHE I 40 -21.69 -25.31 -17.51
CA PHE I 40 -22.46 -26.55 -17.43
C PHE I 40 -23.82 -26.40 -18.11
N LEU I 41 -24.44 -27.51 -18.51
CA LEU I 41 -25.82 -27.51 -18.99
C LEU I 41 -26.78 -27.38 -17.80
N PRO I 42 -27.61 -26.33 -17.68
CA PRO I 42 -28.49 -26.17 -16.53
C PRO I 42 -29.49 -27.30 -16.41
N PHE I 43 -29.71 -27.80 -15.19
CA PHE I 43 -30.64 -28.89 -14.97
C PHE I 43 -32.07 -28.50 -15.36
N PHE I 44 -32.80 -29.47 -15.93
CA PHE I 44 -34.16 -29.33 -16.42
C PHE I 44 -34.40 -28.19 -17.42
N SER I 45 -33.35 -27.68 -18.07
CA SER I 45 -33.46 -26.77 -19.22
C SER I 45 -34.05 -27.49 -20.44
N ASN I 46 -34.69 -26.77 -21.37
CA ASN I 46 -35.09 -27.34 -22.65
C ASN I 46 -33.87 -27.52 -23.57
N VAL I 47 -33.63 -28.73 -24.07
CA VAL I 47 -32.79 -28.95 -25.26
C VAL I 47 -33.64 -28.79 -26.52
N THR I 48 -33.02 -28.34 -27.60
CA THR I 48 -33.62 -28.38 -28.93
C THR I 48 -33.54 -29.81 -29.48
N TRP I 49 -34.60 -30.29 -30.12
CA TRP I 49 -34.77 -31.67 -30.57
C TRP I 49 -34.78 -31.77 -32.10
N PHE I 50 -34.12 -32.78 -32.67
CA PHE I 50 -33.98 -32.97 -34.11
C PHE I 50 -33.99 -34.46 -34.52
N HIS I 51 -34.31 -34.73 -35.78
CA HIS I 51 -34.20 -36.07 -36.40
C HIS I 51 -32.74 -36.49 -36.58
N ASN I 66 -30.85 -29.54 -42.20
CA ASN I 66 -30.77 -29.03 -40.83
C ASN I 66 -30.03 -27.67 -40.77
N PRO I 67 -30.33 -26.81 -39.78
CA PRO I 67 -29.77 -25.46 -39.69
C PRO I 67 -28.29 -25.44 -39.25
N VAL I 68 -27.60 -24.36 -39.59
CA VAL I 68 -26.43 -23.90 -38.82
C VAL I 68 -26.91 -23.33 -37.48
N LEU I 69 -26.24 -23.69 -36.40
CA LEU I 69 -26.60 -23.33 -35.03
C LEU I 69 -25.52 -22.42 -34.41
N PRO I 70 -25.89 -21.48 -33.52
CA PRO I 70 -24.91 -20.80 -32.68
C PRO I 70 -24.14 -21.80 -31.82
N PHE I 71 -22.92 -21.45 -31.41
CA PHE I 71 -22.13 -22.19 -30.43
C PHE I 71 -22.21 -21.58 -29.02
N ASN I 72 -22.50 -20.27 -28.92
CA ASN I 72 -22.59 -19.52 -27.67
C ASN I 72 -21.35 -19.73 -26.78
N ASP I 73 -21.49 -19.81 -25.46
CA ASP I 73 -20.39 -20.10 -24.54
C ASP I 73 -19.87 -21.55 -24.61
N GLY I 74 -20.54 -22.44 -25.34
CA GLY I 74 -20.22 -23.87 -25.43
C GLY I 74 -21.48 -24.72 -25.62
N VAL I 75 -21.30 -25.94 -26.09
CA VAL I 75 -22.38 -26.81 -26.57
C VAL I 75 -22.42 -28.13 -25.82
N TYR I 76 -23.63 -28.58 -25.51
CA TYR I 76 -23.94 -29.98 -25.27
C TYR I 76 -24.59 -30.56 -26.53
N PHE I 77 -24.14 -31.72 -27.00
CA PHE I 77 -24.69 -32.42 -28.16
C PHE I 77 -24.87 -33.90 -27.85
N ALA I 78 -25.96 -34.52 -28.30
CA ALA I 78 -26.13 -35.96 -28.19
C ALA I 78 -26.99 -36.53 -29.32
N SER I 79 -26.88 -37.82 -29.61
CA SER I 79 -27.66 -38.45 -30.69
C SER I 79 -27.83 -39.97 -30.58
N THR I 80 -29.06 -40.44 -30.77
CA THR I 80 -29.37 -41.87 -30.75
C THR I 80 -28.72 -42.49 -31.99
N GLU I 81 -27.71 -43.33 -31.80
CA GLU I 81 -26.76 -43.66 -32.84
C GLU I 81 -25.96 -44.93 -32.50
N LYS I 82 -25.57 -45.69 -33.51
CA LYS I 82 -24.67 -46.86 -33.43
C LYS I 82 -24.05 -47.24 -34.79
N SER I 83 -24.16 -46.37 -35.80
CA SER I 83 -24.01 -46.67 -37.23
C SER I 83 -23.22 -45.63 -38.03
N ASN I 84 -22.72 -44.57 -37.37
CA ASN I 84 -22.05 -43.44 -38.01
C ASN I 84 -22.91 -42.74 -39.10
N ILE I 85 -24.24 -42.68 -38.95
CA ILE I 85 -25.10 -41.87 -39.81
C ILE I 85 -24.87 -40.38 -39.53
N ILE I 86 -24.72 -39.99 -38.27
CA ILE I 86 -24.06 -38.74 -37.91
C ILE I 86 -22.57 -38.95 -38.09
N ARG I 87 -22.04 -38.42 -39.19
CA ARG I 87 -20.65 -38.58 -39.63
C ARG I 87 -19.69 -37.65 -38.90
N GLY I 88 -20.15 -36.49 -38.47
CA GLY I 88 -19.27 -35.45 -37.95
C GLY I 88 -19.94 -34.11 -37.69
N TRP I 89 -19.12 -33.07 -37.55
CA TRP I 89 -19.50 -31.69 -37.23
C TRP I 89 -18.55 -30.68 -37.89
N ILE I 90 -19.03 -29.45 -38.11
CA ILE I 90 -18.21 -28.30 -38.55
C ILE I 90 -18.41 -27.14 -37.59
N PHE I 91 -17.36 -26.38 -37.27
CA PHE I 91 -17.40 -25.24 -36.35
C PHE I 91 -16.51 -24.08 -36.81
N GLY I 92 -16.85 -22.85 -36.43
CA GLY I 92 -16.00 -21.67 -36.63
C GLY I 92 -16.71 -20.35 -36.35
N THR I 93 -16.15 -19.23 -36.82
CA THR I 93 -16.86 -17.93 -36.88
C THR I 93 -17.80 -17.86 -38.09
N THR I 94 -17.32 -18.23 -39.28
CA THR I 94 -18.06 -18.20 -40.56
C THR I 94 -18.45 -19.59 -41.09
N LEU I 95 -17.81 -20.66 -40.60
CA LEU I 95 -17.83 -21.99 -41.22
C LEU I 95 -17.35 -22.02 -42.69
N ASP I 96 -16.44 -21.12 -43.09
CA ASP I 96 -15.92 -20.98 -44.45
C ASP I 96 -14.46 -20.47 -44.45
N SER I 97 -13.78 -20.74 -45.57
CA SER I 97 -12.42 -20.40 -46.00
C SER I 97 -11.88 -18.99 -45.71
N LYS I 98 -12.73 -18.03 -45.30
CA LYS I 98 -12.27 -16.76 -44.70
C LYS I 98 -11.55 -16.94 -43.35
N THR I 99 -11.66 -18.11 -42.73
CA THR I 99 -10.87 -18.55 -41.56
C THR I 99 -10.46 -20.01 -41.69
N GLN I 100 -9.37 -20.41 -41.00
CA GLN I 100 -9.23 -21.80 -40.57
C GLN I 100 -10.47 -22.21 -39.76
N SER I 101 -11.01 -23.39 -40.02
CA SER I 101 -12.33 -23.83 -39.54
C SER I 101 -12.31 -25.30 -39.14
N LEU I 102 -12.91 -25.66 -38.01
CA LEU I 102 -12.88 -27.04 -37.51
C LEU I 102 -13.79 -27.92 -38.36
N LEU I 103 -13.25 -29.02 -38.85
CA LEU I 103 -13.97 -30.17 -39.37
C LEU I 103 -13.64 -31.38 -38.49
N ILE I 104 -14.65 -32.03 -37.93
CA ILE I 104 -14.48 -33.24 -37.11
C ILE I 104 -15.37 -34.32 -37.69
N VAL I 105 -14.83 -35.52 -37.92
CA VAL I 105 -15.51 -36.63 -38.63
C VAL I 105 -15.10 -37.96 -38.02
N ASN I 106 -15.94 -38.99 -38.05
CA ASN I 106 -15.47 -40.37 -37.90
C ASN I 106 -15.44 -41.02 -39.29
N ASN I 107 -14.25 -41.39 -39.77
CA ASN I 107 -14.03 -42.04 -41.08
C ASN I 107 -14.38 -43.54 -41.06
N ALA I 108 -15.50 -43.90 -40.42
CA ALA I 108 -15.93 -45.29 -40.13
C ALA I 108 -14.82 -46.14 -39.47
N THR I 109 -13.95 -45.50 -38.68
CA THR I 109 -12.66 -46.04 -38.24
C THR I 109 -12.33 -45.52 -36.84
N ASN I 110 -12.10 -44.21 -36.71
CA ASN I 110 -11.99 -43.46 -35.46
C ASN I 110 -12.20 -41.96 -35.75
N VAL I 111 -12.28 -41.14 -34.71
CA VAL I 111 -12.38 -39.68 -34.83
C VAL I 111 -11.18 -39.09 -35.56
N VAL I 112 -11.45 -38.21 -36.52
CA VAL I 112 -10.53 -37.43 -37.36
C VAL I 112 -10.84 -35.95 -37.14
N ILE I 113 -9.81 -35.12 -37.01
CA ILE I 113 -9.93 -33.66 -36.78
C ILE I 113 -9.03 -32.93 -37.77
N LYS I 114 -9.54 -31.86 -38.38
CA LYS I 114 -8.79 -30.91 -39.21
C LYS I 114 -9.30 -29.49 -38.98
N VAL I 115 -8.50 -28.47 -39.30
CA VAL I 115 -8.83 -27.05 -39.04
C VAL I 115 -8.69 -26.12 -40.26
N CYS I 116 -8.67 -26.69 -41.47
CA CYS I 116 -8.31 -26.00 -42.71
C CYS I 116 -9.26 -24.84 -43.08
N GLU I 117 -8.81 -23.98 -43.99
CA GLU I 117 -9.63 -22.94 -44.62
C GLU I 117 -10.58 -23.51 -45.69
N PHE I 118 -11.46 -24.44 -45.29
CA PHE I 118 -12.34 -25.17 -46.20
C PHE I 118 -13.32 -24.25 -46.94
N GLN I 119 -13.32 -24.29 -48.27
CA GLN I 119 -14.32 -23.67 -49.13
C GLN I 119 -15.51 -24.60 -49.43
N PHE I 120 -15.80 -25.54 -48.53
CA PHE I 120 -16.76 -26.63 -48.74
C PHE I 120 -18.23 -26.13 -48.82
N CYS I 121 -19.11 -27.01 -49.31
CA CYS I 121 -20.48 -26.69 -49.70
C CYS I 121 -21.35 -26.06 -48.59
N ASN I 122 -22.22 -25.11 -48.97
CA ASN I 122 -23.15 -24.45 -48.04
C ASN I 122 -24.19 -25.39 -47.43
N ASP I 123 -24.59 -26.44 -48.16
CA ASP I 123 -25.23 -27.63 -47.61
C ASP I 123 -24.22 -28.81 -47.66
N PRO I 124 -23.86 -29.43 -46.51
CA PRO I 124 -22.86 -30.48 -46.49
C PRO I 124 -23.35 -31.79 -47.11
N PHE I 125 -22.41 -32.64 -47.54
CA PHE I 125 -22.68 -34.00 -48.01
C PHE I 125 -21.51 -34.94 -47.71
N LEU I 126 -21.80 -36.24 -47.63
CA LEU I 126 -20.84 -37.34 -47.62
C LEU I 126 -21.40 -38.53 -48.42
N GLY I 127 -20.54 -39.45 -48.87
CA GLY I 127 -20.96 -40.64 -49.61
C GLY I 127 -21.86 -41.58 -48.80
N VAL I 128 -23.02 -41.95 -49.36
CA VAL I 128 -24.00 -42.85 -48.73
C VAL I 128 -23.56 -44.32 -48.83
N ASN I 150 -5.83 -21.95 -43.24
CA ASN I 150 -4.93 -22.97 -43.74
C ASN I 150 -4.82 -24.16 -42.77
N CYS I 151 -4.11 -25.22 -43.18
CA CYS I 151 -4.07 -26.54 -42.52
C CYS I 151 -3.22 -26.58 -41.22
N THR I 152 -3.42 -25.65 -40.29
CA THR I 152 -2.55 -25.45 -39.11
C THR I 152 -2.53 -26.61 -38.10
N PHE I 153 -3.51 -27.52 -38.15
CA PHE I 153 -3.59 -28.72 -37.32
C PHE I 153 -4.33 -29.87 -38.02
N GLU I 154 -3.96 -31.11 -37.71
CA GLU I 154 -4.74 -32.31 -37.99
C GLU I 154 -4.44 -33.43 -36.98
N TYR I 155 -5.41 -34.32 -36.75
CA TYR I 155 -5.31 -35.42 -35.77
C TYR I 155 -6.22 -36.60 -36.15
N VAL I 156 -5.84 -37.81 -35.74
CA VAL I 156 -6.71 -39.00 -35.75
C VAL I 156 -6.56 -39.77 -34.44
N SER I 157 -7.66 -40.21 -33.84
CA SER I 157 -7.67 -40.99 -32.60
C SER I 157 -7.10 -42.40 -32.77
N PHE I 171 -32.40 -46.26 -32.19
CA PHE I 171 -31.21 -47.05 -31.87
C PHE I 171 -31.28 -47.68 -30.47
N LYS I 172 -30.49 -48.73 -30.25
CA LYS I 172 -30.24 -49.32 -28.92
C LYS I 172 -29.33 -48.44 -28.05
N ASN I 173 -28.65 -47.44 -28.62
CA ASN I 173 -27.61 -46.64 -27.95
C ASN I 173 -27.71 -45.12 -28.23
N LEU I 174 -27.11 -44.32 -27.35
CA LEU I 174 -26.95 -42.87 -27.43
C LEU I 174 -25.48 -42.52 -27.22
N ARG I 175 -24.94 -41.65 -28.07
CA ARG I 175 -23.63 -41.01 -27.88
C ARG I 175 -23.84 -39.55 -27.49
N GLU I 176 -23.12 -39.06 -26.48
CA GLU I 176 -23.28 -37.72 -25.93
C GLU I 176 -21.93 -37.04 -25.71
N PHE I 177 -21.87 -35.72 -25.93
CA PHE I 177 -20.64 -34.96 -25.97
C PHE I 177 -20.83 -33.53 -25.45
N VAL I 178 -19.75 -32.94 -24.94
CA VAL I 178 -19.69 -31.51 -24.58
C VAL I 178 -18.49 -30.88 -25.26
N PHE I 179 -18.69 -29.72 -25.88
CA PHE I 179 -17.66 -28.95 -26.58
C PHE I 179 -17.54 -27.56 -25.95
N LYS I 180 -16.34 -27.14 -25.51
CA LYS I 180 -16.11 -25.76 -25.04
C LYS I 180 -14.73 -25.23 -25.42
N ASN I 181 -14.60 -23.92 -25.57
CA ASN I 181 -13.42 -23.23 -26.08
C ASN I 181 -13.01 -22.11 -25.11
N ILE I 182 -11.88 -22.26 -24.41
CA ILE I 182 -11.40 -21.33 -23.38
C ILE I 182 -9.87 -21.22 -23.47
N ASP I 183 -9.33 -20.01 -23.28
CA ASP I 183 -7.87 -19.73 -23.22
C ASP I 183 -7.05 -20.31 -24.38
N GLY I 184 -7.65 -20.36 -25.58
CA GLY I 184 -7.05 -20.91 -26.80
C GLY I 184 -7.13 -22.44 -26.93
N TYR I 185 -7.66 -23.14 -25.94
CA TYR I 185 -7.86 -24.58 -25.96
C TYR I 185 -9.31 -24.96 -26.25
N PHE I 186 -9.50 -25.94 -27.12
CA PHE I 186 -10.78 -26.57 -27.43
C PHE I 186 -10.86 -27.93 -26.74
N LYS I 187 -11.92 -28.15 -25.97
CA LYS I 187 -12.14 -29.34 -25.13
C LYS I 187 -13.26 -30.21 -25.72
N ILE I 188 -13.07 -31.52 -25.77
CA ILE I 188 -14.17 -32.49 -25.98
C ILE I 188 -14.30 -33.40 -24.76
N TYR I 189 -15.51 -33.55 -24.25
CA TYR I 189 -15.87 -34.58 -23.29
C TYR I 189 -16.97 -35.46 -23.88
N SER I 190 -17.07 -36.72 -23.46
CA SER I 190 -17.88 -37.74 -24.14
C SER I 190 -18.46 -38.79 -23.20
N LYS I 191 -19.55 -39.45 -23.60
CA LYS I 191 -20.03 -40.71 -23.01
C LYS I 191 -20.86 -41.50 -24.02
N HIS I 192 -20.88 -42.82 -23.89
CA HIS I 192 -21.75 -43.72 -24.66
C HIS I 192 -22.65 -44.52 -23.71
N THR I 193 -23.89 -44.79 -24.09
CA THR I 193 -24.84 -45.53 -23.24
C THR I 193 -25.82 -46.35 -24.07
N PRO I 194 -26.36 -47.48 -23.57
CA PRO I 194 -27.62 -48.03 -24.06
C PRO I 194 -28.79 -47.07 -23.75
N ILE I 195 -29.91 -47.21 -24.46
CA ILE I 195 -31.14 -46.42 -24.27
C ILE I 195 -32.41 -47.27 -24.48
N ASN I 196 -33.52 -46.82 -23.90
CA ASN I 196 -34.85 -47.45 -24.02
C ASN I 196 -36.00 -46.45 -24.27
N LEU I 197 -35.90 -45.22 -23.75
CA LEU I 197 -36.86 -44.14 -24.00
C LEU I 197 -36.86 -43.75 -25.50
N VAL I 198 -38.04 -43.42 -26.05
CA VAL I 198 -38.22 -43.21 -27.50
C VAL I 198 -37.68 -41.85 -27.96
N ARG I 199 -38.41 -40.74 -27.69
CA ARG I 199 -38.08 -39.42 -28.27
C ARG I 199 -37.14 -38.59 -27.41
N GLY I 200 -37.39 -38.45 -26.12
CA GLY I 200 -36.63 -37.59 -25.22
C GLY I 200 -35.25 -38.14 -24.82
N LEU I 201 -34.40 -37.29 -24.25
CA LEU I 201 -33.17 -37.73 -23.58
C LEU I 201 -33.50 -38.62 -22.36
N PRO I 202 -32.70 -39.67 -22.06
CA PRO I 202 -32.96 -40.56 -20.95
C PRO I 202 -32.92 -39.80 -19.62
N GLN I 203 -33.97 -39.96 -18.80
CA GLN I 203 -34.10 -39.32 -17.50
C GLN I 203 -33.22 -40.02 -16.45
N GLY I 204 -31.91 -39.82 -16.55
CA GLY I 204 -30.91 -40.39 -15.65
C GLY I 204 -29.55 -39.71 -15.79
N PHE I 205 -28.71 -39.84 -14.76
CA PHE I 205 -27.41 -39.19 -14.65
C PHE I 205 -26.26 -40.12 -15.01
N SER I 206 -25.32 -39.65 -15.83
CA SER I 206 -24.01 -40.30 -16.03
C SER I 206 -22.95 -39.27 -16.41
N ALA I 207 -21.72 -39.49 -15.96
CA ALA I 207 -20.63 -38.53 -16.13
C ALA I 207 -19.96 -38.60 -17.51
N LEU I 208 -19.53 -37.46 -18.05
CA LEU I 208 -18.84 -37.34 -19.34
C LEU I 208 -17.33 -37.19 -19.15
N GLU I 209 -16.55 -37.98 -19.88
CA GLU I 209 -15.11 -38.16 -19.73
C GLU I 209 -14.35 -37.50 -20.89
N PRO I 210 -13.22 -36.83 -20.62
CA PRO I 210 -12.47 -36.07 -21.63
C PRO I 210 -11.89 -36.94 -22.75
N LEU I 211 -11.75 -36.37 -23.95
CA LEU I 211 -11.11 -36.99 -25.12
C LEU I 211 -9.88 -36.20 -25.63
N VAL I 212 -10.02 -34.89 -25.85
CA VAL I 212 -8.96 -34.03 -26.41
C VAL I 212 -8.98 -32.63 -25.80
N ASP I 213 -7.83 -31.96 -25.86
CA ASP I 213 -7.54 -30.69 -25.19
C ASP I 213 -6.56 -29.88 -26.06
N LEU I 214 -7.07 -29.30 -27.15
CA LEU I 214 -6.25 -28.89 -28.30
C LEU I 214 -6.05 -27.37 -28.36
N PRO I 215 -4.81 -26.84 -28.45
CA PRO I 215 -4.51 -25.40 -28.42
C PRO I 215 -4.81 -24.67 -29.75
N ILE I 216 -5.96 -24.92 -30.35
CA ILE I 216 -6.29 -24.53 -31.74
C ILE I 216 -6.35 -23.00 -31.95
N GLY I 217 -6.80 -22.23 -30.96
CA GLY I 217 -6.83 -20.76 -31.01
C GLY I 217 -7.88 -20.13 -31.94
N ILE I 218 -8.65 -20.93 -32.69
CA ILE I 218 -9.76 -20.46 -33.54
C ILE I 218 -10.92 -19.98 -32.65
N ASN I 219 -11.48 -18.80 -32.93
CA ASN I 219 -12.76 -18.38 -32.36
C ASN I 219 -13.91 -19.20 -32.97
N ILE I 220 -14.86 -19.64 -32.14
CA ILE I 220 -16.05 -20.36 -32.60
C ILE I 220 -17.29 -19.63 -32.12
N THR I 221 -18.23 -19.38 -33.03
CA THR I 221 -19.53 -18.75 -32.74
C THR I 221 -20.69 -19.49 -33.39
N ARG I 222 -20.42 -20.34 -34.41
CA ARG I 222 -21.40 -21.15 -35.14
C ARG I 222 -20.89 -22.56 -35.40
N PHE I 223 -21.81 -23.51 -35.54
CA PHE I 223 -21.51 -24.90 -35.84
C PHE I 223 -22.68 -25.62 -36.54
N GLN I 224 -22.43 -26.78 -37.14
CA GLN I 224 -23.47 -27.64 -37.72
C GLN I 224 -23.09 -29.12 -37.64
N THR I 225 -24.09 -29.99 -37.73
CA THR I 225 -23.92 -31.46 -37.64
C THR I 225 -24.06 -32.12 -39.00
N LEU I 226 -23.12 -32.99 -39.34
CA LEU I 226 -23.04 -33.70 -40.62
C LEU I 226 -23.75 -35.06 -40.52
N ALA I 245 -32.31 -42.27 -34.87
CA ALA I 245 -31.57 -41.26 -35.62
C ALA I 245 -31.75 -39.83 -35.06
N ALA I 246 -32.40 -39.67 -33.91
CA ALA I 246 -32.61 -38.38 -33.26
C ALA I 246 -31.29 -37.76 -32.75
N TYR I 247 -31.25 -36.43 -32.66
CA TYR I 247 -30.20 -35.71 -31.96
C TYR I 247 -30.73 -34.48 -31.21
N TYR I 248 -29.93 -33.99 -30.25
CA TYR I 248 -30.33 -33.01 -29.25
C TYR I 248 -29.22 -31.99 -29.06
N VAL I 249 -29.56 -30.71 -28.84
CA VAL I 249 -28.58 -29.64 -28.60
C VAL I 249 -29.02 -28.75 -27.44
N GLY I 250 -28.10 -28.39 -26.55
CA GLY I 250 -28.34 -27.41 -25.48
C GLY I 250 -27.09 -26.56 -25.22
N TYR I 251 -27.27 -25.38 -24.63
CA TYR I 251 -26.18 -24.43 -24.41
C TYR I 251 -25.74 -24.35 -22.96
N LEU I 252 -24.42 -24.39 -22.73
CA LEU I 252 -23.85 -24.26 -21.40
C LEU I 252 -24.07 -22.86 -20.84
N GLN I 253 -24.09 -22.72 -19.52
CA GLN I 253 -24.06 -21.45 -18.80
C GLN I 253 -22.99 -21.54 -17.70
N PRO I 254 -22.39 -20.42 -17.27
CA PRO I 254 -21.62 -20.41 -16.03
C PRO I 254 -22.54 -20.71 -14.84
N ARG I 255 -22.28 -21.82 -14.14
CA ARG I 255 -23.09 -22.33 -13.04
C ARG I 255 -22.20 -22.87 -11.94
N THR I 256 -22.69 -22.87 -10.71
CA THR I 256 -22.07 -23.60 -9.61
C THR I 256 -22.79 -24.93 -9.45
N PHE I 257 -22.04 -26.01 -9.31
CA PHE I 257 -22.55 -27.36 -9.10
C PHE I 257 -21.88 -28.00 -7.87
N LEU I 258 -22.62 -28.83 -7.16
CA LEU I 258 -22.09 -29.73 -6.15
C LEU I 258 -22.03 -31.14 -6.75
N LEU I 259 -20.88 -31.81 -6.70
CA LEU I 259 -20.62 -33.08 -7.37
C LEU I 259 -20.25 -34.18 -6.37
N LYS I 260 -21.00 -35.29 -6.36
CA LYS I 260 -20.72 -36.44 -5.50
C LYS I 260 -19.74 -37.40 -6.16
N TYR I 261 -18.47 -37.33 -5.80
CA TYR I 261 -17.51 -38.38 -6.11
C TYR I 261 -17.80 -39.63 -5.27
N ASN I 262 -17.44 -40.82 -5.73
CA ASN I 262 -17.47 -42.06 -4.93
C ASN I 262 -16.06 -42.55 -4.57
N GLU I 263 -16.00 -43.72 -3.94
CA GLU I 263 -14.72 -44.31 -3.46
C GLU I 263 -13.70 -44.36 -4.61
N ASN I 264 -14.14 -44.76 -5.81
CA ASN I 264 -13.21 -44.98 -6.94
C ASN I 264 -13.13 -43.72 -7.82
N GLY I 265 -13.59 -42.59 -7.29
CA GLY I 265 -13.27 -41.27 -7.86
C GLY I 265 -14.10 -40.94 -9.10
N THR I 266 -15.15 -41.74 -9.37
CA THR I 266 -16.13 -41.30 -10.38
C THR I 266 -17.14 -40.31 -9.79
N ILE I 267 -17.59 -39.34 -10.60
CA ILE I 267 -18.77 -38.53 -10.27
C ILE I 267 -19.99 -39.44 -10.44
N THR I 268 -20.88 -39.46 -9.44
CA THR I 268 -22.07 -40.33 -9.43
C THR I 268 -23.39 -39.57 -9.37
N ASP I 269 -23.38 -38.34 -8.86
CA ASP I 269 -24.56 -37.50 -8.71
C ASP I 269 -24.16 -36.02 -8.65
N ALA I 270 -25.09 -35.12 -8.94
CA ALA I 270 -24.83 -33.69 -9.03
C ALA I 270 -26.03 -32.84 -8.60
N VAL I 271 -25.78 -31.61 -8.12
CA VAL I 271 -26.80 -30.60 -7.81
C VAL I 271 -26.43 -29.26 -8.45
N ASP I 272 -27.37 -28.64 -9.15
CA ASP I 272 -27.22 -27.31 -9.77
C ASP I 272 -27.66 -26.25 -8.77
N CYS I 273 -26.75 -25.43 -8.25
CA CYS I 273 -27.05 -24.52 -7.13
C CYS I 273 -28.23 -23.59 -7.40
N ALA I 274 -28.29 -23.00 -8.59
CA ALA I 274 -29.27 -21.97 -8.93
C ALA I 274 -30.66 -22.52 -9.25
N LEU I 275 -30.86 -23.84 -9.31
CA LEU I 275 -32.10 -24.44 -9.80
C LEU I 275 -33.32 -24.08 -8.95
N ASP I 276 -33.27 -24.33 -7.64
CA ASP I 276 -34.41 -24.13 -6.72
C ASP I 276 -33.92 -24.01 -5.27
N PRO I 277 -34.77 -23.57 -4.31
CA PRO I 277 -34.30 -23.27 -2.97
C PRO I 277 -33.78 -24.50 -2.21
N LEU I 278 -34.29 -25.69 -2.51
CA LEU I 278 -33.72 -26.91 -1.95
C LEU I 278 -32.31 -27.16 -2.48
N SER I 279 -32.07 -26.94 -3.78
CA SER I 279 -30.74 -27.07 -4.36
C SER I 279 -29.77 -26.05 -3.78
N GLU I 280 -30.17 -24.80 -3.57
CA GLU I 280 -29.33 -23.86 -2.84
C GLU I 280 -29.00 -24.37 -1.43
N THR I 281 -29.96 -24.98 -0.75
CA THR I 281 -29.77 -25.49 0.61
C THR I 281 -28.78 -26.64 0.65
N LYS I 282 -28.94 -27.65 -0.22
CA LYS I 282 -27.99 -28.76 -0.38
C LYS I 282 -26.57 -28.25 -0.64
N CYS I 283 -26.43 -27.27 -1.53
CA CYS I 283 -25.13 -26.69 -1.84
C CYS I 283 -24.57 -25.88 -0.68
N THR I 284 -25.39 -25.11 0.02
CA THR I 284 -24.95 -24.31 1.18
C THR I 284 -24.41 -25.19 2.30
N LEU I 285 -25.04 -26.35 2.54
CA LEU I 285 -24.59 -27.35 3.52
C LEU I 285 -23.45 -28.24 2.97
N LYS I 286 -23.21 -28.17 1.66
CA LYS I 286 -22.22 -29.05 0.98
C LYS I 286 -22.64 -30.52 1.12
N THR I 287 -23.95 -30.80 1.00
CA THR I 287 -24.46 -32.20 1.18
C THR I 287 -25.47 -32.54 0.08
N PHE I 288 -25.87 -33.82 -0.02
CA PHE I 288 -26.90 -34.24 -1.02
C PHE I 288 -28.21 -34.49 -0.28
N THR I 289 -28.16 -34.67 1.04
CA THR I 289 -29.37 -34.79 1.88
C THR I 289 -29.28 -33.81 3.03
N VAL I 290 -30.41 -33.28 3.49
CA VAL I 290 -30.46 -32.27 4.56
C VAL I 290 -31.51 -32.62 5.60
N GLU I 291 -31.18 -32.45 6.88
CA GLU I 291 -32.14 -32.58 7.98
C GLU I 291 -33.18 -31.44 7.93
N LYS I 292 -34.30 -31.61 8.63
CA LYS I 292 -35.30 -30.54 8.79
C LYS I 292 -34.72 -29.29 9.45
N GLY I 293 -35.33 -28.14 9.21
CA GLY I 293 -34.94 -26.87 9.85
C GLY I 293 -35.15 -25.66 8.96
N ILE I 294 -34.62 -24.52 9.40
CA ILE I 294 -34.52 -23.29 8.61
C ILE I 294 -33.05 -22.96 8.34
N TYR I 295 -32.65 -22.85 7.07
CA TYR I 295 -31.28 -22.57 6.66
C TYR I 295 -31.22 -21.26 5.88
N GLN I 296 -30.35 -20.31 6.23
CA GLN I 296 -30.09 -19.19 5.33
C GLN I 296 -29.31 -19.69 4.11
N THR I 297 -29.68 -19.28 2.90
CA THR I 297 -28.95 -19.65 1.67
C THR I 297 -28.46 -18.45 0.85
N SER I 298 -29.01 -17.25 1.06
CA SER I 298 -28.73 -16.08 0.21
C SER I 298 -29.13 -14.78 0.90
N ASN I 299 -28.74 -13.64 0.33
CA ASN I 299 -29.37 -12.35 0.60
C ASN I 299 -30.13 -11.89 -0.66
N PHE I 300 -31.42 -11.59 -0.53
CA PHE I 300 -32.24 -11.05 -1.62
C PHE I 300 -32.11 -9.54 -1.66
N ARG I 301 -32.00 -8.96 -2.85
CA ARG I 301 -32.11 -7.51 -3.09
C ARG I 301 -32.82 -7.22 -4.41
N VAL I 302 -33.76 -6.28 -4.41
CA VAL I 302 -34.52 -5.90 -5.61
C VAL I 302 -33.58 -5.26 -6.64
N GLN I 303 -33.64 -5.70 -7.89
CA GLN I 303 -32.79 -5.16 -8.96
C GLN I 303 -33.28 -3.79 -9.47
N PRO I 304 -32.38 -2.89 -9.94
CA PRO I 304 -32.78 -1.62 -10.51
C PRO I 304 -33.51 -1.80 -11.85
N THR I 305 -34.68 -1.21 -11.97
CA THR I 305 -35.56 -1.34 -13.15
C THR I 305 -35.11 -0.46 -14.33
N GLU I 306 -34.63 0.75 -14.05
CA GLU I 306 -34.30 1.79 -15.03
C GLU I 306 -33.07 2.60 -14.59
N SER I 307 -32.40 3.25 -15.54
CA SER I 307 -31.27 4.15 -15.29
C SER I 307 -31.68 5.60 -15.54
N ILE I 308 -31.47 6.47 -14.55
CA ILE I 308 -31.82 7.89 -14.58
C ILE I 308 -30.55 8.74 -14.67
N VAL I 309 -30.50 9.69 -15.59
CA VAL I 309 -29.43 10.71 -15.64
C VAL I 309 -30.05 12.10 -15.50
N ARG I 310 -29.65 12.87 -14.49
CA ARG I 310 -30.21 14.17 -14.13
C ARG I 310 -29.08 15.20 -14.06
N PHE I 311 -28.86 15.89 -15.16
CA PHE I 311 -27.80 16.94 -15.22
C PHE I 311 -28.49 18.26 -15.50
N PRO I 312 -27.87 19.43 -15.25
CA PRO I 312 -28.51 20.70 -15.60
C PRO I 312 -28.70 20.73 -17.11
N ASN I 313 -29.80 21.33 -17.57
CA ASN I 313 -30.08 21.45 -19.02
C ASN I 313 -30.04 22.94 -19.36
N ILE I 314 -29.80 23.29 -20.63
CA ILE I 314 -29.61 24.74 -20.90
C ILE I 314 -30.46 25.26 -22.08
N THR I 315 -31.27 26.30 -21.84
CA THR I 315 -32.06 26.98 -22.91
C THR I 315 -32.46 28.36 -22.38
N ASN I 316 -31.56 29.34 -22.38
CA ASN I 316 -31.89 30.66 -21.77
C ASN I 316 -31.51 31.84 -22.67
N LEU I 317 -32.00 33.04 -22.36
CA LEU I 317 -31.80 34.20 -23.28
C LEU I 317 -30.59 35.07 -22.95
N CYS I 318 -29.36 34.55 -23.04
CA CYS I 318 -28.18 35.39 -22.95
C CYS I 318 -28.28 36.55 -23.94
N PRO I 319 -27.88 37.76 -23.54
CA PRO I 319 -27.95 38.90 -24.48
C PRO I 319 -27.06 38.71 -25.71
N PHE I 320 -27.49 37.85 -26.63
CA PHE I 320 -26.76 37.62 -27.87
C PHE I 320 -27.54 38.00 -29.12
N GLY I 321 -28.87 38.03 -29.06
CA GLY I 321 -29.66 38.41 -30.23
C GLY I 321 -29.58 39.88 -30.57
N GLU I 322 -29.13 40.72 -29.64
CA GLU I 322 -29.04 42.15 -29.90
C GLU I 322 -27.85 42.50 -30.80
N VAL I 323 -26.91 41.57 -30.98
CA VAL I 323 -25.74 41.81 -31.81
C VAL I 323 -25.90 41.19 -33.20
N PHE I 324 -26.42 39.96 -33.27
CA PHE I 324 -26.58 39.30 -34.56
C PHE I 324 -27.69 39.96 -35.38
N ASN I 325 -28.74 40.43 -34.71
CA ASN I 325 -29.86 41.08 -35.38
C ASN I 325 -29.70 42.59 -35.45
N ALA I 326 -28.52 43.12 -35.15
CA ALA I 326 -28.30 44.55 -35.21
C ALA I 326 -28.20 45.01 -36.67
N THR I 327 -28.38 46.32 -36.86
CA THR I 327 -28.34 46.92 -38.20
C THR I 327 -27.27 47.99 -38.34
N ARG I 328 -26.36 48.10 -37.37
CA ARG I 328 -25.31 49.12 -37.42
C ARG I 328 -24.15 48.67 -36.54
N PHE I 329 -22.97 48.53 -37.14
CA PHE I 329 -21.78 48.16 -36.39
C PHE I 329 -20.75 49.29 -36.44
N ALA I 330 -19.52 48.97 -36.80
CA ALA I 330 -18.44 49.95 -36.87
C ALA I 330 -17.43 49.48 -37.92
N SER I 331 -16.25 50.10 -37.91
CA SER I 331 -15.21 49.74 -38.86
C SER I 331 -14.43 48.53 -38.36
N VAL I 332 -13.46 48.08 -39.16
CA VAL I 332 -12.65 46.93 -38.77
C VAL I 332 -11.58 47.32 -37.77
N TYR I 333 -11.09 48.56 -37.83
CA TYR I 333 -10.08 49.02 -36.88
C TYR I 333 -10.69 49.63 -35.63
N ALA I 334 -11.84 50.26 -35.74
CA ALA I 334 -12.54 50.86 -34.60
C ALA I 334 -13.64 49.93 -34.08
N TRP I 335 -13.30 48.66 -33.91
CA TRP I 335 -14.26 47.68 -33.43
C TRP I 335 -14.58 47.91 -31.96
N ASN I 336 -15.77 47.46 -31.56
CA ASN I 336 -16.23 47.57 -30.19
C ASN I 336 -16.17 46.21 -29.50
N ARG I 337 -16.34 46.23 -28.18
CA ARG I 337 -16.31 45.02 -27.37
C ARG I 337 -17.42 45.11 -26.34
N LYS I 338 -18.51 44.36 -26.56
CA LYS I 338 -19.64 44.33 -25.63
C LYS I 338 -19.38 43.24 -24.61
N ARG I 339 -19.04 43.64 -23.38
CA ARG I 339 -18.73 42.69 -22.32
C ARG I 339 -20.01 41.98 -21.89
N ILE I 340 -20.10 40.68 -22.17
CA ILE I 340 -21.26 39.88 -21.82
C ILE I 340 -20.91 39.02 -20.61
N SER I 341 -21.75 39.11 -19.57
CA SER I 341 -21.54 38.34 -18.35
C SER I 341 -22.88 38.12 -17.66
N ASN I 342 -22.89 37.17 -16.73
CA ASN I 342 -24.08 36.83 -15.96
C ASN I 342 -25.25 36.44 -16.85
N CYS I 343 -25.15 35.29 -17.51
CA CYS I 343 -26.22 34.81 -18.36
C CYS I 343 -26.15 33.28 -18.40
N VAL I 344 -26.79 32.68 -19.39
CA VAL I 344 -26.78 31.23 -19.58
C VAL I 344 -26.29 30.96 -21.00
N ALA I 345 -25.15 30.27 -21.10
CA ALA I 345 -24.59 29.96 -22.40
C ALA I 345 -25.39 28.85 -23.08
N ASP I 346 -25.87 29.14 -24.30
CA ASP I 346 -26.66 28.16 -25.05
C ASP I 346 -26.49 28.50 -26.54
N TYR I 347 -25.44 27.96 -27.14
CA TYR I 347 -25.14 28.18 -28.54
C TYR I 347 -25.73 27.10 -29.45
N SER I 348 -26.55 26.20 -28.91
CA SER I 348 -27.14 25.16 -29.72
C SER I 348 -28.26 25.69 -30.63
N VAL I 349 -28.96 26.73 -30.19
CA VAL I 349 -30.04 27.30 -31.01
C VAL I 349 -29.52 28.25 -32.08
N LEU I 350 -28.24 28.58 -32.08
CA LEU I 350 -27.65 29.47 -33.06
C LEU I 350 -26.86 28.73 -34.13
N TYR I 351 -26.87 27.39 -34.13
CA TYR I 351 -26.16 26.59 -35.10
C TYR I 351 -27.07 26.00 -36.17
N ASN I 352 -28.23 25.48 -35.77
CA ASN I 352 -29.18 24.88 -36.69
C ASN I 352 -30.20 25.88 -37.22
N SER I 353 -29.94 27.18 -37.09
CA SER I 353 -30.86 28.19 -37.57
C SER I 353 -30.80 28.37 -39.08
N ALA I 354 -29.70 27.95 -39.72
CA ALA I 354 -29.52 28.08 -41.17
C ALA I 354 -29.67 29.52 -41.63
N SER I 355 -29.06 30.44 -40.88
CA SER I 355 -29.11 31.86 -41.21
C SER I 355 -27.73 32.52 -41.28
N PHE I 356 -26.65 31.77 -41.09
CA PHE I 356 -25.29 32.29 -41.14
C PHE I 356 -24.54 31.65 -42.30
N SER I 357 -23.73 32.47 -42.99
CA SER I 357 -22.98 31.97 -44.12
C SER I 357 -21.72 31.22 -43.69
N THR I 358 -21.09 31.66 -42.60
CA THR I 358 -19.87 31.02 -42.09
C THR I 358 -19.95 30.96 -40.57
N PHE I 359 -20.12 29.75 -40.03
CA PHE I 359 -20.18 29.53 -38.59
C PHE I 359 -19.12 28.48 -38.24
N LYS I 360 -17.90 28.94 -38.04
CA LYS I 360 -16.77 28.08 -37.72
C LYS I 360 -16.19 28.43 -36.35
N CYS I 361 -15.42 27.52 -35.80
CA CYS I 361 -14.78 27.69 -34.50
C CYS I 361 -13.33 27.23 -34.59
N TYR I 362 -12.62 27.39 -33.47
CA TYR I 362 -11.23 26.99 -33.39
C TYR I 362 -10.99 26.36 -32.02
N GLY I 363 -10.41 25.17 -32.01
CA GLY I 363 -10.12 24.48 -30.76
C GLY I 363 -11.35 23.87 -30.12
N VAL I 364 -12.20 24.72 -29.55
CA VAL I 364 -13.42 24.25 -28.89
C VAL I 364 -14.46 23.92 -29.95
N SER I 365 -15.02 22.72 -29.88
CA SER I 365 -16.02 22.30 -30.84
C SER I 365 -17.35 23.00 -30.55
N PRO I 366 -18.15 23.28 -31.59
CA PRO I 366 -19.45 23.92 -31.36
C PRO I 366 -20.40 23.09 -30.55
N THR I 367 -20.28 21.76 -30.56
CA THR I 367 -21.14 20.88 -29.81
C THR I 367 -20.62 20.56 -28.42
N LYS I 368 -19.57 21.27 -27.97
CA LYS I 368 -18.98 21.04 -26.66
C LYS I 368 -19.00 22.26 -25.75
N LEU I 369 -19.17 23.46 -26.30
CA LEU I 369 -19.19 24.68 -25.51
C LEU I 369 -20.57 25.01 -24.95
N ASN I 370 -21.55 24.12 -25.12
CA ASN I 370 -22.90 24.38 -24.62
C ASN I 370 -23.02 24.07 -23.13
N ASP I 371 -22.28 23.08 -22.64
CA ASP I 371 -22.32 22.69 -21.24
C ASP I 371 -20.98 22.95 -20.54
N LEU I 372 -20.31 24.03 -20.95
CA LEU I 372 -19.02 24.40 -20.38
C LEU I 372 -19.09 25.83 -19.86
N CYS I 373 -18.46 26.08 -18.72
CA CYS I 373 -18.44 27.41 -18.14
C CYS I 373 -17.48 28.33 -18.89
N PHE I 374 -17.73 29.63 -18.77
CA PHE I 374 -16.87 30.64 -19.38
C PHE I 374 -16.78 31.82 -18.43
N THR I 375 -15.55 32.32 -18.22
CA THR I 375 -15.35 33.45 -17.32
C THR I 375 -15.96 34.72 -17.90
N ASN I 376 -15.60 35.06 -19.13
CA ASN I 376 -16.14 36.25 -19.79
C ASN I 376 -16.05 36.07 -21.29
N VAL I 377 -17.08 36.50 -22.00
CA VAL I 377 -17.15 36.37 -23.46
C VAL I 377 -17.20 37.78 -24.05
N TYR I 378 -16.29 38.05 -24.98
CA TYR I 378 -16.24 39.33 -25.65
C TYR I 378 -17.21 39.35 -26.82
N ALA I 379 -17.15 40.43 -27.62
CA ALA I 379 -18.03 40.59 -28.78
C ALA I 379 -17.34 41.56 -29.74
N ASP I 380 -16.54 41.00 -30.65
CA ASP I 380 -15.81 41.78 -31.65
C ASP I 380 -16.61 41.75 -32.95
N SER I 381 -17.32 42.84 -33.23
CA SER I 381 -18.15 42.97 -34.42
C SER I 381 -17.51 43.96 -35.38
N PHE I 382 -17.38 43.55 -36.65
CA PHE I 382 -16.81 44.40 -37.67
C PHE I 382 -17.29 43.93 -39.04
N VAL I 383 -17.34 44.86 -39.99
CA VAL I 383 -17.80 44.59 -41.34
C VAL I 383 -16.61 44.68 -42.28
N ILE I 384 -16.35 43.60 -43.01
CA ILE I 384 -15.24 43.55 -43.96
C ILE I 384 -15.76 43.14 -45.33
N ARG I 385 -14.86 42.77 -46.23
CA ARG I 385 -15.23 42.35 -47.57
C ARG I 385 -15.43 40.84 -47.58
N GLY I 386 -15.37 40.23 -48.77
CA GLY I 386 -15.55 38.79 -48.89
C GLY I 386 -14.25 38.02 -48.90
N ASP I 387 -13.22 38.60 -49.50
CA ASP I 387 -11.92 37.94 -49.58
C ASP I 387 -11.14 38.05 -48.27
N GLU I 388 -11.54 38.94 -47.38
CA GLU I 388 -10.85 39.12 -46.10
C GLU I 388 -11.35 38.17 -45.02
N VAL I 389 -12.35 37.34 -45.31
CA VAL I 389 -12.86 36.40 -44.31
C VAL I 389 -11.86 35.28 -44.07
N ARG I 390 -11.15 34.88 -45.12
CA ARG I 390 -10.16 33.80 -44.96
C ARG I 390 -8.96 34.26 -44.15
N GLN I 391 -8.67 35.57 -44.14
CA GLN I 391 -7.55 36.10 -43.39
C GLN I 391 -7.83 36.20 -41.90
N ILE I 392 -9.08 36.10 -41.48
CA ILE I 392 -9.43 36.17 -40.05
C ILE I 392 -9.27 34.76 -39.50
N ALA I 393 -8.03 34.44 -39.13
CA ALA I 393 -7.71 33.12 -38.60
C ALA I 393 -6.43 33.22 -37.79
N PRO I 394 -6.30 32.48 -36.69
CA PRO I 394 -5.06 32.54 -35.90
C PRO I 394 -3.86 32.04 -36.67
N GLY I 395 -3.00 32.96 -37.10
CA GLY I 395 -1.82 32.61 -37.85
C GLY I 395 -1.76 33.12 -39.29
N GLN I 396 -2.45 34.20 -39.62
CA GLN I 396 -2.47 34.77 -40.95
C GLN I 396 -1.76 36.11 -40.96
N THR I 397 -1.51 36.61 -42.17
CA THR I 397 -0.83 37.88 -42.36
C THR I 397 -1.32 38.51 -43.66
N GLY I 398 -0.97 39.77 -43.85
CA GLY I 398 -1.35 40.50 -45.03
C GLY I 398 -1.41 42.00 -44.72
N ASN I 399 -2.43 42.65 -45.26
CA ASN I 399 -2.64 44.08 -45.07
C ASN I 399 -3.88 44.39 -44.23
N ILE I 400 -4.57 43.38 -43.72
CA ILE I 400 -5.78 43.56 -42.92
C ILE I 400 -5.60 42.98 -41.52
N ALA I 401 -5.11 41.74 -41.43
CA ALA I 401 -4.91 41.11 -40.13
C ALA I 401 -3.75 41.71 -39.36
N ASP I 402 -2.79 42.32 -40.05
CA ASP I 402 -1.64 42.93 -39.40
C ASP I 402 -1.78 44.43 -39.23
N TYR I 403 -2.87 45.03 -39.70
CA TYR I 403 -3.07 46.47 -39.57
C TYR I 403 -4.44 46.86 -39.02
N ASN I 404 -5.36 45.92 -38.85
CA ASN I 404 -6.68 46.24 -38.31
C ASN I 404 -7.01 45.37 -37.11
N TYR I 405 -7.54 44.18 -37.36
CA TYR I 405 -7.91 43.24 -36.31
C TYR I 405 -6.91 42.08 -36.32
N LYS I 406 -6.20 41.91 -35.21
CA LYS I 406 -5.21 40.86 -35.06
C LYS I 406 -5.75 39.77 -34.15
N LEU I 407 -5.59 38.51 -34.58
CA LEU I 407 -6.08 37.39 -33.79
C LEU I 407 -4.94 36.76 -33.00
N PRO I 408 -5.20 36.39 -31.74
CA PRO I 408 -4.15 35.76 -30.94
C PRO I 408 -3.78 34.38 -31.47
N ASP I 409 -2.62 33.90 -31.03
CA ASP I 409 -2.14 32.60 -31.47
C ASP I 409 -2.91 31.48 -30.79
N ASP I 410 -3.29 31.67 -29.53
CA ASP I 410 -4.04 30.67 -28.76
C ASP I 410 -5.53 31.00 -28.73
N PHE I 411 -6.09 31.46 -29.84
CA PHE I 411 -7.50 31.81 -29.91
C PHE I 411 -8.35 30.54 -29.94
N THR I 412 -9.17 30.35 -28.91
CA THR I 412 -10.03 29.17 -28.83
C THR I 412 -11.50 29.59 -28.82
N GLY I 413 -11.92 30.34 -29.84
CA GLY I 413 -13.30 30.79 -29.94
C GLY I 413 -13.97 30.39 -31.23
N CYS I 414 -14.89 31.23 -31.70
CA CYS I 414 -15.63 30.96 -32.93
C CYS I 414 -15.67 32.22 -33.77
N VAL I 415 -15.95 32.05 -35.06
CA VAL I 415 -16.05 33.14 -36.02
C VAL I 415 -17.43 33.08 -36.65
N ILE I 416 -18.26 34.07 -36.34
CA ILE I 416 -19.62 34.16 -36.85
C ILE I 416 -19.64 35.18 -37.98
N ALA I 417 -20.10 34.76 -39.16
CA ALA I 417 -20.15 35.65 -40.32
C ALA I 417 -21.32 35.24 -41.21
N TRP I 418 -22.10 36.23 -41.64
CA TRP I 418 -23.24 35.99 -42.50
C TRP I 418 -23.22 36.97 -43.66
N ASN I 419 -23.93 36.61 -44.72
CA ASN I 419 -24.02 37.46 -45.90
C ASN I 419 -25.04 38.57 -45.68
N SER I 420 -24.75 39.74 -46.23
CA SER I 420 -25.64 40.90 -46.08
C SER I 420 -25.35 41.89 -47.20
N ASN I 421 -26.37 42.67 -47.55
CA ASN I 421 -26.22 43.67 -48.60
C ASN I 421 -27.27 44.77 -48.45
N ASN I 422 -28.06 44.69 -47.39
CA ASN I 422 -29.09 45.69 -47.10
C ASN I 422 -28.94 46.35 -45.73
N LEU I 423 -28.33 45.66 -44.77
CA LEU I 423 -28.13 46.23 -43.44
C LEU I 423 -26.80 46.97 -43.30
N ASP I 424 -26.02 47.06 -44.38
CA ASP I 424 -24.74 47.77 -44.32
C ASP I 424 -24.31 48.29 -45.68
N SER I 425 -25.19 48.31 -46.68
CA SER I 425 -24.85 48.79 -48.02
C SER I 425 -26.11 49.40 -48.64
N LYS I 426 -26.09 50.70 -48.88
CA LYS I 426 -27.22 51.40 -49.46
C LYS I 426 -27.09 51.46 -50.98
N VAL I 427 -28.03 52.14 -51.61
CA VAL I 427 -28.03 52.28 -53.07
C VAL I 427 -27.06 53.38 -53.47
N GLY I 428 -26.24 53.11 -54.47
CA GLY I 428 -25.26 54.07 -54.95
C GLY I 428 -23.87 53.92 -54.37
N GLY I 429 -23.64 52.92 -53.52
CA GLY I 429 -22.33 52.73 -52.93
C GLY I 429 -22.24 53.28 -51.52
N ASN I 430 -21.77 52.45 -50.59
CA ASN I 430 -21.63 52.82 -49.19
C ASN I 430 -20.14 52.93 -48.87
N TYR I 431 -19.70 54.15 -48.55
CA TYR I 431 -18.31 54.43 -48.22
C TYR I 431 -18.18 54.95 -46.79
N ASN I 432 -18.94 54.35 -45.86
CA ASN I 432 -18.91 54.77 -44.46
C ASN I 432 -17.98 53.93 -43.60
N TYR I 433 -17.52 52.78 -44.09
CA TYR I 433 -16.64 51.89 -43.35
C TYR I 433 -15.21 52.07 -43.85
N LEU I 434 -14.35 52.64 -43.02
CA LEU I 434 -12.96 52.87 -43.34
C LEU I 434 -12.10 51.74 -42.79
N TYR I 435 -10.83 51.73 -43.21
CA TYR I 435 -9.89 50.72 -42.77
C TYR I 435 -8.47 51.23 -42.96
N ARG I 436 -7.56 50.72 -42.15
CA ARG I 436 -6.15 51.10 -42.23
C ARG I 436 -5.41 50.12 -43.13
N LEU I 437 -4.70 50.65 -44.12
CA LEU I 437 -3.97 49.85 -45.09
C LEU I 437 -2.49 49.71 -44.74
N PHE I 438 -1.82 50.81 -44.42
CA PHE I 438 -0.41 50.79 -44.05
C PHE I 438 -0.21 51.61 -42.77
N ARG I 439 0.77 51.19 -41.98
CA ARG I 439 1.12 51.89 -40.75
C ARG I 439 2.59 51.62 -40.44
N LYS I 440 3.15 52.45 -39.56
CA LYS I 440 4.55 52.31 -39.20
C LYS I 440 4.82 51.08 -38.34
N SER I 441 3.79 50.50 -37.73
CA SER I 441 3.96 49.33 -36.89
C SER I 441 2.69 48.48 -36.96
N ASN I 442 2.81 47.25 -36.47
CA ASN I 442 1.69 46.32 -36.45
C ASN I 442 0.86 46.52 -35.19
N LEU I 443 -0.21 45.73 -35.05
CA LEU I 443 -1.11 45.81 -33.92
C LEU I 443 -1.08 44.49 -33.15
N LYS I 444 -1.01 44.59 -31.83
CA LYS I 444 -1.05 43.42 -30.98
C LYS I 444 -2.47 42.84 -30.93
N PRO I 445 -2.60 41.54 -30.66
CA PRO I 445 -3.94 40.95 -30.55
C PRO I 445 -4.75 41.60 -29.43
N PHE I 446 -6.05 41.76 -29.69
CA PHE I 446 -6.98 42.38 -28.75
C PHE I 446 -6.51 43.80 -28.40
N GLU I 447 -6.50 44.66 -29.42
CA GLU I 447 -6.10 46.04 -29.25
C GLU I 447 -6.78 46.90 -30.31
N ARG I 448 -7.36 48.01 -29.88
CA ARG I 448 -8.05 48.93 -30.78
C ARG I 448 -7.18 50.15 -31.06
N ASP I 449 -7.48 50.81 -32.18
CA ASP I 449 -6.73 51.99 -32.60
C ASP I 449 -7.69 52.93 -33.31
N ILE I 450 -7.87 54.13 -32.76
CA ILE I 450 -8.76 55.13 -33.33
C ILE I 450 -7.99 56.38 -33.77
N SER I 451 -6.67 56.34 -33.74
CA SER I 451 -5.86 57.48 -34.16
C SER I 451 -5.83 57.60 -35.67
N THR I 452 -5.34 58.74 -36.15
CA THR I 452 -5.25 59.02 -37.58
C THR I 452 -3.88 59.64 -37.86
N GLU I 453 -3.01 58.87 -38.51
CA GLU I 453 -1.67 59.34 -38.85
C GLU I 453 -1.38 59.00 -40.30
N ILE I 454 -0.44 59.74 -40.89
CA ILE I 454 -0.05 59.56 -42.28
C ILE I 454 1.11 58.58 -42.35
N TYR I 455 1.00 57.59 -43.24
CA TYR I 455 2.06 56.59 -43.38
C TYR I 455 3.28 57.20 -44.06
N GLN I 456 4.45 56.76 -43.64
CA GLN I 456 5.72 57.24 -44.19
C GLN I 456 6.33 56.15 -45.06
N ALA I 457 6.51 56.45 -46.34
CA ALA I 457 7.16 55.50 -47.26
C ALA I 457 8.53 56.09 -47.62
N GLY I 458 9.62 55.45 -47.19
CA GLY I 458 10.97 55.96 -47.46
C GLY I 458 11.23 57.32 -46.82
N SER I 459 11.59 58.33 -47.63
CA SER I 459 11.96 59.66 -47.07
C SER I 459 10.74 60.54 -46.80
N THR I 460 10.95 61.85 -46.73
CA THR I 460 9.85 62.82 -46.45
C THR I 460 9.05 62.36 -45.23
N PRO I 461 9.55 62.56 -43.99
CA PRO I 461 8.83 62.15 -42.78
C PRO I 461 7.44 62.77 -42.82
N CYS I 462 6.43 61.97 -42.49
CA CYS I 462 5.04 62.42 -42.69
C CYS I 462 4.44 62.68 -41.31
N ASN I 463 4.13 63.95 -41.03
CA ASN I 463 3.55 64.36 -39.75
C ASN I 463 2.72 65.61 -40.00
N GLY I 464 1.46 65.40 -40.41
CA GLY I 464 0.55 66.49 -40.67
C GLY I 464 0.65 67.09 -42.06
N VAL I 465 1.43 66.49 -42.96
CA VAL I 465 1.60 66.99 -44.32
C VAL I 465 1.48 65.82 -45.28
N LYS I 466 0.71 65.99 -46.34
CA LYS I 466 0.50 64.98 -47.35
C LYS I 466 1.08 65.44 -48.68
N GLY I 467 1.04 64.54 -49.67
CA GLY I 467 1.55 64.85 -50.99
C GLY I 467 2.49 63.79 -51.52
N PHE I 468 3.78 64.11 -51.58
CA PHE I 468 4.79 63.19 -52.07
C PHE I 468 5.39 62.40 -50.91
N ASN I 469 5.57 61.09 -51.13
CA ASN I 469 6.09 60.16 -50.12
C ASN I 469 5.20 60.07 -48.90
N CYS I 470 3.98 60.60 -48.96
CA CYS I 470 3.03 60.54 -47.86
C CYS I 470 1.65 60.27 -48.44
N TYR I 471 1.05 59.16 -48.03
CA TYR I 471 -0.24 58.73 -48.56
C TYR I 471 -1.25 58.59 -47.42
N PHE I 472 -2.52 58.69 -47.78
CA PHE I 472 -3.61 58.59 -46.80
C PHE I 472 -3.97 57.12 -46.62
N PRO I 473 -3.73 56.52 -45.46
CA PRO I 473 -3.96 55.08 -45.29
C PRO I 473 -5.44 54.73 -45.17
N LEU I 474 -6.23 55.62 -44.56
CA LEU I 474 -7.65 55.36 -44.36
C LEU I 474 -8.38 55.43 -45.70
N GLN I 475 -8.66 54.26 -46.28
CA GLN I 475 -9.35 54.17 -47.55
C GLN I 475 -10.85 54.01 -47.30
N SER I 476 -11.51 53.20 -48.14
CA SER I 476 -12.95 52.97 -48.01
C SER I 476 -13.32 51.72 -48.79
N TYR I 477 -14.19 50.89 -48.21
CA TYR I 477 -14.65 49.70 -48.89
C TYR I 477 -15.65 50.05 -50.00
N GLY I 478 -15.67 49.23 -51.03
CA GLY I 478 -16.59 49.44 -52.15
C GLY I 478 -17.83 48.58 -52.06
N PHE I 479 -18.60 48.74 -50.98
CA PHE I 479 -19.82 47.96 -50.80
C PHE I 479 -20.92 48.43 -51.73
N GLN I 480 -21.04 47.79 -52.89
CA GLN I 480 -22.05 48.13 -53.87
C GLN I 480 -22.86 46.89 -54.25
N PRO I 481 -24.18 47.01 -54.39
CA PRO I 481 -24.99 45.84 -54.74
C PRO I 481 -24.84 45.40 -56.18
N THR I 482 -24.13 46.15 -57.01
CA THR I 482 -23.93 45.81 -58.41
C THR I 482 -22.62 45.10 -58.67
N TYR I 483 -21.80 44.87 -57.65
CA TYR I 483 -20.52 44.19 -57.81
C TYR I 483 -20.73 42.68 -57.82
N GLY I 484 -19.63 41.94 -57.72
CA GLY I 484 -19.70 40.49 -57.72
C GLY I 484 -20.03 39.91 -56.36
N VAL I 485 -19.55 38.69 -56.13
CA VAL I 485 -19.81 38.01 -54.87
C VAL I 485 -18.70 38.32 -53.86
N GLY I 486 -17.46 38.38 -54.33
CA GLY I 486 -16.35 38.65 -53.43
C GLY I 486 -16.33 40.06 -52.86
N TYR I 487 -17.03 41.00 -53.50
CA TYR I 487 -17.10 42.37 -53.04
C TYR I 487 -18.30 42.64 -52.15
N GLN I 488 -19.04 41.60 -51.76
CA GLN I 488 -20.19 41.78 -50.89
C GLN I 488 -19.74 41.94 -49.44
N PRO I 489 -20.40 42.78 -48.67
CA PRO I 489 -20.02 42.96 -47.26
C PRO I 489 -20.46 41.78 -46.40
N TYR I 490 -19.66 41.47 -45.39
CA TYR I 490 -19.95 40.40 -44.45
C TYR I 490 -19.74 40.93 -43.03
N ARG I 491 -20.81 40.95 -42.25
CA ARG I 491 -20.76 41.44 -40.87
C ARG I 491 -20.24 40.31 -39.99
N VAL I 492 -18.93 40.31 -39.77
CA VAL I 492 -18.27 39.27 -38.99
C VAL I 492 -18.30 39.64 -37.52
N VAL I 493 -18.76 38.71 -36.69
CA VAL I 493 -18.82 38.89 -35.24
C VAL I 493 -17.96 37.81 -34.61
N VAL I 494 -16.80 38.19 -34.10
CA VAL I 494 -15.84 37.26 -33.49
C VAL I 494 -16.06 37.26 -31.98
N LEU I 495 -16.26 36.08 -31.41
CA LEU I 495 -16.46 35.91 -29.98
C LEU I 495 -15.19 35.33 -29.37
N SER I 496 -14.74 35.93 -28.27
CA SER I 496 -13.53 35.51 -27.59
C SER I 496 -13.88 34.80 -26.28
N PHE I 497 -13.20 33.69 -26.02
CA PHE I 497 -13.40 32.91 -24.80
C PHE I 497 -12.12 32.96 -23.98
N GLU I 498 -12.25 33.33 -22.71
CA GLU I 498 -11.11 33.43 -21.79
C GLU I 498 -11.46 32.79 -20.46
N LEU I 499 -10.45 32.28 -19.77
CA LEU I 499 -10.61 31.64 -18.48
C LEU I 499 -9.57 32.20 -17.52
N LEU I 500 -10.02 32.73 -16.39
CA LEU I 500 -9.15 33.30 -15.38
C LEU I 500 -9.40 32.60 -14.04
N HIS I 501 -8.80 33.14 -12.98
CA HIS I 501 -8.96 32.57 -11.66
C HIS I 501 -10.27 32.99 -11.01
N ALA I 502 -10.98 33.95 -11.58
CA ALA I 502 -12.25 34.38 -11.03
C ALA I 502 -13.33 33.34 -11.31
N PRO I 503 -14.32 33.20 -10.41
CA PRO I 503 -15.40 32.23 -10.65
C PRO I 503 -16.25 32.63 -11.85
N ALA I 504 -16.46 31.69 -12.75
CA ALA I 504 -17.23 31.95 -13.95
C ALA I 504 -18.72 32.04 -13.63
N THR I 505 -19.37 33.11 -14.11
CA THR I 505 -20.80 33.33 -13.79
C THR I 505 -21.68 32.70 -14.87
N VAL I 506 -21.11 32.46 -16.05
CA VAL I 506 -21.88 31.80 -17.14
C VAL I 506 -21.56 30.30 -17.07
N CYS I 507 -22.56 29.48 -16.75
CA CYS I 507 -22.32 28.01 -16.56
C CYS I 507 -23.59 27.23 -16.84
N GLY I 508 -23.49 25.92 -17.08
CA GLY I 508 -24.69 25.08 -17.22
C GLY I 508 -24.54 23.94 -18.20
N PRO I 509 -24.69 22.67 -17.76
CA PRO I 509 -24.69 21.50 -18.66
C PRO I 509 -25.86 21.29 -19.63
N LYS I 510 -25.70 20.38 -20.60
CA LYS I 510 -26.73 20.12 -21.64
C LYS I 510 -27.86 19.22 -21.13
N LYS I 511 -28.92 19.03 -21.93
CA LYS I 511 -30.12 18.26 -21.49
C LYS I 511 -29.78 16.79 -21.14
N SER I 512 -30.53 16.22 -20.19
CA SER I 512 -30.26 14.83 -19.72
C SER I 512 -31.57 14.03 -19.71
N THR I 513 -31.51 12.74 -19.37
CA THR I 513 -32.71 11.85 -19.40
C THR I 513 -33.75 12.29 -18.35
N ASN I 514 -35.02 11.93 -18.55
CA ASN I 514 -36.11 12.40 -17.65
C ASN I 514 -36.07 11.73 -16.27
N LEU I 515 -36.99 12.12 -15.39
CA LEU I 515 -37.06 11.59 -14.02
C LEU I 515 -38.06 10.43 -13.92
N VAL I 516 -37.83 9.50 -12.98
CA VAL I 516 -38.73 8.41 -12.59
C VAL I 516 -38.81 8.37 -11.07
N LYS I 517 -39.92 7.88 -10.51
CA LYS I 517 -40.19 7.82 -9.06
C LYS I 517 -40.78 6.46 -8.66
N ASN I 518 -40.76 6.16 -7.37
CA ASN I 518 -41.28 4.95 -6.70
C ASN I 518 -40.59 3.61 -7.06
N LYS I 519 -40.06 3.46 -8.28
CA LYS I 519 -39.30 2.27 -8.71
C LYS I 519 -37.91 2.20 -8.08
N CYS I 520 -37.39 0.99 -7.88
CA CYS I 520 -35.95 0.79 -7.74
C CYS I 520 -35.25 1.15 -9.05
N VAL I 521 -34.22 1.98 -9.01
CA VAL I 521 -33.55 2.55 -10.18
C VAL I 521 -32.07 2.78 -9.91
N ASN I 522 -31.27 2.79 -10.97
CA ASN I 522 -29.99 3.47 -10.94
C ASN I 522 -30.22 4.95 -11.20
N PHE I 523 -29.40 5.82 -10.63
CA PHE I 523 -29.46 7.25 -10.84
C PHE I 523 -28.06 7.87 -10.95
N ASN I 524 -28.00 9.05 -11.56
CA ASN I 524 -26.83 9.89 -11.63
C ASN I 524 -27.27 11.36 -11.59
N PHE I 525 -27.12 12.03 -10.44
CA PHE I 525 -27.43 13.45 -10.28
C PHE I 525 -26.14 14.26 -10.33
N ASN I 526 -25.90 15.06 -11.37
CA ASN I 526 -24.67 15.88 -11.49
C ASN I 526 -23.34 15.09 -11.32
N GLY I 527 -23.31 13.79 -11.63
CA GLY I 527 -22.15 12.91 -11.36
C GLY I 527 -22.26 12.06 -10.09
N LEU I 528 -23.27 12.26 -9.23
CA LEU I 528 -23.57 11.42 -8.06
C LEU I 528 -24.24 10.11 -8.50
N THR I 529 -23.44 9.13 -8.92
CA THR I 529 -23.93 7.81 -9.35
C THR I 529 -24.38 6.96 -8.16
N GLY I 530 -25.53 6.30 -8.25
CA GLY I 530 -25.99 5.37 -7.21
C GLY I 530 -27.21 4.55 -7.61
N THR I 531 -27.75 3.80 -6.65
CA THR I 531 -28.91 2.91 -6.84
C THR I 531 -29.87 3.04 -5.66
N GLY I 532 -31.18 3.12 -5.91
CA GLY I 532 -32.16 3.29 -4.84
C GLY I 532 -33.58 3.51 -5.36
N VAL I 533 -34.46 3.95 -4.48
CA VAL I 533 -35.84 4.36 -4.74
C VAL I 533 -35.95 5.87 -4.58
N LEU I 534 -36.52 6.55 -5.57
CA LEU I 534 -36.72 8.00 -5.57
C LEU I 534 -38.16 8.37 -5.23
N THR I 535 -38.37 9.31 -4.32
CA THR I 535 -39.69 9.87 -4.00
C THR I 535 -39.60 11.36 -3.74
N GLU I 536 -40.73 12.06 -3.71
CA GLU I 536 -40.82 13.38 -3.05
C GLU I 536 -40.33 13.29 -1.60
N SER I 537 -40.10 14.45 -0.97
CA SER I 537 -39.73 14.55 0.44
C SER I 537 -40.34 15.78 1.10
N ASN I 538 -40.52 15.72 2.43
CA ASN I 538 -40.95 16.85 3.25
C ASN I 538 -39.79 17.80 3.64
N LYS I 539 -38.55 17.51 3.21
CA LYS I 539 -37.33 18.09 3.79
C LYS I 539 -37.19 19.58 3.45
N LYS I 540 -37.04 20.39 4.49
CA LYS I 540 -36.97 21.86 4.44
C LYS I 540 -35.57 22.35 4.06
N PHE I 541 -35.05 21.95 2.91
CA PHE I 541 -33.74 22.41 2.43
C PHE I 541 -33.72 23.94 2.33
N LEU I 542 -32.66 24.55 2.84
CA LEU I 542 -32.36 25.96 2.57
C LEU I 542 -31.95 26.12 1.10
N PRO I 543 -32.22 27.25 0.44
CA PRO I 543 -32.10 27.37 -1.01
C PRO I 543 -30.71 27.06 -1.60
N PHE I 544 -29.64 27.24 -0.81
CA PHE I 544 -28.27 26.94 -1.23
C PHE I 544 -27.90 25.44 -1.13
N GLN I 545 -28.65 24.63 -0.39
CA GLN I 545 -28.32 23.22 -0.17
C GLN I 545 -28.65 22.33 -1.37
N GLN I 546 -27.75 21.43 -1.74
CA GLN I 546 -27.87 20.56 -2.93
C GLN I 546 -28.28 19.13 -2.60
N PHE I 547 -27.71 18.51 -1.56
CA PHE I 547 -28.08 17.15 -1.15
C PHE I 547 -27.89 16.91 0.34
N GLY I 548 -28.59 15.91 0.87
CA GLY I 548 -28.44 15.44 2.25
C GLY I 548 -27.55 14.21 2.33
N ARG I 549 -26.69 14.15 3.34
CA ARG I 549 -25.87 12.96 3.64
C ARG I 549 -26.32 12.30 4.93
N ASP I 550 -26.48 10.98 4.87
CA ASP I 550 -26.64 10.13 6.04
C ASP I 550 -25.33 10.02 6.85
N ILE I 551 -25.39 9.46 8.05
CA ILE I 551 -24.22 9.33 8.94
C ILE I 551 -23.08 8.49 8.31
N ALA I 552 -23.40 7.58 7.39
CA ALA I 552 -22.44 6.79 6.62
C ALA I 552 -21.84 7.51 5.38
N ASP I 553 -21.94 8.84 5.28
CA ASP I 553 -21.67 9.68 4.10
C ASP I 553 -22.60 9.47 2.90
N THR I 554 -23.21 8.30 2.74
CA THR I 554 -24.16 7.99 1.66
C THR I 554 -25.33 8.96 1.62
N THR I 555 -25.72 9.41 0.43
CA THR I 555 -26.78 10.40 0.23
C THR I 555 -28.15 9.91 0.71
N ASP I 556 -28.93 10.78 1.34
CA ASP I 556 -30.31 10.49 1.76
C ASP I 556 -31.38 11.29 0.99
N ALA I 557 -31.02 12.42 0.39
CA ALA I 557 -31.92 13.25 -0.42
C ALA I 557 -31.12 14.12 -1.40
N VAL I 558 -31.74 14.55 -2.51
CA VAL I 558 -31.10 15.36 -3.56
C VAL I 558 -32.04 16.40 -4.15
N ARG I 559 -31.49 17.51 -4.64
CA ARG I 559 -32.19 18.48 -5.49
C ARG I 559 -31.98 18.12 -6.96
N ASP I 560 -33.05 17.90 -7.71
CA ASP I 560 -32.98 17.62 -9.15
C ASP I 560 -32.57 18.90 -9.91
N PRO I 561 -31.46 18.88 -10.68
CA PRO I 561 -30.96 20.07 -11.37
C PRO I 561 -31.86 20.63 -12.48
N GLN I 562 -32.85 19.88 -12.99
CA GLN I 562 -33.80 20.35 -13.99
C GLN I 562 -35.15 20.80 -13.42
N THR I 563 -35.45 20.52 -12.15
CA THR I 563 -36.64 21.00 -11.45
C THR I 563 -36.37 20.92 -9.96
N LEU I 564 -36.15 22.05 -9.32
CA LEU I 564 -35.40 22.19 -8.07
C LEU I 564 -36.09 21.65 -6.79
N GLU I 565 -37.05 20.73 -6.90
CA GLU I 565 -37.63 20.03 -5.75
C GLU I 565 -36.65 19.00 -5.15
N ILE I 566 -36.86 18.65 -3.88
CA ILE I 566 -36.01 17.70 -3.16
C ILE I 566 -36.61 16.30 -3.20
N LEU I 567 -35.88 15.38 -3.79
CA LEU I 567 -36.19 13.96 -3.79
C LEU I 567 -35.54 13.28 -2.60
N ASP I 568 -36.26 12.42 -1.91
CA ASP I 568 -35.66 11.42 -1.02
C ASP I 568 -35.03 10.30 -1.84
N ILE I 569 -33.92 9.75 -1.35
CA ILE I 569 -33.32 8.51 -1.81
C ILE I 569 -33.43 7.48 -0.68
N THR I 570 -34.06 6.34 -0.95
CA THR I 570 -34.18 5.20 -0.02
C THR I 570 -33.51 3.97 -0.62
N PRO I 571 -32.83 3.08 0.13
CA PRO I 571 -32.22 1.89 -0.46
C PRO I 571 -33.25 0.97 -1.12
N CYS I 572 -32.83 0.24 -2.17
CA CYS I 572 -33.64 -0.84 -2.73
C CYS I 572 -33.94 -1.90 -1.67
N SER I 573 -35.15 -2.47 -1.67
CA SER I 573 -35.55 -3.43 -0.64
C SER I 573 -34.64 -4.66 -0.67
N PHE I 574 -34.19 -5.11 0.49
CA PHE I 574 -33.29 -6.26 0.64
C PHE I 574 -33.53 -7.00 1.96
N GLY I 575 -33.10 -8.26 2.03
CA GLY I 575 -33.17 -9.05 3.26
C GLY I 575 -32.78 -10.51 3.06
N GLY I 576 -32.32 -11.16 4.13
CA GLY I 576 -31.84 -12.54 4.08
C GLY I 576 -32.91 -13.51 3.57
N VAL I 577 -32.50 -14.49 2.77
CA VAL I 577 -33.37 -15.55 2.27
C VAL I 577 -33.06 -16.83 3.01
N SER I 578 -34.07 -17.42 3.61
CA SER I 578 -33.92 -18.68 4.35
C SER I 578 -34.94 -19.70 3.90
N VAL I 579 -34.51 -20.96 3.81
CA VAL I 579 -35.30 -22.06 3.27
C VAL I 579 -35.74 -22.95 4.40
N ILE I 580 -37.04 -23.16 4.52
CA ILE I 580 -37.72 -23.90 5.58
C ILE I 580 -38.04 -25.27 5.04
N THR I 581 -37.51 -26.30 5.70
CA THR I 581 -37.26 -27.58 5.04
C THR I 581 -37.80 -28.72 5.91
N PRO I 582 -38.67 -29.61 5.41
CA PRO I 582 -39.14 -30.81 6.10
C PRO I 582 -38.07 -31.88 6.34
N GLY I 583 -36.88 -31.68 5.78
CA GLY I 583 -35.82 -32.69 5.68
C GLY I 583 -36.08 -33.64 4.50
N THR I 584 -35.04 -33.98 3.75
CA THR I 584 -35.17 -34.83 2.55
C THR I 584 -35.57 -36.27 2.87
N ASN I 585 -35.36 -36.72 4.12
CA ASN I 585 -35.93 -37.96 4.64
C ASN I 585 -37.47 -37.95 4.65
N THR I 586 -38.09 -36.77 4.83
CA THR I 586 -39.54 -36.61 4.88
C THR I 586 -40.12 -36.32 3.50
N SER I 587 -39.64 -35.27 2.82
CA SER I 587 -40.23 -34.78 1.57
C SER I 587 -39.28 -33.88 0.77
N ASN I 588 -39.57 -33.68 -0.51
CA ASN I 588 -38.81 -32.81 -1.42
C ASN I 588 -39.29 -31.34 -1.42
N GLN I 589 -40.47 -31.03 -0.86
CA GLN I 589 -41.00 -29.66 -0.83
C GLN I 589 -40.19 -28.75 0.11
N VAL I 590 -40.17 -27.44 -0.16
CA VAL I 590 -39.63 -26.40 0.75
C VAL I 590 -40.43 -25.11 0.65
N ALA I 591 -40.36 -24.31 1.71
CA ALA I 591 -40.92 -22.97 1.78
C ALA I 591 -39.80 -21.95 1.97
N VAL I 592 -39.99 -20.69 1.60
CA VAL I 592 -38.94 -19.67 1.61
C VAL I 592 -39.38 -18.45 2.38
N LEU I 593 -38.54 -17.96 3.28
CA LEU I 593 -38.74 -16.74 4.04
C LEU I 593 -37.82 -15.65 3.48
N TYR I 594 -38.38 -14.50 3.12
CA TYR I 594 -37.65 -13.29 2.76
C TYR I 594 -37.66 -12.35 3.98
N GLN I 595 -36.59 -12.38 4.78
CA GLN I 595 -36.57 -11.73 6.09
C GLN I 595 -36.75 -10.22 5.98
N GLY I 596 -37.66 -9.65 6.78
CA GLY I 596 -37.97 -8.22 6.79
C GLY I 596 -38.71 -7.69 5.54
N VAL I 597 -38.70 -8.46 4.45
CA VAL I 597 -39.23 -7.99 3.14
C VAL I 597 -40.76 -8.09 3.13
N ASN I 598 -41.44 -7.10 2.55
CA ASN I 598 -42.93 -7.07 2.45
C ASN I 598 -43.35 -7.81 1.17
N CYS I 599 -44.49 -8.52 1.19
CA CYS I 599 -44.89 -9.34 0.02
C CYS I 599 -44.86 -8.57 -1.31
N THR I 600 -45.39 -7.34 -1.34
CA THR I 600 -45.53 -6.56 -2.60
C THR I 600 -44.14 -6.10 -3.09
N GLU I 601 -43.08 -6.49 -2.37
CA GLU I 601 -41.70 -6.09 -2.75
C GLU I 601 -40.85 -7.34 -3.03
N VAL I 602 -41.49 -8.44 -3.41
CA VAL I 602 -40.76 -9.66 -3.81
C VAL I 602 -40.63 -9.77 -5.33
N ASN I 623 -48.23 -20.26 -3.02
CA ASN I 623 -48.93 -19.47 -2.03
C ASN I 623 -48.01 -18.44 -1.35
N VAL I 624 -48.58 -17.32 -0.85
CA VAL I 624 -47.83 -16.24 -0.20
C VAL I 624 -48.52 -15.82 1.10
N PHE I 625 -47.74 -15.52 2.13
CA PHE I 625 -48.20 -15.11 3.45
C PHE I 625 -47.26 -14.02 4.02
N GLN I 626 -47.76 -13.11 4.84
CA GLN I 626 -46.96 -12.07 5.49
C GLN I 626 -46.80 -12.36 6.98
N THR I 627 -45.61 -12.15 7.52
CA THR I 627 -45.34 -12.22 8.96
C THR I 627 -44.55 -11.00 9.41
N ARG I 628 -44.51 -10.73 10.72
CA ARG I 628 -43.58 -9.77 11.34
C ARG I 628 -42.12 -10.08 11.05
N ALA I 629 -41.78 -11.35 10.80
CA ALA I 629 -40.43 -11.77 10.40
C ALA I 629 -40.11 -11.53 8.92
N GLY I 630 -41.12 -11.33 8.06
CA GLY I 630 -40.96 -11.16 6.62
C GLY I 630 -42.03 -11.87 5.81
N CYS I 631 -41.85 -11.83 4.47
CA CYS I 631 -42.79 -12.51 3.53
C CYS I 631 -42.40 -13.98 3.39
N LEU I 632 -43.36 -14.89 3.60
CA LEU I 632 -43.19 -16.34 3.58
C LEU I 632 -43.91 -16.92 2.36
N ILE I 633 -43.21 -17.71 1.54
CA ILE I 633 -43.72 -18.23 0.27
C ILE I 633 -43.66 -19.75 0.26
N GLY I 634 -44.69 -20.39 -0.28
CA GLY I 634 -44.82 -21.84 -0.39
C GLY I 634 -45.38 -22.52 0.86
N ALA I 635 -45.34 -21.86 2.01
CA ALA I 635 -46.04 -22.31 3.21
C ALA I 635 -47.55 -22.05 3.13
N GLU I 636 -48.33 -22.71 3.98
CA GLU I 636 -49.77 -22.56 4.10
C GLU I 636 -50.13 -22.07 5.51
N HIS I 637 -50.75 -20.89 5.64
CA HIS I 637 -51.08 -20.35 6.95
C HIS I 637 -52.20 -21.14 7.63
N VAL I 638 -51.99 -21.49 8.91
CA VAL I 638 -52.95 -22.29 9.71
C VAL I 638 -53.14 -21.59 11.06
N ASN I 639 -54.40 -21.49 11.51
CA ASN I 639 -54.74 -20.78 12.78
C ASN I 639 -54.36 -21.66 13.97
N ASN I 640 -54.60 -22.97 13.85
CA ASN I 640 -54.38 -23.93 14.97
C ASN I 640 -52.97 -23.76 15.53
N SER I 641 -52.87 -23.39 16.81
CA SER I 641 -51.57 -23.25 17.47
C SER I 641 -51.01 -24.58 17.98
N TYR I 642 -50.30 -25.29 17.11
CA TYR I 642 -49.46 -26.43 17.52
C TYR I 642 -48.27 -25.98 18.37
N GLU I 643 -47.53 -26.93 18.94
CA GLU I 643 -46.22 -26.69 19.54
C GLU I 643 -45.18 -26.23 18.49
N CYS I 644 -44.12 -25.55 18.92
CA CYS I 644 -42.99 -25.20 18.06
C CYS I 644 -42.39 -26.45 17.40
N ASP I 645 -41.88 -26.32 16.18
CA ASP I 645 -41.37 -27.44 15.39
C ASP I 645 -40.14 -27.00 14.56
N ILE I 646 -40.34 -26.27 13.46
CA ILE I 646 -39.29 -25.46 12.83
C ILE I 646 -39.56 -23.99 13.19
N PRO I 647 -38.64 -23.26 13.83
CA PRO I 647 -38.84 -21.86 14.19
C PRO I 647 -38.75 -20.96 12.96
N ILE I 648 -39.52 -19.86 12.93
CA ILE I 648 -39.39 -18.83 11.88
C ILE I 648 -39.01 -17.49 12.50
N GLY I 649 -39.81 -16.97 13.43
CA GLY I 649 -39.54 -15.69 14.09
C GLY I 649 -40.83 -15.03 14.55
N ALA I 650 -40.76 -14.16 15.55
CA ALA I 650 -41.93 -13.48 16.11
C ALA I 650 -43.10 -14.45 16.42
N GLY I 651 -42.78 -15.62 16.99
CA GLY I 651 -43.76 -16.62 17.39
C GLY I 651 -44.37 -17.45 16.26
N ILE I 652 -44.00 -17.23 14.99
CA ILE I 652 -44.40 -18.14 13.93
C ILE I 652 -43.47 -19.35 13.89
N CYS I 653 -44.04 -20.52 13.63
CA CYS I 653 -43.36 -21.78 13.41
C CYS I 653 -43.93 -22.46 12.17
N ALA I 654 -43.25 -23.48 11.66
CA ALA I 654 -43.73 -24.30 10.56
C ALA I 654 -43.50 -25.79 10.79
N SER I 655 -44.27 -26.63 10.10
CA SER I 655 -44.18 -28.09 10.17
C SER I 655 -44.78 -28.72 8.92
N TYR I 656 -44.41 -29.97 8.60
CA TYR I 656 -44.93 -30.66 7.42
C TYR I 656 -46.10 -31.56 7.82
N GLN I 657 -47.31 -31.27 7.32
CA GLN I 657 -48.55 -31.89 7.80
C GLN I 657 -49.63 -32.00 6.71
N THR I 658 -50.62 -32.84 6.96
CA THR I 658 -51.85 -32.94 6.14
C THR I 658 -52.70 -31.67 6.23
N GLN I 672 -50.13 -33.41 1.48
CA GLN I 672 -49.48 -32.69 2.57
C GLN I 672 -48.83 -31.37 2.10
N SER I 673 -48.56 -30.46 3.05
CA SER I 673 -47.96 -29.15 2.81
C SER I 673 -47.13 -28.71 4.02
N ILE I 674 -46.26 -27.72 3.84
CA ILE I 674 -45.62 -27.03 4.96
C ILE I 674 -46.64 -26.03 5.52
N ILE I 675 -47.23 -26.32 6.66
CA ILE I 675 -48.07 -25.33 7.35
C ILE I 675 -47.20 -24.38 8.13
N ALA I 676 -47.66 -23.14 8.31
CA ALA I 676 -47.07 -22.17 9.24
C ALA I 676 -48.15 -21.59 10.15
N TYR I 677 -47.86 -21.42 11.43
CA TYR I 677 -48.83 -21.14 12.48
C TYR I 677 -48.21 -20.37 13.63
N THR I 678 -49.00 -19.65 14.43
CA THR I 678 -48.49 -19.05 15.67
C THR I 678 -48.37 -20.14 16.73
N MET I 679 -47.16 -20.36 17.27
CA MET I 679 -46.90 -21.48 18.18
C MET I 679 -47.63 -21.34 19.51
N SER I 680 -47.94 -22.48 20.13
CA SER I 680 -48.41 -22.57 21.52
C SER I 680 -47.26 -23.02 22.43
N LEU I 681 -47.12 -22.34 23.57
CA LEU I 681 -46.03 -22.59 24.50
C LEU I 681 -46.21 -23.88 25.32
N GLY I 682 -47.41 -24.46 25.32
CA GLY I 682 -47.69 -25.72 25.99
C GLY I 682 -49.17 -25.91 26.30
N VAL I 683 -49.53 -27.06 26.84
CA VAL I 683 -50.89 -27.33 27.31
C VAL I 683 -51.23 -26.35 28.44
N GLU I 684 -52.33 -25.62 28.35
CA GLU I 684 -52.77 -24.76 29.45
C GLU I 684 -53.49 -25.57 30.54
N ASN I 685 -53.30 -25.20 31.81
CA ASN I 685 -53.77 -25.99 32.95
C ASN I 685 -54.20 -25.08 34.12
N SER I 686 -55.49 -24.96 34.38
CA SER I 686 -55.99 -24.32 35.60
C SER I 686 -55.75 -25.22 36.81
N VAL I 687 -54.78 -24.88 37.65
CA VAL I 687 -54.48 -25.63 38.87
C VAL I 687 -55.68 -25.56 39.81
N ALA I 688 -56.11 -26.69 40.37
CA ALA I 688 -57.32 -26.81 41.18
C ALA I 688 -57.18 -26.24 42.61
N TYR I 689 -56.66 -25.02 42.76
CA TYR I 689 -56.42 -24.37 44.04
C TYR I 689 -57.74 -24.03 44.77
N SER I 690 -57.80 -24.41 46.05
CA SER I 690 -58.71 -23.80 47.05
C SER I 690 -57.95 -23.58 48.35
N ASN I 691 -58.58 -22.95 49.34
CA ASN I 691 -57.90 -22.53 50.58
C ASN I 691 -57.90 -23.69 51.58
N ASN I 692 -58.44 -24.84 51.18
CA ASN I 692 -58.50 -26.04 52.06
C ASN I 692 -58.33 -27.31 51.23
N SER I 693 -57.60 -27.22 50.11
CA SER I 693 -57.32 -28.40 49.27
C SER I 693 -55.82 -28.59 49.05
N ILE I 694 -55.30 -29.80 49.29
CA ILE I 694 -53.92 -30.17 48.97
C ILE I 694 -53.86 -31.48 48.19
N ALA I 695 -53.01 -31.55 47.18
CA ALA I 695 -52.79 -32.79 46.44
C ALA I 695 -51.49 -33.45 46.90
N ILE I 696 -51.54 -34.69 47.41
CA ILE I 696 -50.36 -35.42 47.91
C ILE I 696 -50.09 -36.61 46.99
N PRO I 697 -48.84 -36.85 46.55
CA PRO I 697 -48.51 -37.97 45.68
C PRO I 697 -48.56 -39.29 46.43
N THR I 698 -49.33 -40.25 45.93
CA THR I 698 -49.47 -41.56 46.62
C THR I 698 -48.43 -42.53 46.07
N ASN I 699 -47.80 -42.19 44.94
CA ASN I 699 -46.79 -43.09 44.31
C ASN I 699 -45.74 -42.21 43.65
N PHE I 700 -44.66 -42.82 43.16
CA PHE I 700 -43.52 -42.07 42.58
C PHE I 700 -42.84 -42.91 41.50
N THR I 701 -41.94 -42.29 40.74
CA THR I 701 -41.06 -42.98 39.80
C THR I 701 -39.65 -42.53 40.07
N ILE I 702 -38.72 -43.45 40.28
CA ILE I 702 -37.31 -43.17 40.02
C ILE I 702 -37.16 -42.88 38.53
N SER I 703 -36.30 -41.94 38.16
CA SER I 703 -36.03 -41.55 36.79
C SER I 703 -34.54 -41.41 36.60
N VAL I 704 -34.01 -41.67 35.40
CA VAL I 704 -32.59 -41.48 35.09
C VAL I 704 -32.45 -40.53 33.90
N THR I 705 -31.92 -39.34 34.14
CA THR I 705 -31.78 -38.28 33.14
C THR I 705 -30.32 -38.18 32.71
N THR I 706 -30.06 -38.27 31.41
CA THR I 706 -28.68 -38.23 30.88
C THR I 706 -28.31 -36.81 30.53
N GLU I 707 -27.32 -36.23 31.20
CA GLU I 707 -26.83 -34.88 30.95
C GLU I 707 -25.41 -34.90 30.39
N ILE I 708 -25.16 -34.23 29.27
CA ILE I 708 -23.91 -34.34 28.50
C ILE I 708 -23.19 -33.00 28.49
N LEU I 709 -21.90 -32.96 28.86
CA LEU I 709 -21.13 -31.72 28.97
C LEU I 709 -19.78 -31.82 28.25
N PRO I 710 -19.41 -30.87 27.38
CA PRO I 710 -18.06 -30.75 26.87
C PRO I 710 -17.06 -30.43 27.97
N VAL I 711 -15.84 -30.93 27.88
CA VAL I 711 -14.79 -30.67 28.88
C VAL I 711 -13.49 -30.18 28.25
N SER I 712 -13.15 -30.61 27.04
CA SER I 712 -11.91 -30.21 26.38
C SER I 712 -12.02 -30.22 24.86
N MET I 713 -11.29 -29.31 24.23
CA MET I 713 -11.06 -29.23 22.78
C MET I 713 -9.91 -30.14 22.37
N THR I 714 -9.76 -30.40 21.07
CA THR I 714 -8.53 -31.02 20.55
C THR I 714 -7.34 -30.06 20.74
N LYS I 715 -6.37 -30.41 21.60
CA LYS I 715 -5.17 -29.57 21.82
C LYS I 715 -4.45 -29.36 20.50
N THR I 716 -4.22 -28.11 20.11
CA THR I 716 -3.64 -27.76 18.80
C THR I 716 -2.53 -26.74 18.97
N SER I 717 -1.42 -26.91 18.24
CA SER I 717 -0.36 -25.90 18.15
C SER I 717 0.09 -25.75 16.69
N VAL I 718 0.27 -24.52 16.21
CA VAL I 718 0.54 -24.25 14.79
C VAL I 718 1.90 -23.61 14.65
N ASP I 719 2.80 -24.19 13.88
CA ASP I 719 4.06 -23.54 13.49
C ASP I 719 3.72 -22.38 12.54
N CYS I 720 3.64 -21.15 13.06
CA CYS I 720 3.22 -20.01 12.25
C CYS I 720 4.16 -19.73 11.08
N THR I 721 5.46 -20.04 11.21
CA THR I 721 6.41 -19.88 10.11
C THR I 721 6.17 -20.92 9.02
N MET I 722 5.94 -22.18 9.38
CA MET I 722 5.60 -23.20 8.38
C MET I 722 4.21 -22.97 7.77
N TYR I 723 3.25 -22.42 8.52
CA TYR I 723 1.95 -22.04 7.98
C TYR I 723 2.09 -20.90 6.98
N ILE I 724 2.67 -19.76 7.38
CA ILE I 724 2.76 -18.57 6.53
C ILE I 724 3.73 -18.78 5.36
N CYS I 725 4.99 -19.12 5.67
CA CYS I 725 6.10 -19.10 4.73
C CYS I 725 6.36 -20.43 4.00
N GLY I 726 5.78 -21.55 4.46
CA GLY I 726 6.09 -22.88 3.89
C GLY I 726 7.57 -23.28 4.00
N ASP I 727 8.28 -22.70 4.97
CA ASP I 727 9.74 -22.78 5.11
C ASP I 727 10.59 -22.18 3.97
N SER I 728 9.98 -21.46 3.02
CA SER I 728 10.70 -20.80 1.92
C SER I 728 11.33 -19.48 2.37
N THR I 729 12.66 -19.42 2.38
CA THR I 729 13.44 -18.48 3.19
C THR I 729 13.14 -17.00 2.90
N GLU I 730 12.89 -16.64 1.64
CA GLU I 730 12.59 -15.27 1.25
C GLU I 730 11.35 -14.69 1.94
N CYS I 731 10.36 -15.54 2.25
CA CYS I 731 9.20 -15.13 3.03
C CYS I 731 9.51 -15.05 4.53
N SER I 732 10.31 -15.98 5.08
CA SER I 732 10.71 -15.93 6.49
C SER I 732 11.51 -14.66 6.81
N ASN I 733 12.42 -14.25 5.93
CA ASN I 733 13.17 -13.00 6.09
C ASN I 733 12.30 -11.72 6.00
N LEU I 734 11.08 -11.80 5.47
CA LEU I 734 10.07 -10.75 5.63
C LEU I 734 9.31 -10.92 6.95
N LEU I 735 8.86 -12.12 7.29
CA LEU I 735 8.09 -12.38 8.51
C LEU I 735 8.84 -11.98 9.78
N LEU I 736 10.17 -12.12 9.82
CA LEU I 736 11.00 -11.62 10.93
C LEU I 736 10.79 -10.13 11.23
N GLN I 737 10.43 -9.33 10.23
CA GLN I 737 10.25 -7.88 10.36
C GLN I 737 8.93 -7.51 11.05
N TYR I 738 7.97 -8.44 11.18
CA TYR I 738 6.72 -8.25 11.92
C TYR I 738 6.87 -8.47 13.44
N GLY I 739 7.97 -9.05 13.90
CA GLY I 739 8.27 -9.20 15.32
C GLY I 739 7.39 -10.22 16.04
N SER I 740 6.82 -9.83 17.18
CA SER I 740 6.15 -10.74 18.12
C SER I 740 4.95 -11.49 17.57
N PHE I 741 4.38 -11.10 16.42
CA PHE I 741 3.33 -11.86 15.74
C PHE I 741 3.76 -13.26 15.31
N CYS I 742 5.06 -13.54 15.21
CA CYS I 742 5.57 -14.90 15.15
C CYS I 742 5.34 -15.65 16.48
N THR I 743 5.97 -15.21 17.57
CA THR I 743 6.03 -15.92 18.85
C THR I 743 4.71 -15.97 19.62
N GLN I 744 3.99 -14.85 19.73
CA GLN I 744 2.90 -14.79 20.71
C GLN I 744 1.69 -15.67 20.35
N LEU I 745 1.51 -16.05 19.08
CA LEU I 745 0.45 -16.97 18.69
C LEU I 745 0.72 -18.39 19.20
N ASN I 746 1.97 -18.86 19.18
CA ASN I 746 2.33 -20.12 19.85
C ASN I 746 2.18 -20.04 21.37
N ARG I 747 2.46 -18.89 21.98
CA ARG I 747 2.23 -18.70 23.42
C ARG I 747 0.74 -18.76 23.76
N ALA I 748 -0.11 -18.10 22.98
CA ALA I 748 -1.56 -18.12 23.14
C ALA I 748 -2.13 -19.54 22.95
N LEU I 749 -1.77 -20.25 21.87
CA LEU I 749 -2.21 -21.63 21.67
C LEU I 749 -1.62 -22.60 22.70
N THR I 750 -0.43 -22.37 23.23
CA THR I 750 0.10 -23.17 24.36
C THR I 750 -0.75 -22.97 25.61
N GLY I 751 -1.17 -21.75 25.93
CA GLY I 751 -2.12 -21.49 27.01
C GLY I 751 -3.42 -22.29 26.83
N ILE I 752 -3.99 -22.30 25.62
CA ILE I 752 -5.17 -23.12 25.33
C ILE I 752 -4.87 -24.61 25.48
N ALA I 753 -3.74 -25.10 24.98
CA ALA I 753 -3.40 -26.51 25.02
C ALA I 753 -3.21 -27.02 26.45
N VAL I 754 -2.53 -26.29 27.32
CA VAL I 754 -2.37 -26.65 28.74
C VAL I 754 -3.71 -26.63 29.46
N GLU I 755 -4.56 -25.65 29.17
CA GLU I 755 -5.87 -25.55 29.80
C GLU I 755 -6.75 -26.77 29.52
N GLN I 756 -6.62 -27.45 28.38
CA GLN I 756 -7.39 -28.68 28.13
C GLN I 756 -7.04 -29.79 29.10
N ASP I 757 -5.78 -29.90 29.51
CA ASP I 757 -5.36 -30.85 30.53
C ASP I 757 -5.84 -30.41 31.91
N LYS I 758 -5.72 -29.13 32.26
CA LYS I 758 -6.25 -28.60 33.53
C LYS I 758 -7.76 -28.86 33.66
N ASN I 759 -8.57 -28.61 32.64
CA ASN I 759 -9.99 -28.94 32.65
C ASN I 759 -10.21 -30.42 32.93
N THR I 760 -9.55 -31.29 32.18
CA THR I 760 -9.77 -32.73 32.29
C THR I 760 -9.29 -33.26 33.63
N GLN I 761 -8.26 -32.66 34.22
CA GLN I 761 -7.80 -32.98 35.57
C GLN I 761 -8.85 -32.60 36.62
N GLU I 762 -9.38 -31.38 36.59
CA GLU I 762 -10.36 -30.91 37.57
C GLU I 762 -11.68 -31.67 37.49
N VAL I 763 -12.12 -32.07 36.32
CA VAL I 763 -13.35 -32.84 36.18
C VAL I 763 -13.17 -34.23 36.76
N PHE I 764 -12.21 -35.03 36.32
CA PHE I 764 -12.14 -36.44 36.70
C PHE I 764 -11.30 -36.72 37.95
N ALA I 765 -10.17 -36.05 38.15
CA ALA I 765 -9.25 -36.35 39.23
C ALA I 765 -9.63 -35.73 40.59
N GLN I 766 -10.93 -35.72 40.92
CA GLN I 766 -11.42 -35.26 42.23
C GLN I 766 -11.23 -36.31 43.33
N VAL I 767 -11.10 -37.59 42.95
CA VAL I 767 -10.94 -38.72 43.86
C VAL I 767 -9.51 -38.86 44.40
N LYS I 768 -9.35 -39.20 45.67
CA LYS I 768 -8.05 -39.31 46.34
C LYS I 768 -7.28 -40.61 46.05
N GLN I 769 -7.98 -41.67 45.64
CA GLN I 769 -7.47 -43.02 45.42
C GLN I 769 -8.20 -43.64 44.24
N ILE I 770 -7.64 -44.66 43.59
CA ILE I 770 -8.38 -45.41 42.57
C ILE I 770 -9.15 -46.51 43.26
N TYR I 771 -10.43 -46.21 43.56
CA TYR I 771 -11.35 -47.19 44.17
C TYR I 771 -11.77 -48.23 43.13
N LYS I 772 -11.83 -49.50 43.54
CA LYS I 772 -12.28 -50.59 42.67
C LYS I 772 -13.28 -51.50 43.38
N THR I 773 -14.27 -51.96 42.61
CA THR I 773 -15.46 -52.66 43.12
C THR I 773 -15.13 -54.06 43.60
N PRO I 774 -15.73 -54.56 44.69
CA PRO I 774 -15.54 -55.94 45.15
C PRO I 774 -15.98 -56.99 44.11
N PRO I 775 -15.62 -58.27 44.29
CA PRO I 775 -16.07 -59.37 43.42
C PRO I 775 -17.59 -59.55 43.44
N ILE I 776 -18.23 -59.50 44.61
CA ILE I 776 -19.69 -59.56 44.78
C ILE I 776 -20.38 -58.26 44.33
N LYS I 777 -21.57 -58.38 43.72
CA LYS I 777 -22.30 -57.26 43.10
C LYS I 777 -23.73 -57.11 43.64
N ASP I 778 -23.99 -57.59 44.86
CA ASP I 778 -25.32 -57.61 45.50
C ASP I 778 -25.72 -56.26 46.10
N PHE I 779 -25.81 -55.23 45.27
CA PHE I 779 -26.24 -53.88 45.64
C PHE I 779 -27.76 -53.81 45.84
N GLY I 780 -28.33 -54.62 46.72
CA GLY I 780 -29.76 -54.60 47.06
C GLY I 780 -30.73 -54.87 45.90
N GLY I 781 -30.20 -55.37 44.78
CA GLY I 781 -31.01 -55.62 43.56
C GLY I 781 -30.69 -54.61 42.47
N PHE I 782 -30.30 -53.39 42.86
CA PHE I 782 -29.87 -52.33 41.91
C PHE I 782 -28.75 -52.88 41.02
N ASN I 783 -28.84 -52.60 39.71
CA ASN I 783 -28.12 -53.36 38.65
C ASN I 783 -26.62 -53.19 38.82
N PHE I 784 -26.08 -52.06 38.34
CA PHE I 784 -24.62 -51.77 38.34
C PHE I 784 -23.87 -52.88 37.60
N SER I 785 -23.93 -52.81 36.26
CA SER I 785 -23.14 -53.67 35.34
C SER I 785 -22.89 -52.93 34.04
N GLN I 786 -23.95 -52.35 33.45
CA GLN I 786 -23.85 -51.66 32.14
C GLN I 786 -23.05 -50.37 32.31
N ILE I 787 -22.88 -49.92 33.56
CA ILE I 787 -22.12 -48.68 33.82
C ILE I 787 -20.79 -48.87 34.57
N LEU I 788 -20.62 -49.98 35.29
CA LEU I 788 -19.30 -50.43 35.75
C LEU I 788 -18.44 -50.92 34.58
N PRO I 789 -17.12 -51.06 34.74
CA PRO I 789 -16.24 -51.60 33.70
C PRO I 789 -16.69 -52.96 33.16
N ASP I 790 -16.45 -53.19 31.87
CA ASP I 790 -16.60 -54.48 31.21
C ASP I 790 -15.21 -55.09 30.95
N PRO I 791 -14.89 -56.28 31.49
CA PRO I 791 -13.56 -56.88 31.33
C PRO I 791 -13.22 -57.29 29.89
N SER I 792 -14.26 -57.46 29.06
CA SER I 792 -14.03 -57.88 27.64
C SER I 792 -13.60 -56.67 26.81
N LYS I 793 -14.07 -55.48 27.18
CA LYS I 793 -13.60 -54.23 26.53
C LYS I 793 -12.10 -54.06 26.80
N PRO I 794 -11.25 -53.92 25.76
CA PRO I 794 -9.80 -53.85 25.94
C PRO I 794 -9.41 -52.71 26.89
N SER I 795 -9.56 -51.45 26.46
CA SER I 795 -9.73 -50.31 27.39
C SER I 795 -10.94 -50.60 28.28
N LYS I 796 -10.74 -50.65 29.60
CA LYS I 796 -11.78 -51.14 30.54
C LYS I 796 -12.88 -50.07 30.69
N ARG I 797 -13.55 -49.75 29.58
CA ARG I 797 -14.74 -48.90 29.59
C ARG I 797 -15.99 -49.69 29.98
N SER I 798 -17.03 -49.03 30.46
CA SER I 798 -18.34 -49.67 30.67
C SER I 798 -19.08 -49.90 29.37
N PHE I 799 -20.21 -50.61 29.40
CA PHE I 799 -21.03 -50.77 28.21
C PHE I 799 -21.56 -49.43 27.70
N ILE I 800 -22.14 -48.58 28.57
CA ILE I 800 -22.63 -47.26 28.16
C ILE I 800 -21.50 -46.33 27.70
N GLU I 801 -20.31 -46.40 28.31
CA GLU I 801 -19.16 -45.67 27.77
C GLU I 801 -18.82 -46.13 26.36
N ASP I 802 -18.90 -47.43 26.04
CA ASP I 802 -18.68 -47.87 24.66
C ASP I 802 -19.73 -47.32 23.69
N LEU I 803 -21.02 -47.25 24.05
CA LEU I 803 -22.01 -46.60 23.18
C LEU I 803 -21.64 -45.14 22.88
N LEU I 804 -21.25 -44.38 23.90
CA LEU I 804 -20.85 -42.98 23.75
C LEU I 804 -19.60 -42.86 22.87
N PHE I 805 -18.62 -43.73 23.07
CA PHE I 805 -17.39 -43.73 22.25
C PHE I 805 -17.65 -44.20 20.81
N ASN I 806 -18.77 -44.87 20.51
CA ASN I 806 -19.19 -45.15 19.14
C ASN I 806 -19.98 -44.01 18.51
N LYS I 807 -20.96 -43.42 19.22
CA LYS I 807 -21.89 -42.44 18.65
C LYS I 807 -21.25 -41.06 18.40
N VAL I 808 -20.28 -40.64 19.19
CA VAL I 808 -19.44 -39.46 18.85
C VAL I 808 -18.40 -39.86 17.80
N THR I 809 -18.19 -39.04 16.77
CA THR I 809 -17.27 -39.35 15.65
C THR I 809 -16.52 -38.14 15.12
N PHE I 837 -2.15 -30.70 8.70
CA PHE I 837 -0.70 -30.88 8.83
C PHE I 837 0.14 -29.97 7.90
N ASN I 838 -0.47 -28.93 7.33
CA ASN I 838 0.23 -27.86 6.62
C ASN I 838 0.81 -26.84 7.62
N GLY I 839 1.69 -27.28 8.52
CA GLY I 839 2.21 -26.50 9.66
C GLY I 839 1.35 -26.58 10.93
N LEU I 840 0.12 -27.06 10.81
CA LEU I 840 -0.79 -27.39 11.90
C LEU I 840 -0.29 -28.65 12.64
N THR I 841 -0.37 -28.71 13.97
CA THR I 841 -0.12 -29.95 14.73
C THR I 841 -1.17 -30.18 15.81
N VAL I 842 -1.59 -31.42 15.98
CA VAL I 842 -2.49 -31.86 17.06
C VAL I 842 -1.66 -32.58 18.12
N LEU I 843 -1.90 -32.25 19.38
CA LEU I 843 -1.17 -32.78 20.54
C LEU I 843 -2.07 -33.76 21.32
N PRO I 844 -1.53 -34.86 21.86
CA PRO I 844 -2.33 -35.79 22.63
C PRO I 844 -2.79 -35.18 23.96
N PRO I 845 -3.90 -35.65 24.55
CA PRO I 845 -4.28 -35.29 25.91
C PRO I 845 -3.28 -35.88 26.91
N LEU I 846 -3.12 -35.29 28.09
CA LEU I 846 -2.22 -35.88 29.11
C LEU I 846 -2.77 -37.21 29.61
N LEU I 847 -4.07 -37.30 29.88
CA LEU I 847 -4.72 -38.53 30.33
C LEU I 847 -5.36 -39.23 29.13
N THR I 848 -4.98 -40.48 28.85
CA THR I 848 -5.58 -41.24 27.75
C THR I 848 -7.03 -41.61 28.05
N ASP I 849 -7.81 -42.01 27.05
CA ASP I 849 -9.16 -42.53 27.25
C ASP I 849 -9.22 -43.70 28.24
N GLU I 850 -8.20 -44.56 28.29
CA GLU I 850 -8.08 -45.61 29.30
C GLU I 850 -7.90 -45.08 30.72
N MET I 851 -7.10 -44.02 30.91
CA MET I 851 -6.93 -43.39 32.22
C MET I 851 -8.19 -42.69 32.69
N ILE I 852 -8.87 -41.95 31.81
CA ILE I 852 -10.16 -41.35 32.13
C ILE I 852 -11.17 -42.44 32.52
N ALA I 853 -11.22 -43.55 31.80
CA ALA I 853 -12.09 -44.67 32.15
C ALA I 853 -11.77 -45.32 33.51
N GLN I 854 -10.53 -45.25 34.00
CA GLN I 854 -10.24 -45.63 35.39
C GLN I 854 -10.77 -44.60 36.37
N TYR I 855 -10.60 -43.29 36.15
CA TYR I 855 -11.22 -42.31 37.04
C TYR I 855 -12.74 -42.42 37.06
N THR I 856 -13.44 -42.54 35.95
CA THR I 856 -14.90 -42.74 36.00
C THR I 856 -15.29 -44.05 36.65
N SER I 857 -14.47 -45.11 36.57
CA SER I 857 -14.68 -46.30 37.42
C SER I 857 -14.42 -46.02 38.89
N ALA I 858 -13.40 -45.26 39.26
CA ALA I 858 -13.12 -44.96 40.65
C ALA I 858 -14.22 -44.15 41.30
N LEU I 859 -14.66 -43.05 40.68
CA LEU I 859 -15.77 -42.25 41.19
C LEU I 859 -17.03 -43.09 41.31
N LEU I 860 -17.29 -43.97 40.34
CA LEU I 860 -18.44 -44.85 40.40
C LEU I 860 -18.31 -45.92 41.50
N ALA I 861 -17.17 -46.55 41.68
CA ALA I 861 -16.99 -47.57 42.71
C ALA I 861 -16.97 -47.00 44.12
N GLY I 862 -16.48 -45.77 44.29
CA GLY I 862 -16.66 -45.02 45.54
C GLY I 862 -18.13 -44.75 45.79
N THR I 863 -18.84 -44.20 44.80
CA THR I 863 -20.26 -43.86 44.89
C THR I 863 -21.13 -45.05 45.21
N ILE I 864 -20.87 -46.21 44.64
CA ILE I 864 -21.62 -47.43 44.93
C ILE I 864 -21.28 -47.97 46.32
N THR I 865 -20.01 -48.09 46.70
CA THR I 865 -19.66 -48.76 47.96
C THR I 865 -19.74 -47.89 49.20
N SER I 866 -19.71 -46.56 49.09
CA SER I 866 -19.39 -45.68 50.22
C SER I 866 -20.12 -44.34 50.26
N GLY I 867 -21.12 -44.14 49.40
CA GLY I 867 -21.93 -42.93 49.40
C GLY I 867 -21.14 -41.67 49.05
N TRP I 868 -21.38 -40.61 49.84
CA TRP I 868 -20.66 -39.32 49.70
C TRP I 868 -19.37 -39.33 50.54
N THR I 869 -19.15 -40.37 51.35
CA THR I 869 -18.05 -40.30 52.34
C THR I 869 -16.68 -40.19 51.69
N PHE I 870 -16.45 -40.78 50.52
CA PHE I 870 -15.18 -40.65 49.81
C PHE I 870 -14.91 -39.24 49.29
N GLY I 871 -15.91 -38.36 49.27
CA GLY I 871 -15.76 -36.93 49.00
C GLY I 871 -15.40 -36.11 50.25
N ALA I 872 -15.56 -36.66 51.45
CA ALA I 872 -15.22 -36.02 52.72
C ALA I 872 -13.89 -36.50 53.33
N GLY I 873 -13.51 -37.76 53.11
CA GLY I 873 -12.31 -38.36 53.69
C GLY I 873 -11.94 -39.66 52.97
N ALA I 874 -11.61 -40.71 53.70
CA ALA I 874 -11.52 -42.06 53.13
C ALA I 874 -12.91 -42.61 52.83
N ALA I 875 -13.05 -43.50 51.83
CA ALA I 875 -14.29 -44.20 51.59
C ALA I 875 -14.67 -45.08 52.78
N LEU I 876 -15.84 -44.89 53.35
CA LEU I 876 -16.39 -45.72 54.42
C LEU I 876 -17.46 -46.62 53.80
N GLN I 877 -17.32 -47.94 53.86
CA GLN I 877 -18.31 -48.79 53.22
C GLN I 877 -19.66 -48.67 53.92
N ILE I 878 -20.74 -48.80 53.16
CA ILE I 878 -22.12 -48.87 53.67
C ILE I 878 -22.97 -49.70 52.71
N PRO I 879 -23.91 -50.55 53.17
CA PRO I 879 -24.69 -51.39 52.27
C PRO I 879 -25.54 -50.56 51.34
N PHE I 880 -25.68 -50.91 50.06
CA PHE I 880 -26.26 -49.96 49.12
C PHE I 880 -27.73 -49.60 49.39
N ALA I 881 -28.53 -50.54 49.90
CA ALA I 881 -29.89 -50.23 50.31
C ALA I 881 -29.92 -49.14 51.40
N MET I 882 -28.98 -49.13 52.33
CA MET I 882 -28.90 -48.08 53.34
C MET I 882 -28.40 -46.76 52.78
N GLN I 883 -27.50 -46.77 51.80
CA GLN I 883 -27.14 -45.52 51.13
C GLN I 883 -28.35 -44.92 50.40
N MET I 884 -29.18 -45.70 49.75
CA MET I 884 -30.40 -45.16 49.18
C MET I 884 -31.36 -44.70 50.26
N ALA I 885 -31.44 -45.40 51.40
CA ALA I 885 -32.30 -44.99 52.49
C ALA I 885 -31.90 -43.62 53.02
N TYR I 886 -30.59 -43.38 53.13
CA TYR I 886 -29.99 -42.04 53.37
C TYR I 886 -30.51 -41.02 52.35
N ARG I 887 -30.33 -41.31 51.05
CA ARG I 887 -30.60 -40.35 49.98
C ARG I 887 -32.09 -40.05 49.86
N PHE I 888 -32.99 -40.98 50.16
CA PHE I 888 -34.41 -40.69 50.37
C PHE I 888 -34.60 -39.76 51.57
N ASN I 889 -33.97 -40.06 52.70
CA ASN I 889 -34.02 -39.21 53.89
C ASN I 889 -33.49 -37.79 53.63
N GLY I 890 -32.72 -37.59 52.56
CA GLY I 890 -32.22 -36.29 52.12
C GLY I 890 -33.20 -35.46 51.30
N ILE I 891 -34.32 -36.04 50.83
CA ILE I 891 -35.35 -35.34 50.03
C ILE I 891 -36.69 -35.26 50.74
N GLY I 892 -36.72 -35.41 52.06
CA GLY I 892 -37.96 -35.28 52.85
C GLY I 892 -38.94 -36.46 52.67
N VAL I 893 -38.43 -37.65 52.35
CA VAL I 893 -39.18 -38.91 52.34
C VAL I 893 -38.65 -39.79 53.47
N THR I 894 -39.49 -40.21 54.41
CA THR I 894 -39.04 -40.96 55.59
C THR I 894 -38.52 -42.32 55.15
N GLN I 895 -37.36 -42.74 55.67
CA GLN I 895 -36.60 -43.82 55.04
C GLN I 895 -37.33 -45.16 54.95
N ASN I 896 -38.33 -45.42 55.79
CA ASN I 896 -39.16 -46.61 55.68
C ASN I 896 -39.82 -46.74 54.31
N VAL I 897 -40.10 -45.63 53.62
CA VAL I 897 -40.66 -45.64 52.26
C VAL I 897 -39.73 -46.36 51.28
N LEU I 898 -38.41 -46.34 51.49
CA LEU I 898 -37.52 -47.15 50.65
C LEU I 898 -37.62 -48.63 51.00
N TYR I 899 -37.41 -48.99 52.26
CA TYR I 899 -37.29 -50.43 52.64
C TYR I 899 -38.59 -51.18 52.31
N GLU I 900 -39.73 -50.56 52.58
CA GLU I 900 -41.04 -51.12 52.26
C GLU I 900 -41.30 -51.23 50.74
N ASN I 901 -40.43 -50.68 49.88
CA ASN I 901 -40.57 -50.67 48.43
C ASN I 901 -39.27 -51.04 47.71
N GLN I 902 -38.33 -51.73 48.37
CA GLN I 902 -36.99 -51.88 47.82
C GLN I 902 -36.98 -52.60 46.47
N LYS I 903 -37.73 -53.69 46.33
CA LYS I 903 -37.79 -54.43 45.06
C LYS I 903 -38.39 -53.61 43.93
N LEU I 904 -39.46 -52.86 44.21
CA LEU I 904 -40.04 -51.95 43.22
C LEU I 904 -39.08 -50.84 42.82
N ILE I 905 -38.38 -50.22 43.78
CA ILE I 905 -37.43 -49.15 43.50
C ILE I 905 -36.24 -49.67 42.71
N ALA I 906 -35.70 -50.83 43.05
CA ALA I 906 -34.66 -51.48 42.27
C ALA I 906 -35.14 -51.78 40.84
N ASN I 907 -36.36 -52.27 40.64
CA ASN I 907 -36.88 -52.52 39.29
C ASN I 907 -37.07 -51.22 38.50
N GLN I 908 -37.64 -50.17 39.09
CA GLN I 908 -37.76 -48.87 38.40
C GLN I 908 -36.40 -48.34 37.98
N PHE I 909 -35.39 -48.44 38.85
CA PHE I 909 -34.04 -48.02 38.52
C PHE I 909 -33.41 -48.89 37.43
N ASN I 910 -33.45 -50.21 37.55
CA ASN I 910 -32.87 -51.12 36.55
C ASN I 910 -33.50 -50.93 35.16
N SER I 911 -34.82 -50.80 35.11
CA SER I 911 -35.55 -50.49 33.88
C SER I 911 -35.14 -49.13 33.31
N ALA I 912 -35.02 -48.10 34.14
CA ALA I 912 -34.59 -46.79 33.70
C ALA I 912 -33.17 -46.79 33.14
N ILE I 913 -32.21 -47.53 33.72
CA ILE I 913 -30.89 -47.70 33.07
C ILE I 913 -31.06 -48.36 31.71
N GLY I 914 -31.86 -49.42 31.61
CA GLY I 914 -32.06 -50.15 30.35
C GLY I 914 -32.49 -49.22 29.20
N LYS I 915 -33.41 -48.28 29.48
CA LYS I 915 -33.85 -47.29 28.51
C LYS I 915 -32.74 -46.35 28.05
N ILE I 916 -31.67 -46.13 28.81
CA ILE I 916 -30.55 -45.29 28.38
C ILE I 916 -29.83 -45.93 27.20
N GLN I 917 -29.58 -47.24 27.22
CA GLN I 917 -28.91 -47.91 26.11
C GLN I 917 -29.70 -47.78 24.81
N ASP I 918 -31.02 -47.98 24.85
CA ASP I 918 -31.90 -47.76 23.70
C ASP I 918 -31.95 -46.29 23.28
N SER I 919 -32.05 -45.36 24.23
CA SER I 919 -32.07 -43.92 23.96
C SER I 919 -30.81 -43.48 23.22
N LEU I 920 -29.63 -43.83 23.74
CA LEU I 920 -28.34 -43.52 23.10
C LEU I 920 -28.16 -44.27 21.77
N SER I 921 -28.72 -45.46 21.62
CA SER I 921 -28.70 -46.20 20.34
C SER I 921 -29.59 -45.55 19.27
N SER I 922 -30.66 -44.88 19.66
CA SER I 922 -31.71 -44.44 18.72
C SER I 922 -31.26 -43.35 17.73
N THR I 923 -30.45 -42.39 18.17
CA THR I 923 -29.99 -41.28 17.32
C THR I 923 -28.70 -40.64 17.83
N ALA I 924 -27.78 -40.32 16.92
CA ALA I 924 -26.58 -39.54 17.23
C ALA I 924 -26.89 -38.09 17.63
N SER I 925 -28.05 -37.56 17.23
CA SER I 925 -28.48 -36.18 17.54
C SER I 925 -28.66 -35.90 19.04
N ALA I 926 -28.76 -36.94 19.89
CA ALA I 926 -28.77 -36.80 21.35
C ALA I 926 -27.43 -36.28 21.91
N LEU I 927 -26.30 -36.62 21.27
CA LEU I 927 -24.96 -36.23 21.71
C LEU I 927 -24.49 -34.90 21.11
N GLY I 928 -25.43 -34.04 20.70
CA GLY I 928 -25.16 -32.82 19.94
C GLY I 928 -24.08 -31.94 20.55
N LYS I 929 -24.06 -31.78 21.88
CA LYS I 929 -23.05 -30.96 22.58
C LYS I 929 -21.62 -31.45 22.38
N LEU I 930 -21.37 -32.75 22.32
CA LEU I 930 -20.03 -33.31 22.06
C LEU I 930 -19.74 -33.36 20.56
N GLN I 931 -20.71 -33.72 19.74
CA GLN I 931 -20.50 -33.72 18.29
C GLN I 931 -20.20 -32.30 17.78
N ASP I 932 -20.78 -31.27 18.40
CA ASP I 932 -20.49 -29.86 18.13
C ASP I 932 -19.03 -29.47 18.42
N VAL I 933 -18.46 -29.80 19.59
CA VAL I 933 -17.06 -29.44 19.88
C VAL I 933 -16.08 -30.17 18.97
N VAL I 934 -16.41 -31.39 18.53
CA VAL I 934 -15.60 -32.08 17.52
C VAL I 934 -15.75 -31.40 16.15
N ASN I 935 -16.97 -31.11 15.71
CA ASN I 935 -17.22 -30.47 14.41
C ASN I 935 -16.58 -29.09 14.32
N GLN I 936 -16.75 -28.22 15.33
CA GLN I 936 -16.28 -26.83 15.22
C GLN I 936 -14.76 -26.72 15.11
N ASN I 937 -14.00 -27.61 15.76
CA ASN I 937 -12.54 -27.60 15.61
C ASN I 937 -12.08 -28.11 14.26
N ALA I 938 -12.73 -29.13 13.70
CA ALA I 938 -12.46 -29.54 12.32
C ALA I 938 -12.84 -28.42 11.33
N GLN I 939 -13.99 -27.79 11.50
CA GLN I 939 -14.45 -26.69 10.66
C GLN I 939 -13.51 -25.47 10.70
N ALA I 940 -13.01 -25.09 11.87
CA ALA I 940 -12.03 -24.02 12.00
C ALA I 940 -10.72 -24.36 11.29
N LEU I 941 -10.13 -25.53 11.53
CA LEU I 941 -8.89 -25.91 10.86
C LEU I 941 -9.06 -26.09 9.35
N ASN I 942 -10.16 -26.67 8.87
CA ASN I 942 -10.42 -26.74 7.43
C ASN I 942 -10.45 -25.34 6.82
N THR I 943 -11.11 -24.39 7.47
CA THR I 943 -11.11 -23.01 6.98
C THR I 943 -9.72 -22.36 7.04
N LEU I 944 -8.93 -22.63 8.09
CA LEU I 944 -7.56 -22.14 8.19
C LEU I 944 -6.67 -22.69 7.08
N VAL I 945 -6.84 -23.95 6.68
CA VAL I 945 -6.14 -24.54 5.54
C VAL I 945 -6.63 -23.94 4.23
N LYS I 946 -7.94 -23.83 4.02
CA LYS I 946 -8.49 -23.22 2.79
C LYS I 946 -7.99 -21.79 2.58
N GLN I 947 -7.77 -21.02 3.65
CA GLN I 947 -7.21 -19.67 3.54
C GLN I 947 -5.76 -19.61 3.03
N LEU I 948 -5.03 -20.72 2.89
CA LEU I 948 -3.77 -20.70 2.12
C LEU I 948 -4.02 -20.42 0.63
N SER I 949 -5.16 -20.84 0.09
CA SER I 949 -5.58 -20.68 -1.30
C SER I 949 -6.25 -19.32 -1.58
N SER I 950 -5.73 -18.24 -1.01
CA SER I 950 -6.29 -16.89 -1.13
C SER I 950 -5.21 -15.87 -1.50
N ASN I 951 -5.54 -14.91 -2.38
CA ASN I 951 -4.58 -13.98 -2.97
C ASN I 951 -4.32 -12.72 -2.13
N PHE I 952 -5.32 -12.19 -1.44
CA PHE I 952 -5.23 -10.93 -0.69
C PHE I 952 -4.67 -9.74 -1.51
N GLY I 953 -4.92 -9.73 -2.82
CA GLY I 953 -4.40 -8.74 -3.78
C GLY I 953 -3.11 -9.17 -4.51
N ALA I 954 -2.46 -10.26 -4.12
CA ALA I 954 -1.26 -10.76 -4.79
C ALA I 954 -1.56 -11.45 -6.15
N ILE I 955 -0.58 -11.43 -7.06
CA ILE I 955 -0.66 -12.05 -8.39
C ILE I 955 -0.95 -13.57 -8.36
N SER I 956 -0.54 -14.26 -7.29
CA SER I 956 -0.75 -15.69 -7.10
C SER I 956 -0.94 -16.00 -5.62
N SER I 957 -1.64 -17.08 -5.31
CA SER I 957 -1.77 -17.61 -3.95
C SER I 957 -0.55 -18.43 -3.49
N VAL I 958 0.41 -18.70 -4.38
CA VAL I 958 1.58 -19.55 -4.09
C VAL I 958 2.88 -18.74 -4.05
N LEU I 959 3.67 -18.92 -2.99
CA LEU I 959 4.88 -18.15 -2.73
C LEU I 959 6.02 -18.46 -3.71
N ASN I 960 6.37 -19.72 -3.90
CA ASN I 960 7.50 -20.10 -4.77
C ASN I 960 7.21 -19.80 -6.25
N ASP I 961 5.93 -19.78 -6.64
CA ASP I 961 5.46 -19.26 -7.92
C ASP I 961 5.84 -17.77 -8.08
N ILE I 962 5.44 -16.90 -7.15
CA ILE I 962 5.81 -15.47 -7.17
C ILE I 962 7.33 -15.29 -7.26
N LEU I 963 8.09 -16.01 -6.44
CA LEU I 963 9.55 -15.95 -6.42
C LEU I 963 10.20 -16.45 -7.73
N SER I 964 9.50 -17.24 -8.54
CA SER I 964 9.97 -17.61 -9.88
C SER I 964 9.63 -16.54 -10.92
N ARG I 965 8.48 -15.87 -10.78
CA ARG I 965 8.00 -14.87 -11.75
C ARG I 965 8.72 -13.53 -11.68
N LEU I 966 9.03 -13.04 -10.48
CA LEU I 966 9.33 -11.62 -10.26
C LEU I 966 10.71 -11.36 -9.64
N ASP I 967 11.31 -10.23 -10.02
CA ASP I 967 12.61 -9.82 -9.42
C ASP I 967 12.34 -9.46 -7.97
N PRO I 968 13.25 -9.77 -7.00
CA PRO I 968 13.06 -9.40 -5.59
C PRO I 968 12.25 -8.11 -5.29
N PRO I 969 12.53 -6.91 -5.83
CA PRO I 969 11.67 -5.73 -5.58
C PRO I 969 10.17 -6.01 -5.78
N GLU I 970 9.78 -6.42 -6.99
CA GLU I 970 8.34 -6.67 -7.29
C GLU I 970 7.85 -7.84 -6.43
N ALA I 971 8.60 -8.95 -6.40
CA ALA I 971 8.17 -10.12 -5.64
C ALA I 971 7.81 -9.76 -4.20
N GLU I 972 8.63 -8.93 -3.55
CA GLU I 972 8.47 -8.55 -2.15
C GLU I 972 7.09 -7.96 -1.86
N VAL I 973 6.57 -7.05 -2.70
CA VAL I 973 5.26 -6.45 -2.49
C VAL I 973 4.14 -7.50 -2.59
N GLN I 974 4.24 -8.44 -3.53
CA GLN I 974 3.28 -9.53 -3.66
C GLN I 974 3.33 -10.44 -2.42
N ILE I 975 4.52 -10.81 -1.95
CA ILE I 975 4.70 -11.71 -0.80
C ILE I 975 4.20 -11.04 0.48
N ASP I 976 4.45 -9.75 0.66
CA ASP I 976 4.00 -9.02 1.84
C ASP I 976 2.47 -9.01 1.98
N ARG I 977 1.72 -9.04 0.87
CA ARG I 977 0.28 -9.28 0.90
C ARG I 977 -0.05 -10.69 1.38
N LEU I 978 0.61 -11.72 0.85
CA LEU I 978 0.39 -13.08 1.34
C LEU I 978 0.72 -13.23 2.82
N ILE I 979 1.82 -12.63 3.31
CA ILE I 979 2.15 -12.61 4.73
C ILE I 979 1.01 -11.95 5.50
N THR I 980 0.62 -10.74 5.12
CA THR I 980 -0.42 -10.00 5.83
C THR I 980 -1.73 -10.77 5.88
N GLY I 981 -2.17 -11.31 4.74
CA GLY I 981 -3.42 -12.07 4.63
C GLY I 981 -3.39 -13.35 5.44
N ARG I 982 -2.36 -14.18 5.28
CA ARG I 982 -2.21 -15.43 6.04
C ARG I 982 -2.12 -15.14 7.53
N LEU I 983 -1.35 -14.15 7.93
CA LEU I 983 -1.21 -13.78 9.34
C LEU I 983 -2.53 -13.26 9.93
N GLN I 984 -3.27 -12.40 9.22
CA GLN I 984 -4.59 -11.95 9.65
C GLN I 984 -5.57 -13.13 9.76
N SER I 985 -5.47 -14.12 8.87
CA SER I 985 -6.24 -15.36 9.00
C SER I 985 -5.84 -16.17 10.21
N LEU I 986 -4.55 -16.24 10.54
CA LEU I 986 -4.09 -16.98 11.70
C LEU I 986 -4.46 -16.29 13.01
N GLN I 987 -4.34 -14.96 13.10
CA GLN I 987 -4.83 -14.21 14.26
C GLN I 987 -6.34 -14.35 14.44
N THR I 988 -7.10 -14.41 13.35
CA THR I 988 -8.55 -14.66 13.40
C THR I 988 -8.85 -16.04 13.95
N TYR I 989 -8.16 -17.08 13.49
CA TYR I 989 -8.29 -18.43 14.04
C TYR I 989 -7.90 -18.50 15.52
N VAL I 990 -6.75 -17.95 15.92
CA VAL I 990 -6.33 -17.97 17.33
C VAL I 990 -7.30 -17.20 18.20
N THR I 991 -7.79 -16.05 17.77
CA THR I 991 -8.79 -15.28 18.52
C THR I 991 -10.08 -16.06 18.71
N GLN I 992 -10.57 -16.70 17.66
CA GLN I 992 -11.74 -17.57 17.74
C GLN I 992 -11.50 -18.74 18.69
N GLN I 993 -10.33 -19.39 18.67
CA GLN I 993 -10.03 -20.46 19.62
C GLN I 993 -9.93 -19.98 21.06
N LEU I 994 -9.39 -18.79 21.33
CA LEU I 994 -9.41 -18.23 22.69
C LEU I 994 -10.83 -18.06 23.20
N ILE I 995 -11.74 -17.57 22.37
CA ILE I 995 -13.15 -17.41 22.74
C ILE I 995 -13.84 -18.77 22.90
N ARG I 996 -13.63 -19.72 21.98
CA ARG I 996 -14.19 -21.07 22.10
C ARG I 996 -13.64 -21.80 23.32
N ALA I 997 -12.37 -21.65 23.65
CA ALA I 997 -11.79 -22.20 24.86
C ALA I 997 -12.42 -21.61 26.12
N ALA I 998 -12.75 -20.32 26.15
CA ALA I 998 -13.50 -19.74 27.27
C ALA I 998 -14.90 -20.38 27.41
N GLU I 999 -15.62 -20.60 26.32
CA GLU I 999 -16.91 -21.32 26.37
C GLU I 999 -16.75 -22.76 26.88
N ILE I 1000 -15.74 -23.50 26.41
CA ILE I 1000 -15.48 -24.86 26.88
C ILE I 1000 -15.05 -24.86 28.34
N ARG I 1001 -14.24 -23.90 28.80
CA ARG I 1001 -13.89 -23.78 30.22
C ARG I 1001 -15.11 -23.53 31.08
N ALA I 1002 -16.05 -22.69 30.66
CA ALA I 1002 -17.29 -22.50 31.41
C ALA I 1002 -18.06 -23.82 31.57
N SER I 1003 -18.09 -24.65 30.53
CA SER I 1003 -18.63 -26.01 30.60
C SER I 1003 -17.81 -26.95 31.47
N ALA I 1004 -16.48 -26.89 31.43
CA ALA I 1004 -15.63 -27.72 32.27
C ALA I 1004 -15.74 -27.35 33.76
N ASN I 1005 -15.89 -26.08 34.13
CA ASN I 1005 -16.16 -25.69 35.50
C ASN I 1005 -17.54 -26.14 35.97
N LEU I 1006 -18.55 -26.10 35.10
CA LEU I 1006 -19.86 -26.67 35.42
C LEU I 1006 -19.76 -28.18 35.63
N ALA I 1007 -19.10 -28.93 34.75
CA ALA I 1007 -18.89 -30.35 34.93
C ALA I 1007 -18.09 -30.66 36.20
N ALA I 1008 -17.03 -29.92 36.48
CA ALA I 1008 -16.26 -30.09 37.72
C ALA I 1008 -17.12 -29.81 38.94
N THR I 1009 -18.08 -28.91 38.85
CA THR I 1009 -19.07 -28.68 39.91
C THR I 1009 -20.01 -29.85 40.05
N LYS I 1010 -20.57 -30.39 38.96
CA LYS I 1010 -21.50 -31.54 39.08
C LYS I 1010 -20.81 -32.80 39.58
N MET I 1011 -19.53 -33.02 39.30
CA MET I 1011 -18.79 -34.09 39.97
C MET I 1011 -18.80 -33.89 41.48
N SER I 1012 -18.45 -32.70 41.95
CA SER I 1012 -18.41 -32.41 43.36
C SER I 1012 -19.79 -32.50 44.01
N GLU I 1013 -20.82 -31.92 43.42
CA GLU I 1013 -22.14 -31.80 44.06
C GLU I 1013 -23.06 -32.98 43.78
N CYS I 1014 -23.13 -33.49 42.54
CA CYS I 1014 -24.06 -34.55 42.14
C CYS I 1014 -23.49 -35.96 42.30
N VAL I 1015 -22.19 -36.17 42.15
CA VAL I 1015 -21.58 -37.50 42.27
C VAL I 1015 -21.08 -37.69 43.69
N LEU I 1016 -20.12 -36.87 44.11
CA LEU I 1016 -19.50 -36.91 45.43
C LEU I 1016 -20.46 -36.51 46.56
N GLY I 1017 -21.69 -36.10 46.27
CA GLY I 1017 -22.67 -35.64 47.25
C GLY I 1017 -24.12 -35.99 46.91
N GLN I 1018 -25.05 -35.22 47.46
CA GLN I 1018 -26.43 -35.12 47.03
C GLN I 1018 -26.79 -33.63 47.04
N SER I 1019 -27.47 -33.09 46.04
CA SER I 1019 -27.68 -31.63 45.95
C SER I 1019 -29.12 -31.22 46.23
N LYS I 1020 -29.30 -30.23 47.12
CA LYS I 1020 -30.58 -29.57 47.39
C LYS I 1020 -31.01 -28.59 46.28
N ARG I 1021 -30.18 -28.36 45.27
CA ARG I 1021 -30.37 -27.33 44.24
C ARG I 1021 -31.40 -27.80 43.22
N VAL I 1022 -32.64 -27.33 43.34
CA VAL I 1022 -33.74 -27.80 42.48
C VAL I 1022 -33.42 -27.57 41.01
N ASP I 1023 -33.52 -28.64 40.22
CA ASP I 1023 -33.24 -28.64 38.78
C ASP I 1023 -31.79 -28.19 38.44
N PHE I 1024 -30.82 -28.44 39.32
CA PHE I 1024 -29.39 -28.43 38.96
C PHE I 1024 -28.90 -29.81 38.49
N CYS I 1025 -29.56 -30.90 38.90
CA CYS I 1025 -29.02 -32.27 38.84
C CYS I 1025 -30.06 -33.27 38.31
N GLY I 1026 -30.64 -32.95 37.16
CA GLY I 1026 -31.78 -33.66 36.60
C GLY I 1026 -33.11 -33.22 37.23
N LYS I 1027 -34.21 -33.31 36.48
CA LYS I 1027 -35.53 -32.91 36.96
C LYS I 1027 -36.09 -33.89 37.99
N GLY I 1028 -36.95 -33.41 38.87
CA GLY I 1028 -37.32 -34.12 40.09
C GLY I 1028 -36.37 -33.81 41.24
N TYR I 1029 -36.62 -34.41 42.41
CA TYR I 1029 -35.72 -34.30 43.54
C TYR I 1029 -34.50 -35.19 43.30
N HIS I 1030 -33.29 -34.71 43.55
CA HIS I 1030 -32.08 -35.46 43.21
C HIS I 1030 -31.75 -36.55 44.24
N LEU I 1031 -31.43 -37.77 43.79
CA LEU I 1031 -30.96 -38.84 44.66
C LEU I 1031 -29.46 -39.03 44.59
N MET I 1032 -28.90 -39.26 43.40
CA MET I 1032 -27.47 -39.48 43.17
C MET I 1032 -27.17 -39.35 41.68
N SER I 1033 -25.91 -39.39 41.27
CA SER I 1033 -25.61 -39.51 39.85
C SER I 1033 -24.36 -40.32 39.60
N PHE I 1034 -24.27 -40.89 38.41
CA PHE I 1034 -23.12 -41.65 37.98
C PHE I 1034 -22.45 -40.95 36.80
N PRO I 1035 -21.16 -40.62 36.84
CA PRO I 1035 -20.46 -40.14 35.67
C PRO I 1035 -20.09 -41.30 34.76
N GLN I 1036 -20.12 -41.08 33.46
CA GLN I 1036 -19.60 -41.96 32.42
C GLN I 1036 -18.77 -41.07 31.50
N SER I 1037 -17.59 -41.52 31.09
CA SER I 1037 -16.74 -40.74 30.20
C SER I 1037 -17.29 -40.70 28.78
N ALA I 1038 -16.94 -39.69 28.01
CA ALA I 1038 -17.29 -39.60 26.59
C ALA I 1038 -16.20 -38.83 25.83
N PRO I 1039 -16.05 -38.99 24.52
CA PRO I 1039 -15.01 -38.29 23.79
C PRO I 1039 -15.13 -36.78 23.96
N HIS I 1040 -14.06 -36.10 24.36
CA HIS I 1040 -14.04 -34.65 24.60
C HIS I 1040 -15.03 -34.15 25.67
N GLY I 1041 -15.52 -35.01 26.57
CA GLY I 1041 -16.49 -34.58 27.56
C GLY I 1041 -16.85 -35.61 28.63
N VAL I 1042 -17.99 -35.40 29.26
CA VAL I 1042 -18.50 -36.27 30.33
C VAL I 1042 -20.01 -36.35 30.25
N VAL I 1043 -20.57 -37.46 30.70
CA VAL I 1043 -22.00 -37.72 30.73
C VAL I 1043 -22.39 -38.08 32.13
N PHE I 1044 -23.39 -37.44 32.70
CA PHE I 1044 -23.92 -37.81 34.01
C PHE I 1044 -25.23 -38.53 33.80
N LEU I 1045 -25.39 -39.68 34.44
CA LEU I 1045 -26.69 -40.33 34.57
C LEU I 1045 -27.29 -39.89 35.91
N HIS I 1046 -28.05 -38.80 35.92
CA HIS I 1046 -28.66 -38.29 37.14
C HIS I 1046 -29.84 -39.14 37.54
N VAL I 1047 -29.86 -39.68 38.76
CA VAL I 1047 -30.95 -40.48 39.30
C VAL I 1047 -31.81 -39.59 40.17
N THR I 1048 -33.10 -39.48 39.89
CA THR I 1048 -33.98 -38.54 40.57
C THR I 1048 -35.29 -39.20 40.98
N TYR I 1049 -35.86 -38.77 42.11
CA TYR I 1049 -37.18 -39.15 42.57
C TYR I 1049 -38.18 -38.18 41.96
N VAL I 1050 -39.19 -38.67 41.26
CA VAL I 1050 -40.29 -37.84 40.74
C VAL I 1050 -41.61 -38.34 41.36
N PRO I 1051 -42.37 -37.53 42.11
CA PRO I 1051 -43.70 -37.91 42.58
C PRO I 1051 -44.68 -38.00 41.40
N ALA I 1052 -45.61 -38.98 41.39
CA ALA I 1052 -46.23 -39.41 40.13
C ALA I 1052 -47.74 -39.74 40.13
N GLN I 1053 -48.40 -39.97 41.26
CA GLN I 1053 -49.83 -40.31 41.29
C GLN I 1053 -50.57 -39.65 42.45
N GLU I 1054 -50.92 -38.37 42.32
CA GLU I 1054 -51.54 -37.60 43.39
C GLU I 1054 -53.03 -37.83 43.60
N LYS I 1055 -53.49 -37.64 44.84
CA LYS I 1055 -54.94 -37.55 45.15
C LYS I 1055 -55.21 -36.22 45.85
N ASN I 1056 -56.41 -35.66 45.67
CA ASN I 1056 -56.82 -34.40 46.35
C ASN I 1056 -57.31 -34.74 47.76
N PHE I 1057 -56.93 -33.93 48.76
CA PHE I 1057 -57.37 -34.13 50.16
C PHE I 1057 -57.76 -32.77 50.76
N THR I 1058 -58.78 -32.75 51.62
CA THR I 1058 -59.06 -31.60 52.48
C THR I 1058 -57.91 -31.43 53.46
N THR I 1059 -57.53 -30.20 53.80
CA THR I 1059 -56.41 -29.90 54.70
C THR I 1059 -56.66 -28.64 55.50
N ALA I 1060 -55.99 -28.49 56.63
CA ALA I 1060 -56.08 -27.33 57.50
C ALA I 1060 -54.72 -27.02 58.09
N PRO I 1061 -54.35 -25.75 58.30
CA PRO I 1061 -53.00 -25.36 58.69
C PRO I 1061 -52.58 -25.88 60.08
N ALA I 1062 -53.53 -26.08 60.97
CA ALA I 1062 -53.34 -26.53 62.34
C ALA I 1062 -54.64 -27.19 62.81
N ILE I 1063 -54.61 -27.94 63.92
CA ILE I 1063 -55.89 -28.47 64.48
C ILE I 1063 -56.06 -27.99 65.94
N CYS I 1064 -57.30 -27.90 66.41
CA CYS I 1064 -57.56 -27.68 67.86
C CYS I 1064 -57.68 -29.03 68.58
N HIS I 1065 -56.99 -29.18 69.71
CA HIS I 1065 -57.40 -30.16 70.76
C HIS I 1065 -58.25 -29.42 71.80
N ASP I 1066 -58.11 -29.78 73.08
CA ASP I 1066 -58.74 -29.04 74.18
C ASP I 1066 -58.12 -27.65 74.37
N GLY I 1067 -58.69 -26.62 73.72
CA GLY I 1067 -58.29 -25.22 73.89
C GLY I 1067 -56.88 -24.86 73.40
N LYS I 1068 -56.21 -25.75 72.67
CA LYS I 1068 -54.81 -25.62 72.24
C LYS I 1068 -54.69 -25.84 70.74
N ALA I 1069 -53.93 -25.01 70.05
CA ALA I 1069 -53.62 -25.24 68.65
C ALA I 1069 -52.44 -26.20 68.53
N HIS I 1070 -52.61 -27.32 67.84
CA HIS I 1070 -51.58 -28.29 67.50
C HIS I 1070 -51.14 -28.08 66.05
N PHE I 1071 -49.84 -28.08 65.81
CA PHE I 1071 -49.24 -27.99 64.49
C PHE I 1071 -48.44 -29.29 64.24
N PRO I 1072 -48.32 -29.78 63.00
CA PRO I 1072 -47.61 -31.02 62.73
C PRO I 1072 -46.10 -30.82 62.90
N ARG I 1073 -45.40 -31.73 63.57
CA ARG I 1073 -43.96 -31.59 63.82
C ARG I 1073 -43.16 -31.63 62.51
N GLU I 1074 -43.44 -32.64 61.70
CA GLU I 1074 -43.07 -32.73 60.29
C GLU I 1074 -44.22 -33.40 59.53
N GLY I 1075 -44.32 -33.12 58.23
CA GLY I 1075 -45.53 -33.46 57.49
C GLY I 1075 -46.62 -32.41 57.63
N VAL I 1076 -47.81 -32.73 57.16
CA VAL I 1076 -48.93 -31.80 56.97
C VAL I 1076 -50.23 -32.48 57.33
N PHE I 1077 -51.22 -31.75 57.83
CA PHE I 1077 -52.51 -32.36 58.13
C PHE I 1077 -53.33 -32.55 56.88
N VAL I 1078 -54.07 -33.64 56.81
CA VAL I 1078 -55.01 -33.96 55.74
C VAL I 1078 -56.21 -34.70 56.29
N SER I 1079 -57.29 -34.70 55.53
CA SER I 1079 -58.42 -35.57 55.76
C SER I 1079 -58.87 -36.20 54.46
N ASN I 1080 -59.19 -37.48 54.51
CA ASN I 1080 -59.92 -38.19 53.45
C ASN I 1080 -61.39 -37.73 53.33
N GLY I 1081 -61.84 -36.81 54.18
CA GLY I 1081 -63.22 -36.34 54.30
C GLY I 1081 -63.93 -36.82 55.56
N THR I 1082 -63.44 -37.89 56.21
CA THR I 1082 -64.11 -38.54 57.35
C THR I 1082 -63.24 -38.68 58.60
N HIS I 1083 -61.91 -38.63 58.44
CA HIS I 1083 -60.93 -38.76 59.51
C HIS I 1083 -59.79 -37.78 59.28
N TRP I 1084 -59.06 -37.36 60.31
CA TRP I 1084 -57.91 -36.46 60.19
C TRP I 1084 -56.60 -37.17 60.47
N PHE I 1085 -55.61 -36.96 59.62
CA PHE I 1085 -54.30 -37.61 59.67
C PHE I 1085 -53.19 -36.59 59.46
N VAL I 1086 -51.97 -36.93 59.88
CA VAL I 1086 -50.76 -36.23 59.44
C VAL I 1086 -50.02 -37.13 58.46
N THR I 1087 -49.50 -36.58 57.38
CA THR I 1087 -48.72 -37.30 56.37
C THR I 1087 -47.41 -36.58 56.10
N GLN I 1088 -46.32 -37.30 55.85
CA GLN I 1088 -45.12 -36.69 55.29
C GLN I 1088 -45.44 -35.94 53.98
N ARG I 1089 -44.67 -34.91 53.62
CA ARG I 1089 -45.10 -33.94 52.60
C ARG I 1089 -45.04 -34.46 51.18
N ASN I 1090 -44.10 -35.37 50.86
CA ASN I 1090 -43.78 -35.83 49.50
C ASN I 1090 -44.16 -37.30 49.19
N PHE I 1091 -44.98 -37.93 50.03
CA PHE I 1091 -45.50 -39.27 49.80
C PHE I 1091 -46.68 -39.52 50.74
N TYR I 1092 -47.84 -39.91 50.24
CA TYR I 1092 -49.01 -40.13 51.09
C TYR I 1092 -48.81 -41.33 51.99
N GLU I 1093 -48.72 -41.10 53.30
CA GLU I 1093 -48.59 -42.14 54.31
C GLU I 1093 -49.21 -41.63 55.62
N PRO I 1094 -50.51 -41.88 55.84
CA PRO I 1094 -51.25 -41.29 56.93
C PRO I 1094 -50.92 -41.94 58.27
N GLN I 1095 -50.72 -41.11 59.29
CA GLN I 1095 -50.50 -41.52 60.67
C GLN I 1095 -51.54 -40.84 61.55
N ILE I 1096 -52.07 -41.52 62.56
CA ILE I 1096 -53.07 -40.97 63.47
C ILE I 1096 -52.43 -39.83 64.27
N ILE I 1097 -53.15 -38.72 64.43
CA ILE I 1097 -52.54 -37.50 64.96
C ILE I 1097 -52.37 -37.63 66.47
N THR I 1098 -51.14 -37.41 66.95
CA THR I 1098 -50.77 -37.67 68.34
C THR I 1098 -49.85 -36.61 68.91
N THR I 1099 -49.77 -36.56 70.24
CA THR I 1099 -48.98 -35.60 71.02
C THR I 1099 -47.47 -35.66 70.79
N ASP I 1100 -46.93 -36.71 70.17
CA ASP I 1100 -45.53 -36.77 69.69
C ASP I 1100 -45.39 -36.32 68.23
N ASN I 1101 -46.35 -36.65 67.35
CA ASN I 1101 -46.43 -36.18 65.95
C ASN I 1101 -46.66 -34.67 65.81
N THR I 1102 -47.01 -33.97 66.88
CA THR I 1102 -47.44 -32.58 66.87
C THR I 1102 -46.83 -31.80 68.02
N PHE I 1103 -46.84 -30.48 67.94
CA PHE I 1103 -46.51 -29.61 69.07
C PHE I 1103 -47.59 -28.53 69.24
N VAL I 1104 -47.78 -28.08 70.47
CA VAL I 1104 -48.73 -27.02 70.81
C VAL I 1104 -48.10 -25.64 70.59
N SER I 1105 -48.88 -24.63 70.23
CA SER I 1105 -48.44 -23.23 70.30
C SER I 1105 -49.62 -22.26 70.51
N GLY I 1106 -49.99 -22.04 71.77
CA GLY I 1106 -51.05 -21.10 72.16
C GLY I 1106 -52.47 -21.60 71.92
N ASN I 1107 -53.43 -20.70 72.14
CA ASN I 1107 -54.89 -21.02 72.22
C ASN I 1107 -55.47 -21.27 70.82
N CYS I 1108 -56.81 -21.36 70.76
CA CYS I 1108 -57.54 -21.96 69.61
C CYS I 1108 -58.13 -20.87 68.71
N ASP I 1109 -57.47 -19.70 68.63
CA ASP I 1109 -58.11 -18.49 68.06
C ASP I 1109 -57.26 -17.90 66.92
N VAL I 1110 -56.03 -17.50 67.26
CA VAL I 1110 -55.16 -16.65 66.41
C VAL I 1110 -55.05 -17.16 64.97
N VAL I 1111 -55.04 -18.48 64.78
CA VAL I 1111 -54.85 -19.14 63.47
C VAL I 1111 -56.07 -18.91 62.56
N ILE I 1112 -55.84 -18.72 61.26
CA ILE I 1112 -56.89 -18.59 60.25
C ILE I 1112 -57.14 -19.95 59.61
N GLY I 1113 -58.36 -20.48 59.70
CA GLY I 1113 -58.72 -21.78 59.11
C GLY I 1113 -58.35 -23.02 59.92
N ILE I 1114 -58.07 -22.89 61.22
CA ILE I 1114 -57.89 -24.03 62.12
C ILE I 1114 -59.16 -24.89 62.19
N VAL I 1115 -59.01 -26.21 62.37
CA VAL I 1115 -60.23 -27.09 62.50
C VAL I 1115 -60.28 -27.64 63.92
N ASN I 1116 -61.45 -28.15 64.31
CA ASN I 1116 -61.63 -28.81 65.64
C ASN I 1116 -61.35 -30.30 65.46
N ASN I 1117 -60.67 -30.91 66.43
CA ASN I 1117 -60.40 -32.37 66.39
C ASN I 1117 -60.16 -32.88 67.82
N THR I 1118 -59.76 -34.15 67.95
CA THR I 1118 -59.30 -34.71 69.23
C THR I 1118 -58.03 -35.51 68.99
N VAL I 1119 -56.90 -34.99 69.48
CA VAL I 1119 -55.58 -35.63 69.37
C VAL I 1119 -55.44 -36.77 70.37
N TYR I 1120 -55.00 -37.95 69.92
CA TYR I 1120 -54.69 -39.07 70.81
C TYR I 1120 -53.37 -38.83 71.56
N ASP I 1121 -53.29 -39.17 72.84
CA ASP I 1121 -52.08 -39.02 73.65
C ASP I 1121 -51.55 -40.39 74.12
N PRO I 1122 -50.52 -40.97 73.49
CA PRO I 1122 -50.14 -42.38 73.68
C PRO I 1122 -49.68 -42.77 75.09
N LEU I 1123 -49.37 -41.80 75.94
CA LEU I 1123 -49.06 -42.05 77.35
C LEU I 1123 -50.31 -42.40 78.19
N GLN I 1124 -51.49 -41.90 77.83
CA GLN I 1124 -52.68 -42.04 78.69
C GLN I 1124 -53.16 -43.48 78.90
N PRO I 1125 -53.12 -44.38 77.89
CA PRO I 1125 -53.40 -45.81 78.10
C PRO I 1125 -52.40 -46.49 79.04
N GLU I 1126 -51.13 -46.05 79.08
CA GLU I 1126 -50.14 -46.57 80.01
C GLU I 1126 -50.35 -46.03 81.43
N LEU I 1127 -50.77 -44.77 81.57
CA LEU I 1127 -51.20 -44.18 82.84
C LEU I 1127 -52.52 -44.79 83.39
N ASP I 1128 -53.15 -45.71 82.66
CA ASP I 1128 -54.19 -46.59 83.22
C ASP I 1128 -53.66 -47.59 84.26
N SER I 1129 -52.33 -47.84 84.30
CA SER I 1129 -51.69 -48.65 85.34
C SER I 1129 -51.79 -48.02 86.73
#